data_8IH5
#
_entry.id   8IH5
#
_cell.length_a   1.00
_cell.length_b   1.00
_cell.length_c   1.00
_cell.angle_alpha   90.00
_cell.angle_beta   90.00
_cell.angle_gamma   90.00
#
_symmetry.space_group_name_H-M   'P 1'
#
loop_
_entity.id
_entity.type
_entity.pdbx_description
1 polymer 'Syn-copalyl diphosphate synthase, chloroplastic'
2 non-polymer 'GERANYLGERANYL DIPHOSPHATE'
#
_entity_poly.entity_id   1
_entity_poly.type   'polypeptide(L)'
_entity_poly.pdbx_seq_one_letter_code
;MPVFTASFQCVTLFGQPASAADAQPLLQGQRPFLHLHARRRRPCGPMLISKSPPYPASEETREWEADGQHEHTDELRETT
TTMIDGIRTALRSIGEGEISISAYDTSLVALLKRLDGGDGPQFPSTIDWIVQNQLPDGSWGDASFFMMGDRIMSTLACVV
ALKSWNIHTDKCERGLLFIQENMWRLAHEEEDWMLVGFEIALPSLLDMAKDLDLDIPYDEPALKAIYAERERKLAKIPRD
VLHSMPTTLLHSLEGMVDLDWEKLLKLRCLDGSFHCSPASTATAFQQTGDQKCFEYLDGIVKKFNGGVPCIYPLDVYERL
WAVDRLTRLGISRHFTSEIEDCLDYIFRNWTPDGLAHTKNCPVKDIADTAMGFRLLRLYGYQVDPCVLKKFEKDGKFFCL
HGESNPSSVTPMYNTYRASQLKFPGDDGVLGRAEVFCRSFLQDRRGSNRMKDKWAIAKDIPGEVEYAMDYPWKASLPRIE
TRLYLDQYGGSGDVWIGKVLHRMTLFCNDLYLKAAKADFSNFQKECRVELNGLRRWYLRSNLEKFGGTDPQTTLMTSYFL
ASANIFEANRAAERLGWARVALLADAVSSHFRRIGGPKNSTSNLEELISLVPFDDAYSGSLREAWKQWLMAWTAKESSQE
SIEGDTAILLVRAIEIFGGRHVLTGQRPDLWEYSQLEQLTSSICCKLSRRVLAQENGESTEKVEEIDQQVDLEMQELTRR
VLQGCSAINRLTRETFLHVVKSFCYVAYCSPETIDSHIDKVIFQDVIEFHHHHHH
;
_entity_poly.pdbx_strand_id   F,A,B,C,D,E
#
# COMPACT_ATOMS: atom_id res chain seq x y z
N THR A 80 -42.00 53.47 16.63
CA THR A 80 -42.72 52.86 15.52
C THR A 80 -41.77 52.05 14.64
N THR A 81 -42.16 50.82 14.33
CA THR A 81 -41.33 49.95 13.51
C THR A 81 -41.16 50.50 12.09
N THR A 82 -42.14 51.24 11.59
CA THR A 82 -42.06 51.76 10.23
C THR A 82 -40.89 52.73 10.06
N MET A 83 -40.56 53.48 11.11
CA MET A 83 -39.41 54.39 11.04
C MET A 83 -38.12 53.64 10.79
N ILE A 84 -37.99 52.43 11.35
CA ILE A 84 -36.79 51.63 11.13
C ILE A 84 -36.65 51.27 9.66
N ASP A 85 -37.73 50.78 9.05
CA ASP A 85 -37.70 50.46 7.63
C ASP A 85 -37.44 51.71 6.79
N GLY A 86 -37.97 52.86 7.23
CA GLY A 86 -37.74 54.09 6.50
C GLY A 86 -36.28 54.50 6.50
N ILE A 87 -35.65 54.51 7.67
CA ILE A 87 -34.23 54.87 7.73
C ILE A 87 -33.37 53.83 7.04
N ARG A 88 -33.79 52.55 7.06
CA ARG A 88 -33.04 51.53 6.34
C ARG A 88 -33.09 51.76 4.84
N THR A 89 -34.28 52.09 4.32
CA THR A 89 -34.40 52.35 2.89
C THR A 89 -33.67 53.61 2.49
N ALA A 90 -33.64 54.63 3.37
CA ALA A 90 -32.89 55.84 3.06
C ALA A 90 -31.39 55.62 3.17
N LEU A 91 -30.97 54.61 3.93
CA LEU A 91 -29.54 54.35 4.11
C LEU A 91 -28.98 53.45 3.02
N ARG A 92 -29.73 52.41 2.63
CA ARG A 92 -29.19 51.44 1.68
C ARG A 92 -29.13 52.00 0.26
N SER A 93 -29.68 53.18 0.02
CA SER A 93 -29.58 53.86 -1.26
C SER A 93 -28.62 55.05 -1.17
N ILE A 94 -27.59 54.91 -0.33
CA ILE A 94 -26.67 56.00 -0.08
C ILE A 94 -25.89 56.35 -1.34
N GLY A 95 -25.41 57.59 -1.38
CA GLY A 95 -24.60 58.07 -2.49
C GLY A 95 -23.35 58.78 -2.02
N GLU A 96 -23.17 60.02 -2.47
CA GLU A 96 -22.03 60.83 -2.08
C GLU A 96 -22.32 61.75 -0.91
N GLY A 97 -23.36 61.47 -0.13
CA GLY A 97 -23.68 62.31 1.01
C GLY A 97 -24.54 63.51 0.63
N GLU A 98 -25.50 63.85 1.49
CA GLU A 98 -26.41 64.96 1.25
C GLU A 98 -26.10 66.08 2.23
N ILE A 99 -25.44 67.13 1.73
CA ILE A 99 -25.13 68.30 2.54
C ILE A 99 -25.87 69.50 1.99
N SER A 100 -25.85 70.61 2.72
CA SER A 100 -26.56 71.81 2.32
C SER A 100 -25.72 72.60 1.31
N ILE A 101 -26.20 73.78 0.93
CA ILE A 101 -25.52 74.63 -0.03
C ILE A 101 -25.01 75.87 0.68
N SER A 102 -23.94 76.44 0.13
CA SER A 102 -23.29 77.61 0.71
C SER A 102 -23.41 78.80 -0.24
N ALA A 103 -23.56 79.99 0.33
CA ALA A 103 -23.67 81.19 -0.48
C ALA A 103 -22.33 81.60 -1.09
N TYR A 104 -21.25 81.48 -0.30
CA TYR A 104 -19.92 81.83 -0.78
C TYR A 104 -19.59 81.10 -2.07
N ASP A 105 -19.73 79.78 -2.07
CA ASP A 105 -19.32 78.98 -3.21
C ASP A 105 -20.20 79.25 -4.43
N THR A 106 -21.51 79.37 -4.22
CA THR A 106 -22.41 79.66 -5.33
C THR A 106 -22.07 81.01 -5.96
N SER A 107 -21.83 82.02 -5.12
CA SER A 107 -21.47 83.33 -5.64
C SER A 107 -20.15 83.29 -6.40
N LEU A 108 -19.14 82.59 -5.85
CA LEU A 108 -17.85 82.54 -6.51
C LEU A 108 -17.89 81.77 -7.82
N VAL A 109 -18.76 80.76 -7.94
CA VAL A 109 -18.86 80.02 -9.19
C VAL A 109 -19.79 80.70 -10.18
N ALA A 110 -20.67 81.60 -9.72
CA ALA A 110 -21.61 82.25 -10.63
C ALA A 110 -20.90 83.22 -11.57
N LEU A 111 -19.82 83.85 -11.11
CA LEU A 111 -19.18 84.91 -11.88
C LEU A 111 -18.21 84.40 -12.93
N LEU A 112 -18.27 83.11 -13.29
CA LEU A 112 -17.45 82.58 -14.36
C LEU A 112 -18.18 82.76 -15.68
N LYS A 113 -17.66 83.62 -16.55
CA LYS A 113 -18.36 83.98 -17.77
C LYS A 113 -18.18 82.92 -18.84
N ARG A 114 -19.03 82.99 -19.86
CA ARG A 114 -19.04 82.00 -20.94
C ARG A 114 -17.85 82.21 -21.87
N LEU A 115 -17.74 81.33 -22.86
CA LEU A 115 -16.65 81.38 -23.84
C LEU A 115 -17.14 81.87 -25.20
N ASP A 116 -18.15 81.21 -25.75
CA ASP A 116 -18.68 81.55 -27.06
C ASP A 116 -19.66 82.70 -26.91
N GLY A 117 -19.22 83.91 -27.27
CA GLY A 117 -20.05 85.08 -27.15
C GLY A 117 -20.06 85.66 -25.75
N GLY A 118 -20.76 84.98 -24.84
CA GLY A 118 -20.75 85.37 -23.45
C GLY A 118 -21.65 86.53 -23.11
N ASP A 119 -22.94 86.41 -23.41
CA ASP A 119 -23.92 87.45 -23.05
C ASP A 119 -24.42 87.27 -21.62
N GLY A 120 -23.48 87.18 -20.69
CA GLY A 120 -23.80 86.94 -19.30
C GLY A 120 -22.96 85.83 -18.70
N PRO A 121 -23.25 85.46 -17.45
CA PRO A 121 -22.49 84.38 -16.81
C PRO A 121 -22.77 83.02 -17.44
N GLN A 122 -22.02 82.01 -17.02
CA GLN A 122 -22.16 80.68 -17.61
C GLN A 122 -23.42 79.99 -17.13
N PHE A 123 -23.58 79.82 -15.82
CA PHE A 123 -24.68 79.08 -15.27
C PHE A 123 -25.78 80.02 -14.78
N PRO A 124 -27.02 79.84 -15.25
CA PRO A 124 -28.12 80.67 -14.72
C PRO A 124 -28.73 80.11 -13.45
N SER A 125 -28.59 78.81 -13.19
CA SER A 125 -29.19 78.21 -12.00
C SER A 125 -28.60 78.78 -10.72
N THR A 126 -27.29 79.06 -10.71
CA THR A 126 -26.65 79.57 -9.51
C THR A 126 -27.16 80.97 -9.17
N ILE A 127 -27.20 81.86 -10.17
CA ILE A 127 -27.69 83.22 -9.91
C ILE A 127 -29.18 83.21 -9.59
N ASP A 128 -29.93 82.28 -10.19
CA ASP A 128 -31.34 82.14 -9.87
C ASP A 128 -31.53 81.72 -8.41
N TRP A 129 -30.75 80.74 -7.95
CA TRP A 129 -30.84 80.34 -6.55
C TRP A 129 -30.41 81.48 -5.63
N ILE A 130 -29.41 82.25 -6.03
CA ILE A 130 -28.99 83.40 -5.23
C ILE A 130 -30.14 84.37 -5.05
N VAL A 131 -30.74 84.82 -6.16
CA VAL A 131 -31.84 85.77 -6.05
C VAL A 131 -33.09 85.10 -5.51
N GLN A 132 -33.07 83.79 -5.29
CA GLN A 132 -34.25 83.04 -4.91
C GLN A 132 -34.37 82.82 -3.40
N ASN A 133 -33.26 82.90 -2.65
CA ASN A 133 -33.22 82.43 -1.27
C ASN A 133 -32.64 83.48 -0.34
N GLN A 134 -33.18 84.70 -0.41
CA GLN A 134 -32.75 85.78 0.48
C GLN A 134 -33.41 85.65 1.85
N LEU A 135 -32.63 85.93 2.90
CA LEU A 135 -33.17 85.91 4.24
C LEU A 135 -33.98 87.18 4.51
N PRO A 136 -34.84 87.19 5.53
CA PRO A 136 -35.57 88.43 5.85
C PRO A 136 -34.66 89.58 6.25
N ASP A 137 -33.55 89.30 6.94
CA ASP A 137 -32.63 90.38 7.30
C ASP A 137 -31.88 90.90 6.09
N GLY A 138 -31.82 90.12 5.01
CA GLY A 138 -31.10 90.53 3.83
C GLY A 138 -29.78 89.80 3.68
N SER A 139 -29.36 89.12 4.74
CA SER A 139 -28.09 88.42 4.76
C SER A 139 -28.24 87.04 4.13
N TRP A 140 -27.17 86.26 4.19
CA TRP A 140 -27.13 84.90 3.68
C TRP A 140 -26.72 83.94 4.78
N GLY A 141 -26.72 82.65 4.47
CA GLY A 141 -26.37 81.62 5.44
C GLY A 141 -27.58 81.10 6.20
N ASP A 142 -27.35 80.04 6.95
CA ASP A 142 -28.41 79.44 7.75
C ASP A 142 -28.64 80.21 9.04
N ALA A 143 -29.74 80.96 9.10
CA ALA A 143 -30.06 81.79 10.26
C ALA A 143 -30.50 80.98 11.47
N SER A 144 -30.64 79.66 11.35
CA SER A 144 -31.02 78.84 12.49
C SER A 144 -29.95 78.83 13.58
N PHE A 145 -28.74 79.28 13.28
CA PHE A 145 -27.66 79.39 14.26
C PHE A 145 -26.86 80.65 13.90
N PHE A 146 -27.12 81.73 14.63
CA PHE A 146 -26.60 83.06 14.27
C PHE A 146 -25.11 83.15 14.60
N MET A 147 -24.29 82.79 13.62
CA MET A 147 -22.86 83.04 13.67
C MET A 147 -22.57 84.45 13.16
N MET A 148 -21.29 84.81 13.13
CA MET A 148 -20.90 86.13 12.65
C MET A 148 -20.04 86.08 11.40
N GLY A 149 -18.92 85.36 11.44
CA GLY A 149 -17.97 85.37 10.33
C GLY A 149 -18.53 84.87 9.01
N ASP A 150 -19.16 83.70 9.05
CA ASP A 150 -19.69 83.11 7.83
C ASP A 150 -20.74 84.01 7.20
N ARG A 151 -21.55 84.67 8.03
CA ARG A 151 -22.61 85.53 7.50
C ARG A 151 -22.02 86.72 6.73
N ILE A 152 -21.09 87.44 7.35
CA ILE A 152 -20.52 88.61 6.68
C ILE A 152 -19.72 88.20 5.45
N MET A 153 -19.00 87.08 5.55
CA MET A 153 -18.23 86.61 4.40
C MET A 153 -19.14 86.27 3.23
N SER A 154 -20.20 85.48 3.49
CA SER A 154 -21.13 85.11 2.44
C SER A 154 -21.82 86.32 1.86
N THR A 155 -22.23 87.27 2.70
CA THR A 155 -22.92 88.45 2.20
C THR A 155 -22.02 89.27 1.30
N LEU A 156 -20.77 89.50 1.71
CA LEU A 156 -19.87 90.29 0.87
C LEU A 156 -19.57 89.55 -0.43
N ALA A 157 -19.29 88.25 -0.37
CA ALA A 157 -18.96 87.51 -1.57
C ALA A 157 -20.17 87.33 -2.49
N CYS A 158 -21.38 87.50 -1.95
CA CYS A 158 -22.57 87.43 -2.79
C CYS A 158 -22.88 88.77 -3.42
N VAL A 159 -22.68 89.85 -2.67
CA VAL A 159 -22.90 91.18 -3.22
C VAL A 159 -21.87 91.49 -4.30
N VAL A 160 -20.63 91.05 -4.11
CA VAL A 160 -19.57 91.32 -5.08
C VAL A 160 -19.88 90.71 -6.44
N ALA A 161 -20.88 89.84 -6.54
CA ALA A 161 -21.35 89.31 -7.82
C ALA A 161 -22.71 89.84 -8.22
N LEU A 162 -23.65 89.95 -7.27
CA LEU A 162 -24.97 90.51 -7.59
C LEU A 162 -24.85 91.95 -8.07
N LYS A 163 -23.81 92.66 -7.65
CA LYS A 163 -23.57 94.02 -8.12
C LYS A 163 -22.48 94.08 -9.19
N SER A 164 -21.82 92.95 -9.46
CA SER A 164 -20.90 92.87 -10.58
C SER A 164 -21.63 92.62 -11.89
N TRP A 165 -22.62 91.73 -11.89
CA TRP A 165 -23.44 91.53 -13.08
C TRP A 165 -24.54 92.59 -13.20
N ASN A 166 -24.69 93.45 -12.21
CA ASN A 166 -25.61 94.59 -12.24
C ASN A 166 -27.05 94.13 -12.50
N ILE A 167 -27.56 93.36 -11.56
CA ILE A 167 -28.93 92.85 -11.61
C ILE A 167 -29.48 92.81 -10.20
N HIS A 168 -30.79 93.09 -10.07
CA HIS A 168 -31.47 93.15 -8.78
C HIS A 168 -30.75 94.11 -7.82
N THR A 169 -30.45 95.30 -8.33
CA THR A 169 -29.68 96.27 -7.56
C THR A 169 -30.39 96.69 -6.29
N ASP A 170 -31.72 96.60 -6.26
CA ASP A 170 -32.48 97.03 -5.09
C ASP A 170 -32.18 96.22 -3.85
N LYS A 171 -31.63 95.00 -4.00
CA LYS A 171 -31.29 94.17 -2.87
C LYS A 171 -29.80 94.15 -2.56
N CYS A 172 -28.98 94.67 -3.47
CA CYS A 172 -27.53 94.64 -3.28
C CYS A 172 -27.12 95.44 -2.03
N GLU A 173 -27.44 96.74 -2.02
CA GLU A 173 -27.08 97.58 -0.89
C GLU A 173 -27.83 97.20 0.38
N ARG A 174 -28.95 96.47 0.25
CA ARG A 174 -29.69 96.02 1.42
C ARG A 174 -28.81 95.18 2.34
N GLY A 175 -27.89 94.40 1.76
CA GLY A 175 -26.94 93.64 2.55
C GLY A 175 -25.76 94.48 2.96
N LEU A 176 -25.49 95.56 2.21
CA LEU A 176 -24.41 96.47 2.57
C LEU A 176 -24.73 97.20 3.87
N LEU A 177 -25.99 97.62 4.03
CA LEU A 177 -26.43 98.21 5.27
C LEU A 177 -26.24 97.25 6.44
N PHE A 178 -26.53 95.96 6.22
CA PHE A 178 -26.39 94.96 7.28
C PHE A 178 -24.95 94.86 7.76
N ILE A 179 -24.00 94.73 6.83
CA ILE A 179 -22.61 94.60 7.24
C ILE A 179 -22.10 95.91 7.84
N GLN A 180 -22.50 97.06 7.28
CA GLN A 180 -22.03 98.34 7.83
C GLN A 180 -22.61 98.61 9.21
N GLU A 181 -23.76 98.02 9.54
CA GLU A 181 -24.36 98.19 10.85
C GLU A 181 -23.94 97.11 11.85
N ASN A 182 -23.43 95.97 11.37
CA ASN A 182 -23.05 94.90 12.28
C ASN A 182 -21.58 94.53 12.28
N MET A 183 -20.70 95.26 11.58
CA MET A 183 -19.28 94.97 11.60
C MET A 183 -18.66 95.11 12.97
N TRP A 184 -19.35 95.71 13.94
CA TRP A 184 -18.80 95.92 15.27
C TRP A 184 -18.78 94.66 16.12
N ARG A 185 -19.29 93.54 15.61
CA ARG A 185 -19.34 92.30 16.37
C ARG A 185 -18.08 91.45 16.20
N LEU A 186 -17.20 91.78 15.26
CA LEU A 186 -16.00 91.00 15.03
C LEU A 186 -14.99 91.13 16.17
N ALA A 187 -15.25 91.97 17.17
CA ALA A 187 -14.40 92.07 18.35
C ALA A 187 -14.94 91.27 19.53
N HIS A 188 -16.06 90.58 19.36
CA HIS A 188 -16.65 89.74 20.39
C HIS A 188 -16.81 88.29 19.95
N GLU A 189 -16.43 87.97 18.72
CA GLU A 189 -16.60 86.62 18.20
C GLU A 189 -15.51 85.70 18.75
N GLU A 190 -15.80 84.40 18.76
CA GLU A 190 -14.89 83.44 19.35
C GLU A 190 -13.65 83.24 18.48
N GLU A 191 -12.51 82.99 19.14
CA GLU A 191 -11.28 82.72 18.41
C GLU A 191 -11.19 81.26 17.99
N ASP A 192 -11.54 80.35 18.89
CA ASP A 192 -11.44 78.92 18.65
C ASP A 192 -12.38 78.43 17.56
N TRP A 193 -13.31 79.27 17.09
CA TRP A 193 -14.19 78.95 15.97
C TRP A 193 -13.90 79.95 14.85
N MET A 194 -12.88 79.64 14.05
CA MET A 194 -12.56 80.44 12.87
C MET A 194 -12.59 79.54 11.64
N LEU A 195 -13.34 79.98 10.63
CA LEU A 195 -13.61 79.15 9.47
C LEU A 195 -12.33 78.90 8.67
N VAL A 196 -12.38 77.85 7.85
CA VAL A 196 -11.23 77.45 7.05
C VAL A 196 -10.90 78.52 6.03
N GLY A 197 -9.62 78.88 5.95
CA GLY A 197 -9.17 79.91 5.03
C GLY A 197 -9.66 81.31 5.33
N PHE A 198 -10.25 81.54 6.51
CA PHE A 198 -10.78 82.86 6.85
C PHE A 198 -9.73 83.95 6.67
N GLU A 199 -8.57 83.76 7.27
CA GLU A 199 -7.50 84.77 7.22
C GLU A 199 -6.78 84.80 5.89
N ILE A 200 -7.13 83.93 4.94
CA ILE A 200 -6.56 83.97 3.60
C ILE A 200 -7.63 84.13 2.52
N ALA A 201 -8.91 84.18 2.90
CA ALA A 201 -9.98 84.46 1.95
C ALA A 201 -10.69 85.78 2.22
N LEU A 202 -10.62 86.30 3.45
CA LEU A 202 -11.24 87.58 3.76
C LEU A 202 -10.44 88.75 3.18
N PRO A 203 -9.09 88.78 3.30
CA PRO A 203 -8.36 89.87 2.66
C PRO A 203 -8.50 89.90 1.16
N SER A 204 -8.48 88.73 0.50
CA SER A 204 -8.70 88.70 -0.93
C SER A 204 -10.12 89.11 -1.28
N LEU A 205 -11.09 88.78 -0.42
CA LEU A 205 -12.46 89.23 -0.65
C LEU A 205 -12.56 90.75 -0.58
N LEU A 206 -11.88 91.36 0.41
CA LEU A 206 -11.84 92.82 0.47
C LEU A 206 -11.14 93.40 -0.76
N ASP A 207 -10.08 92.73 -1.23
CA ASP A 207 -9.38 93.20 -2.41
C ASP A 207 -10.30 93.23 -3.63
N MET A 208 -11.04 92.14 -3.87
CA MET A 208 -11.92 92.12 -5.04
C MET A 208 -13.15 92.99 -4.85
N ALA A 209 -13.54 93.27 -3.59
CA ALA A 209 -14.66 94.16 -3.36
C ALA A 209 -14.27 95.63 -3.40
N LYS A 210 -12.98 95.93 -3.33
CA LYS A 210 -12.51 97.32 -3.39
C LYS A 210 -13.00 98.02 -4.65
N ASP A 211 -12.98 97.33 -5.79
CA ASP A 211 -13.22 97.98 -7.08
C ASP A 211 -14.64 98.53 -7.17
N LEU A 212 -15.63 97.65 -7.00
CA LEU A 212 -17.02 98.02 -7.19
C LEU A 212 -17.45 99.11 -6.22
N ASP A 213 -18.50 99.84 -6.60
CA ASP A 213 -19.02 100.94 -5.79
C ASP A 213 -19.75 100.37 -4.57
N LEU A 214 -19.06 100.33 -3.44
CA LEU A 214 -19.64 99.82 -2.21
C LEU A 214 -18.76 100.27 -1.04
N ASP A 215 -19.38 100.35 0.14
CA ASP A 215 -18.76 100.95 1.32
C ASP A 215 -18.14 99.85 2.17
N ILE A 216 -16.89 100.05 2.57
CA ILE A 216 -16.16 99.09 3.40
C ILE A 216 -15.58 99.79 4.62
N PRO A 217 -15.76 99.25 5.82
CA PRO A 217 -15.01 99.77 6.98
C PRO A 217 -13.61 99.18 7.05
N TYR A 218 -12.68 99.74 6.27
CA TYR A 218 -11.34 99.16 6.17
C TYR A 218 -10.61 99.15 7.50
N ASP A 219 -10.63 100.27 8.21
CA ASP A 219 -9.86 100.41 9.45
C ASP A 219 -10.61 99.77 10.61
N GLU A 220 -10.05 98.66 11.12
CA GLU A 220 -10.62 97.96 12.26
C GLU A 220 -9.57 96.98 12.78
N PRO A 221 -9.32 96.94 14.09
CA PRO A 221 -8.34 95.97 14.62
C PRO A 221 -8.68 94.53 14.29
N ALA A 222 -9.97 94.22 14.12
CA ALA A 222 -10.39 92.87 13.73
C ALA A 222 -9.97 92.50 12.32
N LEU A 223 -9.32 93.40 11.59
CA LEU A 223 -8.71 93.10 10.30
C LEU A 223 -7.20 92.98 10.38
N LYS A 224 -6.55 93.87 11.14
CA LYS A 224 -5.12 93.68 11.41
C LYS A 224 -4.86 92.37 12.13
N ALA A 225 -5.81 91.91 12.95
CA ALA A 225 -5.66 90.61 13.61
C ALA A 225 -5.61 89.49 12.59
N ILE A 226 -6.56 89.46 11.65
CA ILE A 226 -6.55 88.40 10.65
C ILE A 226 -5.35 88.55 9.72
N TYR A 227 -4.87 89.78 9.51
CA TYR A 227 -3.64 89.96 8.76
C TYR A 227 -2.45 89.33 9.49
N ALA A 228 -2.40 89.48 10.81
CA ALA A 228 -1.34 88.86 11.59
C ALA A 228 -1.44 87.33 11.53
N GLU A 229 -2.66 86.80 11.62
CA GLU A 229 -2.84 85.36 11.48
C GLU A 229 -2.41 84.87 10.10
N ARG A 230 -2.72 85.65 9.05
CA ARG A 230 -2.27 85.30 7.71
C ARG A 230 -0.75 85.29 7.61
N GLU A 231 -0.10 86.28 8.23
CA GLU A 231 1.36 86.32 8.23
C GLU A 231 1.95 85.13 8.97
N ARG A 232 1.34 84.74 10.09
CA ARG A 232 1.81 83.56 10.82
C ARG A 232 1.63 82.30 9.98
N LYS A 233 0.49 82.18 9.31
CA LYS A 233 0.25 81.02 8.44
C LYS A 233 1.27 80.94 7.32
N LEU A 234 1.57 82.07 6.68
CA LEU A 234 2.57 82.07 5.63
C LEU A 234 3.97 81.85 6.17
N ALA A 235 4.22 82.19 7.43
CA ALA A 235 5.51 81.89 8.05
C ALA A 235 5.66 80.38 8.29
N LYS A 236 4.58 79.74 8.74
CA LYS A 236 4.63 78.31 8.97
C LYS A 236 4.57 77.52 7.67
N ILE A 237 3.96 78.08 6.63
CA ILE A 237 3.81 77.40 5.35
C ILE A 237 4.54 78.22 4.29
N PRO A 238 5.74 77.82 3.86
CA PRO A 238 6.44 78.56 2.81
C PRO A 238 5.82 78.34 1.44
N ARG A 239 6.43 78.91 0.40
CA ARG A 239 5.88 78.79 -0.94
C ARG A 239 6.35 77.50 -1.63
N ASP A 240 7.52 76.99 -1.26
CA ASP A 240 8.06 75.81 -1.93
C ASP A 240 7.20 74.56 -1.71
N VAL A 241 6.38 74.54 -0.67
CA VAL A 241 5.55 73.36 -0.40
C VAL A 241 4.43 73.25 -1.42
N LEU A 242 4.04 74.36 -2.05
CA LEU A 242 2.94 74.38 -3.01
C LEU A 242 3.38 73.92 -4.39
N HIS A 243 4.57 73.34 -4.53
CA HIS A 243 5.04 72.90 -5.84
C HIS A 243 5.71 71.53 -5.83
N SER A 244 5.81 70.85 -4.69
CA SER A 244 6.49 69.57 -4.64
C SER A 244 5.60 68.46 -4.09
N MET A 245 4.70 68.82 -3.18
CA MET A 245 3.88 67.83 -2.50
C MET A 245 2.49 68.43 -2.29
N PRO A 246 1.45 67.59 -2.25
CA PRO A 246 0.12 68.10 -1.92
C PRO A 246 0.12 68.74 -0.53
N THR A 247 -0.75 69.73 -0.35
CA THR A 247 -0.78 70.48 0.89
C THR A 247 -2.20 70.99 1.11
N THR A 248 -2.56 71.16 2.38
CA THR A 248 -3.90 71.59 2.78
C THR A 248 -4.23 73.01 2.35
N LEU A 249 -3.31 73.72 1.69
CA LEU A 249 -3.60 75.09 1.28
C LEU A 249 -4.55 75.12 0.09
N LEU A 250 -4.52 74.10 -0.76
CA LEU A 250 -5.29 74.05 -1.99
C LEU A 250 -6.80 74.11 -1.78
N HIS A 251 -7.31 74.05 -0.54
CA HIS A 251 -8.74 74.21 -0.33
C HIS A 251 -9.19 75.67 -0.45
N SER A 252 -8.27 76.62 -0.28
CA SER A 252 -8.57 78.05 -0.40
C SER A 252 -7.48 78.67 -1.26
N LEU A 253 -7.71 78.71 -2.57
CA LEU A 253 -6.75 79.28 -3.51
C LEU A 253 -7.13 80.68 -3.95
N GLU A 254 -8.04 81.34 -3.23
CA GLU A 254 -8.46 82.69 -3.59
C GLU A 254 -7.40 83.71 -3.23
N GLY A 255 -6.89 83.66 -2.00
CA GLY A 255 -5.90 84.62 -1.56
C GLY A 255 -4.48 84.22 -1.89
N MET A 256 -4.28 83.62 -3.06
CA MET A 256 -2.96 83.19 -3.50
C MET A 256 -2.70 83.77 -4.89
N VAL A 257 -1.49 84.30 -5.09
CA VAL A 257 -1.12 84.88 -6.37
C VAL A 257 0.20 84.28 -6.82
N ASP A 258 0.47 84.37 -8.13
CA ASP A 258 1.68 83.82 -8.75
C ASP A 258 1.83 82.32 -8.43
N LEU A 259 0.82 81.57 -8.84
CA LEU A 259 0.75 80.16 -8.52
C LEU A 259 1.75 79.35 -9.35
N ASP A 260 2.10 79.85 -10.53
CA ASP A 260 3.02 79.18 -11.44
C ASP A 260 2.50 77.78 -11.79
N TRP A 261 1.37 77.77 -12.50
CA TRP A 261 0.62 76.54 -12.74
C TRP A 261 1.40 75.52 -13.57
N GLU A 262 2.61 75.86 -14.01
CA GLU A 262 3.40 74.90 -14.79
C GLU A 262 3.58 73.58 -14.05
N LYS A 263 4.00 73.62 -12.79
CA LYS A 263 4.21 72.39 -12.03
C LYS A 263 3.01 72.10 -11.14
N LEU A 264 2.24 73.13 -10.80
CA LEU A 264 1.13 72.99 -9.86
C LEU A 264 -0.08 72.31 -10.48
N LEU A 265 -0.19 72.25 -11.81
CA LEU A 265 -1.35 71.64 -12.44
C LEU A 265 -1.32 70.12 -12.38
N LYS A 266 -0.13 69.52 -12.39
CA LYS A 266 0.01 68.08 -12.28
C LYS A 266 -0.03 67.59 -10.83
N LEU A 267 -0.25 68.50 -9.87
CA LEU A 267 -0.27 68.16 -8.46
C LEU A 267 -1.67 68.02 -7.90
N ARG A 268 -2.69 68.40 -8.66
CA ARG A 268 -4.06 68.32 -8.18
C ARG A 268 -4.50 66.85 -8.04
N CYS A 269 -5.73 66.67 -7.60
CA CYS A 269 -6.23 65.36 -7.18
C CYS A 269 -6.43 64.45 -8.40
N LEU A 270 -6.91 63.24 -8.14
CA LEU A 270 -7.09 62.26 -9.22
C LEU A 270 -8.38 62.52 -9.97
N ASP A 271 -9.45 62.91 -9.26
CA ASP A 271 -10.69 63.28 -9.92
C ASP A 271 -10.49 64.45 -10.86
N GLY A 272 -9.50 65.29 -10.60
CA GLY A 272 -9.27 66.49 -11.39
C GLY A 272 -9.54 67.79 -10.64
N SER A 273 -10.07 67.73 -9.43
CA SER A 273 -10.41 68.92 -8.67
C SER A 273 -9.15 69.45 -7.98
N PHE A 274 -9.34 70.44 -7.12
CA PHE A 274 -8.26 70.99 -6.30
C PHE A 274 -8.67 70.81 -4.84
N HIS A 275 -8.28 69.68 -4.25
CA HIS A 275 -8.63 69.34 -2.87
C HIS A 275 -10.13 69.34 -2.65
N CYS A 276 -10.90 69.08 -3.72
CA CYS A 276 -12.35 68.95 -3.65
C CYS A 276 -13.01 70.24 -3.16
N SER A 277 -12.57 71.36 -3.72
CA SER A 277 -13.12 72.66 -3.37
C SER A 277 -13.52 73.40 -4.64
N PRO A 278 -14.82 73.57 -4.91
CA PRO A 278 -15.24 74.15 -6.19
C PRO A 278 -14.75 75.57 -6.43
N ALA A 279 -14.67 76.39 -5.37
CA ALA A 279 -14.19 77.76 -5.54
C ALA A 279 -12.78 77.79 -6.10
N SER A 280 -11.89 76.96 -5.53
CA SER A 280 -10.51 76.94 -5.99
C SER A 280 -10.40 76.41 -7.42
N THR A 281 -11.24 75.43 -7.77
CA THR A 281 -11.22 74.92 -9.14
C THR A 281 -11.69 75.98 -10.13
N ALA A 282 -12.72 76.75 -9.76
CA ALA A 282 -13.16 77.84 -10.61
C ALA A 282 -12.06 78.88 -10.77
N THR A 283 -11.39 79.24 -9.67
CA THR A 283 -10.32 80.21 -9.74
C THR A 283 -9.17 79.72 -10.61
N ALA A 284 -8.88 78.42 -10.54
CA ALA A 284 -7.79 77.86 -11.36
C ALA A 284 -8.18 77.77 -12.82
N PHE A 285 -9.44 77.47 -13.11
CA PHE A 285 -9.88 77.38 -14.49
C PHE A 285 -10.01 78.76 -15.14
N GLN A 286 -10.29 79.79 -14.34
CA GLN A 286 -10.36 81.14 -14.89
C GLN A 286 -9.02 81.59 -15.45
N GLN A 287 -7.92 81.16 -14.84
CA GLN A 287 -6.59 81.59 -15.25
C GLN A 287 -5.92 80.64 -16.23
N THR A 288 -6.50 79.47 -16.50
CA THR A 288 -5.99 78.57 -17.53
C THR A 288 -7.10 77.64 -17.96
N GLY A 289 -7.23 77.44 -19.28
CA GLY A 289 -8.33 76.69 -19.84
C GLY A 289 -8.16 75.19 -19.76
N ASP A 290 -8.35 74.61 -18.59
CA ASP A 290 -8.29 73.17 -18.41
C ASP A 290 -9.68 72.57 -18.61
N GLN A 291 -9.73 71.35 -19.13
CA GLN A 291 -11.01 70.74 -19.49
C GLN A 291 -11.53 69.85 -18.36
N LYS A 292 -10.63 69.23 -17.60
CA LYS A 292 -11.07 68.33 -16.54
C LYS A 292 -11.74 69.08 -15.41
N CYS A 293 -11.20 70.23 -15.02
CA CYS A 293 -11.84 71.05 -13.99
C CYS A 293 -13.20 71.56 -14.47
N PHE A 294 -13.28 71.92 -15.76
CA PHE A 294 -14.56 72.33 -16.33
C PHE A 294 -15.58 71.19 -16.25
N GLU A 295 -15.17 69.97 -16.60
CA GLU A 295 -16.08 68.84 -16.54
C GLU A 295 -16.52 68.56 -15.11
N TYR A 296 -15.59 68.66 -14.15
CA TYR A 296 -15.95 68.45 -12.75
C TYR A 296 -16.97 69.48 -12.29
N LEU A 297 -16.72 70.76 -12.58
CA LEU A 297 -17.66 71.80 -12.17
C LEU A 297 -19.01 71.61 -12.83
N ASP A 298 -19.02 71.27 -14.12
CA ASP A 298 -20.29 71.04 -14.82
C ASP A 298 -21.07 69.89 -14.18
N GLY A 299 -20.38 68.78 -13.90
CA GLY A 299 -21.06 67.66 -13.26
C GLY A 299 -21.61 68.01 -11.89
N ILE A 300 -20.82 68.72 -11.08
CA ILE A 300 -21.22 68.99 -9.71
C ILE A 300 -22.36 70.02 -9.67
N VAL A 301 -22.42 70.90 -10.68
CA VAL A 301 -23.53 71.84 -10.69
C VAL A 301 -24.78 71.20 -11.26
N LYS A 302 -24.65 70.34 -12.26
CA LYS A 302 -25.82 69.67 -12.82
C LYS A 302 -26.36 68.57 -11.93
N LYS A 303 -25.57 68.08 -10.97
CA LYS A 303 -26.04 67.05 -10.07
C LYS A 303 -27.11 67.58 -9.11
N PHE A 304 -26.84 68.73 -8.49
CA PHE A 304 -27.76 69.29 -7.50
C PHE A 304 -28.90 70.07 -8.12
N ASN A 305 -28.82 70.41 -9.40
CA ASN A 305 -29.83 71.22 -10.08
C ASN A 305 -30.04 72.54 -9.32
N GLY A 306 -28.97 73.34 -9.32
CA GLY A 306 -29.01 74.63 -8.65
C GLY A 306 -28.27 74.63 -7.33
N GLY A 307 -27.15 75.36 -7.27
CA GLY A 307 -26.38 75.46 -6.05
C GLY A 307 -25.15 74.57 -6.06
N VAL A 308 -24.11 75.00 -5.36
CA VAL A 308 -22.85 74.25 -5.29
C VAL A 308 -22.49 74.07 -3.82
N PRO A 309 -22.16 72.86 -3.39
CA PRO A 309 -21.87 72.63 -1.97
C PRO A 309 -20.48 73.14 -1.59
N CYS A 310 -20.25 73.21 -0.27
CA CYS A 310 -18.98 73.71 0.24
C CYS A 310 -17.83 72.75 -0.05
N ILE A 311 -18.11 71.46 -0.09
CA ILE A 311 -17.07 70.46 -0.37
C ILE A 311 -17.75 69.22 -0.91
N TYR A 312 -17.07 68.53 -1.82
CA TYR A 312 -17.64 67.39 -2.52
C TYR A 312 -16.54 66.57 -3.20
N PRO A 313 -16.56 65.24 -3.10
CA PRO A 313 -17.57 64.43 -2.40
C PRO A 313 -17.23 64.11 -0.95
N LEU A 314 -18.09 63.35 -0.30
CA LEU A 314 -17.95 62.97 1.11
C LEU A 314 -18.32 61.50 1.30
N ASP A 315 -17.79 60.63 0.42
CA ASP A 315 -18.27 59.25 0.37
C ASP A 315 -17.56 58.31 1.34
N VAL A 316 -16.57 58.79 2.09
CA VAL A 316 -15.86 57.98 3.06
C VAL A 316 -16.04 58.49 4.48
N TYR A 317 -15.99 59.82 4.66
CA TYR A 317 -16.27 60.41 5.96
C TYR A 317 -17.69 60.08 6.43
N GLU A 318 -18.67 60.32 5.55
CA GLU A 318 -20.06 60.12 5.92
C GLU A 318 -20.34 58.68 6.33
N ARG A 319 -19.80 57.71 5.59
CA ARG A 319 -20.09 56.31 5.88
C ARG A 319 -19.59 55.94 7.27
N LEU A 320 -18.32 56.23 7.56
CA LEU A 320 -17.75 55.88 8.85
C LEU A 320 -18.49 56.56 9.99
N TRP A 321 -18.74 57.87 9.87
CA TRP A 321 -19.39 58.55 11.00
C TRP A 321 -20.85 58.13 11.15
N ALA A 322 -21.52 57.79 10.05
CA ALA A 322 -22.88 57.26 10.15
C ALA A 322 -22.89 55.92 10.85
N VAL A 323 -21.97 55.02 10.49
CA VAL A 323 -21.89 53.73 11.17
C VAL A 323 -21.63 53.92 12.66
N ASP A 324 -20.77 54.89 13.00
CA ASP A 324 -20.49 55.14 14.40
C ASP A 324 -21.73 55.62 15.15
N ARG A 325 -22.37 56.66 14.64
CA ARG A 325 -23.56 57.21 15.29
C ARG A 325 -24.74 56.25 15.25
N LEU A 326 -24.71 55.23 14.40
CA LEU A 326 -25.74 54.20 14.35
C LEU A 326 -25.49 53.08 15.34
N THR A 327 -24.22 52.66 15.50
CA THR A 327 -23.92 51.60 16.45
C THR A 327 -23.86 52.10 17.89
N ARG A 328 -23.69 53.42 18.08
CA ARG A 328 -23.63 53.92 19.45
C ARG A 328 -25.02 54.18 20.04
N LEU A 329 -26.05 54.32 19.19
CA LEU A 329 -27.39 54.58 19.71
C LEU A 329 -28.01 53.32 20.30
N GLY A 330 -27.89 52.20 19.60
CA GLY A 330 -28.43 50.95 20.10
C GLY A 330 -29.49 50.33 19.22
N ILE A 331 -29.42 50.61 17.91
CA ILE A 331 -30.31 49.98 16.95
C ILE A 331 -29.47 49.32 15.87
N SER A 332 -28.23 48.94 16.22
CA SER A 332 -27.33 48.34 15.25
C SER A 332 -27.77 46.94 14.84
N ARG A 333 -28.44 46.21 15.73
CA ARG A 333 -28.79 44.82 15.46
C ARG A 333 -29.79 44.69 14.31
N HIS A 334 -30.53 45.75 14.00
CA HIS A 334 -31.52 45.67 12.94
C HIS A 334 -30.88 45.74 11.55
N PHE A 335 -29.82 46.51 11.40
CA PHE A 335 -29.19 46.76 10.10
C PHE A 335 -27.91 45.97 9.92
N THR A 336 -27.90 44.70 10.34
CA THR A 336 -26.70 43.88 10.29
C THR A 336 -26.25 43.54 8.87
N SER A 337 -26.96 44.01 7.84
CA SER A 337 -26.57 43.74 6.46
C SER A 337 -25.98 44.98 5.79
N GLU A 338 -26.66 46.12 5.90
CA GLU A 338 -26.14 47.34 5.27
C GLU A 338 -24.88 47.85 5.95
N ILE A 339 -24.71 47.56 7.24
CA ILE A 339 -23.48 47.95 7.93
C ILE A 339 -22.29 47.24 7.33
N GLU A 340 -22.44 45.94 7.04
CA GLU A 340 -21.36 45.21 6.40
C GLU A 340 -21.12 45.71 4.99
N ASP A 341 -22.19 45.93 4.22
CA ASP A 341 -22.05 46.42 2.85
C ASP A 341 -21.65 47.88 2.80
N CYS A 342 -21.51 48.54 3.95
CA CYS A 342 -20.99 49.90 4.04
C CYS A 342 -19.53 49.93 4.51
N LEU A 343 -19.16 49.06 5.44
CA LEU A 343 -17.75 48.91 5.79
C LEU A 343 -16.97 48.19 4.71
N ASP A 344 -17.64 47.51 3.78
CA ASP A 344 -16.93 46.91 2.66
C ASP A 344 -16.23 47.98 1.82
N TYR A 345 -16.92 49.10 1.59
CA TYR A 345 -16.33 50.19 0.81
C TYR A 345 -15.22 50.90 1.59
N ILE A 346 -15.15 50.71 2.90
CA ILE A 346 -14.04 51.24 3.67
C ILE A 346 -12.84 50.30 3.58
N PHE A 347 -13.09 49.00 3.77
CA PHE A 347 -12.01 48.03 3.70
C PHE A 347 -11.42 47.90 2.31
N ARG A 348 -12.18 48.24 1.27
CA ARG A 348 -11.64 48.18 -0.09
C ARG A 348 -10.75 49.36 -0.43
N ASN A 349 -10.60 50.34 0.47
CA ASN A 349 -9.79 51.52 0.19
C ASN A 349 -8.81 51.83 1.30
N TRP A 350 -8.43 50.83 2.08
CA TRP A 350 -7.48 51.04 3.17
C TRP A 350 -6.07 51.19 2.63
N THR A 351 -5.77 52.35 2.04
CA THR A 351 -4.43 52.61 1.53
C THR A 351 -3.41 52.54 2.66
N PRO A 352 -2.15 52.22 2.34
CA PRO A 352 -1.11 52.14 3.37
C PRO A 352 -0.80 53.47 4.02
N ASP A 353 -1.50 54.53 3.60
CA ASP A 353 -1.36 55.85 4.21
C ASP A 353 -2.58 56.23 5.05
N GLY A 354 -3.78 55.97 4.55
CA GLY A 354 -4.99 56.28 5.28
C GLY A 354 -6.20 56.48 4.39
N LEU A 355 -7.17 57.26 4.86
CA LEU A 355 -8.37 57.57 4.08
C LEU A 355 -9.02 58.81 4.68
N ALA A 356 -8.99 59.93 3.94
CA ALA A 356 -9.47 61.18 4.52
C ALA A 356 -10.97 61.37 4.36
N HIS A 357 -11.43 61.64 3.13
CA HIS A 357 -12.87 61.70 2.87
C HIS A 357 -13.27 61.08 1.55
N THR A 358 -12.33 60.83 0.63
CA THR A 358 -12.62 60.11 -0.60
C THR A 358 -11.40 59.27 -0.94
N LYS A 359 -11.55 58.45 -1.97
CA LYS A 359 -10.41 57.66 -2.46
C LYS A 359 -9.39 58.51 -3.20
N ASN A 360 -9.67 59.79 -3.43
CA ASN A 360 -8.83 60.64 -4.27
C ASN A 360 -7.92 61.55 -3.44
N CYS A 361 -8.49 62.34 -2.55
CA CYS A 361 -7.78 63.37 -1.81
C CYS A 361 -6.61 62.77 -1.02
N PRO A 362 -5.36 62.99 -1.48
CA PRO A 362 -4.17 62.43 -0.80
C PRO A 362 -3.65 63.33 0.32
N VAL A 363 -4.47 63.54 1.36
CA VAL A 363 -4.08 64.36 2.54
C VAL A 363 -4.64 63.66 3.78
N LYS A 364 -4.41 62.35 3.88
CA LYS A 364 -4.89 61.53 5.02
C LYS A 364 -4.54 62.22 6.33
N ASP A 365 -5.55 62.45 7.18
CA ASP A 365 -5.33 63.14 8.49
C ASP A 365 -5.64 62.03 9.50
N ILE A 366 -5.44 62.31 10.79
CA ILE A 366 -5.72 61.32 11.87
C ILE A 366 -7.08 61.27 12.58
N ALA A 367 -8.09 61.91 12.00
CA ALA A 367 -9.46 61.91 12.57
C ALA A 367 -10.33 60.92 11.80
N ASP A 368 -9.84 60.47 10.64
CA ASP A 368 -10.55 59.48 9.79
C ASP A 368 -10.01 58.10 10.13
N THR A 369 -8.69 57.94 10.07
CA THR A 369 -8.03 56.64 10.39
C THR A 369 -8.52 56.15 11.75
N ALA A 370 -8.29 56.96 12.80
CA ALA A 370 -8.69 56.61 14.18
C ALA A 370 -10.14 56.12 14.22
N MET A 371 -10.92 56.37 13.16
CA MET A 371 -12.31 55.91 13.15
C MET A 371 -12.45 54.63 12.35
N GLY A 372 -11.94 54.63 11.11
CA GLY A 372 -12.02 53.44 10.29
C GLY A 372 -11.28 52.26 10.88
N PHE A 373 -10.10 52.50 11.47
CA PHE A 373 -9.34 51.43 12.07
C PHE A 373 -10.10 50.78 13.23
N ARG A 374 -10.61 51.61 14.14
CA ARG A 374 -11.39 51.08 15.26
C ARG A 374 -12.61 50.32 14.78
N LEU A 375 -13.36 50.90 13.84
CA LEU A 375 -14.58 50.24 13.38
C LEU A 375 -14.28 48.92 12.69
N LEU A 376 -13.29 48.91 11.80
CA LEU A 376 -12.93 47.69 11.09
C LEU A 376 -12.47 46.61 12.06
N ARG A 377 -11.65 46.97 13.05
CA ARG A 377 -11.21 45.96 14.00
C ARG A 377 -12.30 45.51 14.94
N LEU A 378 -13.36 46.32 15.12
CA LEU A 378 -14.44 45.93 16.02
C LEU A 378 -15.35 44.89 15.38
N TYR A 379 -15.67 45.04 14.10
CA TYR A 379 -16.60 44.14 13.42
C TYR A 379 -15.91 42.90 12.85
N GLY A 380 -14.71 42.57 13.32
CA GLY A 380 -14.07 41.34 12.89
C GLY A 380 -13.42 41.42 11.52
N TYR A 381 -12.42 42.28 11.37
CA TYR A 381 -11.66 42.38 10.13
C TYR A 381 -10.18 42.19 10.41
N GLN A 382 -9.34 42.41 9.40
CA GLN A 382 -7.89 42.29 9.53
C GLN A 382 -7.26 43.62 9.15
N VAL A 383 -6.87 44.40 10.16
CA VAL A 383 -6.21 45.67 9.94
C VAL A 383 -4.98 45.72 10.83
N ASP A 384 -4.02 46.58 10.48
CA ASP A 384 -2.78 46.70 11.20
C ASP A 384 -2.55 48.16 11.56
N PRO A 385 -2.34 48.48 12.83
CA PRO A 385 -2.20 49.89 13.24
C PRO A 385 -0.82 50.49 13.00
N CYS A 386 0.03 49.87 12.19
CA CYS A 386 1.32 50.48 11.86
C CYS A 386 1.14 51.71 10.99
N VAL A 387 -0.05 51.89 10.41
CA VAL A 387 -0.28 53.05 9.55
C VAL A 387 -0.39 54.33 10.37
N LEU A 388 -0.90 54.23 11.60
CA LEU A 388 -1.07 55.42 12.44
C LEU A 388 0.26 56.05 12.79
N LYS A 389 1.36 55.30 12.66
CA LYS A 389 2.68 55.83 12.97
C LYS A 389 3.06 56.99 12.05
N LYS A 390 2.42 57.10 10.88
CA LYS A 390 2.79 58.11 9.90
C LYS A 390 2.48 59.53 10.36
N PHE A 391 1.79 59.70 11.49
CA PHE A 391 1.47 61.02 12.03
C PHE A 391 2.29 61.33 13.28
N GLU A 392 3.36 60.56 13.51
CA GLU A 392 4.21 60.72 14.68
C GLU A 392 5.33 61.72 14.39
N LYS A 393 5.39 62.77 15.19
CA LYS A 393 6.44 63.80 15.06
C LYS A 393 6.85 64.24 16.47
N ASP A 394 7.91 63.64 16.99
CA ASP A 394 8.55 64.05 18.24
C ASP A 394 7.55 64.01 19.40
N GLY A 395 6.84 62.90 19.52
CA GLY A 395 5.86 62.73 20.57
C GLY A 395 4.56 63.49 20.37
N LYS A 396 4.54 64.50 19.52
CA LYS A 396 3.32 65.22 19.21
C LYS A 396 2.66 64.62 17.97
N PHE A 397 1.34 64.68 17.93
CA PHE A 397 0.56 64.09 16.86
C PHE A 397 -0.10 65.19 16.05
N PHE A 398 0.12 65.17 14.74
CA PHE A 398 -0.41 66.17 13.82
C PHE A 398 -1.84 65.81 13.43
N CYS A 399 -2.72 66.81 13.46
CA CYS A 399 -4.04 66.61 12.88
C CYS A 399 -3.98 66.62 11.36
N LEU A 400 -3.19 67.54 10.79
CA LEU A 400 -2.90 67.56 9.37
C LEU A 400 -1.42 67.91 9.20
N HIS A 401 -1.01 68.21 7.98
CA HIS A 401 0.41 68.46 7.73
C HIS A 401 0.81 69.88 8.10
N GLY A 402 -0.12 70.83 8.01
CA GLY A 402 0.21 72.22 8.25
C GLY A 402 -0.68 72.95 9.22
N GLU A 403 -1.12 72.27 10.28
CA GLU A 403 -2.04 72.89 11.23
C GLU A 403 -1.37 74.06 11.96
N SER A 404 -1.85 75.26 11.70
CA SER A 404 -1.40 76.45 12.42
C SER A 404 -2.32 76.76 13.60
N ASN A 405 -2.57 75.75 14.44
CA ASN A 405 -3.49 75.86 15.56
C ASN A 405 -3.39 74.62 16.42
N PRO A 406 -3.53 74.75 17.74
CA PRO A 406 -3.65 73.55 18.59
C PRO A 406 -4.87 72.75 18.17
N SER A 407 -4.70 71.43 18.08
CA SER A 407 -5.71 70.57 17.48
C SER A 407 -6.99 70.58 18.31
N SER A 408 -8.05 70.04 17.72
CA SER A 408 -9.35 69.99 18.38
C SER A 408 -9.40 68.80 19.35
N VAL A 409 -10.59 68.52 19.85
CA VAL A 409 -10.75 67.39 20.74
C VAL A 409 -11.25 66.16 19.99
N THR A 410 -12.11 66.34 18.98
CA THR A 410 -12.71 65.19 18.30
C THR A 410 -11.69 64.27 17.64
N PRO A 411 -10.66 64.75 16.92
CA PRO A 411 -9.66 63.80 16.41
C PRO A 411 -8.90 63.12 17.52
N MET A 412 -8.49 63.89 18.54
CA MET A 412 -7.81 63.28 19.68
C MET A 412 -8.74 62.35 20.45
N TYR A 413 -10.00 62.76 20.64
CA TYR A 413 -10.95 61.89 21.32
C TYR A 413 -11.12 60.56 20.58
N ASN A 414 -11.17 60.62 19.24
CA ASN A 414 -11.32 59.39 18.47
C ASN A 414 -10.06 58.55 18.53
N THR A 415 -8.88 59.18 18.51
CA THR A 415 -7.64 58.43 18.66
C THR A 415 -7.60 57.71 20.01
N TYR A 416 -8.00 58.39 21.08
CA TYR A 416 -8.00 57.77 22.40
C TYR A 416 -9.01 56.63 22.46
N ARG A 417 -10.20 56.84 21.92
CA ARG A 417 -11.22 55.79 21.95
C ARG A 417 -10.83 54.61 21.06
N ALA A 418 -9.97 54.83 20.08
CA ALA A 418 -9.46 53.76 19.24
C ALA A 418 -8.16 53.18 19.77
N SER A 419 -7.61 53.73 20.85
CA SER A 419 -6.43 53.16 21.50
C SER A 419 -6.79 52.18 22.60
N GLN A 420 -7.99 51.61 22.56
CA GLN A 420 -8.42 50.59 23.52
C GLN A 420 -8.31 49.18 22.98
N LEU A 421 -8.80 48.93 21.76
CA LEU A 421 -8.75 47.61 21.15
C LEU A 421 -7.33 47.31 20.63
N LYS A 422 -6.41 47.19 21.57
CA LYS A 422 -5.02 46.88 21.24
C LYS A 422 -4.77 45.39 21.44
N PHE A 423 -4.08 44.80 20.47
CA PHE A 423 -3.71 43.39 20.52
C PHE A 423 -2.26 43.25 20.95
N PRO A 424 -1.89 42.13 21.60
CA PRO A 424 -0.55 42.03 22.18
C PRO A 424 0.58 42.14 21.18
N GLY A 425 0.39 41.64 19.96
CA GLY A 425 1.44 41.68 18.96
C GLY A 425 1.53 42.95 18.15
N ASP A 426 0.76 43.98 18.50
CA ASP A 426 0.75 45.23 17.77
C ASP A 426 1.94 46.10 18.16
N ASP A 427 2.38 46.94 17.23
CA ASP A 427 3.51 47.81 17.46
C ASP A 427 3.17 48.85 18.54
N GLY A 428 4.20 49.32 19.22
CA GLY A 428 4.04 50.22 20.34
C GLY A 428 3.53 51.61 20.00
N VAL A 429 3.13 51.84 18.74
CA VAL A 429 2.62 53.15 18.35
C VAL A 429 1.37 53.50 19.17
N LEU A 430 0.53 52.51 19.46
CA LEU A 430 -0.66 52.76 20.27
C LEU A 430 -0.29 53.07 21.71
N GLY A 431 0.80 52.48 22.20
CA GLY A 431 1.23 52.68 23.58
C GLY A 431 1.63 54.11 23.86
N ARG A 432 2.08 54.83 22.84
CA ARG A 432 2.43 56.24 22.97
C ARG A 432 1.22 57.15 22.82
N ALA A 433 0.30 56.81 21.90
CA ALA A 433 -0.92 57.58 21.78
C ALA A 433 -1.75 57.51 23.04
N GLU A 434 -1.86 56.32 23.63
CA GLU A 434 -2.70 56.12 24.81
C GLU A 434 -2.30 57.04 25.96
N VAL A 435 -1.04 57.47 26.04
CA VAL A 435 -0.58 58.35 27.09
C VAL A 435 -0.54 59.80 26.63
N PHE A 436 -0.09 60.06 25.40
CA PHE A 436 -0.01 61.44 24.92
C PHE A 436 -1.41 62.05 24.83
N CYS A 437 -2.36 61.33 24.25
CA CYS A 437 -3.71 61.85 24.13
C CYS A 437 -4.40 61.92 25.49
N ARG A 438 -4.09 61.00 26.39
CA ARG A 438 -4.60 61.10 27.76
C ARG A 438 -4.14 62.40 28.40
N SER A 439 -2.84 62.70 28.30
CA SER A 439 -2.32 63.96 28.84
C SER A 439 -2.98 65.16 28.18
N PHE A 440 -3.12 65.13 26.86
CA PHE A 440 -3.74 66.25 26.15
C PHE A 440 -5.17 66.48 26.64
N LEU A 441 -6.02 65.46 26.53
CA LEU A 441 -7.41 65.58 26.96
C LEU A 441 -7.56 65.80 28.46
N GLN A 442 -6.51 65.57 29.25
CA GLN A 442 -6.58 65.89 30.67
C GLN A 442 -6.22 67.35 30.94
N ASP A 443 -5.24 67.89 30.22
CA ASP A 443 -4.91 69.31 30.37
C ASP A 443 -6.09 70.19 30.00
N ARG A 444 -6.62 70.02 28.79
CA ARG A 444 -7.73 70.84 28.33
C ARG A 444 -9.03 70.56 29.08
N ARG A 445 -9.11 69.46 29.84
CA ARG A 445 -10.29 69.21 30.66
C ARG A 445 -10.18 69.87 32.02
N GLY A 446 -8.96 70.24 32.44
CA GLY A 446 -8.77 70.88 33.72
C GLY A 446 -9.11 72.35 33.71
N SER A 447 -9.97 72.75 32.78
CA SER A 447 -10.47 74.11 32.68
C SER A 447 -11.77 74.07 31.88
N ASN A 448 -12.24 75.24 31.48
CA ASN A 448 -13.40 75.36 30.61
C ASN A 448 -13.00 75.62 29.16
N ARG A 449 -11.83 75.12 28.75
CA ARG A 449 -11.31 75.29 27.41
C ARG A 449 -11.76 74.18 26.46
N MET A 450 -12.91 73.58 26.72
CA MET A 450 -13.35 72.38 25.99
C MET A 450 -13.93 72.70 24.62
N LYS A 451 -13.70 73.87 24.05
CA LYS A 451 -14.20 74.19 22.72
C LYS A 451 -13.39 73.44 21.67
N ASP A 452 -14.08 72.76 20.76
CA ASP A 452 -13.43 72.02 19.68
C ASP A 452 -13.21 72.93 18.48
N LYS A 453 -12.81 72.37 17.36
CA LYS A 453 -12.51 73.14 16.16
C LYS A 453 -13.20 72.66 14.90
N TRP A 454 -13.49 71.36 14.78
CA TRP A 454 -14.12 70.82 13.58
C TRP A 454 -15.55 70.36 13.79
N ALA A 455 -16.21 70.79 14.87
CA ALA A 455 -17.58 70.39 15.12
C ALA A 455 -18.22 71.36 16.10
N ILE A 456 -19.54 71.25 16.25
CA ILE A 456 -20.31 72.00 17.25
C ILE A 456 -21.40 71.07 17.75
N ALA A 457 -21.32 70.71 19.04
CA ALA A 457 -22.23 69.74 19.62
C ALA A 457 -22.78 70.25 20.94
N LYS A 458 -23.73 69.50 21.49
CA LYS A 458 -24.36 69.87 22.75
C LYS A 458 -23.39 69.73 23.91
N ASP A 459 -22.87 68.52 24.12
CA ASP A 459 -22.01 68.25 25.29
C ASP A 459 -20.91 67.28 24.84
N ILE A 460 -19.81 67.84 24.34
CA ILE A 460 -18.60 67.06 24.09
C ILE A 460 -17.81 66.83 25.38
N PRO A 461 -17.72 67.78 26.34
CA PRO A 461 -16.95 67.47 27.55
C PRO A 461 -17.54 66.35 28.37
N GLY A 462 -18.88 66.23 28.40
CA GLY A 462 -19.49 65.14 29.13
C GLY A 462 -19.15 63.77 28.55
N GLU A 463 -19.17 63.67 27.22
CA GLU A 463 -18.82 62.40 26.60
C GLU A 463 -17.34 62.09 26.72
N VAL A 464 -16.48 63.10 26.66
CA VAL A 464 -15.07 62.86 26.95
C VAL A 464 -14.90 62.38 28.39
N GLU A 465 -15.65 62.97 29.32
CA GLU A 465 -15.63 62.52 30.71
C GLU A 465 -16.02 61.06 30.82
N TYR A 466 -17.10 60.67 30.15
CA TYR A 466 -17.56 59.28 30.22
C TYR A 466 -16.52 58.33 29.62
N ALA A 467 -15.98 58.68 28.46
CA ALA A 467 -15.00 57.82 27.81
C ALA A 467 -13.68 57.78 28.57
N MET A 468 -13.41 58.75 29.44
CA MET A 468 -12.20 58.74 30.25
C MET A 468 -12.38 58.11 31.61
N ASP A 469 -13.63 58.03 32.11
CA ASP A 469 -13.89 57.45 33.42
C ASP A 469 -14.06 55.94 33.38
N TYR A 470 -14.64 55.40 32.30
CA TYR A 470 -14.92 53.97 32.20
C TYR A 470 -14.23 53.39 30.97
N PRO A 471 -13.16 52.64 31.12
CA PRO A 471 -12.45 52.10 29.96
C PRO A 471 -13.22 50.97 29.31
N TRP A 472 -12.62 50.41 28.25
CA TRP A 472 -13.22 49.30 27.53
C TRP A 472 -13.37 48.07 28.41
N LYS A 473 -12.58 47.96 29.47
CA LYS A 473 -12.63 46.78 30.32
C LYS A 473 -13.93 46.70 31.12
N ALA A 474 -14.56 47.84 31.39
CA ALA A 474 -15.75 47.87 32.24
C ALA A 474 -16.81 48.79 31.65
N SER A 475 -17.03 48.69 30.34
CA SER A 475 -17.99 49.54 29.64
C SER A 475 -19.11 48.68 29.08
N LEU A 476 -20.17 48.47 29.86
CA LEU A 476 -21.32 47.75 29.38
C LEU A 476 -22.05 48.56 28.32
N PRO A 477 -22.63 47.90 27.30
CA PRO A 477 -23.27 48.64 26.21
C PRO A 477 -24.50 49.42 26.65
N ARG A 478 -25.32 48.83 27.53
CA ARG A 478 -26.56 49.49 27.95
C ARG A 478 -26.29 50.76 28.71
N ILE A 479 -25.32 50.74 29.63
CA ILE A 479 -24.98 51.95 30.39
C ILE A 479 -24.55 53.07 29.44
N GLU A 480 -23.70 52.72 28.47
CA GLU A 480 -23.19 53.72 27.53
C GLU A 480 -24.31 54.29 26.68
N THR A 481 -25.16 53.42 26.11
CA THR A 481 -26.21 53.92 25.24
C THR A 481 -27.23 54.75 26.03
N ARG A 482 -27.48 54.38 27.28
CA ARG A 482 -28.41 55.17 28.09
C ARG A 482 -27.82 56.54 28.41
N LEU A 483 -26.57 56.58 28.86
CA LEU A 483 -25.95 57.85 29.18
C LEU A 483 -25.73 58.72 27.94
N TYR A 484 -25.73 58.14 26.75
CA TYR A 484 -25.52 58.91 25.53
C TYR A 484 -26.82 59.33 24.86
N LEU A 485 -27.91 58.60 25.06
CA LEU A 485 -29.14 58.86 24.31
C LEU A 485 -29.69 60.26 24.55
N ASP A 486 -29.27 60.94 25.60
CA ASP A 486 -29.67 62.31 25.87
C ASP A 486 -28.62 63.31 25.44
N GLN A 487 -27.68 62.90 24.59
CA GLN A 487 -26.60 63.78 24.14
C GLN A 487 -26.51 63.89 22.62
N TYR A 488 -27.34 63.17 21.87
CA TYR A 488 -27.29 63.23 20.41
C TYR A 488 -27.82 64.59 19.95
N GLY A 489 -27.14 65.20 18.99
CA GLY A 489 -27.44 66.56 18.59
C GLY A 489 -28.72 66.74 17.79
N GLY A 490 -29.45 65.65 17.56
CA GLY A 490 -30.69 65.73 16.81
C GLY A 490 -30.50 66.28 15.41
N SER A 491 -30.97 67.51 15.19
CA SER A 491 -30.80 68.18 13.90
C SER A 491 -30.08 69.52 14.04
N GLY A 492 -29.53 69.81 15.21
CA GLY A 492 -28.85 71.06 15.47
C GLY A 492 -27.35 70.99 15.60
N ASP A 493 -26.69 70.05 14.91
CA ASP A 493 -25.24 69.89 14.99
C ASP A 493 -24.62 70.47 13.73
N VAL A 494 -24.26 71.75 13.79
CA VAL A 494 -23.59 72.42 12.69
C VAL A 494 -22.12 72.05 12.69
N TRP A 495 -21.47 72.11 11.54
CA TRP A 495 -20.06 71.77 11.40
C TRP A 495 -19.31 72.95 10.83
N ILE A 496 -17.98 72.84 10.83
CA ILE A 496 -17.10 73.96 10.49
C ILE A 496 -16.30 73.58 9.26
N GLY A 497 -16.60 74.21 8.13
CA GLY A 497 -15.79 74.11 6.94
C GLY A 497 -15.38 75.48 6.44
N LYS A 498 -15.31 75.67 5.13
CA LYS A 498 -15.13 77.01 4.60
C LYS A 498 -16.36 77.87 4.84
N VAL A 499 -17.54 77.24 4.85
CA VAL A 499 -18.79 77.89 5.23
C VAL A 499 -19.45 76.94 6.21
N LEU A 500 -20.56 77.35 6.83
CA LEU A 500 -21.28 76.49 7.75
C LEU A 500 -22.30 75.66 6.98
N HIS A 501 -22.36 74.36 7.29
CA HIS A 501 -23.23 73.43 6.60
C HIS A 501 -23.71 72.38 7.57
N ARG A 502 -24.78 71.67 7.18
CA ARG A 502 -25.40 70.68 8.02
C ARG A 502 -25.48 69.34 7.28
N MET A 503 -25.35 68.26 8.04
CA MET A 503 -25.46 66.91 7.52
C MET A 503 -26.89 66.41 7.65
N THR A 504 -27.30 65.59 6.68
CA THR A 504 -28.66 65.05 6.65
C THR A 504 -28.73 63.58 7.00
N LEU A 505 -27.72 62.79 6.66
CA LEU A 505 -27.77 61.35 6.89
C LEU A 505 -27.74 61.01 8.37
N PHE A 506 -26.66 61.39 9.06
CA PHE A 506 -26.48 61.03 10.46
C PHE A 506 -26.71 62.21 11.40
N CYS A 507 -27.45 63.21 10.95
CA CYS A 507 -27.94 64.29 11.81
C CYS A 507 -29.43 64.43 11.50
N ASN A 508 -30.25 63.62 12.18
CA ASN A 508 -31.67 63.52 11.89
C ASN A 508 -32.41 63.23 13.19
N ASP A 509 -33.74 63.34 13.14
CA ASP A 509 -34.57 63.10 14.30
C ASP A 509 -35.22 61.73 14.30
N LEU A 510 -35.26 61.03 13.16
CA LEU A 510 -35.79 59.67 13.13
C LEU A 510 -34.97 58.73 13.99
N TYR A 511 -33.65 58.92 14.01
CA TYR A 511 -32.78 58.08 14.84
C TYR A 511 -33.19 58.18 16.31
N LEU A 512 -33.41 59.40 16.80
CA LEU A 512 -33.82 59.57 18.19
C LEU A 512 -35.15 58.90 18.46
N LYS A 513 -36.10 59.05 17.54
CA LYS A 513 -37.42 58.44 17.73
C LYS A 513 -37.30 56.92 17.85
N ALA A 514 -36.59 56.29 16.90
CA ALA A 514 -36.45 54.84 16.92
C ALA A 514 -35.71 54.37 18.16
N ALA A 515 -34.65 55.08 18.54
CA ALA A 515 -33.88 54.70 19.71
C ALA A 515 -34.72 54.80 20.98
N LYS A 516 -35.49 55.88 21.12
CA LYS A 516 -36.34 56.03 22.29
C LYS A 516 -37.41 54.95 22.35
N ALA A 517 -38.01 54.62 21.19
CA ALA A 517 -39.03 53.57 21.17
C ALA A 517 -38.45 52.23 21.61
N ASP A 518 -37.29 51.86 21.04
CA ASP A 518 -36.68 50.59 21.39
C ASP A 518 -36.26 50.56 22.86
N PHE A 519 -35.72 51.67 23.35
CA PHE A 519 -35.30 51.73 24.75
C PHE A 519 -36.49 51.62 25.69
N SER A 520 -37.62 52.25 25.33
CA SER A 520 -38.82 52.13 26.15
C SER A 520 -39.34 50.70 26.16
N ASN A 521 -39.34 50.04 25.00
CA ASN A 521 -39.76 48.65 24.96
C ASN A 521 -38.90 47.79 25.88
N PHE A 522 -37.58 47.94 25.77
CA PHE A 522 -36.66 47.17 26.60
C PHE A 522 -36.87 47.49 28.08
N GLN A 523 -37.09 48.76 28.41
CA GLN A 523 -37.30 49.15 29.80
C GLN A 523 -38.55 48.52 30.38
N LYS A 524 -39.64 48.51 29.61
CA LYS A 524 -40.87 47.90 30.09
C LYS A 524 -40.70 46.38 30.26
N GLU A 525 -40.03 45.74 29.31
CA GLU A 525 -39.79 44.30 29.44
C GLU A 525 -38.99 43.99 30.69
N CYS A 526 -37.94 44.77 30.96
CA CYS A 526 -37.12 44.54 32.14
C CYS A 526 -37.90 44.82 33.43
N ARG A 527 -38.70 45.89 33.43
CA ARG A 527 -39.47 46.23 34.62
C ARG A 527 -40.51 45.17 34.94
N VAL A 528 -41.02 44.47 33.93
CA VAL A 528 -41.93 43.36 34.18
C VAL A 528 -41.18 42.15 34.69
N GLU A 529 -40.12 41.76 33.97
CA GLU A 529 -39.40 40.54 34.32
C GLU A 529 -38.70 40.63 35.66
N LEU A 530 -38.38 41.83 36.15
CA LEU A 530 -37.75 41.95 37.45
C LEU A 530 -38.68 41.46 38.56
N ASN A 531 -39.94 41.91 38.53
CA ASN A 531 -40.91 41.41 39.49
C ASN A 531 -41.24 39.94 39.24
N GLY A 532 -41.30 39.55 37.96
CA GLY A 532 -41.48 38.14 37.65
C GLY A 532 -40.43 37.25 38.28
N LEU A 533 -39.20 37.75 38.37
CA LEU A 533 -38.12 36.99 38.99
C LEU A 533 -38.17 37.09 40.51
N ARG A 534 -38.49 38.27 41.05
CA ARG A 534 -38.56 38.44 42.49
C ARG A 534 -39.62 37.52 43.11
N ARG A 535 -40.75 37.34 42.43
CA ARG A 535 -41.78 36.45 42.95
C ARG A 535 -41.27 35.02 43.06
N TRP A 536 -40.60 34.54 42.01
CA TRP A 536 -40.03 33.19 42.05
C TRP A 536 -38.96 33.07 43.13
N TYR A 537 -38.16 34.13 43.32
CA TYR A 537 -37.14 34.09 44.36
C TYR A 537 -37.76 33.96 45.74
N LEU A 538 -38.82 34.72 46.00
CA LEU A 538 -39.50 34.61 47.29
C LEU A 538 -40.16 33.25 47.45
N ARG A 539 -40.67 32.67 46.36
CA ARG A 539 -41.28 31.36 46.41
C ARG A 539 -40.28 30.22 46.53
N SER A 540 -39.01 30.46 46.23
CA SER A 540 -38.02 29.39 46.21
C SER A 540 -37.36 29.13 47.55
N ASN A 541 -37.58 30.00 48.54
CA ASN A 541 -37.07 29.80 49.90
C ASN A 541 -35.55 29.63 49.92
N LEU A 542 -34.86 30.69 49.52
CA LEU A 542 -33.41 30.68 49.37
C LEU A 542 -32.76 31.69 50.31
N GLU A 543 -33.16 31.67 51.59
CA GLU A 543 -32.57 32.53 52.61
C GLU A 543 -31.58 31.79 53.49
N LYS A 544 -30.82 30.85 52.92
CA LYS A 544 -29.83 30.10 53.68
C LYS A 544 -28.64 30.98 54.07
N GLN A 551 -32.69 39.40 49.08
CA GLN A 551 -32.14 40.59 49.71
C GLN A 551 -32.07 41.70 48.64
N THR A 552 -30.87 42.24 48.41
CA THR A 552 -30.66 43.25 47.39
C THR A 552 -29.90 42.73 46.17
N THR A 553 -29.35 41.52 46.25
CA THR A 553 -28.54 41.00 45.16
C THR A 553 -29.38 40.64 43.94
N LEU A 554 -30.70 40.50 44.10
CA LEU A 554 -31.55 40.17 42.98
C LEU A 554 -31.56 41.29 41.94
N MET A 555 -31.78 42.52 42.39
CA MET A 555 -31.86 43.64 41.46
C MET A 555 -30.53 43.86 40.74
N THR A 556 -29.42 43.82 41.49
CA THR A 556 -28.11 43.99 40.87
C THR A 556 -27.81 42.86 39.89
N SER A 557 -28.14 41.62 40.27
CA SER A 557 -27.90 40.48 39.40
C SER A 557 -28.69 40.61 38.10
N TYR A 558 -29.96 40.98 38.20
CA TYR A 558 -30.76 41.12 36.98
C TYR A 558 -30.29 42.30 36.14
N PHE A 559 -29.84 43.39 36.77
CA PHE A 559 -29.31 44.50 36.01
C PHE A 559 -28.05 44.09 35.24
N LEU A 560 -27.19 43.31 35.89
CA LEU A 560 -25.99 42.82 35.21
C LEU A 560 -26.35 41.83 34.10
N ALA A 561 -27.44 41.08 34.28
CA ALA A 561 -27.86 40.13 33.26
C ALA A 561 -28.48 40.84 32.06
N SER A 562 -29.11 42.00 32.30
CA SER A 562 -29.79 42.71 31.23
C SER A 562 -28.93 43.75 30.55
N ALA A 563 -27.84 44.19 31.19
CA ALA A 563 -26.98 45.19 30.57
C ALA A 563 -26.18 44.66 29.40
N ASN A 564 -26.14 43.34 29.20
CA ASN A 564 -25.38 42.76 28.09
C ASN A 564 -26.29 42.09 27.07
N ILE A 565 -27.12 41.13 27.48
CA ILE A 565 -28.02 40.44 26.55
C ILE A 565 -29.37 41.13 26.67
N PHE A 566 -29.57 42.14 25.84
CA PHE A 566 -30.78 42.96 25.86
C PHE A 566 -31.64 42.77 24.61
N GLU A 567 -31.42 41.70 23.86
CA GLU A 567 -32.20 41.48 22.65
C GLU A 567 -33.63 41.08 23.00
N ALA A 568 -34.50 41.11 21.99
CA ALA A 568 -35.93 40.95 22.24
C ALA A 568 -36.28 39.53 22.67
N ASN A 569 -35.65 38.53 22.05
CA ASN A 569 -36.02 37.13 22.27
C ASN A 569 -34.92 36.33 22.96
N ARG A 570 -34.28 36.92 23.98
CA ARG A 570 -33.25 36.22 24.74
C ARG A 570 -33.57 36.16 26.23
N ALA A 571 -34.84 36.25 26.60
CA ALA A 571 -35.22 36.12 28.01
C ALA A 571 -34.85 34.75 28.55
N ALA A 572 -34.91 33.72 27.70
CA ALA A 572 -34.56 32.37 28.13
C ALA A 572 -33.11 32.30 28.60
N GLU A 573 -32.22 33.08 27.96
CA GLU A 573 -30.83 33.10 28.40
C GLU A 573 -30.63 34.08 29.55
N ARG A 574 -31.39 35.17 29.56
CA ARG A 574 -31.22 36.17 30.61
C ARG A 574 -31.63 35.64 31.98
N LEU A 575 -32.79 34.99 32.05
CA LEU A 575 -33.25 34.43 33.31
C LEU A 575 -32.30 33.34 33.80
N GLY A 576 -31.76 32.55 32.86
CA GLY A 576 -30.77 31.55 33.24
C GLY A 576 -29.49 32.19 33.76
N TRP A 577 -29.08 33.30 33.15
CA TRP A 577 -27.94 34.06 33.64
C TRP A 577 -28.15 34.41 35.10
N ALA A 578 -29.34 34.94 35.42
CA ALA A 578 -29.58 35.47 36.75
C ALA A 578 -29.75 34.37 37.80
N ARG A 579 -30.55 33.35 37.50
CA ARG A 579 -30.91 32.34 38.50
C ARG A 579 -29.68 31.60 39.02
N VAL A 580 -28.79 31.20 38.11
CA VAL A 580 -27.63 30.43 38.51
C VAL A 580 -26.71 31.26 39.39
N ALA A 581 -26.56 32.54 39.06
CA ALA A 581 -25.74 33.43 39.89
C ALA A 581 -26.33 33.57 41.29
N LEU A 582 -27.66 33.72 41.37
CA LEU A 582 -28.30 33.84 42.67
C LEU A 582 -28.11 32.59 43.51
N LEU A 583 -28.39 31.42 42.93
CA LEU A 583 -28.22 30.17 43.67
C LEU A 583 -26.76 29.99 44.07
N ALA A 584 -25.84 30.41 43.21
CA ALA A 584 -24.41 30.26 43.47
C ALA A 584 -23.98 31.10 44.67
N ASP A 585 -24.38 32.38 44.71
CA ASP A 585 -23.95 33.19 45.83
C ASP A 585 -24.62 32.74 47.12
N ALA A 586 -25.84 32.21 47.02
CA ALA A 586 -26.49 31.62 48.18
C ALA A 586 -25.68 30.47 48.76
N VAL A 587 -25.32 29.49 47.93
CA VAL A 587 -24.57 28.35 48.42
C VAL A 587 -23.18 28.79 48.88
N SER A 588 -22.61 29.81 48.23
CA SER A 588 -21.31 30.31 48.65
C SER A 588 -21.36 30.91 50.04
N SER A 589 -22.41 31.67 50.35
CA SER A 589 -22.59 32.17 51.70
C SER A 589 -22.84 31.05 52.70
N HIS A 590 -23.60 30.02 52.30
CA HIS A 590 -23.91 28.93 53.23
C HIS A 590 -22.67 28.15 53.61
N PHE A 591 -21.82 27.83 52.63
CA PHE A 591 -20.57 27.11 52.92
C PHE A 591 -19.67 27.92 53.83
N ARG A 592 -19.55 29.23 53.61
CA ARG A 592 -18.74 30.05 54.48
C ARG A 592 -19.31 30.12 55.90
N ARG A 593 -20.64 30.19 56.02
CA ARG A 593 -21.24 30.29 57.36
C ARG A 593 -21.09 28.99 58.13
N ILE A 594 -21.32 27.84 57.49
CA ILE A 594 -21.32 26.57 58.21
C ILE A 594 -19.90 26.18 58.59
N GLY A 595 -18.89 26.77 57.95
CA GLY A 595 -17.52 26.50 58.31
C GLY A 595 -16.89 25.35 57.56
N GLY A 596 -16.95 25.39 56.22
CA GLY A 596 -16.33 24.37 55.40
C GLY A 596 -17.34 23.50 54.71
N PRO A 597 -16.96 22.94 53.56
CA PRO A 597 -17.88 22.08 52.81
C PRO A 597 -17.78 20.63 53.25
N LYS A 598 -16.96 20.36 54.25
CA LYS A 598 -16.82 19.01 54.80
C LYS A 598 -17.71 18.77 56.01
N ASN A 599 -18.13 19.83 56.70
CA ASN A 599 -19.05 19.71 57.83
C ASN A 599 -20.50 19.85 57.42
N SER A 600 -20.81 19.63 56.14
CA SER A 600 -22.17 19.71 55.63
C SER A 600 -22.84 18.34 55.74
N THR A 601 -23.97 18.30 56.44
CA THR A 601 -24.67 17.04 56.68
C THR A 601 -25.78 16.75 55.67
N SER A 602 -26.19 17.75 54.88
CA SER A 602 -27.26 17.56 53.91
C SER A 602 -26.68 17.34 52.51
N ASN A 603 -27.53 16.84 51.62
CA ASN A 603 -27.14 16.70 50.23
C ASN A 603 -27.55 17.95 49.44
N LEU A 604 -26.71 18.32 48.48
CA LEU A 604 -26.86 19.59 47.77
C LEU A 604 -27.00 19.46 46.26
N GLU A 605 -26.65 18.32 45.66
CA GLU A 605 -26.76 18.18 44.21
C GLU A 605 -28.20 18.35 43.74
N GLU A 606 -29.17 17.98 44.58
CA GLU A 606 -30.56 18.03 44.17
C GLU A 606 -31.08 19.47 44.08
N LEU A 607 -30.30 20.45 44.54
CA LEU A 607 -30.73 21.84 44.52
C LEU A 607 -31.00 22.37 43.12
N ILE A 608 -30.46 21.74 42.08
CA ILE A 608 -30.64 22.22 40.72
C ILE A 608 -32.07 22.03 40.23
N SER A 609 -32.84 21.14 40.86
CA SER A 609 -34.23 20.93 40.45
C SER A 609 -35.11 22.15 40.70
N LEU A 610 -34.64 23.12 41.49
CA LEU A 610 -35.46 24.30 41.77
C LEU A 610 -35.56 25.22 40.55
N VAL A 611 -34.53 25.24 39.71
CA VAL A 611 -34.51 26.06 38.51
C VAL A 611 -35.39 25.41 37.45
N PRO A 612 -36.24 26.17 36.74
CA PRO A 612 -37.05 25.58 35.67
C PRO A 612 -36.19 24.86 34.64
N PHE A 613 -36.78 23.86 34.00
CA PHE A 613 -36.06 22.97 33.10
C PHE A 613 -37.01 22.49 32.01
N ASP A 614 -36.43 22.14 30.84
CA ASP A 614 -37.17 21.45 29.80
C ASP A 614 -36.62 20.04 29.63
N ASP A 615 -37.24 19.25 28.76
CA ASP A 615 -36.82 17.86 28.62
C ASP A 615 -35.54 17.74 27.80
N ALA A 616 -35.31 18.65 26.86
CA ALA A 616 -34.12 18.57 26.02
C ALA A 616 -32.85 18.77 26.83
N TYR A 617 -32.88 19.65 27.84
CA TYR A 617 -31.74 19.89 28.71
C TYR A 617 -32.19 19.63 30.15
N SER A 618 -32.06 18.37 30.58
CA SER A 618 -32.52 17.95 31.90
C SER A 618 -31.36 17.66 32.84
N GLY A 619 -30.35 16.93 32.37
CA GLY A 619 -29.25 16.51 33.23
C GLY A 619 -27.95 17.23 32.95
N SER A 620 -27.82 17.81 31.75
CA SER A 620 -26.60 18.53 31.42
C SER A 620 -26.34 19.67 32.40
N LEU A 621 -27.37 20.45 32.71
CA LEU A 621 -27.23 21.49 33.73
C LEU A 621 -26.93 20.88 35.09
N ARG A 622 -27.55 19.73 35.39
CA ARG A 622 -27.24 19.02 36.62
C ARG A 622 -25.80 18.53 36.63
N GLU A 623 -25.31 18.07 35.47
CA GLU A 623 -23.91 17.66 35.38
C GLU A 623 -22.97 18.83 35.63
N ALA A 624 -23.27 20.00 35.04
CA ALA A 624 -22.43 21.17 35.28
C ALA A 624 -22.48 21.60 36.75
N TRP A 625 -23.65 21.50 37.37
CA TRP A 625 -23.76 21.85 38.79
C TRP A 625 -22.93 20.91 39.65
N LYS A 626 -23.00 19.60 39.35
CA LYS A 626 -22.17 18.64 40.08
C LYS A 626 -20.69 18.92 39.87
N GLN A 627 -20.31 19.30 38.65
CA GLN A 627 -18.92 19.64 38.38
C GLN A 627 -18.48 20.86 39.19
N TRP A 628 -19.35 21.85 39.32
CA TRP A 628 -19.02 23.02 40.14
C TRP A 628 -18.86 22.63 41.60
N LEU A 629 -19.76 21.79 42.11
CA LEU A 629 -19.65 21.36 43.50
C LEU A 629 -18.36 20.58 43.73
N MET A 630 -17.97 19.75 42.77
CA MET A 630 -16.72 19.01 42.90
C MET A 630 -15.51 19.94 42.85
N ALA A 631 -15.55 20.93 41.96
CA ALA A 631 -14.47 21.91 41.92
C ALA A 631 -14.35 22.67 43.23
N TRP A 632 -15.49 22.96 43.88
CA TRP A 632 -15.43 23.60 45.18
C TRP A 632 -14.81 22.69 46.23
N THR A 633 -15.36 21.48 46.39
CA THR A 633 -14.84 20.59 47.42
C THR A 633 -13.39 20.17 47.15
N ALA A 634 -12.89 20.39 45.93
CA ALA A 634 -11.50 20.13 45.63
C ALA A 634 -10.60 21.35 45.82
N LYS A 635 -11.14 22.57 45.62
CA LYS A 635 -10.38 23.80 45.78
C LYS A 635 -10.55 24.40 47.16
N GLU A 636 -10.73 23.56 48.17
CA GLU A 636 -10.84 24.02 49.54
C GLU A 636 -9.49 23.85 50.25
N SER A 637 -9.32 24.58 51.35
CA SER A 637 -8.06 24.60 52.11
C SER A 637 -6.90 25.01 51.22
N SER A 638 -7.13 26.03 50.40
CA SER A 638 -6.11 26.57 49.51
C SER A 638 -6.24 28.09 49.53
N GLN A 639 -5.56 28.76 48.60
CA GLN A 639 -5.54 30.20 48.54
C GLN A 639 -6.37 30.76 47.39
N GLU A 640 -6.36 30.09 46.24
CA GLU A 640 -7.11 30.58 45.09
C GLU A 640 -8.61 30.55 45.38
N SER A 641 -9.28 31.67 45.11
CA SER A 641 -10.71 31.75 45.35
C SER A 641 -11.48 30.86 44.39
N ILE A 642 -12.73 30.58 44.75
CA ILE A 642 -13.58 29.72 43.92
C ILE A 642 -14.36 30.53 42.90
N GLU A 643 -14.10 31.84 42.79
CA GLU A 643 -14.90 32.70 41.92
C GLU A 643 -14.68 32.38 40.44
N GLY A 644 -13.48 31.94 40.09
CA GLY A 644 -13.21 31.55 38.70
C GLY A 644 -14.11 30.42 38.24
N ASP A 645 -14.21 29.37 39.05
CA ASP A 645 -15.11 28.27 38.72
C ASP A 645 -16.56 28.73 38.69
N THR A 646 -16.91 29.73 39.50
CA THR A 646 -18.26 30.29 39.43
C THR A 646 -18.50 30.96 38.08
N ALA A 647 -17.51 31.72 37.59
CA ALA A 647 -17.63 32.32 36.27
C ALA A 647 -17.75 31.27 35.18
N ILE A 648 -16.95 30.20 35.28
CA ILE A 648 -17.01 29.14 34.27
C ILE A 648 -18.37 28.44 34.29
N LEU A 649 -18.89 28.16 35.50
CA LEU A 649 -20.23 27.57 35.61
C LEU A 649 -21.29 28.48 35.02
N LEU A 650 -21.21 29.79 35.31
CA LEU A 650 -22.17 30.72 34.75
C LEU A 650 -22.11 30.74 33.24
N VAL A 651 -20.90 30.63 32.67
CA VAL A 651 -20.76 30.60 31.22
C VAL A 651 -21.40 29.35 30.64
N ARG A 652 -21.13 28.19 31.25
CA ARG A 652 -21.75 26.96 30.76
C ARG A 652 -23.27 27.02 30.91
N ALA A 653 -23.76 27.72 31.94
CA ALA A 653 -25.20 27.87 32.11
C ALA A 653 -25.80 28.72 31.00
N ILE A 654 -25.17 29.85 30.69
CA ILE A 654 -25.57 30.63 29.52
C ILE A 654 -25.59 29.74 28.28
N GLU A 655 -24.59 28.85 28.18
CA GLU A 655 -24.46 28.03 26.99
C GLU A 655 -25.58 27.01 26.87
N ILE A 656 -26.04 26.47 27.99
CA ILE A 656 -27.10 25.46 27.94
C ILE A 656 -28.40 26.07 27.40
N PHE A 657 -28.89 27.12 28.06
CA PHE A 657 -30.05 27.85 27.55
C PHE A 657 -29.72 28.45 26.20
N GLY A 658 -30.39 27.97 25.15
CA GLY A 658 -30.14 28.38 23.78
C GLY A 658 -29.73 27.24 22.87
N GLY A 659 -28.97 26.28 23.38
CA GLY A 659 -28.66 25.07 22.66
C GLY A 659 -27.88 25.24 21.37
N ARG A 660 -26.62 25.67 21.47
CA ARG A 660 -25.71 25.71 20.32
C ARG A 660 -24.41 25.04 20.74
N HIS A 661 -23.92 24.14 19.90
CA HIS A 661 -22.78 23.29 20.22
C HIS A 661 -21.52 23.77 19.52
N VAL A 662 -20.48 22.95 19.63
CA VAL A 662 -19.22 23.14 18.91
C VAL A 662 -19.20 22.02 17.87
N LEU A 663 -20.39 21.70 17.36
CA LEU A 663 -20.67 20.51 16.57
C LEU A 663 -19.75 20.34 15.35
N THR A 664 -19.00 21.38 14.96
CA THR A 664 -18.15 21.25 13.77
C THR A 664 -17.17 20.09 13.91
N GLY A 665 -16.25 20.22 14.87
CA GLY A 665 -15.37 19.12 15.22
C GLY A 665 -14.02 19.21 14.57
N GLN A 666 -13.04 19.75 15.29
CA GLN A 666 -11.67 19.86 14.83
C GLN A 666 -10.76 19.83 16.05
N ARG A 667 -9.46 19.92 15.81
CA ARG A 667 -8.50 20.15 16.88
C ARG A 667 -8.45 21.63 17.26
N PRO A 668 -8.42 22.55 16.29
CA PRO A 668 -8.46 23.98 16.65
C PRO A 668 -9.67 24.36 17.48
N ASP A 669 -10.81 23.69 17.30
CA ASP A 669 -11.99 24.04 18.08
C ASP A 669 -11.79 23.70 19.56
N LEU A 670 -11.33 22.47 19.84
CA LEU A 670 -10.98 22.09 21.19
C LEU A 670 -9.96 23.06 21.79
N TRP A 671 -8.92 23.39 21.03
CA TRP A 671 -7.87 24.26 21.55
C TRP A 671 -8.40 25.66 21.86
N GLU A 672 -9.23 26.20 20.97
CA GLU A 672 -9.82 27.51 21.19
C GLU A 672 -10.70 27.52 22.43
N TYR A 673 -11.56 26.50 22.57
CA TYR A 673 -12.43 26.43 23.74
C TYR A 673 -11.63 26.36 25.03
N SER A 674 -10.62 25.48 25.07
CA SER A 674 -9.79 25.35 26.26
C SER A 674 -9.09 26.65 26.59
N GLN A 675 -8.51 27.32 25.58
CA GLN A 675 -7.82 28.58 25.84
C GLN A 675 -8.76 29.65 26.37
N LEU A 676 -9.95 29.75 25.79
CA LEU A 676 -10.92 30.75 26.24
C LEU A 676 -11.32 30.50 27.69
N GLU A 677 -11.60 29.24 28.04
CA GLU A 677 -12.00 28.93 29.40
C GLU A 677 -10.88 29.24 30.39
N GLN A 678 -9.65 28.86 30.04
CA GLN A 678 -8.52 29.13 30.94
C GLN A 678 -8.31 30.63 31.15
N LEU A 679 -8.37 31.41 30.06
CA LEU A 679 -8.23 32.86 30.20
C LEU A 679 -9.32 33.45 31.08
N THR A 680 -10.58 33.02 30.88
CA THR A 680 -11.66 33.54 31.69
C THR A 680 -11.44 33.24 33.17
N SER A 681 -11.12 31.98 33.49
CA SER A 681 -10.89 31.60 34.87
C SER A 681 -9.75 32.41 35.49
N SER A 682 -8.65 32.57 34.75
CA SER A 682 -7.50 33.30 35.28
C SER A 682 -7.84 34.75 35.57
N ILE A 683 -8.52 35.41 34.64
CA ILE A 683 -8.86 36.82 34.83
C ILE A 683 -9.81 36.97 36.03
N CYS A 684 -10.78 36.07 36.15
CA CYS A 684 -11.72 36.15 37.26
C CYS A 684 -11.01 35.97 38.60
N CYS A 685 -10.12 34.98 38.69
CA CYS A 685 -9.39 34.76 39.93
C CYS A 685 -8.51 35.95 40.28
N LYS A 686 -7.86 36.54 39.27
CA LYS A 686 -7.01 37.70 39.51
C LYS A 686 -7.82 38.88 40.03
N LEU A 687 -9.01 39.11 39.47
CA LEU A 687 -9.84 40.19 39.97
C LEU A 687 -10.33 39.92 41.39
N SER A 688 -10.64 38.65 41.70
CA SER A 688 -10.98 38.31 43.08
C SER A 688 -9.85 38.66 44.03
N ARG A 689 -8.62 38.28 43.68
CA ARG A 689 -7.48 38.59 44.53
C ARG A 689 -7.30 40.10 44.66
N ARG A 690 -7.53 40.85 43.58
CA ARG A 690 -7.34 42.30 43.63
C ARG A 690 -8.35 42.96 44.54
N VAL A 691 -9.64 42.59 44.40
CA VAL A 691 -10.66 43.21 45.23
C VAL A 691 -10.48 42.81 46.69
N LEU A 692 -9.92 41.61 46.93
CA LEU A 692 -9.63 41.24 48.31
C LEU A 692 -8.46 42.03 48.89
N ALA A 693 -7.41 42.23 48.09
CA ALA A 693 -6.21 42.88 48.60
C ALA A 693 -6.32 44.40 48.63
N GLN A 694 -7.30 44.97 47.94
CA GLN A 694 -7.44 46.42 47.95
C GLN A 694 -8.13 46.93 49.21
N GLU A 695 -9.13 46.21 49.71
CA GLU A 695 -9.85 46.65 50.90
C GLU A 695 -8.93 46.64 52.12
N ASN A 696 -7.97 45.71 52.16
CA ASN A 696 -7.09 45.55 53.31
C ASN A 696 -6.28 46.79 53.64
N GLY A 697 -6.19 47.75 52.71
CA GLY A 697 -5.47 48.98 52.98
C GLY A 697 -3.96 48.86 52.83
N GLU A 698 -3.51 48.07 51.87
CA GLU A 698 -2.10 47.96 51.58
C GLU A 698 -1.65 49.12 50.68
N SER A 699 -0.37 49.10 50.32
CA SER A 699 0.17 50.13 49.45
C SER A 699 -0.56 50.14 48.11
N THR A 700 -0.56 51.32 47.47
CA THR A 700 -1.25 51.48 46.20
C THR A 700 -0.48 50.92 45.02
N GLU A 701 0.67 50.28 45.25
CA GLU A 701 1.46 49.78 44.14
C GLU A 701 1.04 48.36 43.74
N LYS A 702 0.62 47.55 44.73
CA LYS A 702 0.13 46.21 44.42
C LYS A 702 -1.10 46.28 43.51
N VAL A 703 -1.94 47.28 43.72
CA VAL A 703 -3.09 47.49 42.84
C VAL A 703 -2.62 47.75 41.41
N GLU A 704 -1.56 48.55 41.25
CA GLU A 704 -1.04 48.82 39.92
C GLU A 704 -0.49 47.54 39.28
N GLU A 705 0.20 46.72 40.07
CA GLU A 705 0.72 45.46 39.56
C GLU A 705 -0.41 44.55 39.07
N ILE A 706 -1.43 44.34 39.90
CA ILE A 706 -2.52 43.46 39.48
C ILE A 706 -3.27 44.07 38.31
N ASP A 707 -3.32 45.40 38.22
CA ASP A 707 -3.99 46.03 37.09
C ASP A 707 -3.24 45.79 35.80
N GLN A 708 -1.91 45.92 35.82
CA GLN A 708 -1.13 45.61 34.63
C GLN A 708 -1.26 44.14 34.25
N GLN A 709 -1.32 43.25 35.24
CA GLN A 709 -1.49 41.84 34.94
C GLN A 709 -2.83 41.57 34.25
N VAL A 710 -3.92 42.08 34.81
CA VAL A 710 -5.21 41.83 34.21
C VAL A 710 -5.31 42.53 32.85
N ASP A 711 -4.58 43.63 32.65
CA ASP A 711 -4.60 44.25 31.33
C ASP A 711 -3.89 43.38 30.31
N LEU A 712 -2.72 42.83 30.68
CA LEU A 712 -2.01 41.92 29.79
C LEU A 712 -2.82 40.67 29.49
N GLU A 713 -3.71 40.26 30.38
CA GLU A 713 -4.57 39.11 30.07
C GLU A 713 -5.78 39.51 29.23
N MET A 714 -6.40 40.65 29.55
CA MET A 714 -7.57 41.11 28.83
C MET A 714 -7.26 41.43 27.38
N GLN A 715 -6.04 41.90 27.09
CA GLN A 715 -5.67 42.14 25.70
C GLN A 715 -5.78 40.86 24.87
N GLU A 716 -5.18 39.77 25.36
CA GLU A 716 -5.24 38.50 24.64
C GLU A 716 -6.66 37.97 24.56
N LEU A 717 -7.42 38.10 25.65
CA LEU A 717 -8.81 37.62 25.62
C LEU A 717 -9.62 38.38 24.59
N THR A 718 -9.50 39.70 24.57
CA THR A 718 -10.21 40.52 23.60
C THR A 718 -9.79 40.16 22.18
N ARG A 719 -8.51 39.86 21.98
CA ARG A 719 -8.08 39.42 20.65
C ARG A 719 -8.78 38.12 20.25
N ARG A 720 -8.82 37.15 21.15
CA ARG A 720 -9.44 35.88 20.81
C ARG A 720 -10.95 35.97 20.67
N VAL A 721 -11.58 36.99 21.23
CA VAL A 721 -13.05 37.09 21.17
C VAL A 721 -13.50 37.58 19.80
N LEU A 722 -12.96 38.71 19.34
CA LEU A 722 -13.45 39.40 18.16
C LEU A 722 -12.49 39.30 16.97
N GLN A 723 -11.82 38.16 16.82
CA GLN A 723 -10.93 37.99 15.67
C GLN A 723 -11.70 37.77 14.38
N GLY A 724 -12.81 37.04 14.44
CA GLY A 724 -13.66 36.85 13.27
C GLY A 724 -13.12 35.95 12.20
N CYS A 725 -12.05 35.21 12.46
CA CYS A 725 -11.45 34.29 11.49
C CYS A 725 -11.41 32.88 12.04
N SER A 726 -12.44 32.49 12.81
CA SER A 726 -12.50 31.14 13.37
C SER A 726 -13.79 30.46 12.99
N ALA A 727 -14.01 29.24 13.50
CA ALA A 727 -15.16 28.43 13.15
C ALA A 727 -16.02 28.13 14.37
N ILE A 728 -16.17 29.11 15.25
CA ILE A 728 -17.02 29.00 16.43
C ILE A 728 -18.16 30.00 16.29
N ASN A 729 -19.37 29.55 16.62
CA ASN A 729 -20.55 30.40 16.53
C ASN A 729 -20.33 31.70 17.32
N ARG A 730 -20.69 32.81 16.70
CA ARG A 730 -20.29 34.13 17.21
C ARG A 730 -20.79 34.35 18.64
N LEU A 731 -22.02 33.92 18.93
CA LEU A 731 -22.58 34.17 20.27
C LEU A 731 -21.86 33.36 21.33
N THR A 732 -21.46 32.12 21.01
CA THR A 732 -20.67 31.34 21.94
C THR A 732 -19.35 32.02 22.26
N ARG A 733 -18.86 32.85 21.35
CA ARG A 733 -17.64 33.61 21.62
C ARG A 733 -17.94 34.87 22.42
N GLU A 734 -19.04 35.56 22.11
CA GLU A 734 -19.37 36.79 22.81
C GLU A 734 -19.78 36.53 24.26
N THR A 735 -20.22 35.31 24.57
CA THR A 735 -20.61 35.00 25.95
C THR A 735 -19.45 35.20 26.93
N PHE A 736 -18.26 34.73 26.56
CA PHE A 736 -17.10 34.88 27.44
C PHE A 736 -16.81 36.35 27.70
N LEU A 737 -16.84 37.18 26.64
CA LEU A 737 -16.59 38.60 26.81
C LEU A 737 -17.65 39.25 27.69
N HIS A 738 -18.91 38.85 27.51
CA HIS A 738 -19.98 39.38 28.36
C HIS A 738 -19.72 39.09 29.82
N VAL A 739 -19.41 37.83 30.15
CA VAL A 739 -19.21 37.47 31.55
C VAL A 739 -17.99 38.18 32.13
N VAL A 740 -16.90 38.24 31.37
CA VAL A 740 -15.69 38.87 31.90
C VAL A 740 -15.89 40.36 32.09
N LYS A 741 -16.60 41.02 31.17
CA LYS A 741 -16.87 42.44 31.35
C LYS A 741 -17.79 42.69 32.52
N SER A 742 -18.76 41.79 32.73
CA SER A 742 -19.61 41.90 33.92
C SER A 742 -18.79 41.86 35.19
N PHE A 743 -17.89 40.88 35.29
CA PHE A 743 -17.08 40.77 36.50
C PHE A 743 -16.16 41.98 36.67
N CYS A 744 -15.56 42.45 35.57
CA CYS A 744 -14.67 43.60 35.67
C CYS A 744 -15.43 44.86 36.10
N TYR A 745 -16.64 45.04 35.56
CA TYR A 745 -17.46 46.19 35.96
C TYR A 745 -17.85 46.09 37.43
N VAL A 746 -18.16 44.89 37.90
CA VAL A 746 -18.44 44.70 39.32
C VAL A 746 -17.23 45.11 40.16
N ALA A 747 -16.04 44.72 39.73
CA ALA A 747 -14.84 44.98 40.52
C ALA A 747 -14.29 46.40 40.35
N TYR A 748 -14.76 47.17 39.37
CA TYR A 748 -14.22 48.49 39.09
C TYR A 748 -15.25 49.61 39.29
N CYS A 749 -16.13 49.48 40.27
CA CYS A 749 -17.13 50.52 40.50
C CYS A 749 -17.46 50.58 42.00
N SER A 750 -18.07 51.70 42.39
CA SER A 750 -18.54 51.96 43.74
C SER A 750 -20.04 51.69 43.85
N PRO A 751 -20.52 51.21 45.00
CA PRO A 751 -21.94 50.82 45.09
C PRO A 751 -22.92 51.95 44.81
N GLU A 752 -22.63 53.17 45.27
CA GLU A 752 -23.57 54.27 45.05
C GLU A 752 -23.70 54.62 43.57
N THR A 753 -22.57 54.64 42.85
CA THR A 753 -22.65 54.88 41.41
C THR A 753 -23.35 53.75 40.69
N ILE A 754 -23.16 52.50 41.14
CA ILE A 754 -23.89 51.37 40.58
C ILE A 754 -25.39 51.57 40.75
N ASP A 755 -25.81 51.95 41.95
CA ASP A 755 -27.23 52.17 42.20
C ASP A 755 -27.77 53.34 41.38
N SER A 756 -26.96 54.38 41.19
CA SER A 756 -27.37 55.49 40.34
C SER A 756 -27.59 55.02 38.91
N HIS A 757 -26.67 54.23 38.38
CA HIS A 757 -26.86 53.67 37.04
C HIS A 757 -28.10 52.80 36.98
N ILE A 758 -28.35 52.03 38.02
CA ILE A 758 -29.51 51.13 38.02
C ILE A 758 -30.81 51.92 37.97
N ASP A 759 -30.99 52.86 38.89
CA ASP A 759 -32.27 53.57 38.92
C ASP A 759 -32.34 54.63 37.83
N LYS A 760 -31.24 54.89 37.11
CA LYS A 760 -31.33 55.73 35.93
C LYS A 760 -31.66 54.93 34.68
N VAL A 761 -31.32 53.64 34.66
CA VAL A 761 -31.57 52.82 33.47
C VAL A 761 -32.93 52.12 33.56
N ILE A 762 -33.12 51.30 34.60
CA ILE A 762 -34.29 50.43 34.64
C ILE A 762 -35.43 50.97 35.52
N PHE A 763 -35.29 52.16 36.08
CA PHE A 763 -36.35 52.75 36.87
C PHE A 763 -36.87 54.06 36.27
N GLN A 764 -35.99 55.02 35.99
CA GLN A 764 -36.42 56.28 35.43
C GLN A 764 -36.75 56.11 33.96
N ASP A 765 -38.00 56.43 33.58
CA ASP A 765 -38.42 56.29 32.20
C ASP A 765 -37.83 57.41 31.34
N VAL A 766 -38.14 57.35 30.05
CA VAL A 766 -37.68 58.34 29.10
C VAL A 766 -38.89 59.12 28.58
N ILE A 767 -38.61 60.09 27.72
CA ILE A 767 -39.64 60.97 27.15
C ILE A 767 -40.35 61.74 28.26
N THR B 79 48.16 -45.63 -26.41
CA THR B 79 48.28 -44.17 -26.36
C THR B 79 46.96 -43.51 -26.77
N THR B 80 46.52 -42.55 -25.97
CA THR B 80 45.25 -41.86 -26.20
C THR B 80 45.45 -40.37 -26.50
N THR B 81 46.17 -39.66 -25.64
CA THR B 81 46.26 -38.20 -25.75
C THR B 81 46.79 -37.77 -27.12
N THR B 82 47.74 -38.52 -27.69
CA THR B 82 48.38 -38.09 -28.92
C THR B 82 47.40 -38.05 -30.08
N MET B 83 46.78 -39.18 -30.41
CA MET B 83 45.89 -39.23 -31.56
C MET B 83 44.62 -38.42 -31.35
N ILE B 84 44.10 -38.40 -30.12
CA ILE B 84 42.92 -37.60 -29.84
C ILE B 84 43.22 -36.13 -30.01
N ASP B 85 44.36 -35.66 -29.49
CA ASP B 85 44.75 -34.27 -29.67
C ASP B 85 45.04 -33.95 -31.13
N GLY B 86 45.54 -34.93 -31.89
CA GLY B 86 45.71 -34.72 -33.32
C GLY B 86 44.39 -34.51 -34.03
N ILE B 87 43.41 -35.37 -33.75
CA ILE B 87 42.07 -35.17 -34.29
C ILE B 87 41.52 -33.80 -33.88
N ARG B 88 41.78 -33.40 -32.63
CA ARG B 88 41.26 -32.14 -32.14
C ARG B 88 41.85 -30.96 -32.89
N THR B 89 43.18 -30.94 -33.03
CA THR B 89 43.81 -29.82 -33.73
C THR B 89 43.48 -29.85 -35.23
N ALA B 90 43.18 -31.03 -35.78
CA ALA B 90 42.68 -31.09 -37.14
C ALA B 90 41.30 -30.44 -37.25
N LEU B 91 40.44 -30.69 -36.27
CA LEU B 91 39.09 -30.13 -36.31
C LEU B 91 39.11 -28.63 -36.04
N ARG B 92 39.96 -28.19 -35.11
CA ARG B 92 39.98 -26.79 -34.69
C ARG B 92 40.55 -25.85 -35.74
N SER B 93 40.97 -26.36 -36.90
CA SER B 93 41.57 -25.53 -37.94
C SER B 93 40.82 -25.63 -39.26
N ILE B 94 39.50 -25.81 -39.22
CA ILE B 94 38.73 -25.98 -40.45
C ILE B 94 38.44 -24.60 -41.04
N GLY B 95 38.89 -24.39 -42.27
CA GLY B 95 38.53 -23.20 -43.01
C GLY B 95 37.47 -23.51 -44.03
N GLU B 96 37.84 -23.54 -45.31
CA GLU B 96 36.96 -24.03 -46.37
C GLU B 96 37.13 -25.51 -46.62
N GLY B 97 37.93 -26.19 -45.82
CA GLY B 97 38.14 -27.62 -45.98
C GLY B 97 39.25 -27.95 -46.95
N GLU B 98 39.82 -29.14 -46.77
CA GLU B 98 40.90 -29.63 -47.61
C GLU B 98 40.39 -30.75 -48.51
N ILE B 99 40.85 -30.75 -49.76
CA ILE B 99 40.41 -31.70 -50.77
C ILE B 99 41.58 -32.00 -51.70
N SER B 100 41.46 -33.07 -52.48
CA SER B 100 42.51 -33.47 -53.41
C SER B 100 42.45 -32.62 -54.68
N ILE B 101 43.34 -32.91 -55.63
CA ILE B 101 43.48 -32.14 -56.86
C ILE B 101 42.95 -32.97 -58.02
N SER B 102 42.41 -32.28 -59.03
CA SER B 102 41.84 -32.93 -60.21
C SER B 102 42.66 -32.54 -61.43
N ALA B 103 43.10 -33.54 -62.20
CA ALA B 103 43.95 -33.26 -63.36
C ALA B 103 43.16 -32.65 -64.50
N TYR B 104 41.91 -33.09 -64.67
CA TYR B 104 41.06 -32.58 -65.76
C TYR B 104 40.89 -31.07 -65.65
N ASP B 105 40.56 -30.58 -64.46
CA ASP B 105 40.31 -29.16 -64.29
C ASP B 105 41.60 -28.35 -64.40
N THR B 106 42.71 -28.90 -63.91
CA THR B 106 44.00 -28.23 -64.09
C THR B 106 44.33 -28.09 -65.57
N SER B 107 44.07 -29.15 -66.35
CA SER B 107 44.29 -29.07 -67.78
C SER B 107 43.42 -27.98 -68.41
N LEU B 108 42.12 -27.99 -68.10
CA LEU B 108 41.23 -27.02 -68.73
C LEU B 108 41.46 -25.58 -68.25
N VAL B 109 42.12 -25.39 -67.10
CA VAL B 109 42.46 -24.04 -66.69
C VAL B 109 43.84 -23.63 -67.17
N ALA B 110 44.69 -24.60 -67.55
CA ALA B 110 46.00 -24.29 -68.09
C ALA B 110 45.92 -23.62 -69.46
N LEU B 111 44.79 -23.73 -70.16
CA LEU B 111 44.64 -23.19 -71.50
C LEU B 111 44.36 -21.70 -71.53
N LEU B 112 44.50 -21.02 -70.39
CA LEU B 112 44.29 -19.58 -70.31
C LEU B 112 45.63 -18.88 -70.48
N LYS B 113 45.78 -18.15 -71.59
CA LYS B 113 47.01 -17.42 -71.85
C LYS B 113 47.09 -16.18 -70.96
N ARG B 114 48.16 -15.41 -71.16
CA ARG B 114 48.33 -14.18 -70.41
C ARG B 114 47.34 -13.13 -70.89
N LEU B 115 47.02 -12.19 -69.99
CA LEU B 115 45.95 -11.23 -70.21
C LEU B 115 46.40 -9.98 -70.97
N ASP B 116 47.45 -9.31 -70.50
CA ASP B 116 47.90 -8.06 -71.12
C ASP B 116 48.84 -8.30 -72.30
N GLY B 117 48.40 -9.13 -73.23
CA GLY B 117 49.21 -9.42 -74.41
C GLY B 117 50.54 -10.05 -74.10
N GLY B 118 50.54 -11.05 -73.22
CA GLY B 118 51.77 -11.68 -72.80
C GLY B 118 52.35 -12.65 -73.81
N ASP B 119 53.04 -13.68 -73.33
CA ASP B 119 53.72 -14.64 -74.18
C ASP B 119 53.12 -16.04 -74.09
N GLY B 120 52.95 -16.57 -72.88
CA GLY B 120 52.45 -17.91 -72.71
C GLY B 120 51.23 -17.98 -71.82
N PRO B 121 50.98 -19.16 -71.24
CA PRO B 121 49.81 -19.32 -70.37
C PRO B 121 49.88 -18.43 -69.14
N GLN B 122 48.72 -18.21 -68.53
CA GLN B 122 48.63 -17.30 -67.39
C GLN B 122 49.23 -17.92 -66.14
N PHE B 123 48.96 -19.20 -65.89
CA PHE B 123 49.42 -19.88 -64.68
C PHE B 123 50.40 -20.99 -65.02
N PRO B 124 51.71 -20.77 -64.88
CA PRO B 124 52.67 -21.85 -65.16
C PRO B 124 52.59 -23.00 -64.17
N SER B 125 52.16 -22.74 -62.93
CA SER B 125 52.06 -23.80 -61.93
C SER B 125 51.20 -24.95 -62.40
N THR B 126 50.17 -24.66 -63.21
CA THR B 126 49.38 -25.72 -63.82
C THR B 126 50.24 -26.62 -64.68
N ILE B 127 51.04 -26.03 -65.57
CA ILE B 127 51.92 -26.80 -66.43
C ILE B 127 52.90 -27.62 -65.59
N ASP B 128 53.47 -27.03 -64.55
CA ASP B 128 54.41 -27.77 -63.70
C ASP B 128 53.73 -28.96 -63.04
N TRP B 129 52.55 -28.74 -62.45
CA TRP B 129 51.85 -29.83 -61.78
C TRP B 129 51.47 -30.94 -62.76
N ILE B 130 51.13 -30.57 -63.99
CA ILE B 130 50.82 -31.62 -64.96
C ILE B 130 52.07 -32.40 -65.33
N VAL B 131 53.13 -31.73 -65.77
CA VAL B 131 54.33 -32.43 -66.23
C VAL B 131 55.09 -33.10 -65.09
N GLN B 132 54.72 -32.84 -63.83
CA GLN B 132 55.50 -33.34 -62.71
C GLN B 132 55.03 -34.70 -62.17
N ASN B 133 53.74 -35.00 -62.21
CA ASN B 133 53.20 -36.13 -61.44
C ASN B 133 52.35 -37.03 -62.33
N GLN B 134 52.88 -37.41 -63.49
CA GLN B 134 52.22 -38.42 -64.30
C GLN B 134 52.39 -39.80 -63.66
N LEU B 135 51.40 -40.66 -63.86
CA LEU B 135 51.43 -42.01 -63.32
C LEU B 135 52.54 -42.82 -64.01
N PRO B 136 53.29 -43.63 -63.26
CA PRO B 136 54.39 -44.40 -63.90
C PRO B 136 53.95 -45.29 -65.05
N ASP B 137 52.68 -45.70 -65.08
CA ASP B 137 52.19 -46.49 -66.21
C ASP B 137 52.02 -45.65 -67.47
N GLY B 138 51.93 -44.33 -67.34
CA GLY B 138 51.75 -43.47 -68.50
C GLY B 138 50.36 -42.89 -68.64
N SER B 139 49.59 -42.84 -67.57
CA SER B 139 48.22 -42.32 -67.58
C SER B 139 48.08 -41.25 -66.50
N TRP B 140 46.85 -40.81 -66.28
CA TRP B 140 46.55 -39.81 -65.27
C TRP B 140 45.37 -40.26 -64.42
N GLY B 141 45.31 -39.75 -63.19
CA GLY B 141 44.25 -40.10 -62.28
C GLY B 141 44.75 -40.79 -61.03
N ASP B 142 43.81 -41.37 -60.26
CA ASP B 142 44.18 -42.03 -59.02
C ASP B 142 44.88 -43.36 -59.31
N ALA B 143 45.76 -43.76 -58.40
CA ALA B 143 46.54 -44.99 -58.53
C ALA B 143 45.96 -46.14 -57.73
N SER B 144 45.42 -45.88 -56.54
CA SER B 144 44.84 -46.90 -55.69
C SER B 144 43.44 -47.30 -56.12
N PHE B 145 42.95 -46.77 -57.22
CA PHE B 145 41.63 -47.10 -57.73
C PHE B 145 41.62 -46.88 -59.23
N PHE B 146 40.76 -47.61 -59.94
CA PHE B 146 40.77 -47.62 -61.40
C PHE B 146 39.36 -47.85 -61.93
N MET B 147 38.80 -46.83 -62.58
CA MET B 147 37.70 -47.00 -63.52
C MET B 147 38.19 -46.57 -64.89
N MET B 148 37.30 -46.62 -65.88
CA MET B 148 37.74 -46.39 -67.25
C MET B 148 37.47 -44.95 -67.68
N GLY B 149 36.27 -44.45 -67.39
CA GLY B 149 35.90 -43.12 -67.86
C GLY B 149 36.77 -42.02 -67.29
N ASP B 150 37.07 -42.10 -65.99
CA ASP B 150 37.91 -41.08 -65.36
C ASP B 150 39.32 -41.08 -65.95
N ARG B 151 39.90 -42.27 -66.13
CA ARG B 151 41.23 -42.37 -66.73
C ARG B 151 41.23 -41.79 -68.14
N ILE B 152 40.22 -42.14 -68.94
CA ILE B 152 40.16 -41.65 -70.31
C ILE B 152 40.05 -40.14 -70.33
N MET B 153 39.14 -39.59 -69.51
CA MET B 153 38.95 -38.14 -69.47
C MET B 153 40.22 -37.42 -69.06
N SER B 154 40.85 -37.89 -67.98
CA SER B 154 42.07 -37.24 -67.48
C SER B 154 43.19 -37.32 -68.51
N THR B 155 43.40 -38.49 -69.10
CA THR B 155 44.48 -38.65 -70.07
C THR B 155 44.25 -37.77 -71.29
N LEU B 156 43.03 -37.80 -71.85
CA LEU B 156 42.74 -36.99 -73.03
C LEU B 156 42.93 -35.51 -72.73
N ALA B 157 42.44 -35.05 -71.57
CA ALA B 157 42.59 -33.65 -71.21
C ALA B 157 44.05 -33.26 -71.06
N CYS B 158 44.85 -34.09 -70.38
CA CYS B 158 46.25 -33.77 -70.19
C CYS B 158 47.00 -33.71 -71.52
N VAL B 159 46.73 -34.67 -72.41
CA VAL B 159 47.44 -34.69 -73.69
C VAL B 159 47.04 -33.51 -74.56
N VAL B 160 45.74 -33.18 -74.61
CA VAL B 160 45.33 -32.06 -75.44
C VAL B 160 45.83 -30.74 -74.86
N ALA B 161 46.01 -30.69 -73.54
CA ALA B 161 46.59 -29.48 -72.95
C ALA B 161 48.08 -29.36 -73.24
N LEU B 162 48.80 -30.47 -73.20
CA LEU B 162 50.24 -30.43 -73.45
C LEU B 162 50.55 -30.17 -74.92
N LYS B 163 49.79 -30.77 -75.83
CA LYS B 163 50.06 -30.57 -77.25
C LYS B 163 49.75 -29.16 -77.73
N SER B 164 49.25 -28.28 -76.84
CA SER B 164 48.98 -26.90 -77.22
C SER B 164 50.24 -26.05 -77.31
N TRP B 165 51.32 -26.46 -76.65
CA TRP B 165 52.59 -25.74 -76.72
C TRP B 165 53.76 -26.64 -77.09
N ASN B 166 53.51 -27.92 -77.37
CA ASN B 166 54.54 -28.88 -77.81
C ASN B 166 55.67 -28.97 -76.78
N ILE B 167 55.31 -29.42 -75.59
CA ILE B 167 56.26 -29.61 -74.49
C ILE B 167 56.13 -31.04 -73.99
N HIS B 168 57.26 -31.73 -73.86
CA HIS B 168 57.31 -33.13 -73.44
C HIS B 168 56.41 -34.01 -74.32
N THR B 169 56.78 -34.06 -75.60
CA THR B 169 55.97 -34.81 -76.56
C THR B 169 56.07 -36.31 -76.33
N ASP B 170 57.09 -36.78 -75.61
CA ASP B 170 57.20 -38.20 -75.31
C ASP B 170 56.11 -38.63 -74.33
N LYS B 171 55.80 -37.79 -73.33
CA LYS B 171 54.69 -38.08 -72.45
C LYS B 171 53.38 -38.09 -73.21
N CYS B 172 53.23 -37.18 -74.17
CA CYS B 172 52.05 -37.19 -75.02
C CYS B 172 51.96 -38.47 -75.84
N GLU B 173 53.09 -38.96 -76.35
CA GLU B 173 53.08 -40.20 -77.11
C GLU B 173 52.67 -41.38 -76.23
N ARG B 174 53.19 -41.41 -75.00
CA ARG B 174 52.82 -42.48 -74.08
C ARG B 174 51.32 -42.43 -73.77
N GLY B 175 50.80 -41.23 -73.50
CA GLY B 175 49.37 -41.10 -73.21
C GLY B 175 48.51 -41.47 -74.40
N LEU B 176 48.96 -41.14 -75.61
CA LEU B 176 48.19 -41.49 -76.80
C LEU B 176 48.22 -42.98 -77.05
N LEU B 177 49.36 -43.64 -76.80
CA LEU B 177 49.38 -45.10 -76.87
C LEU B 177 48.42 -45.70 -75.86
N PHE B 178 48.42 -45.17 -74.64
CA PHE B 178 47.51 -45.66 -73.60
C PHE B 178 46.05 -45.54 -74.05
N ILE B 179 45.65 -44.36 -74.51
CA ILE B 179 44.24 -44.16 -74.86
C ILE B 179 43.88 -44.94 -76.12
N GLN B 180 44.78 -44.97 -77.11
CA GLN B 180 44.54 -45.75 -78.31
C GLN B 180 44.36 -47.23 -78.01
N GLU B 181 45.01 -47.72 -76.96
CA GLU B 181 44.82 -49.11 -76.57
C GLU B 181 43.54 -49.31 -75.77
N ASN B 182 43.24 -48.40 -74.83
CA ASN B 182 42.22 -48.67 -73.81
C ASN B 182 41.12 -47.62 -73.78
N MET B 183 40.73 -47.05 -74.93
CA MET B 183 39.62 -46.10 -74.94
C MET B 183 38.27 -46.77 -75.23
N TRP B 184 38.27 -47.97 -75.79
CA TRP B 184 37.03 -48.58 -76.28
C TRP B 184 36.17 -49.17 -75.18
N ARG B 185 36.64 -49.18 -73.92
CA ARG B 185 36.05 -50.01 -72.88
C ARG B 185 34.95 -49.29 -72.11
N LEU B 186 34.24 -48.36 -72.74
CA LEU B 186 33.05 -47.78 -72.11
C LEU B 186 31.86 -48.73 -72.10
N ALA B 187 32.02 -49.93 -72.67
CA ALA B 187 30.93 -50.91 -72.77
C ALA B 187 30.83 -51.83 -71.56
N HIS B 188 31.69 -51.73 -70.55
CA HIS B 188 31.64 -52.60 -69.39
C HIS B 188 31.48 -51.86 -68.07
N GLU B 189 31.87 -50.59 -68.01
CA GLU B 189 31.72 -49.83 -66.77
C GLU B 189 30.25 -49.59 -66.46
N GLU B 190 29.89 -49.79 -65.19
CA GLU B 190 28.49 -49.70 -64.79
C GLU B 190 28.00 -48.27 -64.84
N GLU B 191 26.84 -48.06 -65.46
CA GLU B 191 26.26 -46.73 -65.57
C GLU B 191 25.60 -46.26 -64.28
N ASP B 192 25.45 -47.14 -63.29
CA ASP B 192 24.82 -46.73 -62.05
C ASP B 192 25.67 -45.70 -61.30
N TRP B 193 26.99 -45.89 -61.29
CA TRP B 193 27.92 -44.86 -60.82
C TRP B 193 28.68 -44.35 -62.04
N MET B 194 28.44 -43.10 -62.40
CA MET B 194 29.07 -42.49 -63.59
C MET B 194 29.40 -41.03 -63.29
N LEU B 195 30.39 -40.48 -64.00
CA LEU B 195 30.82 -39.11 -63.79
C LEU B 195 29.71 -38.14 -64.17
N VAL B 196 29.58 -37.08 -63.39
CA VAL B 196 28.58 -36.05 -63.68
C VAL B 196 29.09 -35.18 -64.81
N GLY B 197 28.18 -34.74 -65.68
CA GLY B 197 28.55 -33.99 -66.85
C GLY B 197 29.34 -34.77 -67.89
N PHE B 198 29.48 -36.09 -67.71
CA PHE B 198 30.25 -36.90 -68.65
C PHE B 198 29.68 -36.79 -70.06
N GLU B 199 28.36 -36.96 -70.21
CA GLU B 199 27.75 -36.90 -71.53
C GLU B 199 27.74 -35.50 -72.11
N ILE B 200 27.80 -34.47 -71.27
CA ILE B 200 27.77 -33.09 -71.74
C ILE B 200 29.17 -32.51 -71.94
N ALA B 201 30.20 -33.14 -71.40
CA ALA B 201 31.57 -32.67 -71.56
C ALA B 201 32.39 -33.52 -72.53
N LEU B 202 32.02 -34.79 -72.71
CA LEU B 202 32.76 -35.64 -73.64
C LEU B 202 32.78 -35.12 -75.07
N PRO B 203 31.68 -34.58 -75.64
CA PRO B 203 31.80 -33.98 -76.98
C PRO B 203 32.76 -32.81 -77.03
N SER B 204 32.88 -32.06 -75.92
CA SER B 204 33.84 -30.96 -75.89
C SER B 204 35.25 -31.46 -76.09
N LEU B 205 35.69 -32.42 -75.27
CA LEU B 205 37.02 -33.00 -75.44
C LEU B 205 37.14 -33.70 -76.79
N LEU B 206 36.03 -34.23 -77.30
CA LEU B 206 36.04 -34.85 -78.62
C LEU B 206 36.45 -33.85 -79.69
N ASP B 207 35.77 -32.70 -79.75
CA ASP B 207 36.11 -31.73 -80.78
C ASP B 207 37.47 -31.08 -80.50
N MET B 208 37.86 -30.99 -79.22
CA MET B 208 39.17 -30.43 -78.90
C MET B 208 40.31 -31.38 -79.26
N ALA B 209 40.05 -32.68 -79.32
CA ALA B 209 41.03 -33.63 -79.83
C ALA B 209 40.90 -33.87 -81.32
N LYS B 210 39.79 -33.43 -81.93
CA LYS B 210 39.60 -33.56 -83.36
C LYS B 210 40.19 -32.39 -84.15
N ASP B 211 40.04 -31.15 -83.65
CA ASP B 211 40.60 -30.02 -84.38
C ASP B 211 42.11 -30.15 -84.54
N LEU B 212 42.77 -30.77 -83.58
CA LEU B 212 44.18 -31.11 -83.67
C LEU B 212 44.32 -32.55 -84.12
N ASP B 213 45.28 -32.79 -85.01
CA ASP B 213 45.43 -34.12 -85.60
C ASP B 213 45.95 -35.11 -84.56
N LEU B 214 45.06 -35.97 -84.07
CA LEU B 214 45.43 -37.04 -83.16
C LEU B 214 44.89 -38.35 -83.70
N ASP B 215 45.53 -39.45 -83.30
CA ASP B 215 45.18 -40.80 -83.76
C ASP B 215 44.66 -41.60 -82.58
N ILE B 216 43.34 -41.56 -82.37
CA ILE B 216 42.70 -42.35 -81.33
C ILE B 216 41.49 -43.07 -81.94
N PRO B 217 41.05 -44.19 -81.37
CA PRO B 217 39.94 -44.94 -81.98
C PRO B 217 38.60 -44.22 -81.84
N TYR B 218 38.32 -43.28 -82.74
CA TYR B 218 37.04 -42.58 -82.70
C TYR B 218 35.88 -43.51 -83.00
N ASP B 219 36.12 -44.57 -83.78
CA ASP B 219 35.08 -45.49 -84.19
C ASP B 219 34.75 -46.45 -83.04
N GLU B 220 33.79 -46.06 -82.21
CA GLU B 220 33.38 -46.87 -81.07
C GLU B 220 31.85 -46.85 -80.99
N PRO B 221 31.22 -47.93 -80.51
CA PRO B 221 29.75 -47.97 -80.48
C PRO B 221 29.14 -47.26 -79.28
N ALA B 222 29.89 -47.03 -78.21
CA ALA B 222 29.33 -46.42 -77.00
C ALA B 222 29.11 -44.92 -77.15
N LEU B 223 29.87 -44.25 -78.02
CA LEU B 223 29.72 -42.81 -78.17
C LEU B 223 28.34 -42.43 -78.70
N LYS B 224 27.73 -43.30 -79.51
CA LYS B 224 26.36 -43.04 -79.95
C LYS B 224 25.38 -43.09 -78.78
N ALA B 225 25.57 -44.05 -77.88
CA ALA B 225 24.75 -44.08 -76.67
C ALA B 225 24.98 -42.84 -75.83
N ILE B 226 26.23 -42.37 -75.74
CA ILE B 226 26.51 -41.14 -74.99
C ILE B 226 25.79 -39.96 -75.63
N TYR B 227 25.77 -39.89 -76.96
CA TYR B 227 25.03 -38.84 -77.65
C TYR B 227 23.53 -38.93 -77.37
N ALA B 228 23.00 -40.16 -77.29
CA ALA B 228 21.59 -40.34 -76.98
C ALA B 228 21.27 -39.83 -75.58
N GLU B 229 22.11 -40.17 -74.60
CA GLU B 229 21.92 -39.65 -73.25
C GLU B 229 22.02 -38.13 -73.22
N ARG B 230 22.97 -37.57 -73.98
CA ARG B 230 23.09 -36.12 -74.07
C ARG B 230 21.81 -35.49 -74.60
N GLU B 231 21.27 -36.04 -75.69
CA GLU B 231 20.05 -35.49 -76.27
C GLU B 231 18.88 -35.61 -75.31
N ARG B 232 18.74 -36.75 -74.64
CA ARG B 232 17.65 -36.92 -73.68
C ARG B 232 17.76 -35.93 -72.52
N LYS B 233 18.99 -35.79 -72.00
CA LYS B 233 19.26 -34.87 -70.86
C LYS B 233 18.94 -33.42 -71.28
N LEU B 234 19.36 -33.02 -72.48
CA LEU B 234 19.12 -31.66 -72.95
C LEU B 234 17.64 -31.43 -73.24
N ALA B 235 16.92 -32.46 -73.67
CA ALA B 235 15.48 -32.33 -73.87
C ALA B 235 14.75 -32.24 -72.54
N LYS B 236 15.31 -32.84 -71.48
CA LYS B 236 14.70 -32.73 -70.17
C LYS B 236 14.80 -31.32 -69.60
N ILE B 237 15.82 -30.56 -70.00
CA ILE B 237 15.96 -29.17 -69.59
C ILE B 237 16.39 -28.34 -70.79
N PRO B 238 15.47 -27.65 -71.45
CA PRO B 238 15.82 -26.94 -72.69
C PRO B 238 16.60 -25.67 -72.42
N ARG B 239 16.84 -24.93 -73.50
CA ARG B 239 17.60 -23.69 -73.46
C ARG B 239 16.82 -22.53 -72.86
N ASP B 240 15.50 -22.65 -72.73
CA ASP B 240 14.70 -21.56 -72.20
C ASP B 240 14.91 -21.36 -70.71
N VAL B 241 14.94 -22.44 -69.94
CA VAL B 241 15.09 -22.35 -68.49
C VAL B 241 16.53 -22.08 -68.05
N LEU B 242 17.51 -22.31 -68.94
CA LEU B 242 18.91 -22.09 -68.59
C LEU B 242 19.24 -20.62 -68.34
N HIS B 243 18.36 -19.70 -68.72
CA HIS B 243 18.61 -18.27 -68.57
C HIS B 243 17.72 -17.63 -67.53
N SER B 244 17.01 -18.42 -66.72
CA SER B 244 16.14 -17.90 -65.68
C SER B 244 16.58 -18.31 -64.28
N MET B 245 16.85 -19.60 -64.07
CA MET B 245 17.31 -20.10 -62.79
C MET B 245 18.40 -21.14 -63.02
N PRO B 246 19.44 -21.17 -62.18
CA PRO B 246 20.52 -22.14 -62.35
C PRO B 246 20.11 -23.49 -61.79
N THR B 247 19.80 -24.44 -62.68
CA THR B 247 19.32 -25.73 -62.20
C THR B 247 20.47 -26.67 -61.86
N THR B 248 21.19 -27.15 -62.86
CA THR B 248 22.43 -27.88 -62.60
C THR B 248 23.50 -27.69 -63.67
N LEU B 249 23.22 -26.98 -64.76
CA LEU B 249 24.15 -26.98 -65.89
C LEU B 249 25.24 -25.93 -65.75
N LEU B 250 25.01 -24.89 -64.96
CA LEU B 250 26.00 -23.83 -64.79
C LEU B 250 27.26 -24.35 -64.09
N HIS B 251 27.23 -25.61 -63.67
CA HIS B 251 28.42 -26.25 -63.13
C HIS B 251 29.37 -26.67 -64.24
N SER B 252 28.84 -27.32 -65.29
CA SER B 252 29.63 -27.77 -66.43
C SER B 252 28.94 -27.30 -67.70
N LEU B 253 29.26 -26.08 -68.13
CA LEU B 253 28.71 -25.52 -69.36
C LEU B 253 29.74 -25.38 -70.46
N GLU B 254 30.93 -25.97 -70.30
CA GLU B 254 31.92 -25.93 -71.36
C GLU B 254 31.51 -26.78 -72.56
N GLY B 255 30.39 -27.47 -72.47
CA GLY B 255 29.85 -28.22 -73.59
C GLY B 255 28.75 -27.46 -74.31
N MET B 256 28.12 -26.52 -73.60
CA MET B 256 27.05 -25.73 -74.18
C MET B 256 27.58 -24.83 -75.28
N VAL B 257 26.79 -24.70 -76.35
CA VAL B 257 27.13 -23.84 -77.48
C VAL B 257 25.99 -22.86 -77.70
N ASP B 258 26.33 -21.70 -78.27
CA ASP B 258 25.38 -20.63 -78.57
C ASP B 258 24.61 -20.24 -77.29
N LEU B 259 25.38 -19.73 -76.34
CA LEU B 259 24.85 -19.32 -75.04
C LEU B 259 25.13 -17.84 -74.83
N ASP B 260 24.10 -17.10 -74.44
CA ASP B 260 24.24 -15.67 -74.22
C ASP B 260 25.10 -15.40 -72.99
N TRP B 261 25.52 -14.14 -72.86
CA TRP B 261 26.30 -13.71 -71.70
C TRP B 261 25.80 -12.42 -71.07
N GLU B 262 24.81 -11.76 -71.67
CA GLU B 262 24.16 -10.65 -70.98
C GLU B 262 23.20 -11.15 -69.90
N LYS B 263 22.55 -12.29 -70.14
CA LYS B 263 21.64 -12.88 -69.18
C LYS B 263 22.31 -13.88 -68.25
N LEU B 264 23.21 -14.71 -68.78
CA LEU B 264 23.83 -15.76 -67.99
C LEU B 264 24.88 -15.24 -67.02
N LEU B 265 25.27 -13.97 -67.15
CA LEU B 265 26.27 -13.40 -66.26
C LEU B 265 25.70 -13.05 -64.88
N LYS B 266 24.37 -13.03 -64.74
CA LYS B 266 23.74 -12.65 -63.48
C LYS B 266 23.32 -13.84 -62.63
N LEU B 267 23.26 -15.04 -63.20
CA LEU B 267 22.82 -16.21 -62.44
C LEU B 267 23.96 -16.90 -61.70
N ARG B 268 25.11 -16.24 -61.56
CA ARG B 268 26.23 -16.85 -60.85
C ARG B 268 26.01 -16.79 -59.35
N CYS B 269 26.88 -17.47 -58.61
CA CYS B 269 26.82 -17.45 -57.15
C CYS B 269 27.27 -16.11 -56.61
N LEU B 270 27.16 -15.95 -55.30
CA LEU B 270 27.58 -14.71 -54.66
C LEU B 270 29.09 -14.54 -54.73
N ASP B 271 29.82 -15.63 -54.94
CA ASP B 271 31.27 -15.59 -55.06
C ASP B 271 31.72 -15.31 -56.50
N GLY B 272 30.80 -15.01 -57.40
CA GLY B 272 31.15 -14.78 -58.79
C GLY B 272 31.30 -16.03 -59.64
N SER B 273 31.79 -17.11 -59.03
CA SER B 273 32.01 -18.36 -59.75
C SER B 273 30.71 -18.90 -60.33
N PHE B 274 30.81 -19.60 -61.46
CA PHE B 274 29.66 -20.29 -62.02
C PHE B 274 29.46 -21.64 -61.33
N HIS B 275 28.56 -21.68 -60.35
CA HIS B 275 28.24 -22.90 -59.60
C HIS B 275 29.47 -23.49 -58.93
N CYS B 276 30.45 -22.63 -58.63
CA CYS B 276 31.67 -23.02 -57.93
C CYS B 276 32.37 -24.17 -58.63
N SER B 277 32.69 -23.95 -59.91
CA SER B 277 33.41 -24.93 -60.72
C SER B 277 34.43 -24.20 -61.58
N PRO B 278 35.73 -24.41 -61.36
CA PRO B 278 36.73 -23.63 -62.10
C PRO B 278 36.71 -23.87 -63.61
N ALA B 279 36.20 -25.03 -64.06
CA ALA B 279 36.16 -25.29 -65.50
C ALA B 279 35.19 -24.35 -66.19
N SER B 280 33.93 -24.31 -65.73
CA SER B 280 32.95 -23.42 -66.33
C SER B 280 33.32 -21.96 -66.10
N THR B 281 33.93 -21.65 -64.95
CA THR B 281 34.39 -20.28 -64.70
C THR B 281 35.44 -19.88 -65.73
N ALA B 282 36.41 -20.76 -65.99
CA ALA B 282 37.43 -20.47 -66.99
C ALA B 282 36.82 -20.33 -68.37
N THR B 283 35.84 -21.17 -68.70
CA THR B 283 35.18 -21.06 -70.00
C THR B 283 34.46 -19.71 -70.13
N ALA B 284 33.72 -19.32 -69.10
CA ALA B 284 33.01 -18.04 -69.15
C ALA B 284 33.98 -16.87 -69.22
N PHE B 285 35.14 -16.99 -68.56
CA PHE B 285 36.14 -15.93 -68.65
C PHE B 285 36.74 -15.88 -70.05
N GLN B 286 36.95 -17.04 -70.66
CA GLN B 286 37.48 -17.07 -72.02
C GLN B 286 36.51 -16.44 -73.02
N GLN B 287 35.21 -16.71 -72.87
CA GLN B 287 34.23 -16.09 -73.75
C GLN B 287 34.13 -14.59 -73.49
N THR B 288 34.02 -14.20 -72.23
CA THR B 288 33.99 -12.78 -71.86
C THR B 288 34.87 -12.61 -70.63
N GLY B 289 35.92 -11.79 -70.76
CA GLY B 289 36.90 -11.63 -69.71
C GLY B 289 36.47 -10.71 -68.59
N ASP B 290 35.57 -11.17 -67.73
CA ASP B 290 35.12 -10.38 -66.61
C ASP B 290 36.20 -10.33 -65.52
N GLN B 291 35.87 -9.66 -64.41
CA GLN B 291 36.87 -9.43 -63.37
C GLN B 291 36.75 -10.44 -62.24
N LYS B 292 35.54 -10.62 -61.70
CA LYS B 292 35.37 -11.45 -60.52
C LYS B 292 35.76 -12.90 -60.78
N CYS B 293 35.52 -13.39 -61.99
CA CYS B 293 35.91 -14.75 -62.33
C CYS B 293 37.42 -14.92 -62.26
N PHE B 294 38.16 -13.98 -62.85
CA PHE B 294 39.63 -14.04 -62.78
C PHE B 294 40.10 -13.88 -61.33
N GLU B 295 39.40 -13.07 -60.54
CA GLU B 295 39.76 -12.93 -59.13
C GLU B 295 39.63 -14.25 -58.40
N TYR B 296 38.50 -14.94 -58.57
CA TYR B 296 38.29 -16.23 -57.92
C TYR B 296 39.34 -17.24 -58.40
N LEU B 297 39.61 -17.26 -59.70
CA LEU B 297 40.59 -18.20 -60.22
C LEU B 297 41.98 -17.93 -59.66
N ASP B 298 42.34 -16.65 -59.55
CA ASP B 298 43.62 -16.29 -58.95
C ASP B 298 43.70 -16.75 -57.50
N GLY B 299 42.62 -16.51 -56.74
CA GLY B 299 42.60 -16.94 -55.35
C GLY B 299 42.77 -18.44 -55.20
N ILE B 300 42.03 -19.22 -56.00
CA ILE B 300 42.09 -20.67 -55.85
C ILE B 300 43.45 -21.20 -56.33
N VAL B 301 44.02 -20.62 -57.38
CA VAL B 301 45.31 -21.11 -57.85
C VAL B 301 46.42 -20.73 -56.88
N LYS B 302 46.27 -19.61 -56.16
CA LYS B 302 47.30 -19.24 -55.19
C LYS B 302 47.17 -20.03 -53.89
N LYS B 303 45.95 -20.41 -53.50
CA LYS B 303 45.76 -21.01 -52.19
C LYS B 303 46.30 -22.44 -52.13
N PHE B 304 46.34 -23.14 -53.27
CA PHE B 304 46.68 -24.55 -53.28
C PHE B 304 48.11 -24.84 -53.75
N ASN B 305 48.86 -23.82 -54.16
CA ASN B 305 50.25 -23.98 -54.59
C ASN B 305 50.35 -25.02 -55.72
N GLY B 306 49.75 -24.66 -56.85
CA GLY B 306 49.77 -25.53 -58.01
C GLY B 306 48.65 -26.54 -57.97
N GLY B 307 47.84 -26.57 -59.03
CA GLY B 307 46.74 -27.51 -59.11
C GLY B 307 45.45 -26.99 -58.52
N VAL B 308 44.37 -27.05 -59.30
CA VAL B 308 43.05 -26.60 -58.87
C VAL B 308 42.21 -27.83 -58.59
N PRO B 309 41.24 -27.77 -57.67
CA PRO B 309 40.40 -28.94 -57.40
C PRO B 309 39.19 -29.01 -58.32
N CYS B 310 38.34 -30.01 -58.11
CA CYS B 310 37.11 -30.11 -58.90
C CYS B 310 36.07 -29.08 -58.44
N ILE B 311 35.81 -29.02 -57.14
CA ILE B 311 34.81 -28.13 -56.58
C ILE B 311 35.41 -27.42 -55.37
N TYR B 312 35.08 -26.14 -55.21
CA TYR B 312 35.57 -25.31 -54.11
C TYR B 312 34.75 -24.03 -54.05
N PRO B 313 34.38 -23.54 -52.85
CA PRO B 313 34.66 -24.07 -51.51
C PRO B 313 33.74 -25.23 -51.12
N LEU B 314 34.10 -25.92 -50.03
CA LEU B 314 33.41 -27.13 -49.60
C LEU B 314 33.22 -27.12 -48.08
N ASP B 315 32.76 -26.01 -47.53
CA ASP B 315 32.74 -25.83 -46.07
C ASP B 315 31.60 -26.60 -45.39
N VAL B 316 30.35 -26.32 -45.80
CA VAL B 316 29.20 -26.80 -45.04
C VAL B 316 29.08 -28.31 -45.12
N TYR B 317 29.18 -28.87 -46.34
CA TYR B 317 29.13 -30.32 -46.51
C TYR B 317 30.20 -31.02 -45.67
N GLU B 318 31.41 -30.47 -45.70
CA GLU B 318 32.52 -31.07 -44.96
C GLU B 318 32.25 -31.04 -43.46
N ARG B 319 31.81 -29.89 -42.94
CA ARG B 319 31.49 -29.80 -41.52
C ARG B 319 30.41 -30.80 -41.13
N LEU B 320 29.34 -30.87 -41.92
CA LEU B 320 28.22 -31.74 -41.57
C LEU B 320 28.65 -33.20 -41.55
N TRP B 321 29.33 -33.66 -42.60
CA TRP B 321 29.76 -35.05 -42.62
C TRP B 321 30.81 -35.34 -41.55
N ALA B 322 31.66 -34.38 -41.23
CA ALA B 322 32.62 -34.59 -40.14
C ALA B 322 31.90 -34.83 -38.83
N VAL B 323 30.93 -33.96 -38.50
CA VAL B 323 30.18 -34.12 -37.25
C VAL B 323 29.43 -35.44 -37.24
N ASP B 324 28.82 -35.81 -38.38
CA ASP B 324 28.07 -37.05 -38.43
C ASP B 324 28.97 -38.26 -38.18
N ARG B 325 30.07 -38.36 -38.93
CA ARG B 325 30.98 -39.49 -38.73
C ARG B 325 31.55 -39.52 -37.32
N LEU B 326 31.87 -38.35 -36.76
CA LEU B 326 32.45 -38.33 -35.42
C LEU B 326 31.44 -38.76 -34.37
N THR B 327 30.18 -38.36 -34.51
CA THR B 327 29.19 -38.75 -33.50
C THR B 327 28.72 -40.18 -33.71
N ARG B 328 28.92 -40.74 -34.91
CA ARG B 328 28.56 -42.13 -35.10
C ARG B 328 29.67 -43.10 -34.67
N LEU B 329 30.93 -42.71 -34.84
CA LEU B 329 32.03 -43.58 -34.42
C LEU B 329 32.00 -43.86 -32.92
N GLY B 330 31.38 -42.99 -32.14
CA GLY B 330 31.23 -43.22 -30.72
C GLY B 330 32.37 -42.71 -29.86
N ILE B 331 32.97 -41.59 -30.28
CA ILE B 331 33.98 -40.91 -29.47
C ILE B 331 33.72 -39.40 -29.36
N SER B 332 32.51 -38.95 -29.68
CA SER B 332 32.24 -37.51 -29.74
C SER B 332 32.15 -36.87 -28.36
N ARG B 333 32.18 -37.66 -27.29
CA ARG B 333 32.10 -37.07 -25.96
C ARG B 333 33.38 -36.34 -25.55
N HIS B 334 34.42 -36.37 -26.40
CA HIS B 334 35.65 -35.66 -26.14
C HIS B 334 35.71 -34.29 -26.81
N PHE B 335 34.82 -34.01 -27.76
CA PHE B 335 34.89 -32.80 -28.57
C PHE B 335 33.73 -31.86 -28.33
N THR B 336 33.14 -31.86 -27.13
CA THR B 336 31.95 -31.05 -26.87
C THR B 336 32.22 -29.55 -26.96
N SER B 337 33.47 -29.14 -27.20
CA SER B 337 33.76 -27.71 -27.32
C SER B 337 33.87 -27.26 -28.78
N GLU B 338 34.03 -28.19 -29.71
CA GLU B 338 34.13 -27.85 -31.13
C GLU B 338 32.92 -28.28 -31.95
N ILE B 339 32.29 -29.40 -31.64
CA ILE B 339 31.04 -29.78 -32.30
C ILE B 339 30.01 -28.68 -32.15
N GLU B 340 29.94 -28.06 -30.97
CA GLU B 340 29.01 -26.96 -30.75
C GLU B 340 29.32 -25.79 -31.67
N ASP B 341 30.61 -25.49 -31.86
CA ASP B 341 30.97 -24.35 -32.72
C ASP B 341 30.66 -24.65 -34.19
N CYS B 342 30.93 -25.88 -34.63
CA CYS B 342 30.62 -26.25 -36.02
C CYS B 342 29.13 -26.17 -36.27
N LEU B 343 28.33 -26.76 -35.38
CA LEU B 343 26.87 -26.68 -35.54
C LEU B 343 26.38 -25.25 -35.40
N ASP B 344 27.08 -24.42 -34.63
CA ASP B 344 26.73 -23.01 -34.53
C ASP B 344 26.92 -22.31 -35.87
N TYR B 345 28.05 -22.57 -36.53
CA TYR B 345 28.27 -21.99 -37.86
C TYR B 345 27.22 -22.50 -38.84
N ILE B 346 26.85 -23.78 -38.72
CA ILE B 346 25.81 -24.32 -39.60
C ILE B 346 24.47 -23.61 -39.36
N PHE B 347 24.15 -23.35 -38.09
CA PHE B 347 22.87 -22.73 -37.75
C PHE B 347 22.82 -21.27 -38.16
N ARG B 348 23.94 -20.55 -38.05
CA ARG B 348 23.90 -19.09 -38.27
C ARG B 348 23.49 -18.73 -39.68
N ASN B 349 23.63 -19.66 -40.64
CA ASN B 349 23.30 -19.41 -42.03
C ASN B 349 22.31 -20.45 -42.55
N TRP B 350 21.26 -20.70 -41.77
CA TRP B 350 20.21 -21.65 -42.16
C TRP B 350 19.13 -20.88 -42.90
N THR B 351 19.15 -20.95 -44.23
CA THR B 351 18.16 -20.27 -45.05
C THR B 351 16.85 -21.05 -45.07
N PRO B 352 15.73 -20.36 -45.28
CA PRO B 352 14.43 -21.03 -45.30
C PRO B 352 14.14 -21.81 -46.57
N ASP B 353 15.12 -22.03 -47.43
CA ASP B 353 14.96 -22.84 -48.63
C ASP B 353 15.87 -24.05 -48.65
N GLY B 354 16.53 -24.36 -47.55
CA GLY B 354 17.54 -25.40 -47.50
C GLY B 354 18.93 -24.81 -47.45
N LEU B 355 19.92 -25.67 -47.67
CA LEU B 355 21.31 -25.24 -47.72
C LEU B 355 22.10 -26.19 -48.60
N ALA B 356 22.92 -25.63 -49.49
CA ALA B 356 23.70 -26.40 -50.43
C ALA B 356 24.98 -26.91 -49.77
N HIS B 357 25.91 -27.42 -50.57
CA HIS B 357 27.21 -27.83 -50.05
C HIS B 357 28.00 -26.66 -49.49
N THR B 358 27.71 -25.44 -49.93
CA THR B 358 28.35 -24.24 -49.42
C THR B 358 27.32 -23.23 -48.95
N LYS B 359 27.77 -22.05 -48.53
CA LYS B 359 26.85 -21.06 -47.98
C LYS B 359 26.44 -19.99 -48.98
N ASN B 360 26.89 -20.08 -50.24
CA ASN B 360 26.56 -19.06 -51.21
C ASN B 360 26.14 -19.61 -52.57
N CYS B 361 25.91 -20.92 -52.71
CA CYS B 361 25.36 -21.46 -53.94
C CYS B 361 23.85 -21.36 -53.89
N PRO B 362 23.19 -20.81 -54.92
CA PRO B 362 21.76 -20.52 -54.82
C PRO B 362 20.83 -21.67 -55.17
N VAL B 363 21.32 -22.89 -55.31
CA VAL B 363 20.48 -24.07 -55.51
C VAL B 363 20.78 -25.03 -54.38
N LYS B 364 19.74 -25.63 -53.81
CA LYS B 364 19.89 -26.43 -52.60
C LYS B 364 19.79 -27.92 -52.91
N ASP B 365 19.90 -28.72 -51.85
CA ASP B 365 19.96 -30.17 -51.96
C ASP B 365 19.21 -30.82 -50.81
N ILE B 366 18.83 -32.09 -50.96
CA ILE B 366 18.07 -32.79 -49.92
C ILE B 366 18.97 -33.49 -48.90
N ALA B 367 20.19 -33.90 -49.28
CA ALA B 367 21.06 -34.58 -48.34
C ALA B 367 21.58 -33.62 -47.28
N ASP B 368 22.13 -32.48 -47.70
CA ASP B 368 22.64 -31.51 -46.76
C ASP B 368 21.54 -30.97 -45.86
N THR B 369 20.37 -30.70 -46.43
CA THR B 369 19.25 -30.18 -45.65
C THR B 369 18.85 -31.17 -44.57
N ALA B 370 18.66 -32.45 -44.95
CA ALA B 370 18.24 -33.45 -43.98
C ALA B 370 19.31 -33.65 -42.91
N MET B 371 20.58 -33.70 -43.30
CA MET B 371 21.65 -33.90 -42.33
C MET B 371 21.71 -32.75 -41.33
N GLY B 372 21.67 -31.51 -41.83
CA GLY B 372 21.70 -30.37 -40.93
C GLY B 372 20.50 -30.33 -40.02
N PHE B 373 19.31 -30.63 -40.57
CA PHE B 373 18.10 -30.65 -39.76
C PHE B 373 18.23 -31.67 -38.62
N ARG B 374 18.64 -32.89 -38.96
CA ARG B 374 18.75 -33.94 -37.95
C ARG B 374 19.76 -33.56 -36.87
N LEU B 375 20.93 -33.07 -37.27
CA LEU B 375 21.96 -32.74 -36.30
C LEU B 375 21.54 -31.60 -35.39
N LEU B 376 21.03 -30.51 -35.98
CA LEU B 376 20.58 -29.38 -35.18
C LEU B 376 19.47 -29.79 -34.22
N ARG B 377 18.55 -30.64 -34.66
CA ARG B 377 17.49 -31.09 -33.76
C ARG B 377 18.03 -31.97 -32.65
N LEU B 378 19.01 -32.82 -32.97
CA LEU B 378 19.54 -33.75 -31.98
C LEU B 378 20.36 -33.04 -30.92
N TYR B 379 21.07 -31.97 -31.28
CA TYR B 379 21.89 -31.24 -30.32
C TYR B 379 21.17 -30.05 -29.69
N GLY B 380 19.85 -29.99 -29.81
CA GLY B 380 19.06 -29.05 -29.05
C GLY B 380 18.93 -27.66 -29.63
N TYR B 381 18.59 -27.56 -30.91
CA TYR B 381 18.35 -26.28 -31.55
C TYR B 381 16.87 -26.17 -31.91
N GLN B 382 16.51 -25.08 -32.58
CA GLN B 382 15.13 -24.79 -32.95
C GLN B 382 15.02 -24.77 -34.47
N VAL B 383 14.75 -25.94 -35.06
CA VAL B 383 14.58 -26.05 -36.50
C VAL B 383 13.16 -26.51 -36.81
N ASP B 384 12.73 -26.35 -38.05
CA ASP B 384 11.38 -26.69 -38.46
C ASP B 384 11.44 -27.55 -39.73
N PRO B 385 10.78 -28.71 -39.74
CA PRO B 385 10.84 -29.59 -40.90
C PRO B 385 9.95 -29.17 -42.06
N CYS B 386 9.40 -27.96 -42.04
CA CYS B 386 8.61 -27.49 -43.17
C CYS B 386 9.48 -27.15 -44.38
N VAL B 387 10.81 -27.23 -44.23
CA VAL B 387 11.72 -26.93 -45.33
C VAL B 387 11.53 -27.94 -46.47
N LEU B 388 11.35 -29.21 -46.15
CA LEU B 388 11.30 -30.26 -47.17
C LEU B 388 10.14 -30.08 -48.14
N LYS B 389 9.24 -29.13 -47.89
CA LYS B 389 8.16 -28.87 -48.84
C LYS B 389 8.66 -28.40 -50.20
N LYS B 390 9.87 -27.84 -50.27
CA LYS B 390 10.39 -27.36 -51.54
C LYS B 390 10.89 -28.49 -52.43
N PHE B 391 10.92 -29.73 -51.93
CA PHE B 391 11.32 -30.90 -52.70
C PHE B 391 10.14 -31.83 -52.92
N GLU B 392 8.95 -31.26 -53.10
CA GLU B 392 7.70 -32.02 -53.16
C GLU B 392 7.12 -31.91 -54.56
N LYS B 393 6.97 -33.05 -55.23
CA LYS B 393 6.27 -33.13 -56.51
C LYS B 393 5.43 -34.40 -56.52
N ASP B 394 4.11 -34.23 -56.63
CA ASP B 394 3.11 -35.29 -56.77
C ASP B 394 3.49 -36.56 -56.01
N GLY B 395 3.86 -36.39 -54.74
CA GLY B 395 4.20 -37.49 -53.88
C GLY B 395 5.60 -38.03 -54.03
N LYS B 396 6.38 -37.51 -54.97
CA LYS B 396 7.76 -37.94 -55.17
C LYS B 396 8.71 -36.84 -54.72
N PHE B 397 9.97 -37.22 -54.50
CA PHE B 397 10.97 -36.34 -53.93
C PHE B 397 12.13 -36.13 -54.90
N PHE B 398 12.96 -35.13 -54.60
CA PHE B 398 14.07 -34.73 -55.45
C PHE B 398 15.38 -35.01 -54.74
N CYS B 399 16.45 -35.12 -55.51
CA CYS B 399 17.79 -34.91 -54.96
C CYS B 399 18.33 -33.55 -55.39
N LEU B 400 18.09 -33.17 -56.64
CA LEU B 400 18.34 -31.83 -57.15
C LEU B 400 17.11 -31.42 -57.94
N HIS B 401 17.22 -30.32 -58.69
CA HIS B 401 16.07 -29.85 -59.46
C HIS B 401 15.98 -30.52 -60.82
N GLY B 402 17.11 -30.84 -61.44
CA GLY B 402 17.12 -31.47 -62.74
C GLY B 402 17.49 -32.94 -62.69
N GLU B 403 16.94 -33.67 -61.71
CA GLU B 403 17.24 -35.08 -61.54
C GLU B 403 16.85 -35.88 -62.78
N SER B 404 17.85 -36.43 -63.49
CA SER B 404 17.62 -37.22 -64.69
C SER B 404 18.07 -38.66 -64.54
N ASN B 405 18.15 -39.14 -63.30
CA ASN B 405 18.60 -40.51 -63.03
C ASN B 405 18.00 -40.99 -61.72
N PRO B 406 16.82 -41.64 -61.77
CA PRO B 406 16.18 -42.06 -60.51
C PRO B 406 16.89 -43.20 -59.83
N SER B 407 18.10 -42.94 -59.32
CA SER B 407 18.82 -43.91 -58.50
C SER B 407 19.79 -43.13 -57.61
N SER B 408 19.40 -42.91 -56.36
CA SER B 408 20.21 -42.16 -55.41
C SER B 408 19.88 -42.68 -54.01
N VAL B 409 20.70 -43.60 -53.51
CA VAL B 409 20.37 -44.27 -52.25
C VAL B 409 20.81 -43.45 -51.04
N THR B 410 21.91 -42.71 -51.15
CA THR B 410 22.42 -41.98 -49.99
C THR B 410 21.49 -40.88 -49.51
N PRO B 411 20.97 -39.99 -50.37
CA PRO B 411 20.06 -38.95 -49.85
C PRO B 411 18.76 -39.51 -49.31
N MET B 412 18.19 -40.54 -49.96
CA MET B 412 16.98 -41.14 -49.44
C MET B 412 17.22 -41.81 -48.10
N TYR B 413 18.35 -42.50 -47.96
CA TYR B 413 18.71 -43.09 -46.67
C TYR B 413 18.86 -42.02 -45.60
N ASN B 414 19.48 -40.89 -45.95
CA ASN B 414 19.64 -39.81 -44.98
C ASN B 414 18.29 -39.22 -44.59
N THR B 415 17.40 -39.02 -45.55
CA THR B 415 16.07 -38.49 -45.24
C THR B 415 15.30 -39.45 -44.35
N TYR B 416 15.35 -40.75 -44.64
CA TYR B 416 14.69 -41.73 -43.79
C TYR B 416 15.24 -41.69 -42.37
N ARG B 417 16.57 -41.76 -42.24
CA ARG B 417 17.18 -41.76 -40.92
C ARG B 417 16.95 -40.45 -40.17
N ALA B 418 16.65 -39.36 -40.89
CA ALA B 418 16.35 -38.09 -40.26
C ALA B 418 14.85 -37.87 -40.06
N SER B 419 14.02 -38.77 -40.55
CA SER B 419 12.58 -38.68 -40.34
C SER B 419 12.12 -39.43 -39.11
N GLN B 420 13.04 -39.98 -38.31
CA GLN B 420 12.65 -40.68 -37.09
C GLN B 420 12.41 -39.72 -35.93
N LEU B 421 12.91 -38.51 -36.01
CA LEU B 421 12.70 -37.48 -35.00
C LEU B 421 11.59 -36.57 -35.51
N LYS B 422 10.36 -36.84 -35.10
CA LYS B 422 9.20 -36.06 -35.54
C LYS B 422 8.37 -35.68 -34.32
N PHE B 423 8.50 -34.44 -33.87
CA PHE B 423 7.68 -33.94 -32.78
C PHE B 423 6.22 -33.90 -33.22
N PRO B 424 5.29 -33.99 -32.26
CA PRO B 424 3.86 -34.09 -32.65
C PRO B 424 3.32 -32.84 -33.33
N GLY B 425 3.90 -31.68 -33.09
CA GLY B 425 3.38 -30.45 -33.68
C GLY B 425 4.07 -30.04 -34.96
N ASP B 426 4.47 -31.02 -35.78
CA ASP B 426 5.16 -30.76 -37.02
C ASP B 426 4.23 -30.97 -38.22
N ASP B 427 4.60 -30.36 -39.34
CA ASP B 427 3.84 -30.52 -40.56
C ASP B 427 3.90 -31.96 -41.06
N GLY B 428 2.82 -32.37 -41.74
CA GLY B 428 2.69 -33.75 -42.20
C GLY B 428 3.71 -34.19 -43.23
N VAL B 429 4.68 -33.34 -43.58
CA VAL B 429 5.67 -33.69 -44.59
C VAL B 429 6.48 -34.91 -44.15
N LEU B 430 6.84 -34.98 -42.87
CA LEU B 430 7.73 -36.03 -42.39
C LEU B 430 7.09 -37.41 -42.53
N GLY B 431 5.78 -37.52 -42.33
CA GLY B 431 5.13 -38.82 -42.46
C GLY B 431 5.21 -39.38 -43.87
N ARG B 432 4.74 -38.60 -44.85
CA ARG B 432 4.82 -39.04 -46.23
C ARG B 432 6.27 -39.20 -46.67
N ALA B 433 7.18 -38.44 -46.07
CA ALA B 433 8.60 -38.60 -46.38
C ALA B 433 9.10 -39.97 -45.92
N GLU B 434 8.80 -40.33 -44.67
CA GLU B 434 9.16 -41.64 -44.17
C GLU B 434 8.55 -42.74 -45.03
N VAL B 435 7.29 -42.56 -45.43
CA VAL B 435 6.63 -43.54 -46.28
C VAL B 435 7.38 -43.73 -47.59
N PHE B 436 7.68 -42.61 -48.27
CA PHE B 436 8.35 -42.68 -49.56
C PHE B 436 9.74 -43.32 -49.44
N CYS B 437 10.51 -42.91 -48.43
CA CYS B 437 11.86 -43.46 -48.28
C CYS B 437 11.81 -44.94 -47.91
N ARG B 438 10.88 -45.36 -47.06
CA ARG B 438 10.77 -46.77 -46.73
C ARG B 438 10.39 -47.58 -47.97
N SER B 439 9.45 -47.07 -48.77
CA SER B 439 9.09 -47.74 -50.01
C SER B 439 10.29 -47.87 -50.94
N PHE B 440 11.04 -46.78 -51.12
CA PHE B 440 12.19 -46.80 -52.02
C PHE B 440 13.25 -47.78 -51.55
N LEU B 441 13.56 -47.77 -50.25
CA LEU B 441 14.60 -48.66 -49.74
C LEU B 441 14.16 -50.12 -49.80
N GLN B 442 12.89 -50.40 -49.49
CA GLN B 442 12.41 -51.78 -49.59
C GLN B 442 12.36 -52.24 -51.05
N ASP B 443 12.16 -51.30 -51.98
CA ASP B 443 12.22 -51.65 -53.39
C ASP B 443 13.65 -52.02 -53.79
N ARG B 444 14.61 -51.16 -53.46
CA ARG B 444 15.99 -51.40 -53.84
C ARG B 444 16.65 -52.53 -53.06
N ARG B 445 16.09 -52.92 -51.92
CA ARG B 445 16.70 -53.98 -51.11
C ARG B 445 16.32 -55.38 -51.55
N GLY B 446 15.11 -55.57 -52.07
CA GLY B 446 14.70 -56.87 -52.57
C GLY B 446 15.53 -57.30 -53.75
N SER B 447 15.68 -56.41 -54.72
CA SER B 447 16.61 -56.62 -55.83
C SER B 447 18.02 -56.24 -55.38
N ASN B 448 18.95 -56.16 -56.32
CA ASN B 448 20.32 -55.75 -56.00
C ASN B 448 20.70 -54.54 -56.83
N ARG B 449 19.75 -53.63 -57.04
CA ARG B 449 19.98 -52.37 -57.71
C ARG B 449 20.47 -51.28 -56.77
N MET B 450 20.88 -51.64 -55.55
CA MET B 450 21.26 -50.71 -54.51
C MET B 450 22.66 -50.13 -54.68
N LYS B 451 23.31 -50.25 -55.84
CA LYS B 451 24.60 -49.62 -56.03
C LYS B 451 24.49 -48.10 -55.88
N ASP B 452 25.41 -47.53 -55.12
CA ASP B 452 25.32 -46.12 -54.75
C ASP B 452 25.53 -45.23 -55.97
N LYS B 453 25.10 -43.97 -55.83
CA LYS B 453 25.22 -42.99 -56.91
C LYS B 453 26.44 -42.10 -56.76
N TRP B 454 26.70 -41.59 -55.55
CA TRP B 454 27.80 -40.67 -55.31
C TRP B 454 29.00 -41.35 -54.66
N ALA B 455 28.80 -41.99 -53.52
CA ALA B 455 29.90 -42.50 -52.71
C ALA B 455 30.11 -44.00 -52.94
N ILE B 456 31.23 -44.49 -52.42
CA ILE B 456 31.56 -45.91 -52.43
C ILE B 456 32.21 -46.26 -51.10
N ALA B 457 31.80 -47.38 -50.52
CA ALA B 457 32.35 -47.82 -49.25
C ALA B 457 32.37 -49.34 -49.20
N LYS B 458 32.87 -49.87 -48.09
CA LYS B 458 33.00 -51.32 -47.94
C LYS B 458 31.66 -52.00 -47.79
N ASP B 459 30.71 -51.37 -47.08
CA ASP B 459 29.44 -52.03 -46.79
C ASP B 459 28.36 -50.95 -46.69
N ILE B 460 27.62 -50.76 -47.78
CA ILE B 460 26.40 -49.97 -47.78
C ILE B 460 25.21 -50.80 -47.30
N PRO B 461 24.98 -52.03 -47.79
CA PRO B 461 23.74 -52.73 -47.42
C PRO B 461 23.63 -53.09 -45.95
N GLY B 462 24.73 -53.39 -45.26
CA GLY B 462 24.64 -53.71 -43.84
C GLY B 462 24.15 -52.55 -43.02
N GLU B 463 24.64 -51.34 -43.32
CA GLU B 463 24.23 -50.16 -42.58
C GLU B 463 22.74 -49.86 -42.79
N VAL B 464 22.25 -49.97 -44.02
CA VAL B 464 20.84 -49.73 -44.27
C VAL B 464 19.99 -50.83 -43.65
N GLU B 465 20.49 -52.07 -43.67
CA GLU B 465 19.79 -53.16 -42.99
C GLU B 465 19.62 -52.87 -41.51
N TYR B 466 20.68 -52.38 -40.87
CA TYR B 466 20.57 -51.98 -39.46
C TYR B 466 19.57 -50.84 -39.30
N ALA B 467 19.73 -49.78 -40.09
CA ALA B 467 18.89 -48.60 -39.94
C ALA B 467 17.42 -48.91 -40.19
N MET B 468 17.12 -49.97 -40.93
CA MET B 468 15.73 -50.35 -41.17
C MET B 468 15.24 -51.41 -40.19
N ASP B 469 16.15 -52.18 -39.57
CA ASP B 469 15.75 -53.22 -38.65
C ASP B 469 15.51 -52.71 -37.24
N TYR B 470 16.00 -51.52 -36.92
CA TYR B 470 15.85 -50.95 -35.58
C TYR B 470 15.41 -49.49 -35.69
N PRO B 471 14.23 -49.14 -35.19
CA PRO B 471 13.79 -47.75 -35.21
C PRO B 471 14.56 -46.91 -34.19
N TRP B 472 14.17 -45.64 -34.10
CA TRP B 472 14.83 -44.72 -33.17
C TRP B 472 14.54 -45.08 -31.72
N LYS B 473 13.37 -45.69 -31.45
CA LYS B 473 12.98 -45.95 -30.07
C LYS B 473 13.78 -47.10 -29.46
N ALA B 474 14.32 -47.99 -30.29
CA ALA B 474 15.00 -49.17 -29.77
C ALA B 474 16.40 -49.34 -30.36
N SER B 475 17.18 -48.26 -30.38
CA SER B 475 18.54 -48.30 -30.91
C SER B 475 19.50 -47.84 -29.82
N LEU B 476 20.13 -48.79 -29.14
CA LEU B 476 21.12 -48.47 -28.13
C LEU B 476 22.39 -47.95 -28.80
N PRO B 477 23.14 -47.07 -28.14
CA PRO B 477 24.34 -46.48 -28.77
C PRO B 477 25.43 -47.50 -29.05
N ARG B 478 25.78 -48.30 -28.03
CA ARG B 478 26.89 -49.23 -28.17
C ARG B 478 26.65 -50.25 -29.26
N ILE B 479 25.41 -50.75 -29.39
CA ILE B 479 25.10 -51.68 -30.47
C ILE B 479 25.39 -51.06 -31.82
N GLU B 480 24.93 -49.81 -32.02
CA GLU B 480 25.14 -49.13 -33.29
C GLU B 480 26.62 -48.91 -33.57
N THR B 481 27.36 -48.42 -32.58
CA THR B 481 28.77 -48.11 -32.81
C THR B 481 29.59 -49.38 -33.03
N ARG B 482 29.20 -50.48 -32.38
CA ARG B 482 29.90 -51.74 -32.60
C ARG B 482 29.61 -52.31 -33.98
N LEU B 483 28.35 -52.26 -34.41
CA LEU B 483 28.02 -52.73 -35.76
C LEU B 483 28.51 -51.78 -36.85
N TYR B 484 28.89 -50.56 -36.49
CA TYR B 484 29.47 -49.62 -37.44
C TYR B 484 30.98 -49.51 -37.35
N LEU B 485 31.60 -50.06 -36.31
CA LEU B 485 33.04 -49.98 -36.13
C LEU B 485 33.81 -50.80 -37.15
N ASP B 486 33.13 -51.55 -38.02
CA ASP B 486 33.81 -52.33 -39.05
C ASP B 486 33.35 -51.91 -40.44
N GLN B 487 32.14 -51.34 -40.52
CA GLN B 487 31.58 -50.92 -41.79
C GLN B 487 32.16 -49.60 -42.30
N TYR B 488 33.17 -49.05 -41.62
CA TYR B 488 33.78 -47.79 -42.01
C TYR B 488 34.90 -48.08 -43.00
N GLY B 489 34.83 -47.46 -44.18
CA GLY B 489 35.85 -47.69 -45.19
C GLY B 489 37.21 -47.16 -44.79
N GLY B 490 37.24 -46.01 -44.13
CA GLY B 490 38.49 -45.41 -43.72
C GLY B 490 39.14 -44.62 -44.85
N SER B 491 40.27 -45.11 -45.36
CA SER B 491 40.93 -44.46 -46.48
C SER B 491 40.47 -45.00 -47.83
N GLY B 492 39.77 -46.14 -47.84
CA GLY B 492 39.33 -46.74 -49.09
C GLY B 492 37.97 -46.25 -49.55
N ASP B 493 37.75 -44.94 -49.47
CA ASP B 493 36.51 -44.33 -49.92
C ASP B 493 36.81 -43.33 -51.04
N VAL B 494 35.84 -43.18 -51.94
CA VAL B 494 35.98 -42.29 -53.09
C VAL B 494 34.63 -41.66 -53.38
N TRP B 495 34.67 -40.44 -53.92
CA TRP B 495 33.47 -39.66 -54.16
C TRP B 495 33.47 -39.17 -55.60
N ILE B 496 32.34 -39.36 -56.28
CA ILE B 496 32.20 -39.06 -57.70
C ILE B 496 31.75 -37.62 -57.85
N GLY B 497 32.67 -36.75 -58.28
CA GLY B 497 32.31 -35.40 -58.67
C GLY B 497 32.42 -35.25 -60.17
N LYS B 498 32.92 -34.11 -60.65
CA LYS B 498 33.21 -34.00 -62.08
C LYS B 498 34.19 -35.07 -62.52
N VAL B 499 35.28 -35.25 -61.76
CA VAL B 499 36.14 -36.41 -61.86
C VAL B 499 36.30 -36.97 -60.45
N LEU B 500 36.82 -38.20 -60.36
CA LEU B 500 36.99 -38.82 -59.06
C LEU B 500 37.95 -38.02 -58.19
N HIS B 501 37.74 -38.09 -56.88
CA HIS B 501 38.53 -37.34 -55.92
C HIS B 501 38.38 -37.99 -54.55
N ARG B 502 39.16 -37.50 -53.59
CA ARG B 502 39.14 -38.00 -52.23
C ARG B 502 39.17 -36.84 -51.24
N MET B 503 38.75 -37.12 -50.01
CA MET B 503 38.80 -36.17 -48.92
C MET B 503 39.49 -36.82 -47.72
N THR B 504 40.33 -36.06 -47.05
CA THR B 504 41.20 -36.61 -46.01
C THR B 504 40.81 -36.20 -44.60
N LEU B 505 39.92 -35.22 -44.45
CA LEU B 505 39.56 -34.76 -43.10
C LEU B 505 38.84 -35.84 -42.32
N PHE B 506 37.77 -36.40 -42.89
CA PHE B 506 37.00 -37.43 -42.20
C PHE B 506 37.18 -38.82 -42.81
N CYS B 507 37.61 -38.91 -44.06
CA CYS B 507 37.85 -40.21 -44.70
C CYS B 507 39.33 -40.57 -44.61
N ASN B 508 39.82 -40.74 -43.38
CA ASN B 508 41.20 -41.13 -43.13
C ASN B 508 41.18 -42.34 -42.21
N ASP B 509 42.35 -42.73 -41.71
CA ASP B 509 42.51 -43.95 -40.94
C ASP B 509 42.87 -43.70 -39.49
N LEU B 510 42.80 -42.46 -39.02
CA LEU B 510 43.05 -42.18 -37.60
C LEU B 510 41.80 -42.43 -36.77
N TYR B 511 40.62 -42.14 -37.33
CA TYR B 511 39.37 -42.33 -36.62
C TYR B 511 39.20 -43.78 -36.19
N LEU B 512 39.42 -44.72 -37.12
CA LEU B 512 39.28 -46.13 -36.79
C LEU B 512 40.23 -46.55 -35.68
N LYS B 513 41.47 -46.08 -35.73
CA LYS B 513 42.45 -46.43 -34.70
C LYS B 513 42.00 -45.94 -33.33
N ALA B 514 41.65 -44.65 -33.24
CA ALA B 514 41.23 -44.09 -31.95
C ALA B 514 39.99 -44.80 -31.43
N ALA B 515 39.01 -45.05 -32.31
CA ALA B 515 37.78 -45.67 -31.87
C ALA B 515 38.00 -47.10 -31.40
N LYS B 516 38.82 -47.86 -32.13
CA LYS B 516 39.12 -49.24 -31.72
C LYS B 516 39.81 -49.26 -30.37
N ALA B 517 40.80 -48.37 -30.16
CA ALA B 517 41.47 -48.32 -28.87
C ALA B 517 40.49 -48.01 -27.75
N ASP B 518 39.65 -47.00 -27.95
CA ASP B 518 38.67 -46.64 -26.92
C ASP B 518 37.71 -47.78 -26.64
N PHE B 519 37.24 -48.46 -27.68
CA PHE B 519 36.27 -49.54 -27.51
C PHE B 519 36.89 -50.71 -26.75
N SER B 520 38.15 -51.03 -27.05
CA SER B 520 38.81 -52.12 -26.31
C SER B 520 39.03 -51.73 -24.85
N ASN B 521 39.45 -50.48 -24.59
CA ASN B 521 39.62 -50.03 -23.21
C ASN B 521 38.30 -50.09 -22.46
N PHE B 522 37.19 -49.81 -23.14
CA PHE B 522 35.88 -49.95 -22.51
C PHE B 522 35.54 -51.41 -22.23
N GLN B 523 35.80 -52.29 -23.20
CA GLN B 523 35.44 -53.69 -23.05
C GLN B 523 36.16 -54.34 -21.88
N LYS B 524 37.43 -53.99 -21.67
CA LYS B 524 38.17 -54.58 -20.56
C LYS B 524 37.51 -54.28 -19.22
N GLU B 525 37.24 -52.99 -18.97
CA GLU B 525 36.57 -52.59 -17.74
C GLU B 525 35.19 -53.24 -17.62
N CYS B 526 34.47 -53.32 -18.74
CA CYS B 526 33.16 -53.97 -18.72
C CYS B 526 33.26 -55.41 -18.23
N ARG B 527 34.22 -56.17 -18.77
CA ARG B 527 34.37 -57.57 -18.38
C ARG B 527 34.74 -57.71 -16.91
N VAL B 528 35.71 -56.92 -16.44
CA VAL B 528 36.13 -57.08 -15.06
C VAL B 528 35.02 -56.67 -14.10
N GLU B 529 34.25 -55.64 -14.45
CA GLU B 529 33.15 -55.23 -13.58
C GLU B 529 32.02 -56.24 -13.60
N LEU B 530 31.80 -56.91 -14.74
CA LEU B 530 30.82 -57.98 -14.78
C LEU B 530 31.23 -59.13 -13.87
N ASN B 531 32.51 -59.49 -13.87
CA ASN B 531 33.00 -60.51 -12.96
C ASN B 531 32.77 -60.11 -11.51
N GLY B 532 33.14 -58.88 -11.15
CA GLY B 532 32.94 -58.41 -9.79
C GLY B 532 31.48 -58.41 -9.38
N LEU B 533 30.60 -58.03 -10.29
CA LEU B 533 29.18 -57.97 -9.94
C LEU B 533 28.58 -59.36 -9.81
N ARG B 534 29.01 -60.31 -10.64
CA ARG B 534 28.58 -61.69 -10.43
C ARG B 534 29.05 -62.22 -9.09
N ARG B 535 30.28 -61.89 -8.69
CA ARG B 535 30.75 -62.24 -7.36
C ARG B 535 29.83 -61.67 -6.29
N TRP B 536 29.51 -60.37 -6.39
CA TRP B 536 28.66 -59.73 -5.40
C TRP B 536 27.28 -60.39 -5.34
N TYR B 537 26.73 -60.77 -6.49
CA TYR B 537 25.42 -61.40 -6.51
C TYR B 537 25.44 -62.76 -5.84
N LEU B 538 26.44 -63.58 -6.19
CA LEU B 538 26.50 -64.92 -5.61
C LEU B 538 26.76 -64.87 -4.11
N ARG B 539 27.57 -63.91 -3.66
CA ARG B 539 27.85 -63.82 -2.24
C ARG B 539 26.77 -63.08 -1.46
N SER B 540 25.67 -62.69 -2.10
CA SER B 540 24.62 -61.94 -1.41
C SER B 540 23.46 -62.83 -0.95
N ASN B 541 23.45 -64.11 -1.33
CA ASN B 541 22.44 -65.07 -0.90
C ASN B 541 21.04 -64.59 -1.29
N LEU B 542 20.83 -64.51 -2.60
CA LEU B 542 19.53 -64.15 -3.16
C LEU B 542 18.85 -65.31 -3.86
N GLU B 543 19.40 -66.52 -3.76
CA GLU B 543 18.78 -67.68 -4.39
C GLU B 543 17.53 -68.15 -3.65
N LYS B 544 17.33 -67.68 -2.41
CA LYS B 544 16.08 -67.99 -1.72
C LYS B 544 14.88 -67.42 -2.45
N PHE B 545 15.06 -66.29 -3.16
CA PHE B 545 14.08 -65.75 -4.08
C PHE B 545 14.51 -65.95 -5.52
N GLY B 546 15.45 -66.87 -5.76
CA GLY B 546 16.11 -67.04 -7.04
C GLY B 546 15.23 -67.05 -8.27
N GLY B 547 14.38 -68.05 -8.40
CA GLY B 547 13.51 -68.14 -9.57
C GLY B 547 13.98 -69.12 -10.61
N THR B 548 13.93 -68.70 -11.89
CA THR B 548 14.21 -69.63 -12.98
C THR B 548 15.71 -69.80 -13.22
N ASP B 549 16.40 -68.72 -13.56
CA ASP B 549 17.82 -68.80 -13.90
C ASP B 549 18.54 -67.47 -13.64
N PRO B 550 19.55 -67.47 -12.78
CA PRO B 550 20.22 -66.21 -12.42
C PRO B 550 21.20 -65.70 -13.46
N GLN B 551 21.87 -66.62 -14.17
CA GLN B 551 23.01 -66.21 -15.00
C GLN B 551 22.56 -65.37 -16.20
N THR B 552 21.57 -65.84 -16.96
CA THR B 552 21.13 -65.10 -18.13
C THR B 552 20.48 -63.78 -17.73
N THR B 553 19.64 -63.79 -16.69
CA THR B 553 19.04 -62.56 -16.21
C THR B 553 20.10 -61.55 -15.80
N LEU B 554 21.14 -62.01 -15.10
CA LEU B 554 22.25 -61.13 -14.72
C LEU B 554 22.96 -60.58 -15.95
N MET B 555 23.20 -61.43 -16.94
CA MET B 555 23.87 -61.00 -18.16
C MET B 555 23.10 -59.86 -18.83
N THR B 556 21.79 -60.05 -19.01
CA THR B 556 20.99 -59.02 -19.66
C THR B 556 20.93 -57.75 -18.79
N SER B 557 20.71 -57.91 -17.48
CA SER B 557 20.54 -56.76 -16.62
C SER B 557 21.83 -55.94 -16.49
N TYR B 558 22.98 -56.56 -16.77
CA TYR B 558 24.20 -55.77 -16.81
C TYR B 558 24.51 -55.24 -18.19
N PHE B 559 24.21 -56.00 -19.25
CA PHE B 559 24.48 -55.54 -20.60
C PHE B 559 23.66 -54.30 -20.93
N LEU B 560 22.40 -54.27 -20.48
CA LEU B 560 21.56 -53.10 -20.75
C LEU B 560 22.12 -51.86 -20.08
N ALA B 561 22.37 -51.94 -18.77
CA ALA B 561 22.89 -50.79 -18.02
C ALA B 561 24.29 -50.40 -18.46
N SER B 562 25.04 -51.29 -19.09
CA SER B 562 26.36 -50.93 -19.60
C SER B 562 26.24 -50.24 -20.96
N ALA B 563 25.54 -50.86 -21.90
CA ALA B 563 25.38 -50.26 -23.23
C ALA B 563 24.63 -48.94 -23.19
N ASN B 564 23.81 -48.71 -22.16
CA ASN B 564 23.11 -47.43 -22.07
C ASN B 564 24.06 -46.31 -21.65
N ILE B 565 24.68 -46.46 -20.49
CA ILE B 565 25.67 -45.51 -19.98
C ILE B 565 27.04 -46.18 -20.09
N PHE B 566 27.85 -45.73 -21.05
CA PHE B 566 29.08 -46.40 -21.40
C PHE B 566 30.33 -45.69 -20.94
N GLU B 567 30.23 -44.45 -20.46
CA GLU B 567 31.40 -43.70 -20.04
C GLU B 567 32.13 -44.42 -18.92
N ALA B 568 33.47 -44.38 -18.96
CA ALA B 568 34.29 -45.10 -17.99
C ALA B 568 34.28 -44.47 -16.61
N ASN B 569 33.51 -43.41 -16.39
CA ASN B 569 33.44 -42.75 -15.09
C ASN B 569 32.13 -43.04 -14.36
N ARG B 570 31.25 -43.84 -14.94
CA ARG B 570 29.93 -44.11 -14.38
C ARG B 570 29.79 -45.52 -13.81
N ALA B 571 30.88 -46.07 -13.24
CA ALA B 571 30.80 -47.39 -12.63
C ALA B 571 29.76 -47.43 -11.52
N ALA B 572 29.72 -46.37 -10.71
CA ALA B 572 28.73 -46.31 -9.63
C ALA B 572 27.31 -46.44 -10.17
N GLU B 573 26.96 -45.62 -11.16
CA GLU B 573 25.61 -45.66 -11.71
C GLU B 573 25.30 -47.00 -12.35
N ARG B 574 26.24 -47.54 -13.13
CA ARG B 574 26.02 -48.82 -13.78
C ARG B 574 25.77 -49.92 -12.77
N LEU B 575 26.61 -50.00 -11.73
CA LEU B 575 26.47 -51.05 -10.74
C LEU B 575 25.20 -50.88 -9.93
N GLY B 576 24.83 -49.64 -9.60
CA GLY B 576 23.61 -49.39 -8.87
C GLY B 576 22.37 -49.81 -9.66
N TRP B 577 22.33 -49.43 -10.94
CA TRP B 577 21.24 -49.85 -11.81
C TRP B 577 21.15 -51.38 -11.84
N ALA B 578 22.27 -52.04 -12.12
CA ALA B 578 22.26 -53.49 -12.23
C ALA B 578 21.88 -54.17 -10.91
N ARG B 579 22.17 -53.55 -9.78
CA ARG B 579 21.82 -54.14 -8.49
C ARG B 579 20.32 -53.99 -8.22
N VAL B 580 19.79 -52.77 -8.36
CA VAL B 580 18.37 -52.55 -8.06
C VAL B 580 17.49 -53.32 -9.03
N ALA B 581 17.93 -53.46 -10.29
CA ALA B 581 17.15 -54.22 -11.25
C ALA B 581 17.03 -55.68 -10.83
N LEU B 582 18.15 -56.28 -10.45
CA LEU B 582 18.13 -57.67 -9.99
C LEU B 582 17.28 -57.83 -8.73
N LEU B 583 17.40 -56.89 -7.80
CA LEU B 583 16.62 -56.94 -6.57
C LEU B 583 15.12 -56.94 -6.89
N ALA B 584 14.69 -55.99 -7.72
CA ALA B 584 13.28 -55.89 -8.08
C ALA B 584 12.82 -57.15 -8.82
N ASP B 585 13.67 -57.67 -9.72
CA ASP B 585 13.32 -58.87 -10.48
C ASP B 585 13.12 -60.07 -9.58
N ALA B 586 13.98 -60.25 -8.57
CA ALA B 586 13.82 -61.38 -7.65
C ALA B 586 12.60 -61.19 -6.77
N VAL B 587 12.40 -59.98 -6.23
CA VAL B 587 11.28 -59.74 -5.34
C VAL B 587 9.95 -59.91 -6.07
N SER B 588 9.91 -59.52 -7.35
CA SER B 588 8.70 -59.68 -8.14
C SER B 588 8.36 -61.15 -8.35
N SER B 589 9.36 -61.96 -8.68
CA SER B 589 9.15 -63.39 -8.84
C SER B 589 8.64 -64.01 -7.55
N HIS B 590 9.23 -63.62 -6.42
CA HIS B 590 8.78 -64.16 -5.13
C HIS B 590 7.34 -63.76 -4.85
N PHE B 591 6.99 -62.49 -5.10
CA PHE B 591 5.63 -62.03 -4.84
C PHE B 591 4.62 -62.76 -5.70
N ARG B 592 4.94 -62.93 -6.99
CA ARG B 592 4.02 -63.65 -7.87
C ARG B 592 4.00 -65.14 -7.61
N ARG B 593 5.00 -65.67 -6.90
CA ARG B 593 4.96 -67.06 -6.45
C ARG B 593 4.12 -67.25 -5.20
N ILE B 594 4.19 -66.32 -4.24
CA ILE B 594 3.43 -66.44 -2.99
C ILE B 594 2.00 -65.95 -3.15
N GLY B 595 1.64 -65.37 -4.30
CA GLY B 595 0.28 -64.95 -4.54
C GLY B 595 -0.14 -63.67 -3.84
N GLY B 596 0.46 -62.55 -4.25
CA GLY B 596 0.09 -61.25 -3.74
C GLY B 596 0.78 -60.90 -2.44
N PRO B 597 0.72 -59.62 -2.06
CA PRO B 597 1.40 -59.18 -0.84
C PRO B 597 0.64 -59.52 0.43
N LYS B 598 -0.68 -59.61 0.33
CA LYS B 598 -1.51 -59.89 1.49
C LYS B 598 -1.31 -61.30 2.03
N ASN B 599 -0.61 -62.17 1.31
CA ASN B 599 -0.33 -63.53 1.74
C ASN B 599 1.14 -63.73 2.07
N SER B 600 1.81 -62.66 2.49
CA SER B 600 3.22 -62.71 2.84
C SER B 600 3.39 -62.72 4.36
N THR B 601 4.56 -63.18 4.80
CA THR B 601 4.86 -63.27 6.21
C THR B 601 6.24 -62.71 6.53
N SER B 602 7.09 -62.59 5.51
CA SER B 602 8.45 -62.10 5.70
C SER B 602 8.43 -60.58 5.93
N ASN B 603 9.61 -59.99 6.06
CA ASN B 603 9.70 -58.55 6.27
C ASN B 603 9.70 -57.79 4.92
N LEU B 604 10.57 -58.21 4.00
CA LEU B 604 10.65 -57.64 2.65
C LEU B 604 10.73 -56.11 2.65
N GLU B 605 11.33 -55.51 3.68
CA GLU B 605 11.44 -54.06 3.76
C GLU B 605 12.87 -53.60 4.00
N GLU B 606 13.66 -54.37 4.75
CA GLU B 606 15.05 -54.03 5.02
C GLU B 606 16.02 -54.62 4.01
N LEU B 607 15.51 -55.10 2.87
CA LEU B 607 16.38 -55.66 1.84
C LEU B 607 17.31 -54.62 1.24
N ILE B 608 16.91 -53.33 1.30
CA ILE B 608 17.70 -52.28 0.69
C ILE B 608 19.07 -52.09 1.33
N SER B 609 19.31 -52.70 2.48
CA SER B 609 20.64 -52.67 3.08
C SER B 609 21.62 -53.59 2.39
N LEU B 610 21.15 -54.49 1.51
CA LEU B 610 22.04 -55.40 0.83
C LEU B 610 22.81 -54.70 -0.30
N VAL B 611 22.31 -53.58 -0.78
CA VAL B 611 22.98 -52.81 -1.83
C VAL B 611 24.08 -51.98 -1.19
N PRO B 612 25.35 -52.25 -1.50
CA PRO B 612 26.45 -51.52 -0.86
C PRO B 612 26.45 -50.05 -1.28
N PHE B 613 26.13 -49.17 -0.32
CA PHE B 613 26.16 -47.74 -0.54
C PHE B 613 26.61 -47.08 0.75
N ASP B 614 27.54 -46.14 0.64
CA ASP B 614 27.99 -45.39 1.80
C ASP B 614 26.83 -44.59 2.39
N ASP B 615 26.99 -44.17 3.64
CA ASP B 615 25.89 -43.62 4.44
C ASP B 615 25.56 -42.18 4.08
N ALA B 616 25.99 -41.69 2.91
CA ALA B 616 25.64 -40.33 2.52
C ALA B 616 24.17 -40.22 2.12
N TYR B 617 23.72 -41.09 1.21
CA TYR B 617 22.38 -41.03 0.63
C TYR B 617 21.70 -42.39 0.69
N SER B 618 21.73 -43.05 1.86
CA SER B 618 21.06 -44.34 2.02
C SER B 618 19.60 -44.22 2.41
N GLY B 619 19.25 -43.19 3.20
CA GLY B 619 17.87 -43.03 3.62
C GLY B 619 16.94 -42.79 2.45
N SER B 620 17.38 -42.02 1.45
CA SER B 620 16.55 -41.78 0.28
C SER B 620 16.32 -43.07 -0.50
N LEU B 621 17.34 -43.91 -0.62
CA LEU B 621 17.18 -45.19 -1.31
C LEU B 621 16.21 -46.09 -0.54
N ARG B 622 16.34 -46.13 0.78
CA ARG B 622 15.41 -46.92 1.60
C ARG B 622 13.98 -46.41 1.41
N GLU B 623 13.80 -45.10 1.38
CA GLU B 623 12.47 -44.52 1.20
C GLU B 623 11.90 -44.85 -0.17
N ALA B 624 12.75 -44.83 -1.20
CA ALA B 624 12.29 -45.20 -2.54
C ALA B 624 11.85 -46.65 -2.60
N TRP B 625 12.63 -47.53 -1.98
CA TRP B 625 12.25 -48.95 -1.93
C TRP B 625 10.93 -49.13 -1.18
N LYS B 626 10.75 -48.38 -0.08
CA LYS B 626 9.49 -48.46 0.65
C LYS B 626 8.32 -47.97 -0.19
N GLN B 627 8.52 -46.89 -0.95
CA GLN B 627 7.46 -46.39 -1.81
C GLN B 627 7.10 -47.41 -2.89
N TRP B 628 8.11 -48.10 -3.42
CA TRP B 628 7.83 -49.17 -4.38
C TRP B 628 7.01 -50.29 -3.75
N LEU B 629 7.39 -50.68 -2.53
CA LEU B 629 6.63 -51.69 -1.80
C LEU B 629 5.18 -51.27 -1.63
N MET B 630 4.96 -50.01 -1.27
CA MET B 630 3.59 -49.53 -1.08
C MET B 630 2.83 -49.49 -2.39
N ALA B 631 3.49 -49.10 -3.48
CA ALA B 631 2.85 -49.15 -4.79
C ALA B 631 2.43 -50.56 -5.14
N TRP B 632 3.25 -51.55 -4.79
CA TRP B 632 2.87 -52.94 -5.04
C TRP B 632 1.67 -53.35 -4.20
N THR B 633 1.74 -53.11 -2.89
CA THR B 633 0.62 -53.50 -2.03
C THR B 633 -0.66 -52.74 -2.38
N ALA B 634 -0.55 -51.62 -3.11
CA ALA B 634 -1.73 -50.89 -3.56
C ALA B 634 -2.28 -51.47 -4.85
N LYS B 635 -1.42 -51.76 -5.83
CA LYS B 635 -1.90 -52.18 -7.14
C LYS B 635 -2.37 -53.64 -7.17
N GLU B 636 -2.56 -54.32 -6.05
CA GLU B 636 -3.03 -55.70 -6.06
C GLU B 636 -4.53 -55.73 -6.38
N SER B 637 -4.99 -56.90 -6.84
CA SER B 637 -6.40 -57.14 -7.15
C SER B 637 -6.87 -56.32 -8.34
N SER B 638 -5.96 -56.04 -9.28
CA SER B 638 -6.30 -55.35 -10.52
C SER B 638 -5.43 -55.92 -11.63
N GLN B 639 -5.71 -55.50 -12.86
CA GLN B 639 -4.98 -56.00 -14.02
C GLN B 639 -3.84 -55.09 -14.44
N GLU B 640 -3.61 -53.99 -13.72
CA GLU B 640 -2.52 -53.08 -14.07
C GLU B 640 -1.18 -53.65 -13.64
N SER B 641 -0.22 -53.64 -14.56
CA SER B 641 1.10 -54.16 -14.29
C SER B 641 1.87 -53.22 -13.36
N ILE B 642 3.11 -53.56 -13.08
CA ILE B 642 3.92 -52.79 -12.13
C ILE B 642 5.25 -52.42 -12.78
N GLU B 643 5.33 -52.53 -14.10
CA GLU B 643 6.56 -52.17 -14.79
C GLU B 643 6.79 -50.66 -14.76
N GLY B 644 5.73 -49.87 -14.79
CA GLY B 644 5.88 -48.42 -14.70
C GLY B 644 6.54 -48.00 -13.40
N ASP B 645 6.04 -48.52 -12.27
CA ASP B 645 6.62 -48.17 -10.99
C ASP B 645 8.03 -48.72 -10.86
N THR B 646 8.32 -49.86 -11.49
CA THR B 646 9.68 -50.38 -11.51
C THR B 646 10.62 -49.41 -12.22
N ALA B 647 10.20 -48.91 -13.38
CA ALA B 647 11.03 -47.96 -14.11
C ALA B 647 11.20 -46.66 -13.33
N ILE B 648 10.14 -46.21 -12.64
CA ILE B 648 10.25 -44.99 -11.86
C ILE B 648 11.21 -45.17 -10.69
N LEU B 649 11.16 -46.35 -10.05
CA LEU B 649 12.11 -46.65 -8.99
C LEU B 649 13.53 -46.69 -9.53
N LEU B 650 13.73 -47.27 -10.71
CA LEU B 650 15.06 -47.31 -11.31
C LEU B 650 15.58 -45.91 -11.57
N VAL B 651 14.72 -45.03 -12.09
CA VAL B 651 15.14 -43.67 -12.39
C VAL B 651 15.48 -42.92 -11.11
N ARG B 652 14.65 -43.08 -10.07
CA ARG B 652 14.93 -42.42 -8.79
C ARG B 652 16.24 -42.94 -8.21
N ALA B 653 16.51 -44.24 -8.32
CA ALA B 653 17.74 -44.80 -7.81
C ALA B 653 18.96 -44.27 -8.57
N ILE B 654 18.85 -44.19 -9.89
CA ILE B 654 19.94 -43.62 -10.68
C ILE B 654 20.20 -42.18 -10.27
N GLU B 655 19.13 -41.41 -10.06
CA GLU B 655 19.31 -40.02 -9.66
C GLU B 655 19.94 -39.90 -8.28
N ILE B 656 19.59 -40.82 -7.36
CA ILE B 656 20.21 -40.79 -6.04
C ILE B 656 21.70 -41.13 -6.15
N PHE B 657 22.03 -42.17 -6.91
CA PHE B 657 23.42 -42.60 -7.02
C PHE B 657 24.27 -41.55 -7.73
N GLY B 658 23.69 -40.82 -8.69
CA GLY B 658 24.45 -39.81 -9.40
C GLY B 658 24.87 -38.66 -8.51
N GLY B 659 24.17 -38.46 -7.39
CA GLY B 659 24.49 -37.38 -6.50
C GLY B 659 23.98 -36.01 -6.92
N ARG B 660 23.07 -35.96 -7.89
CA ARG B 660 22.53 -34.70 -8.38
C ARG B 660 21.02 -34.72 -8.25
N HIS B 661 20.45 -33.53 -8.05
CA HIS B 661 19.01 -33.36 -7.95
C HIS B 661 18.69 -31.91 -8.29
N VAL B 662 17.39 -31.60 -8.32
CA VAL B 662 16.96 -30.23 -8.62
C VAL B 662 17.41 -29.33 -7.48
N LEU B 663 18.41 -28.48 -7.75
CA LEU B 663 18.96 -27.62 -6.71
C LEU B 663 17.93 -26.64 -6.19
N THR B 664 17.48 -25.72 -7.05
CA THR B 664 16.44 -24.77 -6.71
C THR B 664 15.84 -24.25 -8.02
N GLY B 665 14.52 -24.06 -8.01
CA GLY B 665 13.85 -23.61 -9.22
C GLY B 665 12.39 -23.32 -8.94
N GLN B 666 11.73 -22.78 -9.94
CA GLN B 666 10.33 -22.40 -9.86
C GLN B 666 9.45 -23.57 -10.28
N ARG B 667 8.16 -23.28 -10.46
CA ARG B 667 7.19 -24.33 -10.72
C ARG B 667 7.37 -25.06 -12.05
N PRO B 668 7.76 -24.41 -13.16
CA PRO B 668 7.95 -25.17 -14.41
C PRO B 668 8.85 -26.39 -14.27
N ASP B 669 9.87 -26.35 -13.41
CA ASP B 669 10.70 -27.54 -13.20
C ASP B 669 9.88 -28.67 -12.57
N LEU B 670 9.07 -28.33 -11.57
CA LEU B 670 8.19 -29.32 -10.95
C LEU B 670 7.27 -29.95 -12.00
N TRP B 671 6.65 -29.13 -12.83
CA TRP B 671 5.73 -29.65 -13.83
C TRP B 671 6.45 -30.51 -14.86
N GLU B 672 7.66 -30.10 -15.25
CA GLU B 672 8.45 -30.88 -16.19
C GLU B 672 8.76 -32.27 -15.63
N TYR B 673 9.22 -32.31 -14.37
CA TYR B 673 9.57 -33.58 -13.76
C TYR B 673 8.35 -34.48 -13.63
N SER B 674 7.23 -33.92 -13.19
CA SER B 674 6.01 -34.72 -13.05
C SER B 674 5.57 -35.28 -14.39
N GLN B 675 5.60 -34.45 -15.45
CA GLN B 675 5.20 -34.93 -16.76
C GLN B 675 6.12 -36.03 -17.26
N LEU B 676 7.43 -35.87 -17.04
CA LEU B 676 8.38 -36.90 -17.46
C LEU B 676 8.08 -38.23 -16.77
N GLU B 677 7.86 -38.19 -15.46
CA GLU B 677 7.61 -39.44 -14.74
C GLU B 677 6.32 -40.10 -15.19
N GLN B 678 5.25 -39.31 -15.37
CA GLN B 678 3.99 -39.88 -15.82
C GLN B 678 4.12 -40.51 -17.21
N LEU B 679 4.84 -39.82 -18.11
CA LEU B 679 5.06 -40.37 -19.44
C LEU B 679 5.81 -41.70 -19.38
N THR B 680 6.87 -41.76 -18.57
CA THR B 680 7.64 -43.00 -18.46
C THR B 680 6.76 -44.13 -17.94
N SER B 681 5.98 -43.87 -16.89
CA SER B 681 5.11 -44.92 -16.34
C SER B 681 4.11 -45.41 -17.37
N SER B 682 3.46 -44.49 -18.08
CA SER B 682 2.47 -44.88 -19.08
C SER B 682 3.10 -45.72 -20.19
N ILE B 683 4.28 -45.32 -20.66
CA ILE B 683 4.94 -46.05 -21.73
C ILE B 683 5.29 -47.46 -21.27
N CYS B 684 5.84 -47.59 -20.06
CA CYS B 684 6.20 -48.92 -19.57
C CYS B 684 4.96 -49.81 -19.42
N CYS B 685 3.84 -49.23 -18.95
CA CYS B 685 2.63 -50.03 -18.81
C CYS B 685 2.11 -50.50 -20.17
N LYS B 686 2.07 -49.60 -21.15
CA LYS B 686 1.64 -50.00 -22.49
C LYS B 686 2.52 -51.10 -23.05
N LEU B 687 3.84 -50.97 -22.89
CA LEU B 687 4.74 -51.99 -23.43
C LEU B 687 4.54 -53.33 -22.73
N SER B 688 4.34 -53.31 -21.42
CA SER B 688 4.08 -54.55 -20.69
C SER B 688 2.82 -55.23 -21.18
N ARG B 689 1.74 -54.45 -21.36
CA ARG B 689 0.50 -55.04 -21.85
C ARG B 689 0.68 -55.63 -23.24
N ARG B 690 1.41 -54.94 -24.11
CA ARG B 690 1.64 -55.45 -25.46
C ARG B 690 2.41 -56.77 -25.42
N VAL B 691 3.55 -56.78 -24.72
CA VAL B 691 4.38 -57.99 -24.72
C VAL B 691 3.65 -59.14 -24.06
N LEU B 692 2.76 -58.87 -23.10
CA LEU B 692 1.95 -59.93 -22.54
C LEU B 692 0.95 -60.47 -23.57
N ALA B 693 0.19 -59.57 -24.20
CA ALA B 693 -0.86 -59.99 -25.11
C ALA B 693 -0.34 -60.50 -26.45
N GLN B 694 0.97 -60.42 -26.70
CA GLN B 694 1.49 -60.90 -27.97
C GLN B 694 1.60 -62.43 -28.01
N GLU B 695 2.03 -63.04 -26.89
CA GLU B 695 2.30 -64.47 -26.89
C GLU B 695 1.04 -65.33 -26.98
N ASN B 696 -0.14 -64.74 -26.77
CA ASN B 696 -1.38 -65.50 -26.82
C ASN B 696 -1.87 -65.75 -28.24
N GLY B 697 -1.08 -65.44 -29.26
CA GLY B 697 -1.48 -65.64 -30.64
C GLY B 697 -2.70 -64.83 -31.02
N GLU B 698 -2.59 -63.52 -30.91
CA GLU B 698 -3.70 -62.61 -31.17
C GLU B 698 -3.57 -61.99 -32.56
N SER B 699 -4.61 -61.24 -32.93
CA SER B 699 -4.67 -60.64 -34.26
C SER B 699 -3.59 -59.57 -34.43
N THR B 700 -3.46 -59.10 -35.68
CA THR B 700 -2.41 -58.15 -36.02
C THR B 700 -2.79 -56.74 -35.61
N GLU B 701 -3.98 -56.29 -36.05
CA GLU B 701 -4.41 -54.92 -35.77
C GLU B 701 -4.51 -54.64 -34.27
N LYS B 702 -4.88 -55.66 -33.49
CA LYS B 702 -4.94 -55.47 -32.04
C LYS B 702 -3.57 -55.20 -31.44
N VAL B 703 -2.50 -55.53 -32.18
CA VAL B 703 -1.16 -55.20 -31.73
C VAL B 703 -0.70 -53.88 -32.34
N GLU B 704 -1.10 -53.62 -33.59
CA GLU B 704 -0.76 -52.35 -34.22
C GLU B 704 -1.38 -51.16 -33.48
N GLU B 705 -2.53 -51.37 -32.83
CA GLU B 705 -3.10 -50.29 -32.02
C GLU B 705 -2.17 -49.90 -30.88
N ILE B 706 -1.71 -50.89 -30.11
CA ILE B 706 -0.78 -50.61 -29.01
C ILE B 706 0.52 -50.03 -29.55
N ASP B 707 0.93 -50.49 -30.73
CA ASP B 707 2.16 -49.96 -31.34
C ASP B 707 2.01 -48.47 -31.66
N GLN B 708 0.87 -48.09 -32.26
CA GLN B 708 0.63 -46.67 -32.53
C GLN B 708 0.58 -45.86 -31.24
N GLN B 709 -0.06 -46.41 -30.21
CA GLN B 709 -0.14 -45.67 -28.94
C GLN B 709 1.26 -45.44 -28.35
N VAL B 710 2.06 -46.50 -28.25
CA VAL B 710 3.40 -46.35 -27.69
C VAL B 710 4.27 -45.48 -28.58
N ASP B 711 3.98 -45.45 -29.88
CA ASP B 711 4.73 -44.59 -30.78
C ASP B 711 4.43 -43.13 -30.54
N LEU B 712 3.15 -42.78 -30.39
CA LEU B 712 2.80 -41.40 -30.05
C LEU B 712 3.41 -41.00 -28.72
N GLU B 713 3.36 -41.91 -27.73
CA GLU B 713 3.94 -41.59 -26.42
C GLU B 713 5.44 -41.38 -26.53
N MET B 714 6.13 -42.21 -27.32
CA MET B 714 7.56 -42.07 -27.51
C MET B 714 7.90 -40.77 -28.22
N GLN B 715 7.08 -40.37 -29.20
CA GLN B 715 7.30 -39.09 -29.87
C GLN B 715 7.21 -37.93 -28.89
N GLU B 716 6.16 -37.94 -28.06
CA GLU B 716 6.03 -36.86 -27.08
C GLU B 716 7.21 -36.85 -26.09
N LEU B 717 7.64 -38.03 -25.66
CA LEU B 717 8.78 -38.10 -24.74
C LEU B 717 10.06 -37.59 -25.41
N THR B 718 10.26 -37.93 -26.68
CA THR B 718 11.43 -37.45 -27.40
C THR B 718 11.42 -35.93 -27.51
N ARG B 719 10.24 -35.35 -27.78
CA ARG B 719 10.15 -33.89 -27.80
C ARG B 719 10.51 -33.31 -26.44
N ARG B 720 9.96 -33.88 -25.37
CA ARG B 720 10.23 -33.34 -24.04
C ARG B 720 11.69 -33.48 -23.65
N VAL B 721 12.38 -34.48 -24.20
CA VAL B 721 13.75 -34.75 -23.76
C VAL B 721 14.77 -33.98 -24.59
N LEU B 722 14.66 -34.01 -25.92
CA LEU B 722 15.71 -33.51 -26.79
C LEU B 722 15.74 -31.99 -26.93
N GLN B 723 14.64 -31.31 -26.63
CA GLN B 723 14.60 -29.86 -26.79
C GLN B 723 15.43 -29.21 -25.67
N GLY B 724 16.69 -28.92 -25.97
CA GLY B 724 17.64 -28.42 -24.99
C GLY B 724 17.36 -27.04 -24.43
N CYS B 725 16.22 -26.44 -24.75
CA CYS B 725 15.86 -25.14 -24.22
C CYS B 725 15.05 -25.23 -22.93
N SER B 726 15.07 -26.37 -22.26
CA SER B 726 14.35 -26.52 -21.00
C SER B 726 15.13 -25.88 -19.85
N ALA B 727 14.60 -26.03 -18.65
CA ALA B 727 15.17 -25.40 -17.47
C ALA B 727 16.03 -26.33 -16.62
N ILE B 728 15.72 -27.63 -16.61
CA ILE B 728 16.50 -28.58 -15.82
C ILE B 728 17.73 -28.99 -16.61
N ASN B 729 18.68 -29.64 -15.94
CA ASN B 729 19.91 -30.06 -16.59
C ASN B 729 19.64 -31.20 -17.57
N ARG B 730 20.71 -31.64 -18.24
CA ARG B 730 20.59 -32.61 -19.32
C ARG B 730 20.66 -34.05 -18.86
N LEU B 731 21.40 -34.33 -17.78
CA LEU B 731 21.66 -35.71 -17.40
C LEU B 731 20.40 -36.44 -16.93
N THR B 732 19.49 -35.74 -16.24
CA THR B 732 18.27 -36.39 -15.78
C THR B 732 17.39 -36.80 -16.96
N ARG B 733 17.20 -35.88 -17.91
CA ARG B 733 16.46 -36.21 -19.12
C ARG B 733 17.12 -37.35 -19.87
N GLU B 734 18.46 -37.36 -19.94
CA GLU B 734 19.16 -38.45 -20.60
C GLU B 734 18.92 -39.78 -19.90
N THR B 735 18.89 -39.78 -18.57
CA THR B 735 18.61 -41.01 -17.84
C THR B 735 17.19 -41.50 -18.10
N PHE B 736 16.23 -40.57 -18.13
CA PHE B 736 14.86 -40.95 -18.47
C PHE B 736 14.81 -41.63 -19.84
N LEU B 737 15.42 -40.99 -20.84
CA LEU B 737 15.42 -41.54 -22.19
C LEU B 737 16.14 -42.89 -22.22
N HIS B 738 17.22 -43.03 -21.46
CA HIS B 738 17.97 -44.28 -21.44
C HIS B 738 17.12 -45.42 -20.89
N VAL B 739 16.46 -45.19 -19.75
CA VAL B 739 15.62 -46.23 -19.16
C VAL B 739 14.49 -46.62 -20.11
N VAL B 740 13.83 -45.61 -20.71
CA VAL B 740 12.70 -45.91 -21.58
C VAL B 740 13.17 -46.68 -22.82
N LYS B 741 14.31 -46.28 -23.40
CA LYS B 741 14.83 -46.97 -24.58
C LYS B 741 15.25 -48.39 -24.24
N SER B 742 15.84 -48.60 -23.05
CA SER B 742 16.21 -49.94 -22.63
C SER B 742 14.98 -50.84 -22.55
N PHE B 743 13.93 -50.36 -21.88
CA PHE B 743 12.71 -51.16 -21.78
C PHE B 743 12.13 -51.45 -23.16
N CYS B 744 12.12 -50.45 -24.04
CA CYS B 744 11.56 -50.65 -25.37
C CYS B 744 12.35 -51.67 -26.17
N TYR B 745 13.69 -51.60 -26.10
CA TYR B 745 14.51 -52.55 -26.83
C TYR B 745 14.37 -53.95 -26.27
N VAL B 746 14.20 -54.08 -24.95
CA VAL B 746 13.93 -55.39 -24.37
C VAL B 746 12.60 -55.93 -24.87
N ALA B 747 11.59 -55.08 -25.00
CA ALA B 747 10.26 -55.50 -25.40
C ALA B 747 10.11 -55.66 -26.91
N TYR B 748 11.12 -55.27 -27.70
CA TYR B 748 11.03 -55.35 -29.15
C TYR B 748 12.03 -56.30 -29.80
N CYS B 749 12.64 -57.22 -29.05
CA CYS B 749 13.63 -58.12 -29.64
C CYS B 749 13.51 -59.51 -29.03
N SER B 750 13.84 -60.51 -29.83
CA SER B 750 13.89 -61.88 -29.36
C SER B 750 15.12 -62.09 -28.48
N PRO B 751 15.06 -63.03 -27.53
CA PRO B 751 16.24 -63.26 -26.68
C PRO B 751 17.44 -63.81 -27.41
N GLU B 752 17.23 -64.51 -28.53
CA GLU B 752 18.36 -65.06 -29.27
C GLU B 752 19.24 -63.96 -29.85
N THR B 753 18.62 -62.99 -30.54
CA THR B 753 19.38 -61.86 -31.07
C THR B 753 20.01 -61.06 -29.95
N ILE B 754 19.36 -60.98 -28.79
CA ILE B 754 19.93 -60.26 -27.67
C ILE B 754 21.19 -60.95 -27.16
N ASP B 755 21.13 -62.28 -27.02
CA ASP B 755 22.32 -63.01 -26.60
C ASP B 755 23.43 -62.90 -27.64
N SER B 756 23.07 -62.91 -28.92
CA SER B 756 24.07 -62.72 -29.97
C SER B 756 24.72 -61.35 -29.86
N HIS B 757 23.92 -60.31 -29.58
CA HIS B 757 24.48 -58.98 -29.41
C HIS B 757 25.40 -58.92 -28.20
N ILE B 758 25.01 -59.56 -27.11
CA ILE B 758 25.85 -59.58 -25.92
C ILE B 758 27.18 -60.27 -26.23
N ASP B 759 27.13 -61.37 -26.97
CA ASP B 759 28.36 -62.07 -27.35
C ASP B 759 29.22 -61.20 -28.26
N LYS B 760 28.59 -60.45 -29.16
CA LYS B 760 29.36 -59.64 -30.11
C LYS B 760 29.98 -58.42 -29.45
N VAL B 761 29.33 -57.86 -28.44
CA VAL B 761 29.80 -56.62 -27.84
C VAL B 761 30.83 -56.88 -26.74
N ILE B 762 30.54 -57.82 -25.85
CA ILE B 762 31.38 -58.02 -24.66
C ILE B 762 32.42 -59.09 -24.89
N PHE B 763 32.05 -60.17 -25.57
CA PHE B 763 32.95 -61.31 -25.68
C PHE B 763 33.95 -61.16 -26.82
N GLN B 764 33.45 -60.97 -28.04
CA GLN B 764 34.33 -60.75 -29.18
C GLN B 764 35.03 -59.41 -29.05
N ASP B 765 36.35 -59.44 -28.88
CA ASP B 765 37.15 -58.23 -28.70
C ASP B 765 37.90 -57.90 -29.98
N VAL B 766 37.84 -56.62 -30.36
CA VAL B 766 38.55 -56.12 -31.53
C VAL B 766 40.02 -55.96 -31.18
N ILE B 767 40.86 -55.79 -32.20
CA ILE B 767 42.30 -55.65 -31.98
C ILE B 767 42.66 -54.17 -31.82
N THR C 80 -22.62 -12.03 15.84
CA THR C 80 -22.72 -13.45 15.54
C THR C 80 -21.55 -14.23 16.14
N THR C 81 -20.57 -13.49 16.66
CA THR C 81 -19.41 -14.12 17.28
C THR C 81 -19.65 -14.46 18.75
N THR C 82 -20.67 -13.86 19.38
CA THR C 82 -20.95 -14.15 20.78
C THR C 82 -21.36 -15.60 20.98
N MET C 83 -22.20 -16.13 20.08
CA MET C 83 -22.57 -17.54 20.17
C MET C 83 -21.37 -18.44 20.06
N ILE C 84 -20.47 -18.16 19.11
CA ILE C 84 -19.28 -18.99 18.93
C ILE C 84 -18.38 -18.90 20.16
N ASP C 85 -18.24 -17.71 20.73
CA ASP C 85 -17.42 -17.55 21.92
C ASP C 85 -18.01 -18.34 23.10
N GLY C 86 -19.32 -18.29 23.26
CA GLY C 86 -19.97 -19.07 24.31
C GLY C 86 -19.77 -20.56 24.10
N ILE C 87 -19.93 -21.03 22.87
CA ILE C 87 -19.73 -22.44 22.58
C ILE C 87 -18.30 -22.86 22.88
N ARG C 88 -17.34 -22.00 22.55
CA ARG C 88 -15.94 -22.32 22.79
C ARG C 88 -15.62 -22.38 24.28
N THR C 89 -16.11 -21.39 25.05
CA THR C 89 -15.81 -21.40 26.48
C THR C 89 -16.57 -22.51 27.20
N ALA C 90 -17.67 -22.99 26.62
CA ALA C 90 -18.37 -24.15 27.20
C ALA C 90 -17.64 -25.44 26.85
N LEU C 91 -17.10 -25.53 25.64
CA LEU C 91 -16.43 -26.75 25.20
C LEU C 91 -15.07 -26.93 25.85
N ARG C 92 -14.30 -25.85 26.01
CA ARG C 92 -12.96 -25.98 26.55
C ARG C 92 -12.97 -26.49 28.00
N SER C 93 -14.11 -26.38 28.68
CA SER C 93 -14.25 -26.84 30.06
C SER C 93 -14.88 -28.24 30.16
N ILE C 94 -14.61 -29.12 29.22
CA ILE C 94 -15.15 -30.48 29.28
C ILE C 94 -14.69 -31.17 30.55
N GLY C 95 -15.63 -31.83 31.22
CA GLY C 95 -15.32 -32.54 32.45
C GLY C 95 -15.41 -34.04 32.28
N GLU C 96 -16.21 -34.69 33.12
CA GLU C 96 -16.38 -36.14 33.08
C GLU C 96 -17.79 -36.53 32.66
N GLY C 97 -18.44 -35.71 31.84
CA GLY C 97 -19.73 -36.05 31.29
C GLY C 97 -20.90 -35.47 32.05
N GLU C 98 -21.54 -34.46 31.48
CA GLU C 98 -22.74 -33.88 32.07
C GLU C 98 -23.97 -34.61 31.57
N ILE C 99 -24.90 -34.89 32.48
CA ILE C 99 -26.07 -35.69 32.15
C ILE C 99 -27.17 -35.34 33.15
N SER C 100 -28.42 -35.39 32.67
CA SER C 100 -29.56 -35.06 33.52
C SER C 100 -29.67 -36.04 34.69
N ILE C 101 -30.33 -35.58 35.74
CA ILE C 101 -30.49 -36.36 36.97
C ILE C 101 -31.70 -37.27 36.85
N SER C 102 -31.65 -38.40 37.55
CA SER C 102 -32.65 -39.46 37.45
C SER C 102 -33.36 -39.60 38.79
N ALA C 103 -34.66 -39.33 38.82
CA ALA C 103 -35.43 -39.44 40.06
C ALA C 103 -35.56 -40.90 40.50
N TYR C 104 -35.67 -41.82 39.56
CA TYR C 104 -35.80 -43.24 39.89
C TYR C 104 -34.61 -43.71 40.73
N ASP C 105 -33.40 -43.59 40.17
CA ASP C 105 -32.23 -44.05 40.88
C ASP C 105 -31.94 -43.19 42.11
N THR C 106 -32.37 -41.93 42.09
CA THR C 106 -32.25 -41.09 43.28
C THR C 106 -33.04 -41.68 44.45
N SER C 107 -34.31 -41.99 44.22
CA SER C 107 -35.13 -42.59 45.26
C SER C 107 -34.59 -43.97 45.64
N LEU C 108 -34.06 -44.71 44.67
CA LEU C 108 -33.58 -46.06 44.98
C LEU C 108 -32.28 -46.04 45.78
N VAL C 109 -31.47 -45.00 45.64
CA VAL C 109 -30.23 -44.95 46.40
C VAL C 109 -30.45 -44.27 47.74
N ALA C 110 -31.44 -43.38 47.84
CA ALA C 110 -31.77 -42.79 49.13
C ALA C 110 -32.41 -43.79 50.07
N LEU C 111 -32.76 -44.98 49.58
CA LEU C 111 -33.38 -46.02 50.40
C LEU C 111 -32.39 -46.60 51.43
N LEU C 112 -31.09 -46.41 51.23
CA LEU C 112 -30.10 -46.99 52.12
C LEU C 112 -30.24 -46.45 53.53
N LYS C 113 -29.95 -47.30 54.51
CA LYS C 113 -30.00 -46.94 55.92
C LYS C 113 -28.59 -46.65 56.41
N ARG C 114 -28.47 -45.78 57.40
CA ARG C 114 -27.16 -45.37 57.90
C ARG C 114 -26.47 -46.52 58.62
N LEU C 115 -25.13 -46.47 58.65
CA LEU C 115 -24.35 -47.43 59.40
C LEU C 115 -24.03 -46.96 60.81
N ASP C 116 -24.12 -45.66 61.07
CA ASP C 116 -23.84 -45.10 62.39
C ASP C 116 -25.05 -45.17 63.33
N GLY C 117 -26.14 -45.79 62.89
CA GLY C 117 -27.33 -45.91 63.72
C GLY C 117 -28.19 -44.67 63.80
N GLY C 118 -28.06 -43.75 62.84
CA GLY C 118 -28.87 -42.55 62.85
C GLY C 118 -30.34 -42.84 62.62
N ASP C 119 -31.14 -41.77 62.73
CA ASP C 119 -32.58 -41.87 62.55
C ASP C 119 -33.01 -41.55 61.12
N GLY C 120 -32.14 -40.91 60.33
CA GLY C 120 -32.47 -40.52 58.99
C GLY C 120 -31.67 -41.26 57.94
N PRO C 121 -31.64 -40.72 56.72
CA PRO C 121 -30.93 -41.40 55.64
C PRO C 121 -29.44 -41.06 55.58
N GLN C 122 -28.74 -41.64 54.62
CA GLN C 122 -27.32 -41.33 54.42
C GLN C 122 -27.13 -39.95 53.80
N PHE C 123 -27.94 -39.61 52.79
CA PHE C 123 -27.85 -38.32 52.10
C PHE C 123 -29.22 -37.64 52.14
N PRO C 124 -29.45 -36.75 53.09
CA PRO C 124 -30.78 -36.12 53.20
C PRO C 124 -31.06 -35.13 52.08
N SER C 125 -30.03 -34.59 51.42
CA SER C 125 -30.25 -33.68 50.31
C SER C 125 -31.03 -34.34 49.18
N THR C 126 -30.84 -35.65 48.99
CA THR C 126 -31.63 -36.37 48.00
C THR C 126 -33.12 -36.31 48.33
N ILE C 127 -33.47 -36.62 49.58
CA ILE C 127 -34.87 -36.52 50.01
C ILE C 127 -35.39 -35.10 49.85
N ASP C 128 -34.54 -34.11 50.17
CA ASP C 128 -34.97 -32.73 50.04
C ASP C 128 -35.23 -32.37 48.58
N TRP C 129 -34.48 -32.97 47.66
CA TRP C 129 -34.73 -32.74 46.25
C TRP C 129 -35.98 -33.47 45.77
N ILE C 130 -36.25 -34.66 46.30
CA ILE C 130 -37.39 -35.46 45.85
C ILE C 130 -38.68 -34.70 46.05
N VAL C 131 -38.87 -34.09 47.22
CA VAL C 131 -40.11 -33.40 47.55
C VAL C 131 -40.25 -32.11 46.75
N GLN C 132 -39.25 -31.81 45.92
CA GLN C 132 -39.25 -30.60 45.09
C GLN C 132 -39.66 -30.87 43.66
N ASN C 133 -39.01 -31.82 42.98
CA ASN C 133 -39.28 -32.10 41.57
C ASN C 133 -40.56 -32.93 41.45
N GLN C 134 -41.68 -32.22 41.55
CA GLN C 134 -43.01 -32.83 41.45
C GLN C 134 -43.79 -32.14 40.34
N LEU C 135 -44.19 -32.91 39.33
CA LEU C 135 -44.95 -32.35 38.23
C LEU C 135 -46.38 -32.03 38.66
N PRO C 136 -47.04 -31.09 37.99
CA PRO C 136 -48.43 -30.78 38.34
C PRO C 136 -49.38 -31.94 38.15
N ASP C 137 -49.00 -32.94 37.36
CA ASP C 137 -49.81 -34.14 37.16
C ASP C 137 -49.69 -35.11 38.33
N GLY C 138 -48.98 -34.73 39.38
CA GLY C 138 -48.81 -35.59 40.54
C GLY C 138 -47.94 -36.81 40.32
N SER C 139 -47.28 -36.90 39.16
CA SER C 139 -46.42 -38.02 38.84
C SER C 139 -44.98 -37.55 38.68
N TRP C 140 -44.09 -38.46 38.33
CA TRP C 140 -42.66 -38.20 38.19
C TRP C 140 -42.20 -38.59 36.80
N GLY C 141 -40.90 -38.44 36.56
CA GLY C 141 -40.33 -38.80 35.27
C GLY C 141 -39.73 -37.63 34.53
N ASP C 142 -39.98 -37.56 33.21
CA ASP C 142 -39.47 -36.48 32.37
C ASP C 142 -40.46 -35.34 32.33
N ALA C 143 -39.99 -34.19 31.85
CA ALA C 143 -40.77 -32.96 31.89
C ALA C 143 -41.56 -32.67 30.63
N SER C 144 -41.02 -32.96 29.44
CA SER C 144 -41.66 -32.57 28.19
C SER C 144 -42.25 -33.76 27.45
N PHE C 145 -41.44 -34.79 27.20
CA PHE C 145 -41.90 -35.96 26.45
C PHE C 145 -42.60 -36.93 27.40
N PHE C 146 -43.85 -37.26 27.08
CA PHE C 146 -44.69 -38.08 27.94
C PHE C 146 -44.68 -39.52 27.42
N MET C 147 -44.04 -40.41 28.17
CA MET C 147 -44.03 -41.83 27.88
C MET C 147 -44.60 -42.61 29.06
N MET C 148 -45.20 -43.76 28.77
CA MET C 148 -45.86 -44.55 29.81
C MET C 148 -44.84 -45.16 30.78
N GLY C 149 -43.99 -46.04 30.26
CA GLY C 149 -43.14 -46.83 31.14
C GLY C 149 -42.21 -45.97 32.00
N ASP C 150 -41.67 -44.91 31.41
CA ASP C 150 -40.80 -44.01 32.16
C ASP C 150 -41.49 -43.47 33.39
N ARG C 151 -42.65 -42.82 33.21
CA ARG C 151 -43.35 -42.20 34.33
C ARG C 151 -43.84 -43.25 35.32
N ILE C 152 -44.32 -44.39 34.82
CA ILE C 152 -44.78 -45.45 35.72
C ILE C 152 -43.64 -45.91 36.64
N MET C 153 -42.52 -46.33 36.03
CA MET C 153 -41.39 -46.81 36.83
C MET C 153 -40.90 -45.75 37.78
N SER C 154 -40.74 -44.51 37.30
CA SER C 154 -40.21 -43.44 38.14
C SER C 154 -41.12 -43.18 39.34
N THR C 155 -42.41 -42.95 39.09
CA THR C 155 -43.34 -42.64 40.16
C THR C 155 -43.43 -43.79 41.16
N LEU C 156 -43.50 -45.03 40.66
CA LEU C 156 -43.65 -46.17 41.55
C LEU C 156 -42.42 -46.35 42.43
N ALA C 157 -41.23 -46.33 41.81
CA ALA C 157 -40.01 -46.52 42.60
C ALA C 157 -39.67 -45.32 43.46
N CYS C 158 -40.28 -44.15 43.20
CA CYS C 158 -40.12 -43.02 44.09
C CYS C 158 -41.05 -43.12 45.29
N VAL C 159 -42.32 -43.47 45.07
CA VAL C 159 -43.26 -43.57 46.18
C VAL C 159 -42.94 -44.75 47.08
N VAL C 160 -42.47 -45.87 46.51
CA VAL C 160 -42.23 -47.07 47.31
C VAL C 160 -41.06 -46.86 48.25
N ALA C 161 -40.26 -45.80 48.03
CA ALA C 161 -39.18 -45.47 48.94
C ALA C 161 -39.45 -44.22 49.77
N LEU C 162 -40.29 -43.32 49.28
CA LEU C 162 -40.63 -42.14 50.08
C LEU C 162 -41.65 -42.47 51.16
N LYS C 163 -42.74 -43.17 50.80
CA LYS C 163 -43.76 -43.52 51.77
C LYS C 163 -43.22 -44.48 52.84
N SER C 164 -42.16 -45.22 52.52
CA SER C 164 -41.56 -46.14 53.49
C SER C 164 -40.93 -45.42 54.68
N TRP C 165 -40.75 -44.10 54.61
CA TRP C 165 -40.15 -43.35 55.71
C TRP C 165 -41.07 -42.26 56.24
N ASN C 166 -42.38 -42.34 55.99
CA ASN C 166 -43.40 -41.54 56.65
C ASN C 166 -43.16 -40.04 56.44
N ILE C 167 -43.31 -39.62 55.19
CA ILE C 167 -43.17 -38.21 54.83
C ILE C 167 -44.23 -37.87 53.79
N HIS C 168 -45.19 -37.02 54.17
CA HIS C 168 -46.14 -36.40 53.24
C HIS C 168 -46.93 -37.45 52.46
N THR C 169 -47.75 -38.19 53.21
CA THR C 169 -48.57 -39.24 52.62
C THR C 169 -49.57 -38.71 51.59
N ASP C 170 -49.83 -37.39 51.57
CA ASP C 170 -50.80 -36.85 50.64
C ASP C 170 -50.37 -37.03 49.19
N LYS C 171 -49.17 -36.58 48.85
CA LYS C 171 -48.68 -36.74 47.49
C LYS C 171 -48.45 -38.21 47.13
N CYS C 172 -48.08 -39.02 48.11
CA CYS C 172 -47.96 -40.46 47.87
C CYS C 172 -49.31 -41.05 47.45
N GLU C 173 -50.37 -40.75 48.20
CA GLU C 173 -51.70 -41.22 47.84
C GLU C 173 -52.13 -40.66 46.49
N ARG C 174 -51.77 -39.41 46.19
CA ARG C 174 -52.08 -38.83 44.89
C ARG C 174 -51.42 -39.63 43.76
N GLY C 175 -50.16 -39.98 43.94
CA GLY C 175 -49.48 -40.80 42.95
C GLY C 175 -50.09 -42.18 42.83
N LEU C 176 -50.54 -42.74 43.97
CA LEU C 176 -51.24 -44.02 43.93
C LEU C 176 -52.50 -43.93 43.08
N LEU C 177 -53.30 -42.88 43.28
CA LEU C 177 -54.47 -42.67 42.45
C LEU C 177 -54.10 -42.54 40.98
N PHE C 178 -53.05 -41.76 40.69
CA PHE C 178 -52.57 -41.59 39.32
C PHE C 178 -52.27 -42.94 38.67
N ILE C 179 -51.45 -43.75 39.34
CA ILE C 179 -51.03 -45.03 38.78
C ILE C 179 -52.23 -45.96 38.61
N GLN C 180 -53.04 -46.10 39.65
CA GLN C 180 -54.17 -47.02 39.58
C GLN C 180 -55.19 -46.56 38.53
N GLU C 181 -55.22 -45.27 38.24
CA GLU C 181 -56.15 -44.75 37.25
C GLU C 181 -55.66 -44.96 35.83
N ASN C 182 -54.36 -44.78 35.56
CA ASN C 182 -53.89 -44.83 34.18
C ASN C 182 -52.85 -45.92 33.90
N MET C 183 -52.78 -46.98 34.70
CA MET C 183 -51.92 -48.09 34.35
C MET C 183 -52.41 -48.88 33.14
N TRP C 184 -53.61 -48.57 32.61
CA TRP C 184 -54.15 -49.28 31.46
C TRP C 184 -53.35 -49.05 30.19
N ARG C 185 -52.56 -47.98 30.13
CA ARG C 185 -51.88 -47.61 28.89
C ARG C 185 -50.66 -48.47 28.61
N LEU C 186 -50.25 -49.32 29.56
CA LEU C 186 -49.04 -50.11 29.36
C LEU C 186 -49.25 -51.23 28.36
N ALA C 187 -50.47 -51.72 28.21
CA ALA C 187 -50.73 -52.88 27.36
C ALA C 187 -50.72 -52.55 25.87
N HIS C 188 -50.55 -51.31 25.43
CA HIS C 188 -50.51 -51.02 24.00
C HIS C 188 -49.39 -50.04 23.63
N GLU C 189 -48.43 -49.80 24.51
CA GLU C 189 -47.34 -48.89 24.20
C GLU C 189 -46.41 -49.51 23.16
N GLU C 190 -45.52 -48.69 22.61
CA GLU C 190 -44.58 -49.12 21.59
C GLU C 190 -43.72 -50.26 22.10
N GLU C 191 -43.30 -51.12 21.17
CA GLU C 191 -42.60 -52.35 21.51
C GLU C 191 -41.09 -52.25 21.36
N ASP C 192 -40.58 -51.36 20.49
CA ASP C 192 -39.14 -51.29 20.28
C ASP C 192 -38.47 -50.42 21.32
N TRP C 193 -39.24 -49.62 22.06
CA TRP C 193 -38.69 -48.68 23.03
C TRP C 193 -38.72 -49.24 24.44
N MET C 194 -38.56 -50.55 24.60
CA MET C 194 -38.45 -51.15 25.92
C MET C 194 -37.17 -50.67 26.59
N LEU C 195 -37.31 -50.06 27.77
CA LEU C 195 -36.17 -49.46 28.45
C LEU C 195 -35.16 -50.53 28.86
N VAL C 196 -33.92 -50.09 29.10
CA VAL C 196 -32.86 -51.01 29.50
C VAL C 196 -33.15 -51.54 30.89
N GLY C 197 -33.10 -52.86 31.03
CA GLY C 197 -33.32 -53.50 32.32
C GLY C 197 -34.77 -53.52 32.77
N PHE C 198 -35.61 -52.71 32.12
CA PHE C 198 -37.03 -52.57 32.43
C PHE C 198 -37.71 -53.92 32.66
N GLU C 199 -37.49 -54.87 31.75
CA GLU C 199 -38.07 -56.19 31.87
C GLU C 199 -37.70 -56.88 33.18
N ILE C 200 -36.54 -56.56 33.74
CA ILE C 200 -36.11 -57.13 35.01
C ILE C 200 -36.46 -56.21 36.17
N ALA C 201 -36.35 -54.90 35.96
CA ALA C 201 -36.56 -53.95 37.06
C ALA C 201 -38.01 -53.84 37.46
N LEU C 202 -38.95 -54.09 36.54
CA LEU C 202 -40.36 -53.91 36.88
C LEU C 202 -40.89 -54.99 37.82
N PRO C 203 -40.71 -56.29 37.55
CA PRO C 203 -41.29 -57.29 38.46
C PRO C 203 -40.69 -57.25 39.86
N SER C 204 -39.38 -56.99 39.98
CA SER C 204 -38.78 -56.90 41.30
C SER C 204 -39.34 -55.71 42.08
N LEU C 205 -39.59 -54.60 41.39
CA LEU C 205 -40.16 -53.44 42.04
C LEU C 205 -41.60 -53.69 42.47
N LEU C 206 -42.38 -54.36 41.62
CA LEU C 206 -43.74 -54.74 42.01
C LEU C 206 -43.73 -55.66 43.21
N ASP C 207 -42.78 -56.60 43.25
CA ASP C 207 -42.65 -57.50 44.40
C ASP C 207 -42.32 -56.73 45.67
N MET C 208 -41.35 -55.81 45.60
CA MET C 208 -41.03 -54.99 46.76
C MET C 208 -42.20 -54.13 47.19
N ALA C 209 -43.04 -53.71 46.24
CA ALA C 209 -44.20 -52.90 46.56
C ALA C 209 -45.28 -53.73 47.25
N LYS C 210 -45.46 -54.98 46.83
CA LYS C 210 -46.49 -55.83 47.40
C LYS C 210 -46.29 -56.07 48.89
N ASP C 211 -45.05 -56.36 49.32
CA ASP C 211 -44.78 -56.57 50.74
C ASP C 211 -44.78 -55.27 51.54
N LEU C 212 -45.08 -54.15 50.91
CA LEU C 212 -45.20 -52.85 51.57
C LEU C 212 -46.68 -52.44 51.56
N ASP C 213 -47.01 -51.44 52.38
CA ASP C 213 -48.40 -51.01 52.49
C ASP C 213 -48.86 -50.27 51.24
N LEU C 214 -49.19 -51.01 50.19
CA LEU C 214 -49.61 -50.42 48.93
C LEU C 214 -50.79 -51.21 48.38
N ASP C 215 -51.39 -50.68 47.32
CA ASP C 215 -52.50 -51.33 46.64
C ASP C 215 -52.47 -50.92 45.17
N ILE C 216 -52.10 -51.87 44.30
CA ILE C 216 -51.93 -51.59 42.88
C ILE C 216 -52.56 -52.71 42.07
N PRO C 217 -53.25 -52.40 40.95
CA PRO C 217 -53.82 -53.47 40.11
C PRO C 217 -52.73 -54.28 39.43
N TYR C 218 -52.14 -55.23 40.18
CA TYR C 218 -51.00 -56.00 39.69
C TYR C 218 -51.33 -56.71 38.38
N ASP C 219 -52.31 -57.60 38.41
CA ASP C 219 -52.59 -58.47 37.27
C ASP C 219 -53.25 -57.68 36.14
N GLU C 220 -52.47 -57.42 35.09
CA GLU C 220 -52.94 -56.79 33.88
C GLU C 220 -52.34 -57.57 32.72
N PRO C 221 -53.10 -57.78 31.63
CA PRO C 221 -52.61 -58.64 30.55
C PRO C 221 -51.19 -58.35 30.08
N ALA C 222 -50.72 -57.10 30.19
CA ALA C 222 -49.35 -56.78 29.80
C ALA C 222 -48.32 -57.48 30.68
N LEU C 223 -48.67 -57.79 31.93
CA LEU C 223 -47.69 -58.34 32.86
C LEU C 223 -47.26 -59.75 32.47
N LYS C 224 -48.14 -60.51 31.81
CA LYS C 224 -47.76 -61.83 31.33
C LYS C 224 -46.64 -61.74 30.30
N ALA C 225 -46.77 -60.79 29.35
CA ALA C 225 -45.71 -60.59 28.37
C ALA C 225 -44.46 -60.03 29.01
N ILE C 226 -44.62 -59.12 29.97
CA ILE C 226 -43.47 -58.58 30.72
C ILE C 226 -42.69 -59.67 31.43
N TYR C 227 -43.38 -60.66 32.00
CA TYR C 227 -42.72 -61.80 32.62
C TYR C 227 -42.10 -62.75 31.61
N ALA C 228 -42.81 -63.03 30.50
CA ALA C 228 -42.28 -63.95 29.50
C ALA C 228 -41.01 -63.42 28.86
N GLU C 229 -40.97 -62.10 28.59
CA GLU C 229 -39.77 -61.52 27.99
C GLU C 229 -38.58 -61.58 28.95
N ARG C 230 -38.81 -61.29 30.23
CA ARG C 230 -37.72 -61.39 31.21
C ARG C 230 -37.26 -62.83 31.36
N GLU C 231 -38.19 -63.79 31.28
CA GLU C 231 -37.82 -65.19 31.35
C GLU C 231 -36.97 -65.59 30.15
N ARG C 232 -37.33 -65.11 28.96
CA ARG C 232 -36.52 -65.35 27.77
C ARG C 232 -35.12 -64.77 27.95
N LYS C 233 -35.06 -63.52 28.43
CA LYS C 233 -33.77 -62.82 28.64
C LYS C 233 -32.90 -63.56 29.68
N LEU C 234 -33.53 -64.17 30.68
CA LEU C 234 -32.77 -64.87 31.72
C LEU C 234 -32.33 -66.26 31.27
N ALA C 235 -33.18 -66.98 30.53
CA ALA C 235 -32.76 -68.23 29.94
C ALA C 235 -31.71 -68.04 28.86
N LYS C 236 -31.63 -66.84 28.29
CA LYS C 236 -30.58 -66.55 27.31
C LYS C 236 -29.19 -66.66 27.94
N ILE C 237 -28.92 -65.84 28.95
CA ILE C 237 -27.61 -65.83 29.60
C ILE C 237 -27.65 -66.74 30.83
N PRO C 238 -26.91 -67.84 30.83
CA PRO C 238 -26.87 -68.71 32.01
C PRO C 238 -26.26 -68.01 33.21
N ARG C 239 -26.56 -68.54 34.39
CA ARG C 239 -26.07 -67.92 35.63
C ARG C 239 -24.56 -68.09 35.79
N ASP C 240 -24.03 -69.27 35.49
CA ASP C 240 -22.59 -69.49 35.61
C ASP C 240 -21.79 -68.67 34.61
N VAL C 241 -22.41 -68.20 33.53
CA VAL C 241 -21.73 -67.31 32.60
C VAL C 241 -21.50 -65.94 33.23
N LEU C 242 -22.39 -65.52 34.14
CA LEU C 242 -22.22 -64.25 34.82
C LEU C 242 -20.88 -64.15 35.53
N HIS C 243 -20.37 -65.27 36.03
CA HIS C 243 -19.15 -65.30 36.83
C HIS C 243 -17.90 -65.59 36.00
N SER C 244 -17.98 -65.47 34.69
CA SER C 244 -16.83 -65.70 33.81
C SER C 244 -16.38 -64.44 33.09
N MET C 245 -17.28 -63.79 32.38
CA MET C 245 -16.99 -62.57 31.64
C MET C 245 -18.01 -61.51 32.02
N PRO C 246 -17.59 -60.24 32.10
CA PRO C 246 -18.54 -59.19 32.48
C PRO C 246 -19.54 -58.91 31.35
N THR C 247 -20.77 -59.34 31.54
CA THR C 247 -21.83 -59.14 30.55
C THR C 247 -22.58 -57.85 30.85
N THR C 248 -23.44 -57.48 29.90
CA THR C 248 -24.24 -56.26 30.07
C THR C 248 -25.35 -56.43 31.09
N LEU C 249 -25.56 -57.65 31.58
CA LEU C 249 -26.68 -57.90 32.48
C LEU C 249 -26.48 -57.21 33.83
N LEU C 250 -25.25 -57.16 34.33
CA LEU C 250 -25.03 -56.60 35.66
C LEU C 250 -25.21 -55.08 35.71
N HIS C 251 -25.61 -54.41 34.64
CA HIS C 251 -25.94 -52.99 34.73
C HIS C 251 -27.22 -52.76 35.50
N SER C 252 -28.13 -53.74 35.49
CA SER C 252 -29.38 -53.69 36.25
C SER C 252 -29.38 -54.89 37.18
N LEU C 253 -28.78 -54.73 38.36
CA LEU C 253 -28.65 -55.80 39.33
C LEU C 253 -29.73 -55.74 40.42
N GLU C 254 -30.90 -55.22 40.09
CA GLU C 254 -32.00 -55.10 41.05
C GLU C 254 -32.94 -56.30 41.04
N GLY C 255 -32.82 -57.19 40.06
CA GLY C 255 -33.73 -58.31 39.96
C GLY C 255 -33.03 -59.65 39.93
N MET C 256 -31.87 -59.73 40.56
CA MET C 256 -31.11 -60.97 40.64
C MET C 256 -31.29 -61.58 42.03
N VAL C 257 -31.86 -62.79 42.07
CA VAL C 257 -32.13 -63.47 43.33
C VAL C 257 -31.24 -64.69 43.45
N ASP C 258 -30.69 -64.92 44.65
CA ASP C 258 -29.81 -66.05 44.93
C ASP C 258 -28.59 -66.01 44.01
N LEU C 259 -27.79 -64.98 44.18
CA LEU C 259 -26.57 -64.79 43.42
C LEU C 259 -25.36 -64.80 44.36
N ASP C 260 -24.23 -65.26 43.83
CA ASP C 260 -23.00 -65.29 44.61
C ASP C 260 -22.37 -63.90 44.67
N TRP C 261 -21.56 -63.67 45.69
CA TRP C 261 -20.93 -62.37 45.87
C TRP C 261 -19.44 -62.47 46.12
N GLU C 262 -18.94 -63.68 46.41
CA GLU C 262 -17.51 -63.82 46.71
C GLU C 262 -16.67 -63.85 45.44
N LYS C 263 -17.23 -64.28 44.32
CA LYS C 263 -16.50 -64.25 43.05
C LYS C 263 -16.85 -63.03 42.21
N LEU C 264 -17.98 -62.38 42.47
CA LEU C 264 -18.46 -61.29 41.63
C LEU C 264 -17.75 -59.97 41.93
N LEU C 265 -16.94 -59.90 42.99
CA LEU C 265 -16.18 -58.70 43.30
C LEU C 265 -14.97 -58.51 42.39
N LYS C 266 -14.65 -59.49 41.54
CA LYS C 266 -13.54 -59.38 40.62
C LYS C 266 -13.98 -59.11 39.20
N LEU C 267 -15.28 -59.12 38.93
CA LEU C 267 -15.82 -58.75 37.63
C LEU C 267 -16.47 -57.38 37.68
N ARG C 268 -15.93 -56.49 38.51
CA ARG C 268 -16.49 -55.17 38.69
C ARG C 268 -15.88 -54.20 37.68
N CYS C 269 -16.14 -52.91 37.87
CA CYS C 269 -15.53 -51.86 37.08
C CYS C 269 -14.15 -51.50 37.65
N LEU C 270 -13.28 -51.01 36.78
CA LEU C 270 -11.94 -50.61 37.21
C LEU C 270 -11.95 -49.39 38.11
N ASP C 271 -13.10 -48.75 38.29
CA ASP C 271 -13.25 -47.64 39.23
C ASP C 271 -13.76 -48.09 40.59
N GLY C 272 -14.47 -49.22 40.64
CA GLY C 272 -15.04 -49.70 41.88
C GLY C 272 -16.53 -49.93 41.76
N SER C 273 -17.15 -49.31 40.77
CA SER C 273 -18.59 -49.40 40.56
C SER C 273 -18.94 -50.75 39.91
N PHE C 274 -20.22 -50.90 39.57
CA PHE C 274 -20.71 -52.06 38.84
C PHE C 274 -21.38 -51.56 37.57
N HIS C 275 -20.64 -51.61 36.46
CA HIS C 275 -21.10 -51.11 35.16
C HIS C 275 -21.48 -49.64 35.22
N CYS C 276 -20.88 -48.90 36.17
CA CYS C 276 -20.98 -47.44 36.21
C CYS C 276 -22.41 -46.97 36.44
N SER C 277 -23.14 -47.68 37.30
CA SER C 277 -24.50 -47.32 37.64
C SER C 277 -24.65 -47.15 39.14
N PRO C 278 -25.43 -46.16 39.59
CA PRO C 278 -25.63 -45.99 41.03
C PRO C 278 -26.51 -47.07 41.66
N ALA C 279 -27.48 -47.59 40.91
CA ALA C 279 -28.43 -48.54 41.50
C ALA C 279 -27.76 -49.85 41.88
N SER C 280 -26.99 -50.43 40.97
CA SER C 280 -26.33 -51.70 41.26
C SER C 280 -25.29 -51.54 42.36
N THR C 281 -24.62 -50.39 42.41
CA THR C 281 -23.66 -50.14 43.47
C THR C 281 -24.36 -50.01 44.82
N ALA C 282 -25.52 -49.35 44.85
CA ALA C 282 -26.28 -49.26 46.09
C ALA C 282 -26.74 -50.64 46.54
N THR C 283 -27.17 -51.48 45.59
CA THR C 283 -27.55 -52.85 45.94
C THR C 283 -26.37 -53.62 46.51
N ALA C 284 -25.20 -53.51 45.87
CA ALA C 284 -24.01 -54.19 46.37
C ALA C 284 -23.63 -53.71 47.76
N PHE C 285 -23.76 -52.40 48.02
CA PHE C 285 -23.46 -51.88 49.34
C PHE C 285 -24.44 -52.38 50.39
N GLN C 286 -25.72 -52.45 50.03
CA GLN C 286 -26.72 -52.94 50.98
C GLN C 286 -26.54 -54.42 51.27
N GLN C 287 -26.04 -55.19 50.29
CA GLN C 287 -25.81 -56.62 50.53
C GLN C 287 -24.44 -56.86 51.15
N THR C 288 -23.46 -56.02 50.83
CA THR C 288 -22.11 -56.14 51.36
C THR C 288 -21.54 -54.76 51.64
N GLY C 289 -21.09 -54.55 52.87
CA GLY C 289 -20.69 -53.23 53.32
C GLY C 289 -19.33 -52.76 52.83
N ASP C 290 -18.92 -53.20 51.64
CA ASP C 290 -17.66 -52.73 51.06
C ASP C 290 -17.74 -51.23 50.81
N GLN C 291 -16.71 -50.50 51.23
CA GLN C 291 -16.72 -49.05 51.22
C GLN C 291 -16.41 -48.45 49.84
N LYS C 292 -16.02 -49.27 48.87
CA LYS C 292 -15.69 -48.72 47.56
C LYS C 292 -16.91 -48.15 46.86
N CYS C 293 -17.98 -48.94 46.76
CA CYS C 293 -19.23 -48.42 46.20
C CYS C 293 -19.77 -47.26 47.02
N PHE C 294 -19.55 -47.30 48.33
CA PHE C 294 -20.03 -46.21 49.19
C PHE C 294 -19.33 -44.90 48.85
N GLU C 295 -17.99 -44.93 48.76
CA GLU C 295 -17.27 -43.71 48.42
C GLU C 295 -17.56 -43.27 47.00
N TYR C 296 -17.80 -44.21 46.08
CA TYR C 296 -18.23 -43.83 44.74
C TYR C 296 -19.54 -43.05 44.77
N LEU C 297 -20.56 -43.61 45.42
CA LEU C 297 -21.85 -42.94 45.51
C LEU C 297 -21.72 -41.60 46.24
N ASP C 298 -20.85 -41.54 47.25
CA ASP C 298 -20.63 -40.29 47.96
C ASP C 298 -20.03 -39.23 47.05
N GLY C 299 -19.04 -39.63 46.24
CA GLY C 299 -18.48 -38.70 45.27
C GLY C 299 -19.52 -38.20 44.29
N ILE C 300 -20.37 -39.10 43.80
CA ILE C 300 -21.42 -38.69 42.86
C ILE C 300 -22.36 -37.67 43.51
N VAL C 301 -22.88 -38.00 44.70
CA VAL C 301 -23.87 -37.14 45.33
C VAL C 301 -23.25 -35.82 45.77
N LYS C 302 -21.96 -35.81 46.12
CA LYS C 302 -21.31 -34.56 46.50
C LYS C 302 -20.90 -33.75 45.28
N LYS C 303 -20.80 -34.38 44.10
CA LYS C 303 -20.58 -33.61 42.89
C LYS C 303 -21.87 -32.98 42.37
N PHE C 304 -22.99 -33.71 42.48
CA PHE C 304 -24.27 -33.22 41.97
C PHE C 304 -25.09 -32.47 43.00
N ASN C 305 -24.86 -32.70 44.29
CA ASN C 305 -25.54 -32.01 45.38
C ASN C 305 -27.06 -32.16 45.27
N GLY C 306 -27.51 -33.40 45.27
CA GLY C 306 -28.92 -33.70 45.15
C GLY C 306 -29.23 -34.56 43.94
N GLY C 307 -29.86 -35.70 44.18
CA GLY C 307 -30.15 -36.64 43.11
C GLY C 307 -28.91 -37.31 42.55
N VAL C 308 -29.10 -38.31 41.70
CA VAL C 308 -27.98 -39.01 41.07
C VAL C 308 -28.30 -39.24 39.60
N PRO C 309 -27.30 -39.24 38.72
CA PRO C 309 -27.57 -39.50 37.30
C PRO C 309 -27.80 -40.98 37.04
N CYS C 310 -28.30 -41.27 35.84
CA CYS C 310 -28.59 -42.65 35.46
C CYS C 310 -27.32 -43.47 35.33
N ILE C 311 -26.26 -42.88 34.78
CA ILE C 311 -25.02 -43.60 34.51
C ILE C 311 -23.87 -42.60 34.57
N TYR C 312 -22.71 -43.05 35.08
CA TYR C 312 -21.56 -42.18 35.24
C TYR C 312 -20.29 -43.00 35.44
N PRO C 313 -19.17 -42.64 34.78
CA PRO C 313 -19.03 -41.52 33.84
C PRO C 313 -19.15 -41.93 32.38
N LEU C 314 -19.29 -40.93 31.50
CA LEU C 314 -19.48 -41.14 30.07
C LEU C 314 -18.62 -40.16 29.26
N ASP C 315 -17.36 -39.98 29.68
CA ASP C 315 -16.52 -38.94 29.09
C ASP C 315 -16.22 -39.21 27.62
N VAL C 316 -15.77 -40.43 27.31
CA VAL C 316 -15.37 -40.74 25.94
C VAL C 316 -16.55 -40.63 24.99
N TYR C 317 -17.71 -41.16 25.38
CA TYR C 317 -18.93 -41.00 24.59
C TYR C 317 -19.23 -39.53 24.35
N GLU C 318 -19.19 -38.73 25.41
CA GLU C 318 -19.46 -37.30 25.30
C GLU C 318 -18.54 -36.64 24.28
N ARG C 319 -17.22 -36.83 24.43
CA ARG C 319 -16.27 -36.17 23.54
C ARG C 319 -16.47 -36.62 22.10
N LEU C 320 -16.57 -37.94 21.88
CA LEU C 320 -16.71 -38.45 20.52
C LEU C 320 -17.95 -37.89 19.84
N TRP C 321 -19.10 -37.96 20.51
CA TRP C 321 -20.33 -37.50 19.86
C TRP C 321 -20.37 -35.98 19.74
N ALA C 322 -19.73 -35.26 20.66
CA ALA C 322 -19.63 -33.82 20.52
C ALA C 322 -18.86 -33.45 19.25
N VAL C 323 -17.69 -34.05 19.06
CA VAL C 323 -16.90 -33.75 17.87
C VAL C 323 -17.64 -34.18 16.61
N ASP C 324 -18.34 -35.31 16.67
CA ASP C 324 -19.11 -35.77 15.51
C ASP C 324 -20.19 -34.76 15.13
N ARG C 325 -21.09 -34.45 16.08
CA ARG C 325 -22.16 -33.50 15.80
C ARG C 325 -21.64 -32.10 15.52
N LEU C 326 -20.39 -31.81 15.87
CA LEU C 326 -19.81 -30.51 15.55
C LEU C 326 -19.17 -30.47 14.18
N THR C 327 -18.73 -31.62 13.65
CA THR C 327 -18.15 -31.65 12.31
C THR C 327 -19.21 -31.43 11.24
N ARG C 328 -20.24 -32.28 11.23
CA ARG C 328 -21.27 -32.22 10.20
C ARG C 328 -22.15 -30.98 10.27
N LEU C 329 -21.95 -30.11 11.27
CA LEU C 329 -22.76 -28.91 11.37
C LEU C 329 -22.19 -27.74 10.57
N GLY C 330 -20.86 -27.67 10.43
CA GLY C 330 -20.22 -26.71 9.57
C GLY C 330 -19.24 -25.79 10.26
N ILE C 331 -19.39 -25.57 11.56
CA ILE C 331 -18.54 -24.62 12.28
C ILE C 331 -17.30 -25.31 12.86
N SER C 332 -17.01 -26.54 12.43
CA SER C 332 -15.87 -27.27 12.98
C SER C 332 -14.56 -26.57 12.70
N ARG C 333 -14.50 -25.70 11.70
CA ARG C 333 -13.26 -25.03 11.35
C ARG C 333 -12.88 -23.98 12.38
N HIS C 334 -13.78 -23.62 13.30
CA HIS C 334 -13.49 -22.59 14.29
C HIS C 334 -12.74 -23.14 15.50
N PHE C 335 -12.98 -24.38 15.87
CA PHE C 335 -12.47 -24.96 17.11
C PHE C 335 -11.38 -26.00 16.82
N THR C 336 -10.50 -25.70 15.88
CA THR C 336 -9.49 -26.67 15.46
C THR C 336 -8.41 -26.90 16.51
N SER C 337 -8.53 -26.34 17.70
CA SER C 337 -7.58 -26.58 18.78
C SER C 337 -8.13 -27.55 19.81
N GLU C 338 -9.33 -27.28 20.34
CA GLU C 338 -9.92 -28.15 21.35
C GLU C 338 -10.26 -29.52 20.79
N ILE C 339 -10.63 -29.58 19.51
CA ILE C 339 -10.92 -30.86 18.87
C ILE C 339 -9.67 -31.72 18.85
N GLU C 340 -8.51 -31.11 18.65
CA GLU C 340 -7.26 -31.86 18.74
C GLU C 340 -7.06 -32.43 20.14
N ASP C 341 -7.39 -31.65 21.17
CA ASP C 341 -7.27 -32.14 22.55
C ASP C 341 -8.19 -33.35 22.77
N CYS C 342 -9.45 -33.24 22.36
CA CYS C 342 -10.39 -34.33 22.54
C CYS C 342 -9.95 -35.58 21.79
N LEU C 343 -9.54 -35.42 20.53
CA LEU C 343 -9.14 -36.58 19.74
C LEU C 343 -7.86 -37.20 20.30
N ASP C 344 -6.94 -36.39 20.80
CA ASP C 344 -5.74 -36.93 21.42
C ASP C 344 -6.08 -37.70 22.70
N TYR C 345 -7.06 -37.21 23.45
CA TYR C 345 -7.56 -37.97 24.60
C TYR C 345 -8.08 -39.32 24.16
N ILE C 346 -8.95 -39.34 23.14
CA ILE C 346 -9.51 -40.61 22.66
C ILE C 346 -8.40 -41.53 22.17
N PHE C 347 -7.35 -40.97 21.57
CA PHE C 347 -6.27 -41.79 21.04
C PHE C 347 -5.42 -42.38 22.17
N ARG C 348 -5.15 -41.57 23.20
CA ARG C 348 -4.38 -42.07 24.34
C ARG C 348 -5.17 -43.11 25.12
N ASN C 349 -6.49 -43.02 25.09
CA ASN C 349 -7.34 -44.03 25.72
C ASN C 349 -7.74 -45.15 24.75
N TRP C 350 -7.23 -45.13 23.53
CA TRP C 350 -7.52 -46.19 22.58
C TRP C 350 -6.87 -47.50 23.03
N THR C 351 -7.63 -48.58 22.93
CA THR C 351 -7.18 -49.90 23.36
C THR C 351 -7.55 -50.93 22.30
N PRO C 352 -6.75 -51.99 22.15
CA PRO C 352 -6.97 -52.95 21.07
C PRO C 352 -8.13 -53.90 21.27
N ASP C 353 -9.02 -53.63 22.23
CA ASP C 353 -10.19 -54.47 22.47
C ASP C 353 -11.47 -53.70 22.13
N GLY C 354 -11.33 -52.55 21.49
CA GLY C 354 -12.47 -51.73 21.13
C GLY C 354 -12.56 -50.46 21.96
N LEU C 355 -13.79 -49.98 22.10
CA LEU C 355 -14.06 -48.79 22.91
C LEU C 355 -15.40 -48.96 23.61
N ALA C 356 -15.49 -48.43 24.83
CA ALA C 356 -16.69 -48.54 25.65
C ALA C 356 -17.32 -47.18 25.87
N HIS C 357 -18.52 -47.20 26.46
CA HIS C 357 -19.24 -45.99 26.82
C HIS C 357 -18.66 -45.30 28.05
N THR C 358 -17.52 -45.76 28.54
CA THR C 358 -16.88 -45.21 29.73
C THR C 358 -15.38 -45.36 29.59
N LYS C 359 -14.64 -44.43 30.20
CA LYS C 359 -13.18 -44.44 30.11
C LYS C 359 -12.59 -45.75 30.63
N ASN C 360 -13.17 -46.33 31.66
CA ASN C 360 -12.60 -47.49 32.35
C ASN C 360 -13.64 -48.59 32.52
N CYS C 361 -14.37 -48.90 31.44
CA CYS C 361 -15.35 -49.96 31.50
C CYS C 361 -14.84 -51.18 30.73
N PRO C 362 -14.98 -52.38 31.30
CA PRO C 362 -14.36 -53.56 30.68
C PRO C 362 -15.11 -54.09 29.47
N VAL C 363 -16.44 -53.90 29.43
CA VAL C 363 -17.24 -54.34 28.30
C VAL C 363 -17.38 -53.18 27.33
N LYS C 364 -17.24 -53.48 26.04
CA LYS C 364 -17.18 -52.46 25.00
C LYS C 364 -18.21 -52.76 23.92
N ASP C 365 -18.60 -51.70 23.19
CA ASP C 365 -19.67 -51.83 22.16
C ASP C 365 -19.10 -51.61 20.75
N ILE C 366 -19.98 -51.25 19.80
CA ILE C 366 -19.61 -51.03 18.42
C ILE C 366 -19.80 -49.58 17.99
N ALA C 367 -20.85 -48.91 18.49
CA ALA C 367 -21.09 -47.52 18.10
C ALA C 367 -19.90 -46.64 18.45
N ASP C 368 -19.42 -46.74 19.69
CA ASP C 368 -18.25 -45.97 20.09
C ASP C 368 -17.01 -46.41 19.31
N THR C 369 -16.85 -47.72 19.08
CA THR C 369 -15.71 -48.20 18.34
C THR C 369 -15.69 -47.65 16.91
N ALA C 370 -16.81 -47.78 16.20
CA ALA C 370 -16.88 -47.30 14.83
C ALA C 370 -16.72 -45.78 14.76
N MET C 371 -17.37 -45.06 15.67
CA MET C 371 -17.28 -43.60 15.66
C MET C 371 -15.83 -43.16 15.90
N GLY C 372 -15.17 -43.77 16.88
CA GLY C 372 -13.78 -43.43 17.15
C GLY C 372 -12.87 -43.76 15.98
N PHE C 373 -13.06 -44.95 15.39
CA PHE C 373 -12.22 -45.34 14.26
C PHE C 373 -12.36 -44.35 13.11
N ARG C 374 -13.59 -44.04 12.72
CA ARG C 374 -13.81 -43.12 11.61
C ARG C 374 -13.26 -41.73 11.93
N LEU C 375 -13.62 -41.19 13.09
CA LEU C 375 -13.24 -39.82 13.42
C LEU C 375 -11.74 -39.69 13.66
N LEU C 376 -11.06 -40.78 13.97
CA LEU C 376 -9.61 -40.75 14.09
C LEU C 376 -8.94 -40.88 12.73
N ARG C 377 -9.50 -41.70 11.85
CA ARG C 377 -8.93 -41.84 10.51
C ARG C 377 -9.10 -40.55 9.71
N LEU C 378 -10.22 -39.86 9.90
CA LEU C 378 -10.50 -38.67 9.08
C LEU C 378 -9.57 -37.52 9.46
N TYR C 379 -9.41 -37.27 10.76
CA TYR C 379 -8.64 -36.12 11.22
C TYR C 379 -7.13 -36.32 11.18
N GLY C 380 -6.65 -37.35 10.48
CA GLY C 380 -5.22 -37.52 10.29
C GLY C 380 -4.50 -38.18 11.45
N TYR C 381 -4.90 -39.40 11.78
CA TYR C 381 -4.22 -40.22 12.77
C TYR C 381 -3.88 -41.58 12.15
N GLN C 382 -3.40 -42.50 12.98
CA GLN C 382 -3.03 -43.84 12.53
C GLN C 382 -3.78 -44.86 13.40
N VAL C 383 -4.74 -45.54 12.78
CA VAL C 383 -5.53 -46.57 13.46
C VAL C 383 -5.44 -47.85 12.64
N ASP C 384 -6.11 -48.88 13.15
CA ASP C 384 -6.15 -50.18 12.48
C ASP C 384 -7.54 -50.78 12.64
N PRO C 385 -8.22 -51.12 11.55
CA PRO C 385 -9.62 -51.53 11.64
C PRO C 385 -9.80 -53.01 11.94
N CYS C 386 -8.72 -53.69 12.35
CA CYS C 386 -8.82 -55.10 12.71
C CYS C 386 -9.57 -55.30 14.02
N VAL C 387 -9.91 -54.22 14.73
CA VAL C 387 -10.60 -54.31 16.01
C VAL C 387 -12.06 -54.69 15.81
N LEU C 388 -12.53 -54.63 14.56
CA LEU C 388 -13.89 -55.02 14.24
C LEU C 388 -14.03 -56.52 14.03
N LYS C 389 -12.94 -57.28 14.17
CA LYS C 389 -13.03 -58.73 14.04
C LYS C 389 -13.59 -59.39 15.30
N LYS C 390 -13.61 -58.66 16.41
CA LYS C 390 -14.17 -59.19 17.66
C LYS C 390 -15.68 -59.09 17.71
N PHE C 391 -16.28 -58.45 16.70
CA PHE C 391 -17.76 -58.27 16.66
C PHE C 391 -18.35 -59.19 15.57
N GLU C 392 -17.51 -60.02 14.96
CA GLU C 392 -17.98 -60.95 13.89
C GLU C 392 -18.43 -62.27 14.55
N LYS C 393 -19.65 -62.72 14.25
CA LYS C 393 -20.18 -63.98 14.82
C LYS C 393 -20.98 -64.73 13.75
N ASP C 394 -20.41 -65.82 13.23
CA ASP C 394 -21.07 -66.66 12.19
C ASP C 394 -21.63 -65.77 11.07
N GLY C 395 -20.74 -65.04 10.38
CA GLY C 395 -21.14 -64.15 9.28
C GLY C 395 -22.31 -63.26 9.67
N LYS C 396 -22.19 -62.58 10.81
CA LYS C 396 -23.27 -61.68 11.31
C LYS C 396 -22.68 -60.75 12.38
N PHE C 397 -23.21 -59.52 12.48
CA PHE C 397 -22.70 -58.55 13.49
C PHE C 397 -23.79 -58.27 14.53
N PHE C 398 -23.36 -58.00 15.77
CA PHE C 398 -24.29 -57.68 16.89
C PHE C 398 -23.71 -56.50 17.68
N CYS C 399 -24.55 -55.54 18.07
CA CYS C 399 -24.04 -54.38 18.79
C CYS C 399 -23.53 -54.75 20.18
N LEU C 400 -24.29 -55.55 20.91
CA LEU C 400 -23.94 -55.87 22.29
C LEU C 400 -24.16 -57.35 22.55
N HIS C 401 -23.10 -58.04 22.96
CA HIS C 401 -23.19 -59.44 23.31
C HIS C 401 -24.12 -59.66 24.50
N GLY C 402 -25.23 -60.36 24.25
CA GLY C 402 -26.22 -60.64 25.30
C GLY C 402 -27.57 -60.02 24.99
N GLU C 403 -28.04 -60.17 23.76
CA GLU C 403 -29.36 -59.61 23.34
C GLU C 403 -29.79 -60.26 22.01
N SER C 404 -30.99 -60.82 21.98
CA SER C 404 -31.53 -61.48 20.77
C SER C 404 -32.67 -60.63 20.17
N ASN C 405 -32.50 -59.30 20.17
CA ASN C 405 -33.53 -58.37 19.62
C ASN C 405 -32.95 -57.63 18.42
N PRO C 406 -33.72 -57.40 17.34
CA PRO C 406 -33.23 -56.68 16.16
C PRO C 406 -32.67 -55.33 16.56
N SER C 407 -31.41 -55.09 16.21
CA SER C 407 -30.66 -53.98 16.77
C SER C 407 -31.17 -52.66 16.23
N SER C 408 -30.54 -51.57 16.66
CA SER C 408 -30.94 -50.24 16.25
C SER C 408 -30.37 -49.89 14.88
N VAL C 409 -30.83 -48.76 14.35
CA VAL C 409 -30.27 -48.26 13.10
C VAL C 409 -29.01 -47.44 13.34
N THR C 410 -28.83 -46.91 14.55
CA THR C 410 -27.67 -46.07 14.83
C THR C 410 -26.35 -46.84 14.78
N PRO C 411 -26.18 -47.99 15.46
CA PRO C 411 -24.88 -48.68 15.41
C PRO C 411 -24.51 -49.16 14.01
N MET C 412 -25.45 -49.82 13.33
CA MET C 412 -25.17 -50.31 11.99
C MET C 412 -24.95 -49.16 11.01
N TYR C 413 -25.70 -48.08 11.18
CA TYR C 413 -25.52 -46.90 10.33
C TYR C 413 -24.13 -46.29 10.53
N ASN C 414 -23.70 -46.16 11.77
CA ASN C 414 -22.36 -45.60 12.03
C ASN C 414 -21.28 -46.55 11.54
N THR C 415 -21.52 -47.87 11.63
CA THR C 415 -20.56 -48.83 11.09
C THR C 415 -20.43 -48.67 9.59
N TYR C 416 -21.57 -48.54 8.89
CA TYR C 416 -21.54 -48.33 7.44
C TYR C 416 -20.80 -47.04 7.09
N ARG C 417 -21.07 -45.97 7.81
CA ARG C 417 -20.39 -44.70 7.54
C ARG C 417 -18.88 -44.81 7.77
N ALA C 418 -18.48 -45.48 8.85
CA ALA C 418 -17.07 -45.68 9.12
C ALA C 418 -16.41 -46.60 8.11
N SER C 419 -17.18 -47.47 7.46
CA SER C 419 -16.67 -48.33 6.41
C SER C 419 -16.71 -47.68 5.04
N GLN C 420 -17.36 -46.52 4.92
CA GLN C 420 -17.40 -45.82 3.63
C GLN C 420 -15.99 -45.47 3.16
N LEU C 421 -15.16 -44.97 4.06
CA LEU C 421 -13.78 -44.63 3.73
C LEU C 421 -12.84 -45.69 4.27
N LYS C 422 -11.90 -46.11 3.42
CA LYS C 422 -11.01 -47.22 3.77
C LYS C 422 -9.66 -46.99 3.09
N PHE C 423 -8.76 -47.94 3.28
CA PHE C 423 -7.45 -47.98 2.65
C PHE C 423 -7.33 -49.26 1.84
N PRO C 424 -6.37 -49.33 0.92
CA PRO C 424 -6.20 -50.58 0.17
C PRO C 424 -5.57 -51.71 0.98
N GLY C 425 -4.92 -51.40 2.10
CA GLY C 425 -4.24 -52.39 2.90
C GLY C 425 -5.02 -52.95 4.07
N ASP C 426 -6.22 -52.46 4.34
CA ASP C 426 -7.00 -52.94 5.47
C ASP C 426 -7.46 -54.37 5.24
N ASP C 427 -7.85 -55.03 6.34
CA ASP C 427 -8.34 -56.40 6.27
C ASP C 427 -9.73 -56.43 5.62
N GLY C 428 -10.17 -57.64 5.26
CA GLY C 428 -11.42 -57.81 4.55
C GLY C 428 -12.68 -57.58 5.36
N VAL C 429 -12.55 -57.19 6.64
CA VAL C 429 -13.73 -56.99 7.47
C VAL C 429 -14.55 -55.81 6.98
N LEU C 430 -13.89 -54.81 6.38
CA LEU C 430 -14.59 -53.59 5.99
C LEU C 430 -15.62 -53.86 4.89
N GLY C 431 -15.26 -54.66 3.90
CA GLY C 431 -16.19 -54.91 2.80
C GLY C 431 -17.42 -55.69 3.23
N ARG C 432 -17.22 -56.77 3.99
CA ARG C 432 -18.35 -57.53 4.50
C ARG C 432 -19.19 -56.69 5.44
N ALA C 433 -18.55 -55.86 6.27
CA ALA C 433 -19.31 -54.96 7.14
C ALA C 433 -20.17 -54.01 6.31
N GLU C 434 -19.59 -53.43 5.26
CA GLU C 434 -20.33 -52.50 4.42
C GLU C 434 -21.52 -53.16 3.78
N VAL C 435 -21.32 -54.32 3.13
CA VAL C 435 -22.44 -54.97 2.43
C VAL C 435 -23.49 -55.44 3.42
N PHE C 436 -23.07 -55.86 4.61
CA PHE C 436 -24.02 -56.32 5.62
C PHE C 436 -24.90 -55.18 6.12
N CYS C 437 -24.28 -54.07 6.53
CA CYS C 437 -25.08 -52.93 6.97
C CYS C 437 -25.92 -52.37 5.84
N ARG C 438 -25.44 -52.44 4.60
CA ARG C 438 -26.23 -51.96 3.48
C ARG C 438 -27.48 -52.80 3.31
N SER C 439 -27.34 -54.14 3.31
CA SER C 439 -28.50 -55.01 3.21
C SER C 439 -29.46 -54.79 4.37
N PHE C 440 -28.91 -54.61 5.58
CA PHE C 440 -29.76 -54.41 6.76
C PHE C 440 -30.59 -53.13 6.63
N LEU C 441 -29.93 -52.00 6.42
CA LEU C 441 -30.67 -50.74 6.27
C LEU C 441 -31.58 -50.77 5.06
N GLN C 442 -31.22 -51.52 4.02
CA GLN C 442 -32.04 -51.54 2.81
C GLN C 442 -33.33 -52.32 3.01
N ASP C 443 -33.24 -53.53 3.56
CA ASP C 443 -34.46 -54.30 3.75
C ASP C 443 -35.30 -53.78 4.91
N ARG C 444 -34.68 -53.10 5.89
CA ARG C 444 -35.50 -52.44 6.90
C ARG C 444 -36.00 -51.07 6.44
N ARG C 445 -35.50 -50.58 5.30
CA ARG C 445 -35.99 -49.32 4.76
C ARG C 445 -37.30 -49.47 4.01
N GLY C 446 -37.58 -50.67 3.48
CA GLY C 446 -38.78 -50.90 2.71
C GLY C 446 -40.05 -50.65 3.48
N SER C 447 -40.16 -51.26 4.67
CA SER C 447 -41.30 -51.05 5.54
C SER C 447 -41.12 -49.75 6.32
N ASN C 448 -41.95 -49.53 7.32
CA ASN C 448 -41.86 -48.36 8.19
C ASN C 448 -41.44 -48.78 9.61
N ARG C 449 -40.44 -49.66 9.69
CA ARG C 449 -39.89 -50.13 10.95
C ARG C 449 -38.60 -49.41 11.32
N MET C 450 -38.48 -48.14 10.98
CA MET C 450 -37.25 -47.39 11.18
C MET C 450 -37.21 -46.68 12.54
N LYS C 451 -37.89 -47.22 13.55
CA LYS C 451 -37.74 -46.70 14.90
C LYS C 451 -36.61 -47.43 15.61
N ASP C 452 -35.67 -46.69 16.17
CA ASP C 452 -34.47 -47.27 16.75
C ASP C 452 -34.70 -47.59 18.22
N LYS C 453 -33.64 -48.04 18.88
CA LYS C 453 -33.71 -48.40 20.33
C LYS C 453 -32.49 -47.79 21.05
N TRP C 454 -32.02 -46.64 20.57
CA TRP C 454 -30.85 -45.97 21.18
C TRP C 454 -31.05 -44.44 21.17
N ALA C 455 -32.25 -43.99 20.79
CA ALA C 455 -32.53 -42.56 20.75
C ALA C 455 -33.87 -42.34 20.07
N ILE C 456 -34.34 -41.09 20.12
CA ILE C 456 -35.52 -40.65 19.38
C ILE C 456 -35.22 -39.25 18.86
N ALA C 457 -35.02 -39.13 17.55
CA ALA C 457 -34.67 -37.87 16.92
C ALA C 457 -35.76 -37.42 15.97
N LYS C 458 -35.51 -36.28 15.31
CA LYS C 458 -36.52 -35.70 14.43
C LYS C 458 -36.74 -36.57 13.19
N ASP C 459 -35.67 -36.78 12.39
CA ASP C 459 -35.84 -37.42 11.08
C ASP C 459 -34.61 -38.30 10.84
N ILE C 460 -34.77 -39.60 11.09
CA ILE C 460 -33.79 -40.61 10.70
C ILE C 460 -33.95 -40.99 9.23
N PRO C 461 -35.18 -41.16 8.70
CA PRO C 461 -35.32 -41.59 7.29
C PRO C 461 -34.57 -40.73 6.28
N GLY C 462 -34.80 -39.42 6.27
CA GLY C 462 -34.15 -38.58 5.28
C GLY C 462 -32.64 -38.57 5.42
N GLU C 463 -32.15 -38.57 6.67
CA GLU C 463 -30.71 -38.56 6.89
C GLU C 463 -30.07 -39.85 6.38
N VAL C 464 -30.68 -41.00 6.68
CA VAL C 464 -30.17 -42.26 6.17
C VAL C 464 -30.26 -42.30 4.64
N GLU C 465 -31.34 -41.73 4.09
CA GLU C 465 -31.49 -41.67 2.64
C GLU C 465 -30.32 -40.93 2.01
N TYR C 466 -29.97 -39.77 2.56
CA TYR C 466 -28.83 -39.02 2.04
C TYR C 466 -27.54 -39.81 2.21
N ALA C 467 -27.27 -40.29 3.42
CA ALA C 467 -26.02 -41.01 3.68
C ALA C 467 -25.93 -42.33 2.92
N MET C 468 -27.01 -42.78 2.30
CA MET C 468 -26.97 -43.98 1.48
C MET C 468 -26.90 -43.69 -0.02
N ASP C 469 -27.54 -42.62 -0.48
CA ASP C 469 -27.56 -42.29 -1.90
C ASP C 469 -26.42 -41.36 -2.32
N TYR C 470 -25.39 -41.23 -1.49
CA TYR C 470 -24.23 -40.39 -1.83
C TYR C 470 -23.01 -40.96 -1.11
N PRO C 471 -22.16 -41.69 -1.82
CA PRO C 471 -20.96 -42.27 -1.18
C PRO C 471 -19.93 -41.22 -0.78
N TRP C 472 -18.81 -41.67 -0.22
CA TRP C 472 -17.73 -40.74 0.14
C TRP C 472 -17.09 -40.11 -1.08
N LYS C 473 -17.13 -40.79 -2.22
CA LYS C 473 -16.45 -40.28 -3.40
C LYS C 473 -17.23 -39.18 -4.11
N ALA C 474 -18.50 -38.97 -3.78
CA ALA C 474 -19.29 -37.92 -4.42
C ALA C 474 -20.13 -37.17 -3.40
N SER C 475 -19.53 -36.83 -2.25
CA SER C 475 -20.26 -36.17 -1.16
C SER C 475 -19.65 -34.79 -0.93
N LEU C 476 -20.28 -33.77 -1.48
CA LEU C 476 -19.83 -32.41 -1.25
C LEU C 476 -20.11 -31.99 0.19
N PRO C 477 -19.13 -31.40 0.89
CA PRO C 477 -19.36 -31.03 2.30
C PRO C 477 -20.52 -30.08 2.52
N ARG C 478 -20.62 -29.03 1.70
CA ARG C 478 -21.61 -27.99 1.95
C ARG C 478 -23.03 -28.51 1.70
N ILE C 479 -23.21 -29.38 0.71
CA ILE C 479 -24.52 -29.97 0.48
C ILE C 479 -24.95 -30.81 1.68
N GLU C 480 -24.03 -31.62 2.21
CA GLU C 480 -24.32 -32.42 3.39
C GLU C 480 -24.69 -31.53 4.58
N THR C 481 -23.93 -30.45 4.79
CA THR C 481 -24.25 -29.53 5.88
C THR C 481 -25.63 -28.92 5.70
N ARG C 482 -25.96 -28.49 4.48
CA ARG C 482 -27.26 -27.88 4.23
C ARG C 482 -28.39 -28.87 4.48
N LEU C 483 -28.21 -30.13 4.08
CA LEU C 483 -29.26 -31.12 4.30
C LEU C 483 -29.33 -31.59 5.74
N TYR C 484 -28.24 -31.43 6.50
CA TYR C 484 -28.22 -31.79 7.91
C TYR C 484 -28.63 -30.65 8.82
N LEU C 485 -28.85 -29.45 8.28
CA LEU C 485 -29.24 -28.32 9.11
C LEU C 485 -30.72 -28.35 9.47
N ASP C 486 -31.48 -29.33 8.96
CA ASP C 486 -32.89 -29.49 9.28
C ASP C 486 -33.17 -30.87 9.89
N GLN C 487 -32.13 -31.55 10.37
CA GLN C 487 -32.29 -32.87 10.97
C GLN C 487 -31.69 -32.92 12.37
N TYR C 488 -31.40 -31.77 12.95
CA TYR C 488 -30.85 -31.67 14.30
C TYR C 488 -31.81 -30.83 15.13
N GLY C 489 -32.53 -31.49 16.04
CA GLY C 489 -33.62 -30.82 16.73
C GLY C 489 -33.15 -29.84 17.78
N GLY C 490 -32.17 -30.25 18.59
CA GLY C 490 -31.71 -29.42 19.68
C GLY C 490 -32.17 -29.92 21.03
N SER C 491 -33.18 -29.27 21.60
CA SER C 491 -33.73 -29.66 22.90
C SER C 491 -34.92 -30.61 22.79
N GLY C 492 -35.53 -30.72 21.61
CA GLY C 492 -36.65 -31.62 21.42
C GLY C 492 -36.24 -33.05 21.16
N ASP C 493 -35.37 -33.59 22.02
CA ASP C 493 -34.84 -34.94 21.85
C ASP C 493 -34.63 -35.58 23.21
N VAL C 494 -34.65 -36.90 23.22
CA VAL C 494 -34.52 -37.70 24.43
C VAL C 494 -33.67 -38.93 24.11
N TRP C 495 -32.86 -39.36 25.08
CA TRP C 495 -31.99 -40.51 24.94
C TRP C 495 -32.38 -41.57 25.95
N ILE C 496 -32.50 -42.81 25.48
CA ILE C 496 -33.06 -43.90 26.26
C ILE C 496 -32.07 -44.34 27.33
N GLY C 497 -32.58 -44.58 28.53
CA GLY C 497 -31.81 -45.17 29.61
C GLY C 497 -32.73 -45.90 30.55
N LYS C 498 -32.38 -45.95 31.84
CA LYS C 498 -33.32 -46.48 32.82
C LYS C 498 -34.51 -45.54 32.98
N VAL C 499 -34.30 -44.24 32.77
CA VAL C 499 -35.37 -43.26 32.68
C VAL C 499 -35.01 -42.30 31.57
N LEU C 500 -36.03 -41.86 30.83
CA LEU C 500 -35.83 -40.98 29.70
C LEU C 500 -35.12 -39.70 30.14
N HIS C 501 -33.89 -39.52 29.65
CA HIS C 501 -33.06 -38.39 30.05
C HIS C 501 -32.43 -37.76 28.83
N ARG C 502 -32.42 -36.42 28.80
CA ARG C 502 -31.88 -35.65 27.69
C ARG C 502 -30.50 -35.14 28.04
N MET C 503 -29.52 -35.42 27.17
CA MET C 503 -28.17 -34.91 27.36
C MET C 503 -28.07 -33.50 26.80
N THR C 504 -27.24 -32.68 27.44
CA THR C 504 -27.22 -31.24 27.21
C THR C 504 -25.95 -30.73 26.53
N LEU C 505 -24.80 -31.38 26.73
CA LEU C 505 -23.54 -30.80 26.26
C LEU C 505 -23.50 -30.66 24.74
N PHE C 506 -23.94 -31.68 24.01
CA PHE C 506 -23.95 -31.58 22.56
C PHE C 506 -25.35 -31.39 21.97
N CYS C 507 -26.38 -31.42 22.81
CA CYS C 507 -27.74 -31.10 22.36
C CYS C 507 -28.15 -29.79 22.99
N ASN C 508 -28.09 -28.70 22.22
CA ASN C 508 -28.31 -27.36 22.75
C ASN C 508 -29.15 -26.59 21.74
N ASP C 509 -29.21 -25.28 21.93
CA ASP C 509 -29.87 -24.38 21.00
C ASP C 509 -28.93 -23.33 20.41
N LEU C 510 -27.80 -23.05 21.06
CA LEU C 510 -26.82 -22.13 20.49
C LEU C 510 -26.24 -22.68 19.19
N TYR C 511 -26.12 -24.01 19.09
CA TYR C 511 -25.59 -24.63 17.87
C TYR C 511 -26.39 -24.20 16.64
N LEU C 512 -27.71 -24.30 16.72
CA LEU C 512 -28.56 -23.97 15.57
C LEU C 512 -28.44 -22.50 15.19
N LYS C 513 -28.42 -21.61 16.19
CA LYS C 513 -28.34 -20.19 15.90
C LYS C 513 -27.01 -19.82 15.25
N ALA C 514 -25.90 -20.33 15.81
CA ALA C 514 -24.59 -20.06 15.23
C ALA C 514 -24.49 -20.61 13.82
N ALA C 515 -24.97 -21.84 13.62
CA ALA C 515 -24.90 -22.45 12.30
C ALA C 515 -25.73 -21.67 11.28
N LYS C 516 -26.93 -21.24 11.68
CA LYS C 516 -27.79 -20.51 10.76
C LYS C 516 -27.18 -19.16 10.40
N ALA C 517 -26.60 -18.47 11.38
CA ALA C 517 -25.97 -17.17 11.11
C ALA C 517 -24.80 -17.34 10.14
N ASP C 518 -23.91 -18.29 10.43
CA ASP C 518 -22.77 -18.53 9.55
C ASP C 518 -23.21 -18.91 8.15
N PHE C 519 -24.23 -19.78 8.06
CA PHE C 519 -24.67 -20.25 6.76
C PHE C 519 -25.33 -19.13 5.96
N SER C 520 -26.04 -18.23 6.63
CA SER C 520 -26.64 -17.09 5.93
C SER C 520 -25.57 -16.11 5.45
N ASN C 521 -24.53 -15.91 6.26
CA ASN C 521 -23.38 -15.14 5.80
C ASN C 521 -22.80 -15.74 4.53
N PHE C 522 -22.65 -17.07 4.52
CA PHE C 522 -22.18 -17.76 3.33
C PHE C 522 -23.10 -17.51 2.14
N GLN C 523 -24.42 -17.60 2.37
CA GLN C 523 -25.39 -17.33 1.30
C GLN C 523 -25.15 -15.96 0.69
N LYS C 524 -25.04 -14.93 1.53
CA LYS C 524 -24.90 -13.57 1.02
C LYS C 524 -23.59 -13.38 0.26
N GLU C 525 -22.49 -13.90 0.81
CA GLU C 525 -21.21 -13.79 0.12
C GLU C 525 -21.27 -14.47 -1.24
N CYS C 526 -21.87 -15.66 -1.30
CA CYS C 526 -21.99 -16.38 -2.56
C CYS C 526 -22.83 -15.60 -3.56
N ARG C 527 -23.94 -15.01 -3.11
CA ARG C 527 -24.77 -14.21 -4.01
C ARG C 527 -23.99 -13.05 -4.61
N VAL C 528 -23.27 -12.31 -3.76
CA VAL C 528 -22.53 -11.14 -4.25
C VAL C 528 -21.46 -11.57 -5.25
N GLU C 529 -20.69 -12.61 -4.90
CA GLU C 529 -19.62 -13.03 -5.81
C GLU C 529 -20.16 -13.54 -7.13
N LEU C 530 -21.31 -14.25 -7.09
CA LEU C 530 -21.91 -14.70 -8.34
C LEU C 530 -22.38 -13.53 -9.18
N ASN C 531 -22.97 -12.52 -8.54
CA ASN C 531 -23.43 -11.35 -9.28
C ASN C 531 -22.28 -10.57 -9.89
N GLY C 532 -21.09 -10.65 -9.30
CA GLY C 532 -19.92 -10.05 -9.93
C GLY C 532 -19.35 -10.89 -11.07
N LEU C 533 -19.26 -12.20 -10.85
CA LEU C 533 -18.73 -13.09 -11.88
C LEU C 533 -19.60 -13.09 -13.13
N ARG C 534 -20.91 -12.91 -12.98
CA ARG C 534 -21.78 -12.84 -14.16
C ARG C 534 -21.45 -11.62 -15.01
N ARG C 535 -21.26 -10.46 -14.37
CA ARG C 535 -20.85 -9.26 -15.10
C ARG C 535 -19.52 -9.48 -15.80
N TRP C 536 -18.58 -10.15 -15.12
CA TRP C 536 -17.29 -10.44 -15.76
C TRP C 536 -17.48 -11.34 -16.98
N TYR C 537 -18.33 -12.35 -16.87
CA TYR C 537 -18.51 -13.29 -17.98
C TYR C 537 -19.24 -12.64 -19.13
N LEU C 538 -20.03 -11.61 -18.87
CA LEU C 538 -20.72 -10.93 -19.95
C LEU C 538 -19.80 -9.94 -20.65
N ARG C 539 -19.11 -9.08 -19.89
CA ARG C 539 -18.30 -8.04 -20.50
C ARG C 539 -17.10 -8.60 -21.26
N SER C 540 -16.72 -9.85 -21.02
CA SER C 540 -15.52 -10.41 -21.64
C SER C 540 -15.78 -11.04 -23.00
N ASN C 541 -17.03 -11.02 -23.47
CA ASN C 541 -17.38 -11.50 -24.81
C ASN C 541 -16.93 -12.94 -25.03
N LEU C 542 -17.53 -13.85 -24.25
CA LEU C 542 -17.23 -15.27 -24.35
C LEU C 542 -18.37 -16.11 -24.88
N GLU C 543 -19.61 -15.62 -24.84
CA GLU C 543 -20.75 -16.36 -25.35
C GLU C 543 -20.78 -16.45 -26.86
N LYS C 544 -20.00 -15.64 -27.56
CA LYS C 544 -19.98 -15.67 -29.02
C LYS C 544 -19.58 -17.05 -29.53
N PHE C 545 -18.42 -17.53 -29.12
CA PHE C 545 -17.98 -18.89 -29.40
C PHE C 545 -17.85 -19.66 -28.09
N GLY C 546 -18.54 -20.79 -27.99
CA GLY C 546 -18.47 -21.58 -26.79
C GLY C 546 -19.73 -22.39 -26.47
N GLY C 547 -20.22 -22.25 -25.25
CA GLY C 547 -21.31 -23.09 -24.78
C GLY C 547 -22.62 -22.80 -25.47
N THR C 548 -23.53 -23.78 -25.36
CA THR C 548 -24.86 -23.65 -25.93
C THR C 548 -25.83 -22.89 -25.02
N ASP C 549 -25.54 -22.82 -23.72
CA ASP C 549 -26.34 -22.04 -22.79
C ASP C 549 -25.44 -21.49 -21.70
N PRO C 550 -25.32 -20.17 -21.57
CA PRO C 550 -24.33 -19.59 -20.65
C PRO C 550 -24.70 -19.71 -19.18
N GLN C 551 -25.98 -19.51 -18.86
CA GLN C 551 -26.37 -19.38 -17.46
C GLN C 551 -26.19 -20.69 -16.70
N THR C 552 -26.62 -21.81 -17.29
CA THR C 552 -26.46 -23.09 -16.60
C THR C 552 -25.00 -23.42 -16.37
N THR C 553 -24.16 -23.23 -17.40
CA THR C 553 -22.74 -23.51 -17.26
C THR C 553 -22.10 -22.63 -16.18
N LEU C 554 -22.43 -21.33 -16.18
CA LEU C 554 -21.89 -20.44 -15.16
C LEU C 554 -22.33 -20.86 -13.77
N MET C 555 -23.63 -21.12 -13.59
CA MET C 555 -24.16 -21.49 -12.28
C MET C 555 -23.48 -22.76 -11.77
N THR C 556 -23.36 -23.78 -12.62
CA THR C 556 -22.74 -25.03 -12.19
C THR C 556 -21.27 -24.84 -11.86
N SER C 557 -20.53 -24.19 -12.77
CA SER C 557 -19.08 -24.07 -12.59
C SER C 557 -18.73 -23.16 -11.43
N TYR C 558 -19.67 -22.32 -10.98
CA TYR C 558 -19.41 -21.56 -9.77
C TYR C 558 -19.92 -22.26 -8.52
N PHE C 559 -21.02 -23.01 -8.63
CA PHE C 559 -21.54 -23.73 -7.47
C PHE C 559 -20.56 -24.80 -7.01
N LEU C 560 -19.86 -25.44 -7.95
CA LEU C 560 -18.84 -26.42 -7.55
C LEU C 560 -17.81 -25.79 -6.62
N ALA C 561 -17.21 -24.69 -7.06
CA ALA C 561 -16.18 -24.04 -6.25
C ALA C 561 -16.75 -23.53 -4.94
N SER C 562 -17.97 -22.96 -4.97
CA SER C 562 -18.53 -22.40 -3.75
C SER C 562 -18.94 -23.49 -2.76
N ALA C 563 -19.20 -24.70 -3.25
CA ALA C 563 -19.54 -25.80 -2.38
C ALA C 563 -18.31 -26.58 -1.90
N ASN C 564 -17.16 -26.40 -2.55
CA ASN C 564 -15.94 -27.04 -2.06
C ASN C 564 -15.12 -26.13 -1.15
N ILE C 565 -14.86 -24.89 -1.55
CA ILE C 565 -14.07 -23.95 -0.77
C ILE C 565 -15.03 -22.88 -0.26
N PHE C 566 -15.40 -22.97 1.02
CA PHE C 566 -16.44 -22.13 1.60
C PHE C 566 -15.91 -21.03 2.51
N GLU C 567 -14.71 -21.18 3.07
CA GLU C 567 -14.19 -20.20 4.01
C GLU C 567 -14.15 -18.80 3.39
N ALA C 568 -14.33 -17.79 4.23
CA ALA C 568 -14.64 -16.45 3.78
C ALA C 568 -13.43 -15.59 3.46
N ASN C 569 -12.25 -15.95 3.98
CA ASN C 569 -11.03 -15.21 3.68
C ASN C 569 -10.27 -15.78 2.49
N ARG C 570 -10.95 -16.57 1.66
CA ARG C 570 -10.32 -17.27 0.54
C ARG C 570 -11.16 -17.13 -0.73
N ALA C 571 -11.62 -15.91 -1.02
CA ALA C 571 -12.40 -15.71 -2.24
C ALA C 571 -11.54 -15.81 -3.50
N ALA C 572 -10.24 -15.55 -3.35
CA ALA C 572 -9.36 -15.54 -4.52
C ALA C 572 -9.35 -16.89 -5.22
N GLU C 573 -9.10 -17.96 -4.48
CA GLU C 573 -9.01 -19.28 -5.09
C GLU C 573 -10.34 -19.71 -5.69
N ARG C 574 -11.45 -19.39 -5.03
CA ARG C 574 -12.76 -19.74 -5.56
C ARG C 574 -13.02 -19.04 -6.90
N LEU C 575 -12.79 -17.73 -6.94
CA LEU C 575 -13.01 -17.00 -8.19
C LEU C 575 -12.06 -17.46 -9.28
N GLY C 576 -10.82 -17.79 -8.91
CA GLY C 576 -9.87 -18.28 -9.91
C GLY C 576 -10.29 -19.62 -10.49
N TRP C 577 -10.70 -20.54 -9.63
CA TRP C 577 -11.26 -21.81 -10.10
C TRP C 577 -12.40 -21.57 -11.07
N ALA C 578 -13.33 -20.69 -10.71
CA ALA C 578 -14.47 -20.42 -11.58
C ALA C 578 -14.02 -19.90 -12.95
N ARG C 579 -13.15 -18.89 -12.96
CA ARG C 579 -12.73 -18.28 -14.21
C ARG C 579 -11.99 -19.28 -15.09
N VAL C 580 -11.05 -20.03 -14.51
CA VAL C 580 -10.27 -20.97 -15.31
C VAL C 580 -11.16 -22.08 -15.85
N ALA C 581 -12.12 -22.56 -15.05
CA ALA C 581 -13.03 -23.59 -15.53
C ALA C 581 -13.86 -23.09 -16.69
N LEU C 582 -14.37 -21.85 -16.59
CA LEU C 582 -15.18 -21.31 -17.68
C LEU C 582 -14.36 -21.16 -18.96
N LEU C 583 -13.14 -20.62 -18.83
CA LEU C 583 -12.28 -20.46 -20.00
C LEU C 583 -11.96 -21.80 -20.65
N ALA C 584 -11.60 -22.80 -19.84
CA ALA C 584 -11.27 -24.11 -20.38
C ALA C 584 -12.47 -24.74 -21.08
N ASP C 585 -13.66 -24.61 -20.48
CA ASP C 585 -14.85 -25.17 -21.12
C ASP C 585 -15.13 -24.50 -22.45
N ALA C 586 -15.03 -23.17 -22.51
CA ALA C 586 -15.28 -22.47 -23.76
C ALA C 586 -14.28 -22.89 -24.83
N VAL C 587 -12.99 -22.95 -24.47
CA VAL C 587 -11.97 -23.31 -25.45
C VAL C 587 -12.18 -24.74 -25.95
N SER C 588 -12.52 -25.66 -25.04
CA SER C 588 -12.74 -27.04 -25.44
C SER C 588 -13.95 -27.15 -26.37
N SER C 589 -15.02 -26.41 -26.07
CA SER C 589 -16.19 -26.43 -26.94
C SER C 589 -15.85 -25.90 -28.33
N HIS C 590 -15.08 -24.82 -28.39
CA HIS C 590 -14.68 -24.29 -29.70
C HIS C 590 -13.84 -25.29 -30.48
N PHE C 591 -12.87 -25.93 -29.80
CA PHE C 591 -12.05 -26.93 -30.46
C PHE C 591 -12.89 -28.09 -30.98
N ARG C 592 -13.87 -28.55 -30.19
CA ARG C 592 -14.69 -29.66 -30.62
C ARG C 592 -15.60 -29.27 -31.78
N ARG C 593 -16.05 -28.02 -31.81
CA ARG C 593 -16.89 -27.57 -32.91
C ARG C 593 -16.13 -27.38 -34.21
N ILE C 594 -14.94 -26.79 -34.16
CA ILE C 594 -14.21 -26.52 -35.40
C ILE C 594 -13.66 -27.78 -36.05
N GLY C 595 -13.57 -28.88 -35.31
CA GLY C 595 -13.12 -30.13 -35.90
C GLY C 595 -11.68 -30.49 -35.61
N GLY C 596 -11.25 -30.30 -34.36
CA GLY C 596 -9.91 -30.66 -33.96
C GLY C 596 -8.98 -29.45 -33.90
N PRO C 597 -7.80 -29.64 -33.32
CA PRO C 597 -6.85 -28.53 -33.17
C PRO C 597 -5.99 -28.26 -34.40
N LYS C 598 -6.18 -28.98 -35.49
CA LYS C 598 -5.34 -28.79 -36.66
C LYS C 598 -5.80 -27.63 -37.53
N ASN C 599 -7.03 -27.16 -37.36
CA ASN C 599 -7.60 -26.15 -38.26
C ASN C 599 -7.91 -24.87 -37.52
N SER C 600 -7.52 -24.79 -36.25
CA SER C 600 -7.76 -23.59 -35.45
C SER C 600 -6.81 -22.51 -35.94
N THR C 601 -7.34 -21.55 -36.70
CA THR C 601 -6.52 -20.51 -37.29
C THR C 601 -6.12 -19.46 -36.27
N SER C 602 -7.02 -19.14 -35.34
CA SER C 602 -6.78 -18.06 -34.40
C SER C 602 -5.64 -18.40 -33.44
N ASN C 603 -5.27 -17.41 -32.64
CA ASN C 603 -4.22 -17.54 -31.63
C ASN C 603 -4.88 -17.58 -30.27
N LEU C 604 -4.59 -18.61 -29.48
CA LEU C 604 -5.33 -18.87 -28.25
C LEU C 604 -4.52 -18.67 -26.98
N GLU C 605 -3.20 -18.46 -27.08
CA GLU C 605 -2.42 -18.18 -25.88
C GLU C 605 -2.83 -16.86 -25.24
N GLU C 606 -3.14 -15.86 -26.07
CA GLU C 606 -3.50 -14.54 -25.54
C GLU C 606 -4.88 -14.54 -24.89
N LEU C 607 -5.64 -15.63 -25.01
CA LEU C 607 -6.98 -15.66 -24.44
C LEU C 607 -6.95 -15.73 -22.91
N ILE C 608 -5.78 -15.98 -22.32
CA ILE C 608 -5.66 -16.01 -20.86
C ILE C 608 -5.54 -14.60 -20.27
N SER C 609 -5.52 -13.57 -21.11
CA SER C 609 -5.40 -12.21 -20.62
C SER C 609 -6.72 -11.66 -20.09
N LEU C 610 -7.83 -12.40 -20.22
CA LEU C 610 -9.10 -11.93 -19.72
C LEU C 610 -9.16 -11.97 -18.19
N VAL C 611 -8.43 -12.90 -17.59
CA VAL C 611 -8.33 -12.92 -16.13
C VAL C 611 -7.67 -11.63 -15.65
N PRO C 612 -8.19 -10.95 -14.64
CA PRO C 612 -7.60 -9.68 -14.22
C PRO C 612 -6.15 -9.84 -13.79
N PHE C 613 -5.35 -8.82 -14.09
CA PHE C 613 -3.92 -8.88 -13.88
C PHE C 613 -3.57 -8.78 -12.40
N ASP C 614 -2.43 -9.36 -12.04
CA ASP C 614 -1.89 -9.24 -10.70
C ASP C 614 -0.37 -9.29 -10.80
N ASP C 615 0.30 -9.13 -9.66
CA ASP C 615 1.75 -8.97 -9.70
C ASP C 615 2.47 -10.32 -9.60
N ALA C 616 1.97 -11.23 -8.79
CA ALA C 616 2.63 -12.52 -8.57
C ALA C 616 1.78 -13.71 -8.99
N TYR C 617 0.54 -13.49 -9.44
CA TYR C 617 -0.37 -14.57 -9.79
C TYR C 617 -0.74 -14.55 -11.27
N SER C 618 0.16 -14.10 -12.13
CA SER C 618 -0.16 -14.01 -13.56
C SER C 618 0.94 -14.52 -14.47
N GLY C 619 2.05 -15.01 -13.93
CA GLY C 619 3.05 -15.65 -14.76
C GLY C 619 2.88 -17.15 -14.81
N SER C 620 2.81 -17.77 -13.63
CA SER C 620 2.64 -19.21 -13.56
C SER C 620 1.31 -19.65 -14.17
N LEU C 621 0.30 -18.79 -14.08
CA LEU C 621 -0.97 -19.11 -14.73
C LEU C 621 -0.83 -19.13 -16.25
N ARG C 622 -0.08 -18.17 -16.79
CA ARG C 622 0.22 -18.19 -18.22
C ARG C 622 0.96 -19.45 -18.62
N GLU C 623 1.94 -19.86 -17.79
CA GLU C 623 2.69 -21.07 -18.10
C GLU C 623 1.79 -22.30 -18.06
N ALA C 624 0.90 -22.39 -17.07
CA ALA C 624 -0.01 -23.53 -16.98
C ALA C 624 -0.96 -23.58 -18.17
N TRP C 625 -1.46 -22.41 -18.60
CA TRP C 625 -2.36 -22.39 -19.75
C TRP C 625 -1.62 -22.81 -21.03
N LYS C 626 -0.38 -22.36 -21.19
CA LYS C 626 0.41 -22.80 -22.33
C LYS C 626 0.64 -24.30 -22.29
N GLN C 627 0.93 -24.85 -21.10
CA GLN C 627 1.09 -26.29 -20.97
C GLN C 627 -0.19 -27.03 -21.34
N TRP C 628 -1.35 -26.50 -20.94
CA TRP C 628 -2.61 -27.14 -21.29
C TRP C 628 -2.84 -27.15 -22.80
N LEU C 629 -2.53 -26.04 -23.47
CA LEU C 629 -2.65 -26.02 -24.92
C LEU C 629 -1.69 -27.00 -25.57
N MET C 630 -0.47 -27.10 -25.06
CA MET C 630 0.48 -28.07 -25.59
C MET C 630 -0.02 -29.51 -25.38
N ALA C 631 -0.71 -29.75 -24.27
CA ALA C 631 -1.26 -31.08 -24.02
C ALA C 631 -2.41 -31.38 -24.97
N TRP C 632 -3.25 -30.38 -25.26
CA TRP C 632 -4.26 -30.54 -26.30
C TRP C 632 -3.61 -30.90 -27.63
N THR C 633 -2.50 -30.24 -27.96
CA THR C 633 -1.85 -30.48 -29.24
C THR C 633 -1.21 -31.88 -29.28
N ALA C 634 -0.69 -32.35 -28.15
CA ALA C 634 0.05 -33.61 -28.15
C ALA C 634 -0.86 -34.81 -28.40
N LYS C 635 -2.13 -34.73 -27.98
CA LYS C 635 -3.07 -35.84 -28.07
C LYS C 635 -4.05 -35.67 -29.22
N GLU C 636 -3.58 -35.18 -30.36
CA GLU C 636 -4.45 -34.89 -31.49
C GLU C 636 -5.18 -36.15 -31.97
N SER C 637 -4.43 -37.14 -32.45
CA SER C 637 -5.01 -38.32 -33.07
C SER C 637 -4.90 -39.57 -32.20
N SER C 638 -4.85 -39.40 -30.89
CA SER C 638 -4.80 -40.52 -29.97
C SER C 638 -6.21 -41.02 -29.67
N GLN C 639 -6.34 -41.89 -28.68
CA GLN C 639 -7.63 -42.41 -28.27
C GLN C 639 -8.09 -41.89 -26.92
N GLU C 640 -7.15 -41.50 -26.05
CA GLU C 640 -7.50 -41.07 -24.71
C GLU C 640 -8.21 -39.73 -24.73
N SER C 641 -8.87 -39.41 -23.62
CA SER C 641 -9.59 -38.15 -23.47
C SER C 641 -8.59 -37.06 -23.06
N ILE C 642 -9.11 -35.90 -22.67
CA ILE C 642 -8.27 -34.77 -22.33
C ILE C 642 -8.59 -34.29 -20.92
N GLU C 643 -9.51 -34.98 -20.25
CA GLU C 643 -9.99 -34.53 -18.95
C GLU C 643 -8.88 -34.54 -17.90
N GLY C 644 -7.94 -35.47 -18.01
CA GLY C 644 -6.86 -35.50 -17.04
C GLY C 644 -6.05 -34.22 -17.02
N ASP C 645 -5.70 -33.71 -18.20
CA ASP C 645 -4.93 -32.48 -18.26
C ASP C 645 -5.75 -31.29 -17.79
N THR C 646 -7.07 -31.32 -17.98
CA THR C 646 -7.90 -30.24 -17.44
C THR C 646 -7.93 -30.29 -15.92
N ALA C 647 -7.99 -31.48 -15.34
CA ALA C 647 -7.95 -31.59 -13.87
C ALA C 647 -6.61 -31.10 -13.34
N ILE C 648 -5.51 -31.46 -14.01
CA ILE C 648 -4.21 -31.02 -13.55
C ILE C 648 -4.07 -29.50 -13.68
N LEU C 649 -4.62 -28.94 -14.77
CA LEU C 649 -4.63 -27.49 -14.92
C LEU C 649 -5.42 -26.81 -13.80
N LEU C 650 -6.58 -27.37 -13.46
CA LEU C 650 -7.37 -26.78 -12.38
C LEU C 650 -6.63 -26.85 -11.05
N VAL C 651 -5.94 -27.96 -10.79
CA VAL C 651 -5.19 -28.08 -9.53
C VAL C 651 -4.06 -27.05 -9.51
N ARG C 652 -3.33 -26.93 -10.61
CA ARG C 652 -2.23 -25.96 -10.67
C ARG C 652 -2.75 -24.54 -10.50
N ALA C 653 -3.91 -24.23 -11.09
CA ALA C 653 -4.43 -22.88 -11.00
C ALA C 653 -4.98 -22.56 -9.62
N ILE C 654 -5.53 -23.56 -8.93
CA ILE C 654 -5.95 -23.34 -7.56
C ILE C 654 -4.73 -23.14 -6.67
N GLU C 655 -3.65 -23.88 -6.92
CA GLU C 655 -2.45 -23.76 -6.10
C GLU C 655 -1.67 -22.49 -6.38
N ILE C 656 -1.82 -21.89 -7.57
CA ILE C 656 -1.14 -20.62 -7.84
C ILE C 656 -1.62 -19.55 -6.87
N PHE C 657 -2.93 -19.29 -6.86
CA PHE C 657 -3.50 -18.40 -5.86
C PHE C 657 -3.26 -18.97 -4.46
N GLY C 658 -3.22 -18.08 -3.48
CA GLY C 658 -2.89 -18.49 -2.13
C GLY C 658 -1.39 -18.49 -1.90
N GLY C 659 -0.63 -18.87 -2.91
CA GLY C 659 0.81 -18.84 -2.82
C GLY C 659 1.39 -19.89 -1.90
N ARG C 660 1.26 -21.16 -2.27
CA ARG C 660 1.82 -22.26 -1.50
C ARG C 660 2.86 -22.97 -2.37
N HIS C 661 4.13 -22.87 -1.97
CA HIS C 661 5.20 -23.53 -2.69
C HIS C 661 5.31 -24.99 -2.26
N VAL C 662 6.25 -25.69 -2.87
CA VAL C 662 6.69 -27.01 -2.43
C VAL C 662 8.20 -27.07 -2.55
N LEU C 663 8.86 -27.51 -1.47
CA LEU C 663 10.32 -27.46 -1.40
C LEU C 663 10.89 -28.57 -2.27
N THR C 664 11.12 -28.23 -3.54
CA THR C 664 11.66 -29.18 -4.52
C THR C 664 13.04 -29.69 -4.15
N GLY C 665 13.68 -29.14 -3.13
CA GLY C 665 14.99 -29.60 -2.71
C GLY C 665 14.97 -31.04 -2.22
N GLN C 666 14.12 -31.33 -1.25
CA GLN C 666 14.01 -32.69 -0.74
C GLN C 666 13.37 -33.61 -1.77
N ARG C 667 13.58 -34.91 -1.57
CA ARG C 667 13.05 -35.95 -2.44
C ARG C 667 11.58 -36.30 -2.14
N PRO C 668 11.20 -36.49 -0.87
CA PRO C 668 9.82 -36.94 -0.60
C PRO C 668 8.75 -36.01 -1.12
N ASP C 669 8.96 -34.69 -1.01
CA ASP C 669 7.97 -33.75 -1.52
C ASP C 669 7.77 -33.93 -3.02
N LEU C 670 8.86 -33.97 -3.77
CA LEU C 670 8.80 -34.16 -5.22
C LEU C 670 8.07 -35.45 -5.57
N TRP C 671 8.46 -36.56 -4.93
CA TRP C 671 7.88 -37.85 -5.28
C TRP C 671 6.40 -37.92 -4.92
N GLU C 672 6.02 -37.40 -3.76
CA GLU C 672 4.62 -37.41 -3.36
C GLU C 672 3.78 -36.56 -4.30
N TYR C 673 4.28 -35.37 -4.67
CA TYR C 673 3.55 -34.52 -5.59
C TYR C 673 3.35 -35.20 -6.92
N SER C 674 4.40 -35.85 -7.44
CA SER C 674 4.29 -36.55 -8.71
C SER C 674 3.27 -37.66 -8.64
N GLN C 675 3.30 -38.45 -7.57
CA GLN C 675 2.34 -39.54 -7.43
C GLN C 675 0.91 -39.02 -7.36
N LEU C 676 0.69 -37.93 -6.62
CA LEU C 676 -0.64 -37.36 -6.51
C LEU C 676 -1.16 -36.89 -7.85
N GLU C 677 -0.31 -36.19 -8.61
CA GLU C 677 -0.74 -35.70 -9.93
C GLU C 677 -1.08 -36.85 -10.86
N GLN C 678 -0.21 -37.86 -10.94
CA GLN C 678 -0.50 -39.01 -11.79
C GLN C 678 -1.81 -39.68 -11.40
N LEU C 679 -2.04 -39.83 -10.09
CA LEU C 679 -3.23 -40.52 -9.62
C LEU C 679 -4.50 -39.76 -10.00
N THR C 680 -4.52 -38.43 -9.77
CA THR C 680 -5.72 -37.68 -10.09
C THR C 680 -5.96 -37.64 -11.60
N SER C 681 -4.89 -37.57 -12.40
CA SER C 681 -5.06 -37.61 -13.85
C SER C 681 -5.70 -38.93 -14.29
N SER C 682 -5.18 -40.04 -13.78
CA SER C 682 -5.74 -41.34 -14.15
C SER C 682 -7.19 -41.48 -13.72
N ILE C 683 -7.52 -40.98 -12.52
CA ILE C 683 -8.89 -41.07 -12.03
C ILE C 683 -9.83 -40.31 -12.95
N CYS C 684 -9.48 -39.06 -13.30
CA CYS C 684 -10.36 -38.28 -14.15
C CYS C 684 -10.50 -38.90 -15.54
N CYS C 685 -9.41 -39.46 -16.07
CA CYS C 685 -9.48 -40.11 -17.37
C CYS C 685 -10.45 -41.29 -17.34
N LYS C 686 -10.29 -42.19 -16.36
CA LYS C 686 -11.18 -43.34 -16.28
C LYS C 686 -12.62 -42.91 -16.05
N LEU C 687 -12.84 -41.83 -15.31
CA LEU C 687 -14.22 -41.39 -15.07
C LEU C 687 -14.86 -40.83 -16.33
N SER C 688 -14.11 -40.06 -17.12
CA SER C 688 -14.63 -39.61 -18.40
C SER C 688 -14.95 -40.79 -19.32
N ARG C 689 -14.08 -41.81 -19.30
CA ARG C 689 -14.36 -43.01 -20.09
C ARG C 689 -15.65 -43.68 -19.62
N ARG C 690 -15.87 -43.74 -18.30
CA ARG C 690 -17.11 -44.30 -17.77
C ARG C 690 -18.31 -43.54 -18.30
N VAL C 691 -18.28 -42.22 -18.22
CA VAL C 691 -19.43 -41.43 -18.67
C VAL C 691 -19.68 -41.65 -20.14
N LEU C 692 -18.62 -41.65 -20.96
CA LEU C 692 -18.80 -41.82 -22.40
C LEU C 692 -19.35 -43.21 -22.71
N ALA C 693 -18.85 -44.24 -22.03
CA ALA C 693 -19.35 -45.59 -22.26
C ALA C 693 -20.81 -45.72 -21.86
N GLN C 694 -21.21 -45.08 -20.75
CA GLN C 694 -22.59 -45.17 -20.32
C GLN C 694 -23.52 -44.42 -21.27
N GLU C 695 -23.02 -43.34 -21.88
CA GLU C 695 -23.88 -42.55 -22.77
C GLU C 695 -24.33 -43.36 -23.99
N ASN C 696 -23.44 -44.14 -24.58
CA ASN C 696 -23.77 -44.90 -25.78
C ASN C 696 -24.58 -46.15 -25.49
N GLY C 697 -24.96 -46.39 -24.23
CA GLY C 697 -25.72 -47.57 -23.88
C GLY C 697 -25.01 -48.86 -24.22
N GLU C 698 -23.88 -49.10 -23.56
CA GLU C 698 -23.11 -50.32 -23.81
C GLU C 698 -23.68 -51.50 -23.06
N SER C 699 -23.54 -51.50 -21.73
CA SER C 699 -24.02 -52.59 -20.89
C SER C 699 -23.95 -52.21 -19.42
N THR C 700 -24.20 -53.17 -18.54
CA THR C 700 -24.00 -52.96 -17.11
C THR C 700 -22.70 -53.57 -16.62
N GLU C 701 -22.22 -54.63 -17.29
CA GLU C 701 -20.97 -55.27 -16.88
C GLU C 701 -19.79 -54.33 -17.05
N LYS C 702 -19.70 -53.64 -18.20
CA LYS C 702 -18.60 -52.72 -18.43
C LYS C 702 -18.67 -51.54 -17.46
N VAL C 703 -19.88 -51.06 -17.18
CA VAL C 703 -20.05 -49.98 -16.20
C VAL C 703 -19.56 -50.42 -14.84
N GLU C 704 -19.88 -51.67 -14.45
CA GLU C 704 -19.43 -52.18 -13.17
C GLU C 704 -17.91 -52.34 -13.12
N GLU C 705 -17.31 -52.79 -14.23
CA GLU C 705 -15.86 -52.90 -14.31
C GLU C 705 -15.19 -51.55 -14.11
N ILE C 706 -15.66 -50.53 -14.83
CA ILE C 706 -15.05 -49.20 -14.73
C ILE C 706 -15.28 -48.63 -13.35
N ASP C 707 -16.45 -48.86 -12.76
CA ASP C 707 -16.70 -48.40 -11.40
C ASP C 707 -15.77 -49.06 -10.40
N GLN C 708 -15.50 -50.35 -10.59
CA GLN C 708 -14.55 -51.05 -9.72
C GLN C 708 -13.17 -50.41 -9.81
N GLN C 709 -12.69 -50.17 -11.04
CA GLN C 709 -11.38 -49.55 -11.21
C GLN C 709 -11.33 -48.17 -10.58
N VAL C 710 -12.37 -47.37 -10.79
CA VAL C 710 -12.40 -46.02 -10.24
C VAL C 710 -12.44 -46.07 -8.71
N ASP C 711 -13.14 -47.06 -8.15
CA ASP C 711 -13.19 -47.19 -6.70
C ASP C 711 -11.81 -47.54 -6.15
N LEU C 712 -11.10 -48.46 -6.80
CA LEU C 712 -9.74 -48.78 -6.35
C LEU C 712 -8.85 -47.54 -6.38
N GLU C 713 -8.86 -46.81 -7.49
CA GLU C 713 -8.02 -45.62 -7.59
C GLU C 713 -8.40 -44.57 -6.55
N MET C 714 -9.71 -44.38 -6.33
CA MET C 714 -10.15 -43.39 -5.35
C MET C 714 -9.76 -43.78 -3.94
N GLN C 715 -9.82 -45.08 -3.63
CA GLN C 715 -9.37 -45.53 -2.31
C GLN C 715 -7.88 -45.27 -2.12
N GLU C 716 -7.08 -45.56 -3.15
CA GLU C 716 -5.65 -45.28 -3.06
C GLU C 716 -5.39 -43.79 -2.83
N LEU C 717 -6.10 -42.94 -3.58
CA LEU C 717 -5.92 -41.50 -3.41
C LEU C 717 -6.37 -41.03 -2.03
N THR C 718 -7.45 -41.61 -1.51
CA THR C 718 -7.89 -41.28 -0.16
C THR C 718 -6.83 -41.65 0.86
N ARG C 719 -6.21 -42.81 0.69
CA ARG C 719 -5.09 -43.18 1.56
C ARG C 719 -3.96 -42.15 1.47
N ARG C 720 -3.62 -41.74 0.24
CA ARG C 720 -2.50 -40.83 0.08
C ARG C 720 -2.79 -39.44 0.67
N VAL C 721 -4.06 -39.04 0.70
CA VAL C 721 -4.39 -37.68 1.12
C VAL C 721 -4.67 -37.60 2.62
N LEU C 722 -5.40 -38.58 3.16
CA LEU C 722 -5.89 -38.46 4.54
C LEU C 722 -4.76 -38.62 5.55
N GLN C 723 -3.68 -39.29 5.18
CA GLN C 723 -2.59 -39.56 6.11
C GLN C 723 -2.05 -38.26 6.69
N GLY C 724 -1.45 -38.38 7.88
CA GLY C 724 -0.86 -37.27 8.59
C GLY C 724 0.65 -37.31 8.71
N CYS C 725 1.31 -38.28 8.09
CA CYS C 725 2.76 -38.40 8.12
C CYS C 725 3.41 -37.93 6.82
N SER C 726 2.65 -37.31 5.92
CA SER C 726 3.19 -36.80 4.67
C SER C 726 4.03 -35.56 4.93
N ALA C 727 4.93 -35.25 3.99
CA ALA C 727 5.84 -34.14 4.13
C ALA C 727 5.34 -32.85 3.50
N ILE C 728 4.17 -32.86 2.87
CA ILE C 728 3.56 -31.65 2.32
C ILE C 728 2.49 -31.18 3.30
N ASN C 729 2.24 -29.88 3.35
CA ASN C 729 1.20 -29.37 4.23
C ASN C 729 -0.17 -29.83 3.77
N ARG C 730 -1.15 -29.72 4.69
CA ARG C 730 -2.45 -30.33 4.48
C ARG C 730 -3.21 -29.67 3.33
N LEU C 731 -2.96 -28.38 3.10
CA LEU C 731 -3.81 -27.62 2.17
C LEU C 731 -3.71 -28.13 0.74
N THR C 732 -2.51 -28.50 0.29
CA THR C 732 -2.36 -28.98 -1.08
C THR C 732 -3.08 -30.30 -1.30
N ARG C 733 -2.94 -31.23 -0.34
CA ARG C 733 -3.65 -32.50 -0.44
C ARG C 733 -5.16 -32.29 -0.40
N GLU C 734 -5.62 -31.38 0.46
CA GLU C 734 -7.05 -31.08 0.49
C GLU C 734 -7.53 -30.48 -0.82
N THR C 735 -6.68 -29.69 -1.50
CA THR C 735 -7.05 -29.15 -2.80
C THR C 735 -7.16 -30.25 -3.85
N PHE C 736 -6.20 -31.17 -3.87
CA PHE C 736 -6.29 -32.32 -4.76
C PHE C 736 -7.59 -33.08 -4.52
N LEU C 737 -7.93 -33.31 -3.25
CA LEU C 737 -9.16 -34.01 -2.91
C LEU C 737 -10.38 -33.25 -3.40
N HIS C 738 -10.40 -31.93 -3.18
CA HIS C 738 -11.52 -31.11 -3.64
C HIS C 738 -11.73 -31.24 -5.14
N VAL C 739 -10.65 -31.13 -5.91
CA VAL C 739 -10.78 -31.20 -7.37
C VAL C 739 -11.30 -32.56 -7.81
N VAL C 740 -10.67 -33.63 -7.33
CA VAL C 740 -11.06 -34.97 -7.78
C VAL C 740 -12.48 -35.28 -7.34
N LYS C 741 -12.87 -34.80 -6.15
CA LYS C 741 -14.22 -35.07 -5.66
C LYS C 741 -15.25 -34.27 -6.45
N SER C 742 -14.90 -33.05 -6.86
CA SER C 742 -15.81 -32.28 -7.71
C SER C 742 -16.05 -33.01 -9.02
N PHE C 743 -14.99 -33.51 -9.64
CA PHE C 743 -15.16 -34.26 -10.89
C PHE C 743 -15.99 -35.52 -10.65
N CYS C 744 -15.71 -36.25 -9.56
CA CYS C 744 -16.45 -37.47 -9.29
C CYS C 744 -17.92 -37.19 -9.01
N TYR C 745 -18.22 -36.05 -8.38
CA TYR C 745 -19.61 -35.72 -8.08
C TYR C 745 -20.36 -35.32 -9.35
N VAL C 746 -19.73 -34.49 -10.19
CA VAL C 746 -20.41 -34.11 -11.42
C VAL C 746 -20.54 -35.29 -12.37
N ALA C 747 -19.73 -36.34 -12.18
CA ALA C 747 -19.82 -37.51 -13.05
C ALA C 747 -20.97 -38.44 -12.68
N TYR C 748 -21.52 -38.32 -11.47
CA TYR C 748 -22.49 -39.29 -10.96
C TYR C 748 -23.83 -38.66 -10.59
N CYS C 749 -24.30 -37.67 -11.36
CA CYS C 749 -25.56 -37.01 -11.04
C CYS C 749 -26.21 -36.48 -12.30
N SER C 750 -27.52 -36.67 -12.41
CA SER C 750 -28.28 -36.11 -13.52
C SER C 750 -28.42 -34.59 -13.34
N PRO C 751 -28.58 -33.84 -14.43
CA PRO C 751 -28.66 -32.38 -14.31
C PRO C 751 -29.86 -31.90 -13.51
N GLU C 752 -30.95 -32.67 -13.47
CA GLU C 752 -32.11 -32.26 -12.69
C GLU C 752 -31.77 -32.19 -11.19
N THR C 753 -31.11 -33.21 -10.67
CA THR C 753 -30.71 -33.20 -9.27
C THR C 753 -29.69 -32.10 -9.01
N ILE C 754 -28.84 -31.80 -9.99
CA ILE C 754 -27.89 -30.70 -9.84
C ILE C 754 -28.63 -29.38 -9.69
N ASP C 755 -29.62 -29.14 -10.55
CA ASP C 755 -30.38 -27.90 -10.47
C ASP C 755 -31.16 -27.82 -9.17
N SER C 756 -31.69 -28.95 -8.71
CA SER C 756 -32.40 -28.97 -7.43
C SER C 756 -31.47 -28.60 -6.28
N HIS C 757 -30.29 -29.21 -6.25
CA HIS C 757 -29.34 -28.91 -5.18
C HIS C 757 -28.90 -27.44 -5.24
N ILE C 758 -28.69 -26.91 -6.45
CA ILE C 758 -28.28 -25.51 -6.57
C ILE C 758 -29.38 -24.59 -6.05
N ASP C 759 -30.62 -24.84 -6.48
CA ASP C 759 -31.74 -24.05 -5.99
C ASP C 759 -31.94 -24.18 -4.48
N LYS C 760 -31.56 -25.32 -3.89
CA LYS C 760 -31.77 -25.52 -2.47
C LYS C 760 -30.66 -24.92 -1.61
N VAL C 761 -29.42 -24.90 -2.09
CA VAL C 761 -28.29 -24.44 -1.30
C VAL C 761 -28.18 -22.93 -1.28
N ILE C 762 -28.18 -22.30 -2.45
CA ILE C 762 -27.87 -20.88 -2.55
C ILE C 762 -29.11 -20.01 -2.38
N PHE C 763 -30.24 -20.39 -2.97
CA PHE C 763 -31.41 -19.52 -3.00
C PHE C 763 -32.40 -19.76 -1.86
N GLN C 764 -32.63 -21.02 -1.48
CA GLN C 764 -33.52 -21.30 -0.36
C GLN C 764 -32.83 -20.95 0.96
N ASP C 765 -32.89 -19.68 1.34
CA ASP C 765 -32.11 -19.20 2.47
C ASP C 765 -32.64 -19.76 3.79
N VAL C 766 -31.74 -19.84 4.78
CA VAL C 766 -32.10 -20.19 6.15
C VAL C 766 -32.74 -18.97 6.80
N ILE C 767 -33.31 -19.16 8.00
CA ILE C 767 -33.92 -18.10 8.78
C ILE C 767 -35.13 -17.53 8.06
N THR D 80 41.59 -10.57 -1.73
CA THR D 80 41.89 -10.84 -0.32
C THR D 80 41.35 -9.72 0.57
N THR D 81 40.41 -10.07 1.44
CA THR D 81 39.79 -9.07 2.31
C THR D 81 40.71 -8.61 3.44
N THR D 82 41.89 -9.23 3.58
CA THR D 82 42.80 -8.85 4.66
C THR D 82 43.26 -7.40 4.49
N MET D 83 43.66 -7.01 3.28
CA MET D 83 44.09 -5.63 3.06
C MET D 83 42.93 -4.66 3.23
N ILE D 84 41.71 -5.09 2.87
CA ILE D 84 40.53 -4.25 3.09
C ILE D 84 40.34 -4.00 4.58
N ASP D 85 40.40 -5.06 5.39
CA ASP D 85 40.29 -4.89 6.83
C ASP D 85 41.41 -4.05 7.40
N GLY D 86 42.62 -4.17 6.83
CA GLY D 86 43.71 -3.31 7.27
C GLY D 86 43.43 -1.84 7.00
N ILE D 87 42.98 -1.52 5.79
CA ILE D 87 42.62 -0.15 5.47
C ILE D 87 41.51 0.35 6.41
N ARG D 88 40.54 -0.51 6.69
CA ARG D 88 39.44 -0.12 7.56
C ARG D 88 39.95 0.20 8.97
N THR D 89 40.74 -0.70 9.55
CA THR D 89 41.24 -0.47 10.90
C THR D 89 42.30 0.62 10.96
N ALA D 90 42.83 1.04 9.81
CA ALA D 90 43.71 2.20 9.77
C ALA D 90 42.95 3.50 9.57
N LEU D 91 41.74 3.45 9.02
CA LEU D 91 40.94 4.64 8.81
C LEU D 91 40.00 4.92 9.97
N ARG D 92 39.71 3.91 10.80
CA ARG D 92 38.80 4.10 11.92
C ARG D 92 39.42 4.96 13.02
N SER D 93 40.75 4.93 13.14
CA SER D 93 41.46 5.60 14.24
C SER D 93 42.06 6.93 13.81
N ILE D 94 41.36 7.68 12.96
CA ILE D 94 41.83 8.99 12.56
C ILE D 94 41.96 9.91 13.77
N GLY D 95 43.07 10.60 13.86
CA GLY D 95 43.28 11.58 14.91
C GLY D 95 43.54 12.96 14.31
N GLU D 96 44.69 13.55 14.65
CA GLU D 96 45.09 14.82 14.06
C GLU D 96 45.97 14.64 12.82
N GLY D 97 45.95 13.44 12.22
CA GLY D 97 46.65 13.22 10.97
C GLY D 97 48.12 12.90 11.13
N GLU D 98 48.57 11.83 10.45
CA GLU D 98 49.98 11.50 10.44
C GLU D 98 50.71 12.32 9.39
N ILE D 99 52.00 12.56 9.64
CA ILE D 99 52.81 13.36 8.73
C ILE D 99 54.28 13.12 9.08
N SER D 100 55.13 13.16 8.07
CA SER D 100 56.56 12.94 8.25
C SER D 100 57.17 14.10 9.05
N ILE D 101 58.33 13.81 9.64
CA ILE D 101 59.04 14.78 10.48
C ILE D 101 60.04 15.54 9.63
N SER D 102 60.21 16.82 9.93
CA SER D 102 61.15 17.67 9.21
C SER D 102 62.46 17.80 10.00
N ALA D 103 63.36 18.61 9.47
CA ALA D 103 64.65 18.89 10.11
C ALA D 103 64.82 20.35 10.44
N TYR D 104 64.36 21.25 9.56
CA TYR D 104 64.46 22.68 9.81
C TYR D 104 63.71 23.09 11.07
N ASP D 105 62.54 22.49 11.29
CA ASP D 105 61.73 22.86 12.44
C ASP D 105 62.34 22.33 13.73
N THR D 106 62.84 21.09 13.71
CA THR D 106 63.53 20.55 14.88
C THR D 106 64.71 21.43 15.26
N SER D 107 65.50 21.83 14.26
CA SER D 107 66.66 22.68 14.51
C SER D 107 66.24 24.01 15.09
N LEU D 108 65.32 24.71 14.43
CA LEU D 108 64.90 26.02 14.90
C LEU D 108 64.17 25.97 16.24
N VAL D 109 63.71 24.78 16.66
CA VAL D 109 63.12 24.63 17.98
C VAL D 109 64.15 24.32 19.05
N ALA D 110 65.20 23.54 18.72
CA ALA D 110 66.18 23.13 19.73
C ALA D 110 66.90 24.30 20.38
N LEU D 111 66.76 25.52 19.84
CA LEU D 111 67.41 26.70 20.42
C LEU D 111 66.68 27.23 21.66
N LEU D 112 65.67 26.53 22.17
CA LEU D 112 64.95 27.00 23.35
C LEU D 112 65.81 26.77 24.59
N LYS D 113 66.07 27.85 25.32
CA LYS D 113 66.91 27.79 26.51
C LYS D 113 66.15 27.13 27.67
N ARG D 114 66.91 26.72 28.67
CA ARG D 114 66.31 26.12 29.86
C ARG D 114 65.59 27.19 30.68
N LEU D 115 64.53 26.78 31.38
CA LEU D 115 63.75 27.73 32.16
C LEU D 115 64.44 28.15 33.45
N ASP D 116 65.44 27.39 33.90
CA ASP D 116 66.16 27.72 35.12
C ASP D 116 67.60 27.21 35.09
N PRO D 121 69.14 23.66 25.82
CA PRO D 121 68.23 22.68 25.22
C PRO D 121 67.16 22.19 26.20
N GLN D 122 65.95 22.76 26.12
CA GLN D 122 64.89 22.35 27.01
C GLN D 122 64.43 20.92 26.72
N PHE D 123 64.44 20.52 25.46
CA PHE D 123 64.03 19.18 25.05
C PHE D 123 65.25 18.45 24.49
N PRO D 124 65.84 17.53 25.25
CA PRO D 124 66.99 16.78 24.73
C PRO D 124 66.64 15.81 23.60
N SER D 125 65.39 15.33 23.55
CA SER D 125 64.98 14.42 22.49
C SER D 125 65.14 15.05 21.11
N THR D 126 65.00 16.37 21.02
CA THR D 126 65.21 17.05 19.75
C THR D 126 66.63 16.84 19.23
N ILE D 127 67.63 17.05 20.10
CA ILE D 127 69.01 16.86 19.68
C ILE D 127 69.32 15.39 19.47
N ASP D 128 68.70 14.52 20.28
CA ASP D 128 68.84 13.09 20.08
C ASP D 128 68.41 12.69 18.67
N TRP D 129 67.24 13.18 18.25
CA TRP D 129 66.79 12.91 16.89
C TRP D 129 67.72 13.55 15.86
N ILE D 130 68.10 14.80 16.07
CA ILE D 130 68.91 15.51 15.08
C ILE D 130 70.27 14.86 14.88
N VAL D 131 70.76 14.11 15.87
CA VAL D 131 71.99 13.35 15.67
C VAL D 131 71.72 11.93 15.20
N GLN D 132 70.52 11.40 15.47
CA GLN D 132 70.19 10.01 15.13
C GLN D 132 69.78 9.84 13.66
N ASN D 133 69.62 10.92 12.91
CA ASN D 133 69.00 10.86 11.58
C ASN D 133 69.92 11.46 10.52
N GLN D 134 71.17 11.01 10.49
CA GLN D 134 72.14 11.49 9.53
C GLN D 134 72.18 10.59 8.30
N LEU D 135 72.27 11.20 7.13
CA LEU D 135 72.35 10.48 5.87
C LEU D 135 73.78 10.00 5.62
N PRO D 136 73.97 9.03 4.72
CA PRO D 136 75.34 8.66 4.31
C PRO D 136 76.07 9.84 3.68
N ASP D 137 75.39 10.53 2.76
CA ASP D 137 75.98 11.70 2.12
C ASP D 137 76.26 12.81 3.13
N GLY D 138 75.45 12.93 4.18
CA GLY D 138 75.68 13.89 5.24
C GLY D 138 74.64 14.98 5.36
N SER D 139 73.62 15.01 4.50
CA SER D 139 72.60 16.03 4.55
C SER D 139 71.43 15.58 5.43
N TRP D 140 70.34 16.35 5.39
CA TRP D 140 69.16 16.07 6.19
C TRP D 140 67.91 16.25 5.35
N GLY D 141 66.91 15.41 5.61
CA GLY D 141 65.65 15.48 4.90
C GLY D 141 65.70 14.94 3.49
N ASP D 142 64.54 14.71 2.88
CA ASP D 142 64.42 14.25 1.50
C ASP D 142 65.17 12.93 1.30
N ALA D 143 64.65 11.91 1.98
CA ALA D 143 65.24 10.57 1.96
C ALA D 143 65.56 10.09 0.55
N SER D 144 64.57 10.11 -0.35
CA SER D 144 64.74 9.55 -1.69
C SER D 144 64.33 10.52 -2.79
N PHE D 145 64.30 11.83 -2.52
CA PHE D 145 63.98 12.83 -3.53
C PHE D 145 65.09 13.88 -3.54
N PHE D 146 65.90 13.88 -4.59
CA PHE D 146 67.04 14.77 -4.67
C PHE D 146 66.60 16.16 -5.11
N MET D 147 66.67 17.12 -4.18
CA MET D 147 66.35 18.50 -4.49
C MET D 147 67.12 19.41 -3.55
N MET D 148 67.84 20.38 -4.10
CA MET D 148 68.70 21.26 -3.32
C MET D 148 67.99 22.52 -2.83
N GLY D 149 66.94 22.96 -3.52
CA GLY D 149 66.24 24.17 -3.12
C GLY D 149 65.82 24.16 -1.66
N ASP D 150 65.46 22.98 -1.14
CA ASP D 150 65.18 22.82 0.27
C ASP D 150 66.33 22.20 1.04
N ARG D 151 67.17 21.41 0.38
CA ARG D 151 68.32 20.79 1.04
C ARG D 151 69.25 21.83 1.61
N ILE D 152 69.40 22.97 0.94
CA ILE D 152 70.28 24.03 1.43
C ILE D 152 69.85 24.48 2.82
N MET D 153 68.55 24.78 2.98
CA MET D 153 68.04 25.17 4.30
C MET D 153 68.14 24.01 5.28
N SER D 154 67.72 22.81 4.85
CA SER D 154 67.71 21.65 5.73
C SER D 154 69.08 21.32 6.28
N THR D 155 70.16 21.63 5.55
CA THR D 155 71.48 21.38 6.11
C THR D 155 72.04 22.60 6.84
N LEU D 156 71.75 23.82 6.37
CA LEU D 156 72.32 25.01 6.99
C LEU D 156 71.74 25.24 8.37
N ALA D 157 70.40 25.26 8.48
CA ALA D 157 69.79 25.45 9.79
C ALA D 157 70.14 24.31 10.73
N CYS D 158 70.22 23.08 10.19
CA CYS D 158 70.59 21.94 11.02
C CYS D 158 71.98 22.08 11.60
N VAL D 159 72.96 22.41 10.75
CA VAL D 159 74.34 22.52 11.22
C VAL D 159 74.49 23.71 12.16
N VAL D 160 73.72 24.79 11.93
CA VAL D 160 73.78 25.94 12.82
C VAL D 160 73.26 25.57 14.21
N ALA D 161 72.08 24.93 14.26
CA ALA D 161 71.52 24.54 15.54
C ALA D 161 72.34 23.46 16.23
N LEU D 162 73.07 22.64 15.47
CA LEU D 162 73.88 21.59 16.07
C LEU D 162 75.21 22.11 16.60
N LYS D 163 75.82 23.08 15.91
CA LYS D 163 77.12 23.57 16.35
C LYS D 163 76.97 24.56 17.51
N SER D 164 75.81 25.23 17.60
CA SER D 164 75.61 26.23 18.64
C SER D 164 75.65 25.64 20.04
N TRP D 165 75.65 24.32 20.17
CA TRP D 165 75.81 23.66 21.46
C TRP D 165 77.16 22.99 21.62
N ASN D 166 78.03 23.07 20.61
CA ASN D 166 79.39 22.51 20.66
C ASN D 166 79.35 21.01 20.97
N ILE D 167 78.70 20.26 20.09
CA ILE D 167 78.58 18.81 20.22
C ILE D 167 78.75 18.19 18.84
N HIS D 168 79.60 17.17 18.75
CA HIS D 168 79.78 16.37 17.54
C HIS D 168 80.17 17.25 16.35
N THR D 169 81.36 17.83 16.43
CA THR D 169 81.83 18.75 15.40
C THR D 169 82.11 18.06 14.06
N ASP D 170 82.27 16.73 14.06
CA ASP D 170 82.55 16.02 12.81
C ASP D 170 81.39 16.16 11.82
N LYS D 171 80.16 15.98 12.31
CA LYS D 171 79.00 16.18 11.45
C LYS D 171 78.93 17.63 10.97
N CYS D 172 79.26 18.57 11.85
CA CYS D 172 79.34 19.97 11.47
C CYS D 172 80.28 20.18 10.28
N GLU D 173 81.50 19.65 10.38
CA GLU D 173 82.47 19.84 9.30
C GLU D 173 82.03 19.14 8.02
N ARG D 174 81.43 17.95 8.15
CA ARG D 174 80.98 17.24 6.95
C ARG D 174 79.86 17.99 6.23
N GLY D 175 78.88 18.49 6.99
CA GLY D 175 77.83 19.28 6.37
C GLY D 175 78.35 20.58 5.79
N LEU D 176 79.34 21.20 6.46
CA LEU D 176 79.94 22.41 5.93
C LEU D 176 80.64 22.15 4.61
N LEU D 177 81.38 21.05 4.52
CA LEU D 177 82.04 20.71 3.25
C LEU D 177 81.00 20.40 2.19
N PHE D 178 79.90 19.74 2.57
CA PHE D 178 78.83 19.44 1.62
C PHE D 178 78.25 20.72 1.03
N ILE D 179 77.88 21.67 1.88
CA ILE D 179 77.31 22.92 1.36
C ILE D 179 78.35 23.69 0.54
N GLN D 180 79.60 23.68 1.00
CA GLN D 180 80.69 24.28 0.22
C GLN D 180 80.71 23.75 -1.21
N GLU D 181 80.66 22.43 -1.38
CA GLU D 181 80.78 21.88 -2.72
C GLU D 181 79.49 21.96 -3.51
N ASN D 182 78.33 22.01 -2.84
CA ASN D 182 77.05 21.85 -3.52
C ASN D 182 76.27 23.14 -3.69
N MET D 183 76.74 24.28 -3.14
CA MET D 183 75.96 25.50 -3.25
C MET D 183 75.92 26.08 -4.67
N TRP D 184 76.51 25.40 -5.65
CA TRP D 184 76.52 25.91 -7.02
C TRP D 184 75.31 25.46 -7.84
N ARG D 185 74.45 24.60 -7.28
CA ARG D 185 73.31 24.06 -8.00
C ARG D 185 72.03 24.86 -7.81
N LEU D 186 72.10 26.05 -7.23
CA LEU D 186 70.90 26.80 -6.85
C LEU D 186 70.29 27.59 -7.99
N ALA D 187 70.97 27.71 -9.13
CA ALA D 187 70.54 28.60 -10.21
C ALA D 187 69.86 27.86 -11.35
N HIS D 188 69.28 26.69 -11.07
CA HIS D 188 68.59 25.92 -12.10
C HIS D 188 67.24 25.36 -11.66
N GLU D 189 66.92 25.43 -10.37
CA GLU D 189 65.64 24.91 -9.90
C GLU D 189 64.48 25.64 -10.57
N GLU D 190 63.38 24.91 -10.78
CA GLU D 190 62.22 25.48 -11.43
C GLU D 190 61.64 26.63 -10.60
N GLU D 191 61.08 27.62 -11.32
CA GLU D 191 60.64 28.83 -10.67
C GLU D 191 59.37 28.61 -9.85
N ASP D 192 58.43 27.83 -10.36
CA ASP D 192 57.14 27.67 -9.68
C ASP D 192 57.25 26.80 -8.44
N TRP D 193 58.31 25.99 -8.36
CA TRP D 193 58.51 25.16 -7.17
C TRP D 193 59.27 25.92 -6.10
N MET D 194 58.78 27.11 -5.73
CA MET D 194 59.37 27.88 -4.66
C MET D 194 58.63 27.55 -3.37
N LEU D 195 59.39 27.19 -2.33
CA LEU D 195 58.80 26.66 -1.11
C LEU D 195 57.96 27.72 -0.38
N VAL D 196 57.16 27.23 0.57
CA VAL D 196 56.44 28.12 1.47
C VAL D 196 57.42 28.85 2.37
N GLY D 197 57.40 30.17 2.30
CA GLY D 197 58.30 30.98 3.12
C GLY D 197 59.76 30.73 2.82
N PHE D 198 60.21 31.12 1.63
CA PHE D 198 61.60 30.95 1.23
C PHE D 198 62.38 32.27 1.27
N GLU D 199 61.87 33.31 0.61
CA GLU D 199 62.55 34.60 0.64
C GLU D 199 62.41 35.26 2.00
N ILE D 200 61.50 34.78 2.84
CA ILE D 200 61.32 35.34 4.17
C ILE D 200 62.02 34.51 5.25
N ALA D 201 62.51 33.32 4.91
CA ALA D 201 63.20 32.47 5.87
C ALA D 201 64.67 32.26 5.54
N LEU D 202 65.02 32.12 4.26
CA LEU D 202 66.42 31.86 3.91
C LEU D 202 67.34 33.04 4.20
N PRO D 203 67.03 34.27 3.79
CA PRO D 203 67.97 35.37 4.04
C PRO D 203 68.23 35.63 5.52
N SER D 204 67.21 35.60 6.37
CA SER D 204 67.43 35.87 7.78
C SER D 204 68.15 34.70 8.46
N LEU D 205 67.88 33.47 8.02
CA LEU D 205 68.67 32.34 8.48
C LEU D 205 70.13 32.51 8.10
N LEU D 206 70.39 32.99 6.89
CA LEU D 206 71.77 33.20 6.45
C LEU D 206 72.44 34.29 7.28
N ASP D 207 71.70 35.36 7.59
CA ASP D 207 72.26 36.42 8.43
C ASP D 207 72.55 35.92 9.84
N MET D 208 71.63 35.13 10.41
CA MET D 208 71.85 34.56 11.74
C MET D 208 73.04 33.62 11.73
N ALA D 209 73.26 32.90 10.63
CA ALA D 209 74.40 32.00 10.54
C ALA D 209 75.70 32.76 10.35
N LYS D 210 75.66 33.92 9.67
CA LYS D 210 76.86 34.69 9.43
C LYS D 210 77.56 35.09 10.73
N ASP D 211 76.79 35.43 11.76
CA ASP D 211 77.39 35.82 13.04
C ASP D 211 78.24 34.68 13.61
N LEU D 212 77.72 33.47 13.58
CA LEU D 212 78.48 32.31 14.03
C LEU D 212 79.59 31.99 13.04
N ASP D 213 80.56 31.21 13.50
CA ASP D 213 81.75 30.91 12.69
C ASP D 213 81.39 29.92 11.59
N LEU D 214 81.15 30.43 10.38
CA LEU D 214 80.90 29.60 9.21
C LEU D 214 81.49 30.29 7.98
N ASP D 215 82.03 29.49 7.06
CA ASP D 215 82.70 30.00 5.87
C ASP D 215 81.97 29.62 4.58
N ILE D 216 80.64 29.64 4.60
CA ILE D 216 79.84 29.29 3.44
C ILE D 216 79.92 30.43 2.42
N PRO D 217 79.78 30.15 1.12
CA PRO D 217 79.94 31.21 0.10
C PRO D 217 78.74 32.16 0.03
N TYR D 218 78.77 33.17 0.90
CA TYR D 218 77.72 34.18 0.89
C TYR D 218 77.59 34.87 -0.45
N ASP D 219 78.70 35.00 -1.18
CA ASP D 219 78.66 35.55 -2.53
C ASP D 219 78.03 34.54 -3.48
N GLU D 220 77.20 35.03 -4.40
CA GLU D 220 76.51 34.17 -5.35
C GLU D 220 75.92 35.00 -6.48
N PRO D 221 76.08 34.56 -7.73
CA PRO D 221 75.45 35.28 -8.85
C PRO D 221 73.95 35.05 -8.95
N ALA D 222 73.38 34.18 -8.11
CA ALA D 222 71.96 33.86 -8.16
C ALA D 222 71.21 34.22 -6.89
N LEU D 223 71.90 34.71 -5.87
CA LEU D 223 71.26 34.97 -4.58
C LEU D 223 70.59 36.34 -4.52
N LYS D 224 70.85 37.23 -5.48
CA LYS D 224 70.25 38.56 -5.43
C LYS D 224 68.78 38.53 -5.83
N ALA D 225 68.40 37.63 -6.73
CA ALA D 225 66.99 37.50 -7.09
C ALA D 225 66.15 37.11 -5.90
N ILE D 226 66.73 36.38 -4.94
CA ILE D 226 65.99 36.03 -3.72
C ILE D 226 65.61 37.28 -2.95
N TYR D 227 66.56 38.21 -2.76
CA TYR D 227 66.25 39.44 -2.05
C TYR D 227 65.32 40.33 -2.86
N ALA D 228 65.45 40.31 -4.19
CA ALA D 228 64.51 41.05 -5.02
C ALA D 228 63.09 40.53 -4.83
N GLU D 229 62.91 39.21 -4.84
CA GLU D 229 61.59 38.63 -4.63
C GLU D 229 61.09 38.89 -3.22
N ARG D 230 61.99 38.91 -2.24
CA ARG D 230 61.62 39.26 -0.87
C ARG D 230 61.05 40.67 -0.81
N GLU D 231 61.74 41.63 -1.42
CA GLU D 231 61.24 43.00 -1.45
C GLU D 231 59.91 43.09 -2.19
N ARG D 232 59.78 42.38 -3.31
CA ARG D 232 58.52 42.39 -4.06
C ARG D 232 57.37 41.85 -3.21
N LYS D 233 57.61 40.75 -2.49
CA LYS D 233 56.58 40.17 -1.63
C LYS D 233 56.21 41.13 -0.51
N LEU D 234 57.22 41.73 0.13
CA LEU D 234 56.94 42.69 1.20
C LEU D 234 56.28 43.95 0.69
N ALA D 235 56.32 44.21 -0.63
CA ALA D 235 55.53 45.28 -1.22
C ALA D 235 54.07 44.87 -1.44
N LYS D 236 53.80 43.57 -1.56
CA LYS D 236 52.43 43.09 -1.71
C LYS D 236 51.64 43.16 -0.41
N ILE D 237 52.30 43.34 0.73
CA ILE D 237 51.63 43.39 2.02
C ILE D 237 52.29 44.47 2.86
N PRO D 238 51.63 45.61 3.09
CA PRO D 238 52.20 46.62 3.97
C PRO D 238 52.24 46.14 5.41
N ARG D 239 52.99 46.87 6.24
CA ARG D 239 53.16 46.47 7.63
C ARG D 239 51.90 46.72 8.46
N ASP D 240 51.01 47.61 8.01
CA ASP D 240 49.83 47.92 8.81
C ASP D 240 48.84 46.75 8.84
N VAL D 241 48.58 46.13 7.69
CA VAL D 241 47.65 45.00 7.63
C VAL D 241 48.18 43.77 8.35
N LEU D 242 49.46 43.76 8.71
CA LEU D 242 50.01 42.62 9.44
C LEU D 242 49.55 42.58 10.89
N HIS D 243 49.05 43.70 11.41
CA HIS D 243 48.59 43.78 12.79
C HIS D 243 47.08 43.91 12.91
N SER D 244 46.34 43.86 11.81
CA SER D 244 44.90 44.04 11.83
C SER D 244 44.16 42.72 11.65
N MET D 245 44.50 41.95 10.61
CA MET D 245 43.81 40.71 10.30
C MET D 245 44.81 39.58 10.16
N PRO D 246 44.43 38.35 10.51
CA PRO D 246 45.33 37.21 10.29
C PRO D 246 45.67 37.06 8.81
N THR D 247 46.92 36.73 8.53
CA THR D 247 47.42 36.69 7.17
C THR D 247 48.33 35.48 7.00
N THR D 248 48.44 35.02 5.75
CA THR D 248 49.30 33.89 5.43
C THR D 248 50.76 34.17 5.76
N LEU D 249 51.13 35.44 5.90
CA LEU D 249 52.51 35.80 6.21
C LEU D 249 52.92 35.36 7.61
N LEU D 250 51.96 35.16 8.51
CA LEU D 250 52.26 34.73 9.87
C LEU D 250 52.90 33.35 9.93
N HIS D 251 52.94 32.61 8.82
CA HIS D 251 53.54 31.29 8.82
C HIS D 251 55.06 31.39 9.01
N SER D 252 55.73 32.05 8.08
CA SER D 252 57.17 32.29 8.18
C SER D 252 57.37 33.65 8.83
N LEU D 253 57.46 33.67 10.16
CA LEU D 253 57.61 34.90 10.92
C LEU D 253 59.07 35.16 11.31
N GLU D 254 59.96 34.21 11.08
CA GLU D 254 61.37 34.37 11.46
C GLU D 254 61.97 35.62 10.83
N GLY D 255 61.96 35.69 9.51
CA GLY D 255 62.62 36.80 8.83
C GLY D 255 61.85 38.09 8.82
N MET D 256 61.29 38.49 9.96
CA MET D 256 60.66 39.79 10.09
C MET D 256 60.97 40.35 11.46
N VAL D 257 61.15 41.67 11.51
CA VAL D 257 61.49 42.37 12.75
C VAL D 257 60.59 43.59 12.87
N ASP D 258 60.83 44.36 13.93
CA ASP D 258 60.05 45.55 14.24
C ASP D 258 58.56 45.22 14.37
N LEU D 259 58.29 44.23 15.23
CA LEU D 259 56.93 43.77 15.47
C LEU D 259 56.65 43.82 16.96
N ASP D 260 55.66 44.63 17.34
CA ASP D 260 55.27 44.78 18.75
C ASP D 260 54.33 43.65 19.11
N TRP D 261 54.71 42.85 20.10
CA TRP D 261 53.93 41.68 20.50
C TRP D 261 52.74 42.03 21.37
N GLU D 262 52.32 43.30 21.42
CA GLU D 262 51.09 43.67 22.13
C GLU D 262 49.89 43.82 21.20
N LYS D 263 50.10 44.32 19.98
CA LYS D 263 49.03 44.45 18.99
C LYS D 263 48.91 43.24 18.10
N LEU D 264 49.68 42.18 18.36
CA LEU D 264 49.74 41.02 17.49
C LEU D 264 49.57 39.69 18.22
N LEU D 265 49.77 39.65 19.53
CA LEU D 265 49.81 38.41 20.28
C LEU D 265 48.44 37.77 20.43
N LYS D 266 47.35 38.46 20.08
CA LYS D 266 46.02 37.90 20.18
C LYS D 266 45.48 37.44 18.83
N LEU D 267 46.26 37.57 17.76
CA LEU D 267 45.85 37.10 16.44
C LEU D 267 46.13 35.62 16.22
N ARG D 268 46.71 34.94 17.20
CA ARG D 268 47.00 33.52 17.03
C ARG D 268 45.69 32.71 17.02
N CYS D 269 45.81 31.47 16.55
CA CYS D 269 44.65 30.61 16.38
C CYS D 269 44.05 30.24 17.74
N LEU D 270 42.91 29.53 17.68
CA LEU D 270 42.22 29.12 18.89
C LEU D 270 43.00 28.07 19.69
N ASP D 271 44.16 27.63 19.21
CA ASP D 271 44.98 26.67 19.93
C ASP D 271 46.22 27.29 20.55
N GLY D 272 46.61 28.48 20.11
CA GLY D 272 47.79 29.13 20.65
C GLY D 272 48.88 29.31 19.61
N SER D 273 48.93 28.38 18.65
CA SER D 273 49.96 28.39 17.63
C SER D 273 49.85 29.64 16.76
N PHE D 274 50.91 29.90 15.99
CA PHE D 274 50.96 31.00 15.04
C PHE D 274 50.78 30.39 13.65
N HIS D 275 49.52 30.30 13.21
CA HIS D 275 49.15 29.68 11.94
C HIS D 275 49.63 28.24 11.85
N CYS D 276 49.64 27.54 12.98
CA CYS D 276 49.97 26.11 13.05
C CYS D 276 51.36 25.82 12.48
N SER D 277 52.37 26.39 13.13
CA SER D 277 53.76 26.15 12.71
C SER D 277 54.69 26.26 13.91
N PRO D 278 55.35 25.16 14.29
CA PRO D 278 56.23 25.20 15.46
C PRO D 278 57.42 26.13 15.29
N ALA D 279 57.99 26.22 14.08
CA ALA D 279 59.15 27.07 13.84
C ALA D 279 58.85 28.55 14.03
N SER D 280 57.58 28.93 14.12
CA SER D 280 57.18 30.31 14.36
C SER D 280 56.77 30.55 15.80
N THR D 281 56.01 29.62 16.40
CA THR D 281 55.69 29.75 17.81
C THR D 281 56.94 29.65 18.68
N ALA D 282 57.99 29.00 18.18
CA ALA D 282 59.27 28.99 18.89
C ALA D 282 59.77 30.43 19.09
N THR D 283 59.90 31.18 18.00
CA THR D 283 60.33 32.57 18.10
C THR D 283 59.33 33.40 18.90
N ALA D 284 58.03 33.18 18.68
CA ALA D 284 57.02 33.94 19.40
C ALA D 284 57.11 33.74 20.90
N PHE D 285 57.55 32.56 21.35
CA PHE D 285 57.72 32.30 22.77
C PHE D 285 59.07 32.75 23.28
N GLN D 286 60.09 32.74 22.42
CA GLN D 286 61.43 33.14 22.82
C GLN D 286 61.53 34.62 23.15
N GLN D 287 60.49 35.41 22.87
CA GLN D 287 60.50 36.82 23.17
C GLN D 287 59.36 37.27 24.08
N THR D 288 58.32 36.44 24.25
CA THR D 288 57.23 36.77 25.16
C THR D 288 56.69 35.45 25.70
N GLY D 289 57.06 35.09 26.92
CA GLY D 289 56.81 33.76 27.44
C GLY D 289 55.39 33.48 27.86
N ASP D 290 54.47 33.42 26.90
CA ASP D 290 53.12 32.97 27.20
C ASP D 290 53.12 31.50 27.58
N GLN D 291 52.13 31.09 28.38
CA GLN D 291 52.04 29.71 28.81
C GLN D 291 51.40 28.81 27.75
N LYS D 292 50.52 29.36 26.91
CA LYS D 292 49.76 28.53 25.98
C LYS D 292 50.63 28.02 24.84
N CYS D 293 51.47 28.89 24.28
CA CYS D 293 52.39 28.45 23.24
C CYS D 293 53.35 27.38 23.76
N PHE D 294 53.85 27.57 24.98
CA PHE D 294 54.70 26.57 25.61
C PHE D 294 53.95 25.26 25.79
N GLU D 295 52.68 25.34 26.19
CA GLU D 295 51.87 24.13 26.35
C GLU D 295 51.72 23.40 25.03
N TYR D 296 51.46 24.14 23.94
CA TYR D 296 51.29 23.52 22.63
C TYR D 296 52.58 22.85 22.18
N LEU D 297 53.71 23.54 22.33
CA LEU D 297 54.99 22.97 21.92
C LEU D 297 55.32 21.73 22.74
N ASP D 298 55.08 21.79 24.05
CA ASP D 298 55.33 20.64 24.92
C ASP D 298 54.46 19.47 24.51
N GLY D 299 53.19 19.73 24.18
CA GLY D 299 52.31 18.66 23.74
C GLY D 299 52.80 18.00 22.46
N ILE D 300 53.18 18.81 21.48
CA ILE D 300 53.69 18.26 20.22
C ILE D 300 54.92 17.40 20.47
N VAL D 301 55.87 17.93 21.24
CA VAL D 301 57.12 17.21 21.49
C VAL D 301 56.86 15.91 22.23
N LYS D 302 56.02 15.96 23.28
CA LYS D 302 55.69 14.77 24.04
C LYS D 302 54.92 13.76 23.21
N LYS D 303 54.17 14.21 22.20
CA LYS D 303 53.40 13.30 21.36
C LYS D 303 54.27 12.58 20.34
N PHE D 304 55.04 13.32 19.54
CA PHE D 304 55.82 12.69 18.49
C PHE D 304 57.09 11.99 18.99
N ASN D 305 57.31 11.96 20.32
CA ASN D 305 58.41 11.19 20.91
C ASN D 305 59.75 11.54 20.27
N GLY D 306 59.99 12.82 20.07
CA GLY D 306 61.19 13.28 19.40
C GLY D 306 60.87 13.86 18.03
N GLY D 307 61.58 14.93 17.69
CA GLY D 307 61.31 15.61 16.45
C GLY D 307 60.03 16.43 16.51
N VAL D 308 59.69 17.01 15.37
CA VAL D 308 58.47 17.81 15.25
C VAL D 308 58.12 17.94 13.76
N PRO D 309 56.88 17.72 13.37
CA PRO D 309 56.50 17.79 11.96
C PRO D 309 56.45 19.24 11.48
N CYS D 310 56.25 19.39 10.17
CA CYS D 310 56.22 20.72 9.57
C CYS D 310 54.98 21.49 9.98
N ILE D 311 53.79 20.94 9.67
CA ILE D 311 52.52 21.59 9.99
C ILE D 311 51.74 20.68 10.92
N TYR D 312 51.00 21.29 11.86
CA TYR D 312 50.20 20.54 12.81
C TYR D 312 49.30 21.50 13.55
N PRO D 313 48.02 21.18 13.76
CA PRO D 313 47.35 19.98 13.26
C PRO D 313 46.64 20.22 11.93
N LEU D 314 46.20 19.15 11.28
CA LEU D 314 45.55 19.22 9.97
C LEU D 314 44.34 18.31 9.89
N ASP D 315 43.51 18.31 10.94
CA ASP D 315 42.42 17.34 11.06
C ASP D 315 41.26 17.55 10.09
N VAL D 316 41.31 18.42 9.09
CA VAL D 316 40.25 18.56 8.09
C VAL D 316 40.75 18.23 6.70
N TYR D 317 41.93 18.75 6.34
CA TYR D 317 42.62 18.35 5.12
C TYR D 317 42.66 16.83 4.98
N GLU D 318 43.04 16.16 6.05
CA GLU D 318 43.21 14.70 6.04
C GLU D 318 41.95 13.99 5.58
N ARG D 319 40.83 14.25 6.28
CA ARG D 319 39.59 13.53 5.99
C ARG D 319 39.11 13.80 4.57
N LEU D 320 39.16 15.07 4.14
CA LEU D 320 38.69 15.42 2.80
C LEU D 320 39.49 14.70 1.72
N TRP D 321 40.82 14.79 1.79
CA TRP D 321 41.61 14.15 0.74
C TRP D 321 41.53 12.63 0.81
N ALA D 322 41.42 12.07 2.01
CA ALA D 322 41.26 10.62 2.14
C ALA D 322 39.97 10.16 1.48
N VAL D 323 38.86 10.85 1.77
CA VAL D 323 37.59 10.45 1.19
C VAL D 323 37.61 10.64 -0.33
N ASP D 324 38.28 11.70 -0.81
CA ASP D 324 38.38 11.90 -2.25
C ASP D 324 39.10 10.75 -2.93
N ARG D 325 40.31 10.44 -2.46
CA ARG D 325 41.05 9.31 -3.02
C ARG D 325 40.29 8.01 -2.91
N LEU D 326 39.56 7.80 -1.81
CA LEU D 326 38.87 6.54 -1.59
C LEU D 326 37.67 6.39 -2.53
N THR D 327 36.95 7.49 -2.78
CA THR D 327 35.82 7.41 -3.68
C THR D 327 36.22 7.47 -5.14
N ARG D 328 37.46 7.89 -5.44
CA ARG D 328 37.88 7.83 -6.84
C ARG D 328 38.60 6.52 -7.17
N LEU D 329 39.19 5.85 -6.19
CA LEU D 329 39.76 4.54 -6.46
C LEU D 329 38.69 3.47 -6.70
N GLY D 330 37.48 3.68 -6.22
CA GLY D 330 36.38 2.78 -6.48
C GLY D 330 36.22 1.64 -5.50
N ILE D 331 36.52 1.90 -4.23
CA ILE D 331 36.28 0.91 -3.18
C ILE D 331 35.51 1.57 -2.04
N SER D 332 34.84 2.68 -2.34
CA SER D 332 34.10 3.39 -1.30
C SER D 332 32.88 2.61 -0.83
N ARG D 333 32.40 1.67 -1.64
CA ARG D 333 31.20 0.92 -1.27
C ARG D 333 31.43 -0.03 -0.12
N HIS D 334 32.69 -0.32 0.22
CA HIS D 334 32.99 -1.17 1.37
C HIS D 334 33.03 -0.40 2.69
N PHE D 335 33.35 0.89 2.65
CA PHE D 335 33.53 1.70 3.84
C PHE D 335 32.40 2.71 3.98
N THR D 336 31.18 2.29 3.65
CA THR D 336 30.03 3.20 3.70
C THR D 336 29.62 3.58 5.12
N SER D 337 30.32 3.10 6.13
CA SER D 337 30.05 3.48 7.51
C SER D 337 31.13 4.37 8.10
N GLU D 338 32.22 4.61 7.36
CA GLU D 338 33.28 5.51 7.79
C GLU D 338 33.31 6.83 7.01
N ILE D 339 32.92 6.78 5.73
CA ILE D 339 32.81 8.02 4.95
C ILE D 339 31.72 8.91 5.54
N GLU D 340 30.59 8.30 5.90
CA GLU D 340 29.49 9.01 6.55
C GLU D 340 29.73 9.24 8.02
N ASP D 341 30.97 9.03 8.43
CA ASP D 341 31.47 9.40 9.75
C ASP D 341 32.58 10.43 9.69
N CYS D 342 33.40 10.40 8.63
CA CYS D 342 34.37 11.47 8.42
C CYS D 342 33.70 12.73 7.90
N LEU D 343 32.70 12.60 7.04
CA LEU D 343 31.99 13.76 6.53
C LEU D 343 31.19 14.46 7.63
N ASP D 344 30.84 13.74 8.69
CA ASP D 344 30.07 14.34 9.78
C ASP D 344 30.88 15.45 10.47
N TYR D 345 32.17 15.20 10.69
CA TYR D 345 33.04 16.24 11.24
C TYR D 345 33.06 17.47 10.36
N ILE D 346 33.22 17.28 9.04
CA ILE D 346 33.28 18.41 8.12
C ILE D 346 31.98 19.19 8.16
N PHE D 347 30.85 18.49 8.21
CA PHE D 347 29.56 19.18 8.29
C PHE D 347 29.44 19.97 9.59
N ARG D 348 29.82 19.36 10.70
CA ARG D 348 29.71 20.04 11.99
C ARG D 348 30.59 21.27 12.06
N ASN D 349 31.74 21.25 11.38
CA ASN D 349 32.66 22.39 11.41
C ASN D 349 32.48 23.34 10.24
N TRP D 350 31.38 23.21 9.49
CA TRP D 350 31.12 24.14 8.40
C TRP D 350 30.91 25.55 8.95
N THR D 351 31.44 26.54 8.24
CA THR D 351 31.38 27.93 8.66
C THR D 351 30.87 28.79 7.51
N PRO D 352 30.30 29.96 7.82
CA PRO D 352 29.82 30.85 6.75
C PRO D 352 30.93 31.62 6.04
N ASP D 353 32.20 31.26 6.25
CA ASP D 353 33.32 31.93 5.60
C ASP D 353 34.21 30.98 4.82
N GLY D 354 34.03 29.68 4.94
CA GLY D 354 34.86 28.70 4.27
C GLY D 354 35.44 27.70 5.25
N LEU D 355 36.26 26.81 4.70
CA LEU D 355 36.93 25.77 5.47
C LEU D 355 38.44 25.92 5.31
N ALA D 356 39.12 26.24 6.40
CA ALA D 356 40.58 26.29 6.39
C ALA D 356 41.14 24.87 6.39
N HIS D 357 42.47 24.77 6.41
CA HIS D 357 43.11 23.46 6.46
C HIS D 357 43.09 22.84 7.85
N THR D 358 42.35 23.43 8.79
CA THR D 358 42.26 22.91 10.15
C THR D 358 40.98 23.43 10.77
N LYS D 359 40.51 22.74 11.81
CA LYS D 359 39.30 23.14 12.50
C LYS D 359 39.41 24.55 13.07
N ASN D 360 40.62 24.96 13.49
CA ASN D 360 40.77 26.18 14.26
C ASN D 360 41.78 27.14 13.63
N CYS D 361 41.66 27.38 12.33
CA CYS D 361 42.49 28.35 11.64
C CYS D 361 41.64 29.51 11.14
N PRO D 362 42.07 30.75 11.33
CA PRO D 362 41.22 31.91 11.00
C PRO D 362 41.33 32.42 9.58
N VAL D 363 42.18 31.82 8.74
CA VAL D 363 42.28 32.19 7.34
C VAL D 363 41.94 30.98 6.48
N LYS D 364 41.04 31.18 5.52
CA LYS D 364 40.51 30.10 4.70
C LYS D 364 40.98 30.25 3.27
N ASP D 365 41.10 29.12 2.58
CA ASP D 365 41.53 29.05 1.19
C ASP D 365 40.37 28.60 0.31
N ILE D 366 40.65 28.42 -0.98
CA ILE D 366 39.60 28.09 -1.95
C ILE D 366 39.62 26.62 -2.37
N ALA D 367 40.71 25.90 -2.13
CA ALA D 367 40.73 24.47 -2.45
C ALA D 367 39.89 23.68 -1.46
N ASP D 368 40.12 23.90 -0.16
CA ASP D 368 39.43 23.12 0.86
C ASP D 368 37.92 23.39 0.84
N THR D 369 37.52 24.65 0.73
CA THR D 369 36.10 24.96 0.75
C THR D 369 35.38 24.39 -0.47
N ALA D 370 36.01 24.46 -1.64
CA ALA D 370 35.38 23.93 -2.85
C ALA D 370 35.28 22.42 -2.79
N MET D 371 36.35 21.75 -2.34
CA MET D 371 36.33 20.30 -2.28
C MET D 371 35.32 19.82 -1.23
N GLY D 372 35.26 20.49 -0.08
CA GLY D 372 34.25 20.13 0.90
C GLY D 372 32.84 20.34 0.39
N PHE D 373 32.60 21.47 -0.28
CA PHE D 373 31.30 21.74 -0.88
C PHE D 373 30.88 20.62 -1.83
N ARG D 374 31.78 20.26 -2.75
CA ARG D 374 31.47 19.20 -3.70
C ARG D 374 31.21 17.87 -2.99
N LEU D 375 32.15 17.44 -2.16
CA LEU D 375 32.06 16.14 -1.51
C LEU D 375 30.88 16.05 -0.56
N LEU D 376 30.38 17.17 -0.06
CA LEU D 376 29.19 17.17 0.77
C LEU D 376 27.92 17.14 -0.06
N ARG D 377 27.83 17.97 -1.10
CA ARG D 377 26.67 17.94 -1.97
C ARG D 377 26.52 16.60 -2.67
N LEU D 378 27.60 15.84 -2.81
CA LEU D 378 27.53 14.57 -3.53
C LEU D 378 26.93 13.46 -2.66
N TYR D 379 27.05 13.55 -1.34
CA TYR D 379 26.53 12.52 -0.45
C TYR D 379 25.20 12.92 0.19
N GLY D 380 24.54 13.94 -0.33
CA GLY D 380 23.21 14.29 0.13
C GLY D 380 23.17 15.06 1.44
N TYR D 381 23.76 16.25 1.46
CA TYR D 381 23.71 17.15 2.60
C TYR D 381 23.12 18.48 2.16
N GLN D 382 23.11 19.44 3.09
CA GLN D 382 22.53 20.76 2.84
C GLN D 382 23.64 21.80 2.86
N VAL D 383 24.18 22.12 1.68
CA VAL D 383 25.24 23.11 1.54
C VAL D 383 24.89 24.02 0.38
N ASP D 384 25.21 25.32 0.51
CA ASP D 384 24.95 26.28 -0.55
C ASP D 384 26.26 26.92 -1.02
N PRO D 385 26.33 27.35 -2.28
CA PRO D 385 27.62 27.82 -2.82
C PRO D 385 27.90 29.29 -2.53
N CYS D 386 27.17 29.88 -1.58
CA CYS D 386 27.39 31.29 -1.25
C CYS D 386 28.75 31.54 -0.63
N VAL D 387 29.44 30.49 -0.17
CA VAL D 387 30.72 30.68 0.50
C VAL D 387 31.82 31.09 -0.47
N LEU D 388 31.67 30.78 -1.76
CA LEU D 388 32.69 31.15 -2.74
C LEU D 388 32.71 32.65 -3.03
N LYS D 389 31.71 33.39 -2.54
CA LYS D 389 31.65 34.82 -2.85
C LYS D 389 32.75 35.61 -2.15
N LYS D 390 33.31 35.08 -1.06
CA LYS D 390 34.38 35.75 -0.33
C LYS D 390 35.71 35.72 -1.04
N PHE D 391 35.77 35.20 -2.27
CA PHE D 391 37.02 35.07 -3.01
C PHE D 391 36.99 35.85 -4.32
N GLU D 392 36.18 36.91 -4.39
CA GLU D 392 36.03 37.68 -5.62
C GLU D 392 36.79 38.99 -5.48
N LYS D 393 37.78 39.20 -6.34
CA LYS D 393 38.52 40.46 -6.41
C LYS D 393 38.51 40.91 -7.87
N ASP D 394 37.46 41.64 -8.24
CA ASP D 394 37.30 42.20 -9.58
C ASP D 394 37.33 41.09 -10.65
N GLY D 395 36.41 40.14 -10.50
CA GLY D 395 36.21 39.13 -11.51
C GLY D 395 37.33 38.11 -11.66
N LYS D 396 38.01 37.76 -10.58
CA LYS D 396 39.04 36.73 -10.62
C LYS D 396 39.25 36.19 -9.22
N PHE D 397 39.59 34.90 -9.15
CA PHE D 397 39.74 34.21 -7.88
C PHE D 397 41.21 34.03 -7.53
N PHE D 398 41.45 33.49 -6.34
CA PHE D 398 42.80 33.19 -5.88
C PHE D 398 42.70 32.14 -4.77
N CYS D 399 43.83 31.50 -4.48
CA CYS D 399 43.85 30.47 -3.46
C CYS D 399 43.97 31.02 -2.05
N LEU D 400 44.67 32.15 -1.89
CA LEU D 400 44.87 32.74 -0.57
C LEU D 400 44.87 34.25 -0.70
N HIS D 401 44.79 34.92 0.44
CA HIS D 401 44.80 36.38 0.49
C HIS D 401 46.20 36.89 0.17
N GLY D 402 46.35 37.57 -0.96
CA GLY D 402 47.63 38.10 -1.36
C GLY D 402 48.62 37.05 -1.78
N GLU D 403 48.31 36.34 -2.87
CA GLU D 403 49.21 35.31 -3.39
C GLU D 403 50.38 35.97 -4.10
N SER D 404 51.60 35.49 -3.81
CA SER D 404 52.79 36.07 -4.42
C SER D 404 52.79 35.88 -5.93
N ASN D 405 52.85 34.63 -6.37
CA ASN D 405 52.86 34.33 -7.83
C ASN D 405 51.73 33.35 -8.14
N PRO D 406 50.85 33.62 -9.12
CA PRO D 406 49.77 32.68 -9.44
C PRO D 406 50.25 31.49 -10.24
N SER D 407 50.39 30.34 -9.57
CA SER D 407 50.69 29.08 -10.22
C SER D 407 49.90 27.96 -9.58
N SER D 408 48.62 28.23 -9.30
CA SER D 408 47.78 27.30 -8.56
C SER D 408 47.01 26.45 -9.57
N VAL D 409 47.42 25.18 -9.67
CA VAL D 409 46.71 24.26 -10.55
C VAL D 409 45.76 23.36 -9.77
N THR D 410 46.20 22.85 -8.61
CA THR D 410 45.32 21.97 -7.82
C THR D 410 44.06 22.69 -7.35
N PRO D 411 44.11 23.87 -6.73
CA PRO D 411 42.85 24.51 -6.35
C PRO D 411 42.06 25.03 -7.53
N MET D 412 42.74 25.60 -8.53
CA MET D 412 42.07 26.06 -9.75
C MET D 412 41.68 24.91 -10.67
N TYR D 413 41.78 23.69 -10.19
CA TYR D 413 41.17 22.52 -10.82
C TYR D 413 40.08 21.91 -9.95
N ASN D 414 40.28 21.95 -8.63
CA ASN D 414 39.23 21.46 -7.73
C ASN D 414 38.00 22.35 -7.75
N THR D 415 38.18 23.67 -7.90
CA THR D 415 37.01 24.53 -7.99
C THR D 415 36.20 24.25 -9.25
N TYR D 416 36.89 23.96 -10.36
CA TYR D 416 36.18 23.55 -11.57
C TYR D 416 35.44 22.24 -11.35
N ARG D 417 36.15 21.21 -10.85
CA ARG D 417 35.50 19.92 -10.63
C ARG D 417 34.37 20.01 -9.61
N ALA D 418 34.36 21.05 -8.77
CA ALA D 418 33.25 21.27 -7.86
C ALA D 418 32.20 22.22 -8.42
N SER D 419 32.45 22.81 -9.58
CA SER D 419 31.45 23.62 -10.28
C SER D 419 30.71 22.82 -11.34
N GLN D 420 30.71 21.49 -11.23
CA GLN D 420 30.03 20.64 -12.20
C GLN D 420 28.62 20.29 -11.81
N LEU D 421 28.36 20.08 -10.52
CA LEU D 421 27.03 19.73 -10.02
C LEU D 421 26.44 20.93 -9.30
N LYS D 422 25.43 21.54 -9.90
CA LYS D 422 24.79 22.72 -9.32
C LYS D 422 23.29 22.59 -9.46
N PHE D 423 22.58 23.09 -8.48
CA PHE D 423 21.12 23.09 -8.56
C PHE D 423 20.63 24.38 -9.21
N PRO D 424 19.45 24.36 -9.83
CA PRO D 424 19.03 25.54 -10.61
C PRO D 424 18.74 26.76 -9.78
N GLY D 425 18.52 26.61 -8.47
CA GLY D 425 18.20 27.74 -7.63
C GLY D 425 19.38 28.31 -6.88
N ASP D 426 20.56 28.28 -7.49
CA ASP D 426 21.78 28.73 -6.86
C ASP D 426 22.16 30.13 -7.34
N ASP D 427 23.20 30.68 -6.72
CA ASP D 427 23.68 32.01 -7.05
C ASP D 427 24.60 31.97 -8.26
N GLY D 428 24.68 33.09 -8.96
CA GLY D 428 25.42 33.18 -10.22
C GLY D 428 26.92 33.08 -10.08
N VAL D 429 27.44 33.00 -8.85
CA VAL D 429 28.89 32.93 -8.67
C VAL D 429 29.48 31.68 -9.30
N LEU D 430 28.70 30.59 -9.34
CA LEU D 430 29.22 29.33 -9.87
C LEU D 430 29.46 29.42 -11.37
N GLY D 431 28.63 30.18 -12.09
CA GLY D 431 28.84 30.33 -13.52
C GLY D 431 30.12 31.07 -13.84
N ARG D 432 30.36 32.20 -13.17
CA ARG D 432 31.61 32.93 -13.34
C ARG D 432 32.79 32.07 -12.93
N ALA D 433 32.65 31.31 -11.85
CA ALA D 433 33.70 30.38 -11.44
C ALA D 433 34.04 29.42 -12.56
N GLU D 434 33.01 28.76 -13.11
CA GLU D 434 33.24 27.76 -14.16
C GLU D 434 33.91 28.38 -15.38
N VAL D 435 33.41 29.53 -15.85
CA VAL D 435 33.94 30.09 -17.09
C VAL D 435 35.38 30.57 -16.88
N PHE D 436 35.65 31.30 -15.80
CA PHE D 436 37.00 31.76 -15.55
C PHE D 436 37.97 30.59 -15.34
N CYS D 437 37.49 29.54 -14.66
CA CYS D 437 38.35 28.39 -14.39
C CYS D 437 38.69 27.64 -15.67
N ARG D 438 37.70 27.45 -16.54
CA ARG D 438 37.97 26.80 -17.82
C ARG D 438 38.92 27.64 -18.66
N SER D 439 38.72 28.96 -18.67
CA SER D 439 39.62 29.84 -19.41
C SER D 439 41.05 29.69 -18.92
N PHE D 440 41.26 29.76 -17.60
CA PHE D 440 42.61 29.66 -17.05
C PHE D 440 43.23 28.31 -17.34
N LEU D 441 42.45 27.23 -17.18
CA LEU D 441 43.00 25.90 -17.39
C LEU D 441 43.38 25.67 -18.85
N GLN D 442 42.52 26.09 -19.79
CA GLN D 442 42.88 25.95 -21.20
C GLN D 442 44.07 26.84 -21.57
N ASP D 443 44.16 28.03 -20.98
CA ASP D 443 45.31 28.89 -21.24
C ASP D 443 46.60 28.25 -20.77
N ARG D 444 46.59 27.63 -19.58
CA ARG D 444 47.79 26.97 -19.10
C ARG D 444 48.07 25.67 -19.85
N ARG D 445 47.03 25.04 -20.41
CA ARG D 445 47.25 23.82 -21.19
C ARG D 445 47.74 24.11 -22.59
N GLY D 446 47.49 25.32 -23.11
CA GLY D 446 48.09 25.68 -24.39
C GLY D 446 49.60 25.71 -24.33
N SER D 447 50.15 26.24 -23.24
CA SER D 447 51.57 26.14 -22.95
C SER D 447 51.85 24.78 -22.31
N ASN D 448 53.04 24.62 -21.73
CA ASN D 448 53.43 23.39 -21.06
C ASN D 448 53.91 23.68 -19.65
N ARG D 449 53.17 24.53 -18.94
CA ARG D 449 53.47 24.90 -17.56
C ARG D 449 52.56 24.22 -16.57
N MET D 450 52.24 22.95 -16.79
CA MET D 450 51.32 22.18 -15.95
C MET D 450 51.85 21.93 -14.53
N LYS D 451 53.00 22.45 -14.14
CA LYS D 451 53.50 22.23 -12.78
C LYS D 451 52.84 23.18 -11.80
N ASP D 452 52.30 22.62 -10.73
CA ASP D 452 51.71 23.40 -9.66
C ASP D 452 52.77 23.78 -8.63
N LYS D 453 52.31 24.30 -7.49
CA LYS D 453 53.21 24.75 -6.43
C LYS D 453 52.85 24.19 -5.06
N TRP D 454 52.05 23.12 -4.98
CA TRP D 454 51.76 22.48 -3.72
C TRP D 454 51.92 20.97 -3.73
N ALA D 455 52.19 20.35 -4.88
CA ALA D 455 52.34 18.91 -4.93
C ALA D 455 53.23 18.53 -6.11
N ILE D 456 53.81 17.34 -6.00
CA ILE D 456 54.62 16.75 -7.06
C ILE D 456 53.96 15.43 -7.43
N ALA D 457 53.08 15.46 -8.43
CA ALA D 457 52.25 14.33 -8.79
C ALA D 457 52.86 13.54 -9.93
N LYS D 458 52.37 12.31 -10.10
CA LYS D 458 52.89 11.44 -11.16
C LYS D 458 52.42 11.91 -12.54
N ASP D 459 51.12 12.17 -12.69
CA ASP D 459 50.58 12.55 -13.99
C ASP D 459 49.39 13.49 -13.74
N ILE D 460 49.65 14.79 -13.75
CA ILE D 460 48.61 15.81 -13.64
C ILE D 460 47.94 16.06 -14.99
N PRO D 461 48.67 16.27 -16.10
CA PRO D 461 47.99 16.70 -17.34
C PRO D 461 46.90 15.75 -17.82
N GLY D 462 47.12 14.44 -17.74
CA GLY D 462 46.08 13.51 -18.16
C GLY D 462 44.81 13.66 -17.36
N GLU D 463 44.94 13.86 -16.04
CA GLU D 463 43.77 14.00 -15.19
C GLU D 463 42.97 15.25 -15.53
N VAL D 464 43.66 16.37 -15.77
CA VAL D 464 42.96 17.59 -16.14
C VAL D 464 42.32 17.44 -17.52
N GLU D 465 43.02 16.79 -18.46
CA GLU D 465 42.44 16.57 -19.78
C GLU D 465 41.16 15.75 -19.67
N TYR D 466 41.16 14.71 -18.84
CA TYR D 466 39.94 13.93 -18.63
C TYR D 466 38.85 14.80 -18.02
N ALA D 467 39.13 15.43 -16.87
CA ALA D 467 38.13 16.23 -16.19
C ALA D 467 37.60 17.37 -17.05
N MET D 468 38.32 17.74 -18.11
CA MET D 468 37.83 18.77 -19.02
C MET D 468 37.13 18.21 -20.24
N ASP D 469 37.40 16.96 -20.61
CA ASP D 469 36.79 16.39 -21.80
C ASP D 469 35.39 15.86 -21.52
N TYR D 470 35.22 15.10 -20.44
CA TYR D 470 33.94 14.48 -20.12
C TYR D 470 33.33 15.16 -18.90
N PRO D 471 32.32 15.99 -19.06
CA PRO D 471 31.69 16.63 -17.89
C PRO D 471 30.86 15.66 -17.06
N TRP D 472 30.19 16.19 -16.03
CA TRP D 472 29.34 15.35 -15.18
C TRP D 472 28.22 14.69 -15.96
N LYS D 473 27.85 15.25 -17.11
CA LYS D 473 26.75 14.70 -17.89
C LYS D 473 27.06 13.32 -18.47
N ALA D 474 28.29 13.08 -18.88
CA ALA D 474 28.64 11.85 -19.59
C ALA D 474 29.91 11.23 -19.00
N SER D 475 29.96 11.13 -17.68
CA SER D 475 31.12 10.58 -16.97
C SER D 475 30.69 9.31 -16.25
N LEU D 476 30.86 8.17 -16.92
CA LEU D 476 30.58 6.89 -16.29
C LEU D 476 31.57 6.64 -15.15
N PRO D 477 31.13 5.99 -14.07
CA PRO D 477 32.03 5.81 -12.93
C PRO D 477 33.18 4.87 -13.20
N ARG D 478 32.91 3.69 -13.77
CA ARG D 478 33.93 2.67 -13.88
C ARG D 478 35.01 3.06 -14.89
N ILE D 479 34.65 3.77 -15.95
CA ILE D 479 35.65 4.21 -16.92
C ILE D 479 36.61 5.21 -16.28
N GLU D 480 36.07 6.10 -15.42
CA GLU D 480 36.92 7.05 -14.72
C GLU D 480 37.83 6.34 -13.71
N THR D 481 37.28 5.36 -12.99
CA THR D 481 38.10 4.59 -12.06
C THR D 481 39.23 3.88 -12.79
N ARG D 482 38.93 3.32 -13.97
CA ARG D 482 39.97 2.63 -14.73
C ARG D 482 41.04 3.59 -15.21
N LEU D 483 40.63 4.74 -15.75
CA LEU D 483 41.60 5.72 -16.22
C LEU D 483 42.40 6.33 -15.08
N TYR D 484 41.89 6.28 -13.85
CA TYR D 484 42.61 6.83 -12.71
C TYR D 484 43.70 5.91 -12.18
N LEU D 485 43.57 4.60 -12.38
CA LEU D 485 44.51 3.65 -11.81
C LEU D 485 45.91 3.77 -12.39
N ASP D 486 46.13 4.62 -13.37
CA ASP D 486 47.46 4.88 -13.92
C ASP D 486 47.98 6.26 -13.56
N GLN D 487 47.29 6.99 -12.68
CA GLN D 487 47.66 8.35 -12.34
C GLN D 487 47.88 8.54 -10.84
N TYR D 488 47.78 7.46 -10.06
CA TYR D 488 47.96 7.55 -8.62
C TYR D 488 49.41 7.26 -8.27
N GLY D 489 50.05 8.21 -7.57
CA GLY D 489 51.47 8.09 -7.29
C GLY D 489 51.83 7.02 -6.29
N GLY D 490 50.83 6.43 -5.62
CA GLY D 490 51.11 5.46 -4.58
C GLY D 490 51.82 6.08 -3.41
N SER D 491 53.12 5.82 -3.27
CA SER D 491 53.93 6.42 -2.22
C SER D 491 54.95 7.41 -2.74
N GLY D 492 55.12 7.52 -4.06
CA GLY D 492 56.09 8.42 -4.64
C GLY D 492 55.63 9.86 -4.76
N ASP D 493 54.73 10.27 -3.88
CA ASP D 493 54.26 11.65 -3.84
C ASP D 493 54.99 12.43 -2.74
N VAL D 494 55.02 13.74 -2.90
CA VAL D 494 55.62 14.64 -1.93
C VAL D 494 54.95 16.00 -2.05
N TRP D 495 54.59 16.58 -0.90
CA TRP D 495 53.79 17.79 -0.86
C TRP D 495 54.65 18.95 -0.40
N ILE D 496 54.66 20.04 -1.17
CA ILE D 496 55.52 21.17 -0.88
C ILE D 496 54.97 21.97 0.28
N GLY D 497 55.81 22.19 1.29
CA GLY D 497 55.49 23.08 2.39
C GLY D 497 56.65 24.00 2.67
N LYS D 498 57.02 24.17 3.93
CA LYS D 498 58.28 24.82 4.26
C LYS D 498 59.45 23.87 4.10
N VAL D 499 59.23 22.58 4.34
CA VAL D 499 60.18 21.52 4.03
C VAL D 499 59.40 20.38 3.41
N LEU D 500 59.96 19.77 2.37
CA LEU D 500 59.27 18.71 1.64
C LEU D 500 58.83 17.59 2.58
N HIS D 501 57.51 17.41 2.72
CA HIS D 501 56.93 16.42 3.61
C HIS D 501 55.89 15.60 2.86
N ARG D 502 55.89 14.30 3.10
CA ARG D 502 54.96 13.38 2.46
C ARG D 502 54.03 12.80 3.52
N MET D 503 52.72 12.90 3.26
CA MET D 503 51.70 12.39 4.17
C MET D 503 51.47 10.91 3.90
N THR D 504 51.56 10.11 4.96
CA THR D 504 51.57 8.66 4.84
C THR D 504 50.28 8.01 5.30
N LEU D 505 49.15 8.72 5.22
CA LEU D 505 47.86 8.14 5.60
C LEU D 505 46.96 7.85 4.41
N PHE D 506 47.03 8.64 3.34
CA PHE D 506 46.24 8.40 2.14
C PHE D 506 47.11 8.31 0.88
N CYS D 507 48.42 8.13 1.05
CA CYS D 507 49.34 7.98 -0.08
C CYS D 507 50.23 6.78 0.22
N ASN D 508 49.79 5.59 -0.20
CA ASN D 508 50.56 4.37 0.00
C ASN D 508 50.12 3.35 -1.03
N ASP D 509 50.82 2.21 -1.06
CA ASP D 509 50.60 1.22 -2.08
C ASP D 509 49.51 0.21 -1.73
N LEU D 510 49.07 0.17 -0.47
CA LEU D 510 48.00 -0.74 -0.08
C LEU D 510 46.72 -0.42 -0.83
N TYR D 511 46.40 0.87 -0.93
CA TYR D 511 45.23 1.30 -1.71
C TYR D 511 45.33 0.79 -3.15
N LEU D 512 46.52 0.92 -3.75
CA LEU D 512 46.71 0.51 -5.13
C LEU D 512 46.53 -0.99 -5.29
N LYS D 513 47.10 -1.78 -4.38
CA LYS D 513 46.94 -3.23 -4.44
C LYS D 513 45.47 -3.62 -4.34
N ALA D 514 44.76 -3.04 -3.37
CA ALA D 514 43.36 -3.38 -3.19
C ALA D 514 42.54 -3.02 -4.42
N ALA D 515 42.74 -1.81 -4.96
CA ALA D 515 41.97 -1.38 -6.11
C ALA D 515 42.25 -2.27 -7.32
N LYS D 516 43.53 -2.60 -7.55
CA LYS D 516 43.86 -3.43 -8.71
C LYS D 516 43.27 -4.82 -8.58
N ALA D 517 43.31 -5.41 -7.38
CA ALA D 517 42.72 -6.73 -7.19
C ALA D 517 41.22 -6.69 -7.45
N ASP D 518 40.53 -5.69 -6.89
CA ASP D 518 39.09 -5.56 -7.10
C ASP D 518 38.76 -5.42 -8.57
N PHE D 519 39.53 -4.60 -9.29
CA PHE D 519 39.25 -4.37 -10.70
C PHE D 519 39.49 -5.64 -11.52
N SER D 520 40.55 -6.39 -11.19
CA SER D 520 40.79 -7.65 -11.89
C SER D 520 39.64 -8.62 -11.69
N ASN D 521 39.14 -8.72 -10.45
CA ASN D 521 38.00 -9.59 -10.19
C ASN D 521 36.78 -9.16 -11.01
N PHE D 522 36.47 -7.86 -10.99
CA PHE D 522 35.35 -7.35 -11.77
C PHE D 522 35.51 -7.69 -13.26
N GLN D 523 36.72 -7.53 -13.79
CA GLN D 523 36.93 -7.79 -15.21
C GLN D 523 36.72 -9.26 -15.55
N LYS D 524 37.22 -10.16 -14.71
CA LYS D 524 37.00 -11.59 -14.97
C LYS D 524 35.51 -11.92 -14.97
N GLU D 525 34.78 -11.46 -13.94
CA GLU D 525 33.35 -11.75 -13.87
C GLU D 525 32.62 -11.17 -15.09
N CYS D 526 33.01 -9.97 -15.51
CA CYS D 526 32.37 -9.35 -16.67
C CYS D 526 32.63 -10.15 -17.94
N ARG D 527 33.86 -10.65 -18.12
CA ARG D 527 34.15 -11.47 -19.28
C ARG D 527 33.26 -12.71 -19.30
N VAL D 528 33.13 -13.38 -18.17
CA VAL D 528 32.31 -14.59 -18.12
C VAL D 528 30.86 -14.29 -18.47
N GLU D 529 30.29 -13.26 -17.84
CA GLU D 529 28.90 -12.93 -18.14
C GLU D 529 28.70 -12.48 -19.58
N LEU D 530 29.70 -11.80 -20.17
CA LEU D 530 29.60 -11.42 -21.57
C LEU D 530 29.58 -12.63 -22.48
N ASN D 531 30.42 -13.62 -22.19
CA ASN D 531 30.39 -14.88 -22.95
C ASN D 531 29.00 -15.50 -22.89
N GLY D 532 28.45 -15.61 -21.68
CA GLY D 532 27.11 -16.18 -21.55
C GLY D 532 26.06 -15.41 -22.33
N LEU D 533 26.11 -14.07 -22.26
CA LEU D 533 25.14 -13.25 -22.97
C LEU D 533 25.28 -13.41 -24.48
N ARG D 534 26.50 -13.56 -24.97
CA ARG D 534 26.70 -13.77 -26.41
C ARG D 534 26.08 -15.09 -26.84
N ARG D 535 26.30 -16.15 -26.05
CA ARG D 535 25.69 -17.43 -26.38
C ARG D 535 24.17 -17.31 -26.42
N TRP D 536 23.58 -16.64 -25.43
CA TRP D 536 22.13 -16.46 -25.43
C TRP D 536 21.67 -15.67 -26.65
N TYR D 537 22.38 -14.58 -26.97
CA TYR D 537 22.00 -13.75 -28.11
C TYR D 537 21.99 -14.55 -29.40
N LEU D 538 22.96 -15.44 -29.58
CA LEU D 538 22.96 -16.24 -30.80
C LEU D 538 21.86 -17.29 -30.78
N ARG D 539 21.70 -17.99 -29.65
CA ARG D 539 20.79 -19.13 -29.60
C ARG D 539 19.33 -18.72 -29.81
N SER D 540 18.97 -17.49 -29.45
CA SER D 540 17.58 -17.07 -29.50
C SER D 540 17.16 -16.53 -30.86
N ASN D 541 18.02 -16.61 -31.88
CA ASN D 541 17.69 -16.25 -33.25
C ASN D 541 17.21 -14.80 -33.35
N LEU D 542 18.11 -13.89 -33.01
CA LEU D 542 17.87 -12.46 -33.16
C LEU D 542 18.83 -11.79 -34.13
N GLU D 543 19.91 -12.47 -34.52
CA GLU D 543 20.89 -11.90 -35.43
C GLU D 543 20.33 -11.53 -36.79
N LYS D 544 19.15 -12.05 -37.15
CA LYS D 544 18.55 -11.69 -38.43
C LYS D 544 18.18 -10.21 -38.52
N PHE D 545 18.28 -9.48 -37.41
CA PHE D 545 18.18 -8.03 -37.43
C PHE D 545 19.47 -7.43 -36.88
N GLY D 546 19.54 -6.11 -36.78
CA GLY D 546 20.66 -5.47 -36.11
C GLY D 546 21.76 -4.96 -37.02
N GLY D 547 21.37 -4.27 -38.10
CA GLY D 547 22.37 -3.62 -38.95
C GLY D 547 23.24 -4.63 -39.69
N THR D 548 24.48 -4.23 -39.96
CA THR D 548 25.40 -5.04 -40.74
C THR D 548 26.24 -5.98 -39.88
N ASP D 549 26.63 -5.56 -38.67
CA ASP D 549 27.40 -6.39 -37.77
C ASP D 549 26.75 -6.36 -36.39
N PRO D 550 26.34 -7.51 -35.85
CA PRO D 550 25.67 -7.49 -34.54
C PRO D 550 26.61 -7.58 -33.35
N GLN D 551 27.86 -8.02 -33.55
CA GLN D 551 28.76 -8.21 -32.42
C GLN D 551 29.12 -6.88 -31.77
N THR D 552 29.34 -5.84 -32.58
CA THR D 552 29.62 -4.52 -32.03
C THR D 552 28.42 -3.99 -31.26
N THR D 553 27.21 -4.27 -31.74
CA THR D 553 26.01 -3.83 -31.03
C THR D 553 25.87 -4.55 -29.70
N LEU D 554 26.10 -5.87 -29.68
CA LEU D 554 26.08 -6.60 -28.41
C LEU D 554 27.11 -6.04 -27.44
N MET D 555 28.35 -5.84 -27.92
CA MET D 555 29.40 -5.33 -27.04
C MET D 555 29.04 -3.96 -26.48
N THR D 556 28.57 -3.05 -27.34
CA THR D 556 28.24 -1.70 -26.89
C THR D 556 27.08 -1.73 -25.90
N SER D 557 26.01 -2.46 -26.21
CA SER D 557 24.85 -2.49 -25.35
C SER D 557 25.07 -3.28 -24.07
N TYR D 558 26.16 -4.06 -23.98
CA TYR D 558 26.49 -4.65 -22.69
C TYR D 558 27.45 -3.77 -21.89
N PHE D 559 28.38 -3.10 -22.57
CA PHE D 559 29.32 -2.24 -21.87
C PHE D 559 28.62 -1.00 -21.33
N LEU D 560 27.59 -0.51 -22.01
CA LEU D 560 26.84 0.63 -21.51
C LEU D 560 26.05 0.32 -20.25
N ALA D 561 26.02 -0.94 -19.82
CA ALA D 561 25.35 -1.35 -18.59
C ALA D 561 26.32 -1.89 -17.57
N SER D 562 27.38 -2.58 -17.99
CA SER D 562 28.37 -3.10 -17.06
C SER D 562 29.28 -2.02 -16.50
N ALA D 563 29.08 -0.77 -16.86
CA ALA D 563 29.89 0.34 -16.36
C ALA D 563 29.14 1.20 -15.34
N ASN D 564 27.87 0.94 -15.10
CA ASN D 564 27.08 1.69 -14.13
C ASN D 564 26.68 0.83 -12.93
N ILE D 565 26.03 -0.30 -13.18
CA ILE D 565 25.68 -1.25 -12.11
C ILE D 565 26.83 -2.25 -12.06
N PHE D 566 27.85 -1.95 -11.27
CA PHE D 566 29.08 -2.71 -11.25
C PHE D 566 29.27 -3.54 -9.98
N GLU D 567 28.26 -3.63 -9.13
CA GLU D 567 28.39 -4.43 -7.92
C GLU D 567 28.48 -5.91 -8.26
N ALA D 568 28.68 -6.73 -7.22
CA ALA D 568 28.89 -8.15 -7.41
C ALA D 568 27.60 -8.96 -7.30
N ASN D 569 26.71 -8.59 -6.38
CA ASN D 569 25.49 -9.32 -6.11
C ASN D 569 24.29 -8.76 -6.87
N ARG D 570 24.52 -8.10 -8.00
CA ARG D 570 23.46 -7.48 -8.79
C ARG D 570 23.59 -7.88 -10.25
N ALA D 571 23.78 -9.18 -10.50
CA ALA D 571 23.91 -9.66 -11.88
C ALA D 571 22.59 -9.61 -12.62
N ALA D 572 21.48 -9.85 -11.92
CA ALA D 572 20.18 -9.91 -12.58
C ALA D 572 19.83 -8.58 -13.25
N GLU D 573 20.04 -7.47 -12.56
CA GLU D 573 19.70 -6.16 -13.11
C GLU D 573 20.53 -5.87 -14.37
N ARG D 574 21.83 -6.13 -14.30
CA ARG D 574 22.71 -5.89 -15.44
C ARG D 574 22.30 -6.73 -16.64
N LEU D 575 22.07 -8.03 -16.43
CA LEU D 575 21.72 -8.89 -17.54
C LEU D 575 20.36 -8.53 -18.12
N GLY D 576 19.40 -8.16 -17.27
CA GLY D 576 18.11 -7.73 -17.77
C GLY D 576 18.20 -6.45 -18.58
N TRP D 577 18.99 -5.48 -18.10
CA TRP D 577 19.24 -4.28 -18.87
C TRP D 577 19.77 -4.63 -20.26
N ALA D 578 20.78 -5.50 -20.31
CA ALA D 578 21.35 -5.89 -21.60
C ALA D 578 20.29 -6.52 -22.51
N ARG D 579 19.53 -7.48 -21.99
CA ARG D 579 18.56 -8.20 -22.81
C ARG D 579 17.49 -7.26 -23.35
N VAL D 580 16.93 -6.41 -22.48
CA VAL D 580 15.86 -5.53 -22.94
C VAL D 580 16.40 -4.49 -23.91
N ALA D 581 17.64 -4.03 -23.73
CA ALA D 581 18.24 -3.11 -24.70
C ALA D 581 18.35 -3.77 -26.07
N LEU D 582 18.87 -5.00 -26.11
CA LEU D 582 19.01 -5.69 -27.38
C LEU D 582 17.65 -5.90 -28.06
N LEU D 583 16.64 -6.31 -27.29
CA LEU D 583 15.32 -6.55 -27.86
C LEU D 583 14.72 -5.26 -28.42
N ALA D 584 14.80 -4.17 -27.65
CA ALA D 584 14.26 -2.90 -28.11
C ALA D 584 14.96 -2.44 -29.38
N ASP D 585 16.29 -2.59 -29.43
CA ASP D 585 17.02 -2.18 -30.63
C ASP D 585 16.60 -3.00 -31.85
N ALA D 586 16.48 -4.32 -31.67
CA ALA D 586 16.07 -5.18 -32.78
C ALA D 586 14.69 -4.79 -33.29
N VAL D 587 13.73 -4.60 -32.38
CA VAL D 587 12.37 -4.28 -32.80
C VAL D 587 12.32 -2.92 -33.48
N SER D 588 13.07 -1.94 -32.96
CA SER D 588 13.08 -0.62 -33.58
C SER D 588 13.69 -0.69 -34.98
N SER D 589 14.76 -1.47 -35.15
CA SER D 589 15.35 -1.63 -36.47
C SER D 589 14.36 -2.27 -37.44
N HIS D 590 13.62 -3.27 -36.99
CA HIS D 590 12.66 -3.93 -37.86
C HIS D 590 11.55 -2.96 -38.28
N PHE D 591 11.01 -2.20 -37.34
CA PHE D 591 9.99 -1.21 -37.69
C PHE D 591 10.55 -0.16 -38.66
N ARG D 592 11.80 0.28 -38.44
CA ARG D 592 12.38 1.27 -39.34
C ARG D 592 12.60 0.69 -40.73
N ARG D 593 12.83 -0.63 -40.82
CA ARG D 593 13.08 -1.24 -42.12
C ARG D 593 11.77 -1.46 -42.90
N ILE D 594 10.74 -1.99 -42.24
CA ILE D 594 9.54 -2.37 -43.00
C ILE D 594 8.75 -1.18 -43.47
N GLY D 595 8.90 -0.01 -42.83
CA GLY D 595 8.24 1.19 -43.33
C GLY D 595 7.17 1.75 -42.42
N GLY D 596 7.30 1.55 -41.11
CA GLY D 596 6.37 2.11 -40.17
C GLY D 596 5.72 1.07 -39.28
N PRO D 597 4.85 1.51 -38.36
CA PRO D 597 4.21 0.58 -37.44
C PRO D 597 2.84 0.06 -37.86
N LYS D 598 2.25 0.59 -38.92
CA LYS D 598 0.94 0.13 -39.36
C LYS D 598 1.01 -0.79 -40.57
N ASN D 599 2.21 -1.29 -40.91
CA ASN D 599 2.37 -2.21 -42.03
C ASN D 599 2.93 -3.56 -41.56
N SER D 600 2.93 -3.81 -40.25
CA SER D 600 3.46 -5.05 -39.70
C SER D 600 2.33 -6.07 -39.63
N THR D 601 2.40 -7.09 -40.49
CA THR D 601 1.40 -8.15 -40.46
C THR D 601 1.80 -9.24 -39.47
N SER D 602 3.09 -9.41 -39.24
CA SER D 602 3.59 -10.44 -38.34
C SER D 602 3.23 -10.13 -36.90
N ASN D 603 3.56 -11.06 -36.01
CA ASN D 603 3.29 -10.92 -34.59
C ASN D 603 4.55 -10.52 -33.83
N LEU D 604 4.37 -9.60 -32.88
CA LEU D 604 5.49 -9.05 -32.13
C LEU D 604 5.30 -9.06 -30.62
N GLU D 605 4.07 -9.04 -30.12
CA GLU D 605 3.86 -8.90 -28.67
C GLU D 605 4.39 -10.10 -27.91
N GLU D 606 4.48 -11.26 -28.55
CA GLU D 606 4.94 -12.46 -27.86
C GLU D 606 6.46 -12.59 -27.89
N LEU D 607 7.15 -11.61 -28.48
CA LEU D 607 8.60 -11.69 -28.61
C LEU D 607 9.31 -11.56 -27.27
N ILE D 608 8.61 -11.10 -26.23
CA ILE D 608 9.25 -10.82 -24.94
C ILE D 608 9.38 -12.10 -24.13
N SER D 609 8.95 -13.23 -24.71
CA SER D 609 9.03 -14.51 -24.04
C SER D 609 10.39 -15.18 -24.18
N LEU D 610 11.38 -14.47 -24.73
CA LEU D 610 12.72 -15.02 -24.90
C LEU D 610 13.61 -14.82 -23.68
N VAL D 611 13.28 -13.87 -22.82
CA VAL D 611 14.02 -13.72 -21.56
C VAL D 611 13.76 -14.95 -20.69
N PRO D 612 14.74 -15.47 -19.97
CA PRO D 612 14.49 -16.63 -19.10
C PRO D 612 13.38 -16.34 -18.10
N PHE D 613 12.69 -17.41 -17.70
CA PHE D 613 11.49 -17.29 -16.89
C PHE D 613 11.83 -17.18 -15.41
N ASP D 614 10.94 -16.55 -14.66
CA ASP D 614 11.04 -16.45 -13.21
C ASP D 614 9.63 -16.21 -12.67
N ASP D 615 9.54 -15.85 -11.39
CA ASP D 615 8.26 -15.61 -10.75
C ASP D 615 7.95 -14.14 -10.56
N ALA D 616 8.84 -13.39 -9.91
CA ALA D 616 8.62 -11.97 -9.67
C ALA D 616 9.22 -11.08 -10.74
N TYR D 617 9.80 -11.65 -11.81
CA TYR D 617 10.46 -10.87 -12.84
C TYR D 617 9.70 -10.91 -14.16
N SER D 618 9.42 -12.11 -14.68
CA SER D 618 8.83 -12.25 -16.00
C SER D 618 7.32 -12.20 -15.99
N GLY D 619 6.70 -11.91 -14.85
CA GLY D 619 5.27 -11.78 -14.79
C GLY D 619 4.80 -10.36 -15.04
N SER D 620 5.59 -9.39 -14.59
CA SER D 620 5.24 -7.99 -14.72
C SER D 620 5.93 -7.29 -15.89
N LEU D 621 6.96 -7.91 -16.47
CA LEU D 621 7.68 -7.27 -17.57
C LEU D 621 6.84 -7.27 -18.85
N ARG D 622 5.91 -8.22 -18.98
CA ARG D 622 5.03 -8.25 -20.13
C ARG D 622 4.25 -6.94 -20.27
N GLU D 623 3.80 -6.37 -19.15
CA GLU D 623 3.05 -5.13 -19.21
C GLU D 623 3.93 -3.97 -19.68
N ALA D 624 5.17 -3.91 -19.22
CA ALA D 624 6.09 -2.87 -19.68
C ALA D 624 6.33 -2.98 -21.18
N TRP D 625 6.59 -4.20 -21.65
CA TRP D 625 6.81 -4.39 -23.09
C TRP D 625 5.57 -4.01 -23.89
N LYS D 626 4.39 -4.39 -23.41
CA LYS D 626 3.16 -4.07 -24.11
C LYS D 626 2.93 -2.57 -24.17
N GLN D 627 3.21 -1.87 -23.07
CA GLN D 627 3.06 -0.42 -23.07
C GLN D 627 4.05 0.26 -24.02
N TRP D 628 5.27 -0.25 -24.09
CA TRP D 628 6.24 0.31 -25.03
C TRP D 628 5.77 0.11 -26.48
N LEU D 629 5.28 -1.09 -26.80
CA LEU D 629 4.81 -1.34 -28.16
C LEU D 629 3.59 -0.49 -28.48
N MET D 630 2.70 -0.30 -27.50
CA MET D 630 1.57 0.59 -27.71
C MET D 630 2.00 2.03 -27.91
N ALA D 631 3.09 2.44 -27.26
CA ALA D 631 3.63 3.77 -27.52
C ALA D 631 4.17 3.89 -28.93
N TRP D 632 4.87 2.85 -29.41
CA TRP D 632 5.24 2.78 -30.81
C TRP D 632 4.03 3.00 -31.71
N THR D 633 2.95 2.27 -31.44
CA THR D 633 1.74 2.40 -32.26
C THR D 633 1.16 3.81 -32.18
N ALA D 634 1.23 4.43 -31.00
CA ALA D 634 0.56 5.71 -30.79
C ALA D 634 1.31 6.86 -31.45
N LYS D 635 2.64 6.90 -31.29
CA LYS D 635 3.37 8.08 -31.77
C LYS D 635 3.51 8.13 -33.29
N GLU D 636 2.79 7.35 -34.09
CA GLU D 636 2.85 7.47 -35.53
C GLU D 636 2.10 8.72 -35.99
N SER D 637 2.39 9.13 -37.23
CA SER D 637 1.77 10.30 -37.86
C SER D 637 2.04 11.57 -37.05
N SER D 638 3.22 11.66 -36.44
CA SER D 638 3.65 12.84 -35.70
C SER D 638 5.09 13.15 -36.08
N GLN D 639 5.65 14.17 -35.46
CA GLN D 639 7.03 14.58 -35.68
C GLN D 639 7.83 14.47 -34.40
N GLU D 640 7.39 13.62 -33.48
CA GLU D 640 8.09 13.38 -32.22
C GLU D 640 8.91 12.10 -32.32
N SER D 641 9.97 12.04 -31.52
CA SER D 641 10.84 10.87 -31.49
C SER D 641 10.24 9.84 -30.52
N ILE D 642 10.99 8.77 -30.25
CA ILE D 642 10.52 7.68 -29.41
C ILE D 642 11.55 7.25 -28.37
N GLU D 643 12.71 7.91 -28.31
CA GLU D 643 13.75 7.49 -27.37
C GLU D 643 13.28 7.62 -25.92
N GLY D 644 12.40 8.58 -25.64
CA GLY D 644 11.88 8.72 -24.28
C GLY D 644 11.21 7.45 -23.79
N ASP D 645 10.35 6.86 -24.63
CA ASP D 645 9.66 5.64 -24.22
C ASP D 645 10.63 4.47 -24.07
N THR D 646 11.70 4.44 -24.86
CA THR D 646 12.71 3.39 -24.69
C THR D 646 13.42 3.55 -23.35
N ALA D 647 13.77 4.78 -22.98
CA ALA D 647 14.39 5.00 -21.68
C ALA D 647 13.46 4.63 -20.53
N ILE D 648 12.17 4.96 -20.68
CA ILE D 648 11.21 4.62 -19.64
C ILE D 648 11.04 3.10 -19.52
N LEU D 649 10.98 2.41 -20.65
CA LEU D 649 10.95 0.95 -20.62
C LEU D 649 12.17 0.39 -19.93
N LEU D 650 13.35 0.96 -20.22
CA LEU D 650 14.58 0.45 -19.62
C LEU D 650 14.57 0.64 -18.09
N VAL D 651 14.13 1.81 -17.62
CA VAL D 651 14.15 2.04 -16.17
C VAL D 651 13.10 1.19 -15.48
N ARG D 652 11.93 1.01 -16.10
CA ARG D 652 10.94 0.11 -15.53
C ARG D 652 11.46 -1.32 -15.48
N ALA D 653 12.22 -1.74 -16.49
CA ALA D 653 12.78 -3.09 -16.49
C ALA D 653 13.80 -3.24 -15.37
N ILE D 654 14.69 -2.27 -15.21
CA ILE D 654 15.68 -2.35 -14.13
C ILE D 654 14.97 -2.40 -12.79
N GLU D 655 13.91 -1.61 -12.61
CA GLU D 655 13.20 -1.61 -11.34
C GLU D 655 12.53 -2.95 -11.08
N ILE D 656 11.91 -3.55 -12.10
CA ILE D 656 11.29 -4.86 -11.93
C ILE D 656 12.34 -5.90 -11.56
N PHE D 657 13.46 -5.92 -12.29
CA PHE D 657 14.51 -6.90 -12.00
C PHE D 657 15.09 -6.70 -10.61
N GLY D 658 15.11 -5.47 -10.12
CA GLY D 658 15.64 -5.22 -8.79
C GLY D 658 14.75 -5.75 -7.70
N GLY D 659 13.44 -5.56 -7.84
CA GLY D 659 12.49 -6.00 -6.83
C GLY D 659 12.14 -4.94 -5.81
N ARG D 660 11.92 -3.70 -6.24
CA ARG D 660 11.60 -2.60 -5.35
C ARG D 660 10.19 -2.09 -5.66
N HIS D 661 9.63 -1.37 -4.70
CA HIS D 661 8.28 -0.84 -4.80
C HIS D 661 8.26 0.64 -4.46
N VAL D 662 7.06 1.21 -4.46
CA VAL D 662 6.81 2.58 -4.03
C VAL D 662 5.56 2.57 -3.17
N LEU D 663 5.65 3.16 -1.98
CA LEU D 663 4.57 3.08 -1.01
C LEU D 663 3.28 3.68 -1.57
N THR D 664 2.15 3.20 -1.07
CA THR D 664 0.85 3.59 -1.59
C THR D 664 0.38 4.91 -0.98
N GLY D 665 0.23 4.95 0.34
CA GLY D 665 -0.37 6.12 0.98
C GLY D 665 0.45 7.38 0.80
N GLN D 666 1.76 7.23 0.61
CA GLN D 666 2.62 8.40 0.44
C GLN D 666 2.36 9.06 -0.91
N ARG D 667 1.90 10.30 -0.88
CA ARG D 667 1.65 11.07 -2.10
C ARG D 667 2.91 11.69 -2.68
N PRO D 668 3.78 12.33 -1.88
CA PRO D 668 4.99 12.93 -2.46
C PRO D 668 5.87 11.94 -3.21
N ASP D 669 5.87 10.67 -2.80
CA ASP D 669 6.65 9.66 -3.53
C ASP D 669 6.10 9.47 -4.93
N LEU D 670 4.79 9.31 -5.05
CA LEU D 670 4.15 9.23 -6.36
C LEU D 670 4.45 10.47 -7.20
N TRP D 671 4.38 11.65 -6.59
CA TRP D 671 4.61 12.87 -7.36
C TRP D 671 6.04 12.95 -7.87
N GLU D 672 7.01 12.63 -7.02
CA GLU D 672 8.41 12.67 -7.44
C GLU D 672 8.70 11.62 -8.49
N TYR D 673 8.07 10.44 -8.39
CA TYR D 673 8.27 9.43 -9.42
C TYR D 673 7.75 9.91 -10.77
N SER D 674 6.53 10.46 -10.80
CA SER D 674 6.00 11.00 -12.03
C SER D 674 6.92 12.08 -12.61
N GLN D 675 7.42 12.98 -11.76
CA GLN D 675 8.25 14.06 -12.24
C GLN D 675 9.57 13.54 -12.81
N LEU D 676 10.17 12.55 -12.14
CA LEU D 676 11.42 11.98 -12.63
C LEU D 676 11.22 11.32 -13.99
N GLU D 677 10.11 10.60 -14.16
CA GLU D 677 9.85 9.97 -15.45
C GLU D 677 9.68 11.01 -16.55
N GLN D 678 8.92 12.07 -16.27
CA GLN D 678 8.75 13.13 -17.26
C GLN D 678 10.09 13.74 -17.65
N LEU D 679 10.94 14.05 -16.66
CA LEU D 679 12.23 14.65 -16.93
C LEU D 679 13.10 13.76 -17.80
N THR D 680 13.20 12.46 -17.45
CA THR D 680 14.08 11.59 -18.23
C THR D 680 13.56 11.41 -19.66
N SER D 681 12.24 11.31 -19.82
CA SER D 681 11.69 11.22 -21.17
C SER D 681 12.04 12.44 -22.00
N SER D 682 11.84 13.64 -21.43
CA SER D 682 12.13 14.86 -22.18
C SER D 682 13.61 14.97 -22.53
N ILE D 683 14.49 14.63 -21.59
CA ILE D 683 15.93 14.71 -21.85
C ILE D 683 16.33 13.78 -22.99
N CYS D 684 15.86 12.53 -22.95
CA CYS D 684 16.22 11.60 -24.02
C CYS D 684 15.67 12.05 -25.36
N CYS D 685 14.46 12.60 -25.38
CA CYS D 685 13.90 13.09 -26.65
C CYS D 685 14.74 14.22 -27.22
N LYS D 686 15.13 15.18 -26.37
CA LYS D 686 15.93 16.30 -26.85
C LYS D 686 17.30 15.83 -27.34
N LEU D 687 17.88 14.83 -26.67
CA LEU D 687 19.17 14.30 -27.13
C LEU D 687 19.04 13.63 -28.50
N SER D 688 17.98 12.85 -28.70
CA SER D 688 17.75 12.25 -30.01
C SER D 688 17.61 13.33 -31.09
N ARG D 689 16.86 14.39 -30.79
CA ARG D 689 16.71 15.47 -31.76
C ARG D 689 18.05 16.15 -32.04
N ARG D 690 18.89 16.30 -31.02
CA ARG D 690 20.20 16.89 -31.21
C ARG D 690 21.04 16.05 -32.17
N VAL D 691 21.07 14.74 -31.94
CA VAL D 691 21.83 13.85 -32.82
C VAL D 691 21.31 13.95 -34.25
N LEU D 692 19.99 13.95 -34.42
CA LEU D 692 19.41 14.04 -35.75
C LEU D 692 19.83 15.34 -36.45
N ALA D 693 19.64 16.47 -35.78
CA ALA D 693 20.01 17.75 -36.39
C ALA D 693 21.52 17.93 -36.50
N GLN D 694 22.31 17.08 -35.84
CA GLN D 694 23.76 17.13 -36.00
C GLN D 694 24.22 16.33 -37.22
N GLU D 695 23.52 15.23 -37.54
CA GLU D 695 23.90 14.44 -38.70
C GLU D 695 23.90 15.26 -39.99
N ASN D 696 23.03 16.27 -40.08
CA ASN D 696 23.01 17.18 -41.22
C ASN D 696 23.99 18.33 -40.99
N GLY D 697 24.34 19.00 -42.08
CA GLY D 697 25.27 20.11 -42.02
C GLY D 697 24.63 21.37 -41.47
N GLU D 698 24.29 21.35 -40.18
CA GLU D 698 23.66 22.48 -39.51
C GLU D 698 24.71 23.33 -38.81
N SER D 699 24.48 24.64 -38.77
CA SER D 699 25.38 25.56 -38.10
C SER D 699 25.44 25.26 -36.60
N THR D 700 26.48 25.78 -35.96
CA THR D 700 26.71 25.52 -34.54
C THR D 700 25.68 26.17 -33.63
N GLU D 701 24.87 27.10 -34.14
CA GLU D 701 23.95 27.83 -33.29
C GLU D 701 22.84 26.94 -32.78
N LYS D 702 22.26 26.12 -33.67
CA LYS D 702 21.20 25.20 -33.24
C LYS D 702 21.75 24.15 -32.29
N VAL D 703 22.96 23.66 -32.54
CA VAL D 703 23.59 22.69 -31.65
C VAL D 703 23.79 23.29 -30.27
N GLU D 704 24.25 24.55 -30.20
CA GLU D 704 24.44 25.20 -28.92
C GLU D 704 23.11 25.42 -28.20
N GLU D 705 22.08 25.81 -28.95
CA GLU D 705 20.75 25.97 -28.38
C GLU D 705 20.27 24.68 -27.72
N ILE D 706 20.33 23.58 -28.46
CA ILE D 706 19.85 22.30 -27.93
C ILE D 706 20.72 21.85 -26.76
N ASP D 707 22.03 22.09 -26.84
CA ASP D 707 22.92 21.70 -25.75
C ASP D 707 22.56 22.43 -24.47
N GLN D 708 22.32 23.74 -24.54
CA GLN D 708 21.97 24.49 -23.34
C GLN D 708 20.60 24.07 -22.80
N GLN D 709 19.63 23.88 -23.71
CA GLN D 709 18.30 23.46 -23.29
C GLN D 709 18.29 22.06 -22.70
N VAL D 710 19.27 21.23 -23.01
CA VAL D 710 19.42 19.93 -22.35
C VAL D 710 20.16 20.09 -21.02
N ASP D 711 21.15 20.98 -20.98
CA ASP D 711 21.91 21.19 -19.74
C ASP D 711 21.01 21.68 -18.62
N LEU D 712 20.03 22.54 -18.93
CA LEU D 712 19.13 23.03 -17.89
C LEU D 712 18.36 21.88 -17.23
N GLU D 713 17.74 21.02 -18.05
CA GLU D 713 16.99 19.91 -17.50
C GLU D 713 17.88 18.88 -16.84
N MET D 714 19.13 18.75 -17.30
CA MET D 714 20.07 17.88 -16.61
C MET D 714 20.37 18.41 -15.21
N GLN D 715 20.54 19.72 -15.08
CA GLN D 715 20.71 20.33 -13.76
C GLN D 715 19.50 20.04 -12.88
N GLU D 716 18.30 20.22 -13.43
CA GLU D 716 17.09 19.95 -12.66
C GLU D 716 17.05 18.50 -12.17
N LEU D 717 17.33 17.54 -13.05
CA LEU D 717 17.30 16.14 -12.65
C LEU D 717 18.37 15.83 -11.61
N THR D 718 19.56 16.43 -11.77
CA THR D 718 20.61 16.25 -10.77
C THR D 718 20.15 16.75 -9.41
N ARG D 719 19.47 17.89 -9.37
CA ARG D 719 18.92 18.38 -8.11
C ARG D 719 17.93 17.39 -7.54
N ARG D 720 17.00 16.90 -8.36
CA ARG D 720 15.99 15.97 -7.87
C ARG D 720 16.61 14.68 -7.35
N VAL D 721 17.76 14.28 -7.89
CA VAL D 721 18.34 12.98 -7.52
C VAL D 721 19.26 13.09 -6.31
N LEU D 722 20.02 14.18 -6.19
CA LEU D 722 21.07 14.23 -5.15
C LEU D 722 20.48 14.40 -3.76
N GLN D 723 19.60 15.40 -3.57
CA GLN D 723 19.15 15.75 -2.23
C GLN D 723 18.42 14.59 -1.57
N GLY D 724 18.31 14.66 -0.25
CA GLY D 724 17.77 13.56 0.54
C GLY D 724 16.55 13.87 1.38
N CYS D 725 15.57 14.56 0.80
CA CYS D 725 14.37 14.95 1.54
C CYS D 725 13.29 13.88 1.55
N SER D 726 12.90 13.36 0.38
CA SER D 726 11.75 12.47 0.29
C SER D 726 12.09 11.10 0.84
N ALA D 727 11.16 10.15 0.69
CA ALA D 727 11.28 8.83 1.30
C ALA D 727 11.27 7.70 0.28
N ILE D 728 11.85 7.95 -0.90
CA ILE D 728 12.02 6.91 -1.92
C ILE D 728 13.39 6.28 -1.72
N ASN D 729 13.48 4.97 -1.94
CA ASN D 729 14.74 4.27 -1.79
C ASN D 729 15.77 4.82 -2.75
N ARG D 730 16.97 5.12 -2.23
CA ARG D 730 18.00 5.80 -3.02
C ARG D 730 18.29 5.08 -4.32
N LEU D 731 18.18 3.75 -4.33
CA LEU D 731 18.53 2.99 -5.52
C LEU D 731 17.65 3.34 -6.71
N THR D 732 16.42 3.79 -6.47
CA THR D 732 15.56 4.20 -7.58
C THR D 732 16.10 5.45 -8.27
N ARG D 733 16.45 6.48 -7.49
CA ARG D 733 17.06 7.66 -8.05
C ARG D 733 18.39 7.32 -8.73
N GLU D 734 19.16 6.41 -8.13
CA GLU D 734 20.40 5.97 -8.77
C GLU D 734 20.13 5.35 -10.13
N THR D 735 19.07 4.54 -10.24
CA THR D 735 18.72 3.92 -11.51
C THR D 735 18.35 4.97 -12.55
N PHE D 736 17.52 5.93 -12.15
CA PHE D 736 17.15 7.02 -13.06
C PHE D 736 18.39 7.74 -13.56
N LEU D 737 19.32 8.05 -12.65
CA LEU D 737 20.53 8.76 -13.04
C LEU D 737 21.39 7.91 -13.95
N HIS D 738 21.49 6.60 -13.68
CA HIS D 738 22.27 5.71 -14.54
C HIS D 738 21.73 5.71 -15.96
N VAL D 739 20.42 5.59 -16.11
CA VAL D 739 19.85 5.54 -17.45
C VAL D 739 20.05 6.86 -18.18
N VAL D 740 19.79 7.98 -17.49
CA VAL D 740 19.98 9.27 -18.12
C VAL D 740 21.44 9.48 -18.51
N LYS D 741 22.36 9.03 -17.67
CA LYS D 741 23.78 9.25 -17.96
C LYS D 741 24.24 8.35 -19.10
N SER D 742 23.69 7.14 -19.22
CA SER D 742 24.00 6.29 -20.37
C SER D 742 23.54 6.94 -21.66
N PHE D 743 22.29 7.42 -21.69
CA PHE D 743 21.80 8.09 -22.90
C PHE D 743 22.56 9.38 -23.18
N CYS D 744 23.08 10.04 -22.15
CA CYS D 744 23.88 11.24 -22.38
C CYS D 744 25.26 10.89 -22.94
N TYR D 745 25.84 9.79 -22.47
CA TYR D 745 27.18 9.41 -22.90
C TYR D 745 27.19 8.82 -24.30
N VAL D 746 26.11 8.14 -24.70
CA VAL D 746 26.10 7.48 -26.00
C VAL D 746 26.09 8.47 -27.15
N ALA D 747 25.75 9.73 -26.90
CA ALA D 747 25.61 10.73 -27.96
C ALA D 747 26.63 11.86 -27.84
N TYR D 748 27.74 11.64 -27.14
CA TYR D 748 28.77 12.66 -26.99
C TYR D 748 30.16 12.15 -27.36
N CYS D 749 30.26 11.05 -28.11
CA CYS D 749 31.55 10.50 -28.46
C CYS D 749 31.46 9.78 -29.79
N SER D 750 32.60 9.64 -30.46
CA SER D 750 32.73 8.92 -31.71
C SER D 750 32.93 7.44 -31.44
N PRO D 751 32.35 6.57 -32.28
CA PRO D 751 32.43 5.12 -32.03
C PRO D 751 33.84 4.61 -31.83
N GLU D 752 34.84 5.22 -32.45
CA GLU D 752 36.21 4.76 -32.27
C GLU D 752 36.65 4.93 -30.81
N THR D 753 36.30 6.06 -30.20
CA THR D 753 36.62 6.26 -28.79
C THR D 753 35.90 5.23 -27.92
N ILE D 754 34.68 4.86 -28.30
CA ILE D 754 33.93 3.87 -27.53
C ILE D 754 34.60 2.51 -27.62
N ASP D 755 35.04 2.11 -28.82
CA ASP D 755 35.75 0.84 -28.95
C ASP D 755 37.05 0.85 -28.17
N SER D 756 37.79 1.96 -28.23
CA SER D 756 39.02 2.08 -27.45
C SER D 756 38.74 1.95 -25.97
N HIS D 757 37.67 2.58 -25.48
CA HIS D 757 37.33 2.52 -24.08
C HIS D 757 36.94 1.10 -23.66
N ILE D 758 36.20 0.39 -24.52
CA ILE D 758 35.84 -0.99 -24.21
C ILE D 758 37.08 -1.85 -24.12
N ASP D 759 37.97 -1.73 -25.11
CA ASP D 759 39.19 -2.53 -25.11
C ASP D 759 40.08 -2.19 -23.93
N LYS D 760 40.01 -0.96 -23.43
CA LYS D 760 40.85 -0.56 -22.30
C LYS D 760 40.23 -0.96 -20.96
N VAL D 761 38.90 -1.08 -20.90
CA VAL D 761 38.23 -1.38 -19.65
C VAL D 761 38.10 -2.88 -19.42
N ILE D 762 37.66 -3.62 -20.43
CA ILE D 762 37.32 -5.03 -20.21
C ILE D 762 38.48 -5.96 -20.56
N PHE D 763 39.11 -5.75 -21.72
CA PHE D 763 40.07 -6.73 -22.24
C PHE D 763 41.51 -6.45 -21.81
N GLN D 764 42.01 -5.23 -22.02
CA GLN D 764 43.38 -4.89 -21.65
C GLN D 764 43.42 -4.76 -20.12
N ASP D 765 43.62 -5.90 -19.47
CA ASP D 765 43.45 -6.00 -18.03
C ASP D 765 44.58 -5.31 -17.28
N VAL D 766 44.37 -5.16 -15.97
CA VAL D 766 45.37 -4.66 -15.06
C VAL D 766 45.98 -5.85 -14.33
N ILE D 767 47.05 -5.59 -13.59
CA ILE D 767 47.80 -6.59 -12.81
C ILE D 767 48.03 -7.87 -13.60
N THR E 80 -40.04 16.59 -8.86
CA THR E 80 -39.39 16.53 -7.56
C THR E 80 -38.64 15.20 -7.37
N THR E 81 -39.24 14.25 -6.66
CA THR E 81 -38.64 12.94 -6.43
C THR E 81 -39.57 11.79 -6.75
N THR E 82 -40.90 12.02 -6.76
CA THR E 82 -41.82 10.97 -7.18
C THR E 82 -41.78 10.80 -8.70
N MET E 83 -41.45 11.86 -9.42
CA MET E 83 -41.30 11.77 -10.87
C MET E 83 -40.13 10.89 -11.25
N ILE E 84 -39.01 11.02 -10.53
CA ILE E 84 -37.87 10.13 -10.78
C ILE E 84 -38.27 8.68 -10.52
N ASP E 85 -39.11 8.45 -9.50
CA ASP E 85 -39.58 7.10 -9.23
C ASP E 85 -40.47 6.58 -10.36
N GLY E 86 -41.33 7.43 -10.89
CA GLY E 86 -42.16 7.01 -12.01
C GLY E 86 -41.33 6.68 -13.24
N ILE E 87 -40.31 7.50 -13.52
CA ILE E 87 -39.45 7.24 -14.67
C ILE E 87 -38.65 5.96 -14.47
N ARG E 88 -38.16 5.73 -13.25
CA ARG E 88 -37.43 4.50 -12.98
C ARG E 88 -38.32 3.28 -13.11
N THR E 89 -39.57 3.40 -12.68
CA THR E 89 -40.52 2.30 -12.87
C THR E 89 -40.81 2.04 -14.35
N ALA E 90 -40.96 3.10 -15.14
CA ALA E 90 -41.19 2.92 -16.57
C ALA E 90 -39.98 2.29 -17.25
N LEU E 91 -38.77 2.60 -16.78
CA LEU E 91 -37.58 2.03 -17.37
C LEU E 91 -37.39 0.56 -16.97
N ARG E 92 -37.50 0.25 -15.69
CA ARG E 92 -37.18 -1.08 -15.19
C ARG E 92 -38.08 -2.18 -15.75
N SER E 93 -39.20 -1.83 -16.38
CA SER E 93 -40.12 -2.81 -16.94
C SER E 93 -40.23 -2.71 -18.44
N ILE E 94 -39.18 -2.24 -19.12
CA ILE E 94 -39.22 -2.13 -20.57
C ILE E 94 -39.35 -3.53 -21.19
N GLY E 95 -39.89 -3.56 -22.41
CA GLY E 95 -40.15 -4.83 -23.07
C GLY E 95 -40.04 -4.76 -24.57
N GLU E 96 -41.00 -5.36 -25.27
CA GLU E 96 -40.97 -5.44 -26.72
C GLU E 96 -41.18 -4.10 -27.41
N GLY E 97 -41.36 -3.02 -26.67
CA GLY E 97 -41.51 -1.71 -27.27
C GLY E 97 -42.94 -1.23 -27.23
N GLU E 98 -43.10 0.08 -27.08
CA GLU E 98 -44.40 0.74 -27.05
C GLU E 98 -44.52 1.68 -28.24
N ILE E 99 -45.67 1.63 -28.92
CA ILE E 99 -45.88 2.41 -30.12
C ILE E 99 -47.39 2.55 -30.33
N SER E 100 -47.80 3.70 -30.85
CA SER E 100 -49.21 3.99 -31.06
C SER E 100 -49.76 3.17 -32.22
N ILE E 101 -51.07 2.94 -32.20
CA ILE E 101 -51.75 2.14 -33.21
C ILE E 101 -52.02 2.98 -34.45
N SER E 102 -52.40 2.34 -35.54
CA SER E 102 -52.66 3.01 -36.81
C SER E 102 -53.83 2.36 -37.51
N ALA E 103 -54.65 3.17 -38.18
CA ALA E 103 -55.88 2.68 -38.77
C ALA E 103 -55.64 1.97 -40.10
N TYR E 104 -54.63 2.38 -40.85
CA TYR E 104 -54.37 1.78 -42.17
C TYR E 104 -54.03 0.31 -42.04
N ASP E 105 -53.11 -0.03 -41.14
CA ASP E 105 -52.73 -1.42 -40.93
C ASP E 105 -53.90 -2.25 -40.43
N THR E 106 -54.74 -1.67 -39.55
CA THR E 106 -55.90 -2.40 -39.07
C THR E 106 -56.88 -2.67 -40.20
N SER E 107 -57.09 -1.69 -41.09
CA SER E 107 -57.95 -1.90 -42.24
C SER E 107 -57.41 -2.99 -43.15
N LEU E 108 -56.09 -2.98 -43.38
CA LEU E 108 -55.51 -3.96 -44.28
C LEU E 108 -55.42 -5.35 -43.65
N VAL E 109 -55.51 -5.43 -42.33
CA VAL E 109 -55.57 -6.72 -41.65
C VAL E 109 -56.99 -7.27 -41.58
N ALA E 110 -58.00 -6.40 -41.43
CA ALA E 110 -59.38 -6.84 -41.28
C ALA E 110 -59.88 -7.59 -42.51
N LEU E 111 -59.23 -7.41 -43.66
CA LEU E 111 -59.70 -8.02 -44.90
C LEU E 111 -59.46 -9.53 -44.97
N LEU E 112 -59.02 -10.19 -43.89
CA LEU E 112 -58.81 -11.63 -43.93
C LEU E 112 -60.13 -12.35 -43.67
N LYS E 113 -60.63 -13.06 -44.68
CA LYS E 113 -61.82 -13.87 -44.49
C LYS E 113 -61.51 -15.03 -43.54
N ARG E 114 -62.55 -15.51 -42.84
CA ARG E 114 -62.36 -16.50 -41.80
C ARG E 114 -61.77 -17.80 -42.35
N LEU E 115 -61.06 -18.51 -41.47
CA LEU E 115 -60.39 -19.74 -41.90
C LEU E 115 -61.34 -20.92 -41.84
N ASP E 116 -62.08 -21.08 -40.74
CA ASP E 116 -62.95 -22.24 -40.53
C ASP E 116 -64.11 -22.31 -41.51
N GLY E 117 -64.29 -21.31 -42.37
CA GLY E 117 -65.36 -21.37 -43.34
C GLY E 117 -66.58 -20.54 -43.01
N GLY E 118 -66.48 -19.63 -42.04
CA GLY E 118 -67.60 -18.80 -41.64
C GLY E 118 -67.88 -17.68 -42.62
N ASP E 119 -68.41 -16.58 -42.10
CA ASP E 119 -68.73 -15.41 -42.90
C ASP E 119 -68.06 -14.14 -42.40
N GLY E 120 -67.88 -14.00 -41.09
CA GLY E 120 -67.24 -12.84 -40.52
C GLY E 120 -65.72 -12.89 -40.70
N PRO E 121 -65.08 -11.72 -40.63
CA PRO E 121 -63.62 -11.69 -40.71
C PRO E 121 -62.97 -12.49 -39.60
N GLN E 122 -61.70 -12.85 -39.83
CA GLN E 122 -60.98 -13.69 -38.87
C GLN E 122 -60.78 -12.96 -37.54
N PHE E 123 -60.39 -11.69 -37.60
CA PHE E 123 -60.18 -10.90 -36.39
C PHE E 123 -61.24 -9.83 -36.27
N PRO E 124 -62.32 -10.06 -35.51
CA PRO E 124 -63.38 -9.03 -35.41
C PRO E 124 -63.01 -7.86 -34.51
N SER E 125 -62.01 -8.03 -33.64
CA SER E 125 -61.59 -6.91 -32.80
C SER E 125 -61.10 -5.73 -33.62
N THR E 126 -60.56 -6.00 -34.81
CA THR E 126 -60.13 -4.91 -35.70
C THR E 126 -61.30 -4.03 -36.09
N ILE E 127 -62.42 -4.63 -36.51
CA ILE E 127 -63.60 -3.84 -36.85
C ILE E 127 -64.17 -3.20 -35.60
N ASP E 128 -64.20 -3.93 -34.48
CA ASP E 128 -64.72 -3.38 -33.23
C ASP E 128 -63.97 -2.12 -32.83
N TRP E 129 -62.67 -2.06 -33.11
CA TRP E 129 -61.91 -0.84 -32.82
C TRP E 129 -62.12 0.23 -33.89
N ILE E 130 -62.04 -0.16 -35.16
CA ILE E 130 -62.07 0.81 -36.25
C ILE E 130 -63.40 1.55 -36.28
N VAL E 131 -64.46 0.92 -35.77
CA VAL E 131 -65.75 1.59 -35.82
C VAL E 131 -65.89 2.62 -34.71
N GLN E 132 -65.08 2.51 -33.66
CA GLN E 132 -65.23 3.34 -32.46
C GLN E 132 -64.05 4.30 -32.26
N ASN E 133 -63.35 4.68 -33.31
CA ASN E 133 -62.24 5.61 -33.20
C ASN E 133 -62.21 6.62 -34.33
N GLN E 134 -63.38 6.98 -34.88
CA GLN E 134 -63.42 7.91 -36.00
C GLN E 134 -63.35 9.35 -35.51
N LEU E 135 -62.53 10.16 -36.19
CA LEU E 135 -62.38 11.55 -35.81
C LEU E 135 -63.71 12.29 -35.98
N PRO E 136 -63.94 13.34 -35.20
CA PRO E 136 -65.19 14.09 -35.35
C PRO E 136 -65.36 14.75 -36.71
N ASP E 137 -64.25 15.11 -37.36
CA ASP E 137 -64.34 15.72 -38.69
C ASP E 137 -64.87 14.73 -39.71
N GLY E 138 -64.64 13.45 -39.51
CA GLY E 138 -65.04 12.45 -40.48
C GLY E 138 -63.85 11.87 -41.22
N SER E 139 -62.70 11.89 -40.58
CA SER E 139 -61.45 11.44 -41.19
C SER E 139 -60.74 10.52 -40.19
N TRP E 140 -59.47 10.22 -40.48
CA TRP E 140 -58.71 9.26 -39.68
C TRP E 140 -57.30 9.81 -39.51
N GLY E 141 -56.41 8.99 -38.97
CA GLY E 141 -55.02 9.39 -38.81
C GLY E 141 -54.75 10.10 -37.51
N ASP E 142 -53.65 10.84 -37.50
CA ASP E 142 -53.22 11.56 -36.31
C ASP E 142 -54.09 12.81 -36.10
N ALA E 143 -54.32 13.14 -34.83
CA ALA E 143 -55.20 14.24 -34.46
C ALA E 143 -54.46 15.56 -34.34
N SER E 144 -53.38 15.58 -33.55
CA SER E 144 -52.68 16.85 -33.28
C SER E 144 -52.07 17.43 -34.54
N PHE E 145 -51.13 16.70 -35.14
CA PHE E 145 -50.56 17.16 -36.41
C PHE E 145 -51.57 16.94 -37.54
N PHE E 146 -51.24 17.49 -38.70
CA PHE E 146 -52.14 17.45 -39.85
C PHE E 146 -51.30 17.41 -41.12
N MET E 147 -51.23 16.23 -41.75
CA MET E 147 -50.56 16.06 -43.03
C MET E 147 -51.52 15.38 -43.99
N MET E 148 -51.36 15.68 -45.28
CA MET E 148 -52.35 15.24 -46.27
C MET E 148 -52.29 13.74 -46.51
N GLY E 149 -51.12 13.22 -46.89
CA GLY E 149 -51.01 11.81 -47.25
C GLY E 149 -51.47 10.88 -46.14
N ASP E 150 -51.15 11.22 -44.90
CA ASP E 150 -51.61 10.43 -43.76
C ASP E 150 -53.12 10.27 -43.78
N ARG E 151 -53.84 11.40 -43.83
CA ARG E 151 -55.30 11.35 -43.82
C ARG E 151 -55.83 10.63 -45.04
N ILE E 152 -55.24 10.88 -46.22
CA ILE E 152 -55.71 10.24 -47.44
C ILE E 152 -55.62 8.72 -47.30
N MET E 153 -54.44 8.21 -46.95
CA MET E 153 -54.25 6.77 -46.85
C MET E 153 -55.15 6.17 -45.77
N SER E 154 -55.18 6.78 -44.59
CA SER E 154 -55.97 6.22 -43.49
C SER E 154 -57.45 6.17 -43.85
N THR E 155 -57.98 7.25 -44.40
CA THR E 155 -59.39 7.29 -44.74
C THR E 155 -59.73 6.33 -45.86
N LEU E 156 -58.88 6.25 -46.90
CA LEU E 156 -59.13 5.29 -47.97
C LEU E 156 -59.15 3.87 -47.44
N ALA E 157 -58.18 3.52 -46.59
CA ALA E 157 -58.15 2.18 -46.02
C ALA E 157 -59.39 1.92 -45.18
N CYS E 158 -59.82 2.90 -44.40
CA CYS E 158 -61.00 2.70 -43.55
C CYS E 158 -62.26 2.51 -44.38
N VAL E 159 -62.47 3.35 -45.40
CA VAL E 159 -63.65 3.19 -46.25
C VAL E 159 -63.61 1.86 -46.99
N VAL E 160 -62.43 1.42 -47.41
CA VAL E 160 -62.35 0.13 -48.10
C VAL E 160 -62.69 -1.00 -47.15
N ALA E 161 -62.16 -0.96 -45.92
CA ALA E 161 -62.44 -2.02 -44.96
C ALA E 161 -63.91 -2.02 -44.53
N LEU E 162 -64.57 -0.85 -44.55
CA LEU E 162 -65.98 -0.82 -44.25
C LEU E 162 -66.81 -1.37 -45.41
N LYS E 163 -66.56 -0.89 -46.62
CA LYS E 163 -67.30 -1.34 -47.79
C LYS E 163 -67.10 -2.82 -48.09
N SER E 164 -65.95 -3.40 -47.70
CA SER E 164 -65.71 -4.81 -47.96
C SER E 164 -66.76 -5.68 -47.27
N TRP E 165 -66.82 -5.62 -45.95
CA TRP E 165 -67.81 -6.39 -45.20
C TRP E 165 -69.19 -5.76 -45.23
N ASN E 166 -69.31 -4.53 -45.72
CA ASN E 166 -70.60 -3.88 -45.98
C ASN E 166 -71.43 -3.77 -44.70
N ILE E 167 -70.79 -3.30 -43.63
CA ILE E 167 -71.47 -3.03 -42.38
C ILE E 167 -71.15 -1.61 -41.95
N HIS E 168 -72.08 -1.02 -41.19
CA HIS E 168 -71.94 0.35 -40.69
C HIS E 168 -71.68 1.33 -41.83
N THR E 169 -72.52 1.25 -42.86
CA THR E 169 -72.35 2.01 -44.09
C THR E 169 -72.88 3.45 -43.97
N ASP E 170 -73.10 3.92 -42.74
CA ASP E 170 -73.57 5.28 -42.52
C ASP E 170 -72.41 6.29 -42.51
N LYS E 171 -71.18 5.81 -42.32
CA LYS E 171 -70.03 6.70 -42.20
C LYS E 171 -69.16 6.72 -43.45
N CYS E 172 -69.35 5.74 -44.33
CA CYS E 172 -68.57 5.67 -45.57
C CYS E 172 -68.74 6.95 -46.38
N GLU E 173 -69.97 7.44 -46.50
CA GLU E 173 -70.21 8.70 -47.18
C GLU E 173 -69.58 9.88 -46.43
N ARG E 174 -69.59 9.83 -45.10
CA ARG E 174 -68.96 10.90 -44.32
C ARG E 174 -67.46 10.99 -44.63
N GLY E 175 -66.81 9.84 -44.85
CA GLY E 175 -65.42 9.86 -45.26
C GLY E 175 -65.22 10.23 -46.71
N LEU E 176 -66.10 9.76 -47.59
CA LEU E 176 -65.96 10.05 -49.01
C LEU E 176 -66.13 11.54 -49.28
N LEU E 177 -66.99 12.21 -48.51
CA LEU E 177 -67.11 13.66 -48.63
C LEU E 177 -65.78 14.35 -48.37
N PHE E 178 -65.13 14.00 -47.25
CA PHE E 178 -63.83 14.57 -46.94
C PHE E 178 -62.82 14.28 -48.05
N ILE E 179 -62.82 13.05 -48.57
CA ILE E 179 -61.88 12.70 -49.62
C ILE E 179 -62.09 13.56 -50.86
N GLN E 180 -63.32 13.58 -51.38
CA GLN E 180 -63.60 14.30 -52.60
C GLN E 180 -63.53 15.81 -52.42
N GLU E 181 -63.55 16.30 -51.18
CA GLU E 181 -63.44 17.73 -50.92
C GLU E 181 -62.01 18.17 -50.66
N ASN E 182 -61.12 17.29 -50.19
CA ASN E 182 -59.76 17.69 -49.86
C ASN E 182 -58.69 17.02 -50.71
N MET E 183 -59.04 16.18 -51.68
CA MET E 183 -58.00 15.58 -52.52
C MET E 183 -57.36 16.60 -53.45
N TRP E 184 -58.02 17.73 -53.68
CA TRP E 184 -57.45 18.77 -54.54
C TRP E 184 -56.20 19.40 -53.95
N ARG E 185 -56.11 19.46 -52.63
CA ARG E 185 -55.04 20.15 -51.93
C ARG E 185 -53.80 19.26 -51.71
N LEU E 186 -53.66 18.21 -52.49
CA LEU E 186 -52.53 17.29 -52.40
C LEU E 186 -51.32 17.75 -53.20
N ALA E 187 -51.23 19.04 -53.53
CA ALA E 187 -50.17 19.55 -54.37
C ALA E 187 -49.19 20.46 -53.63
N HIS E 188 -49.42 20.74 -52.35
CA HIS E 188 -48.58 21.65 -51.59
C HIS E 188 -47.70 20.95 -50.58
N GLU E 189 -47.84 19.63 -50.41
CA GLU E 189 -47.01 18.89 -49.47
C GLU E 189 -45.55 18.94 -49.89
N GLU E 190 -44.66 18.86 -48.90
CA GLU E 190 -43.24 18.96 -49.16
C GLU E 190 -42.73 17.70 -49.86
N GLU E 191 -41.54 17.82 -50.46
CA GLU E 191 -40.94 16.69 -51.16
C GLU E 191 -40.25 15.74 -50.19
N ASP E 192 -39.66 16.25 -49.12
CA ASP E 192 -38.95 15.39 -48.17
C ASP E 192 -39.91 14.59 -47.30
N TRP E 193 -41.02 15.20 -46.86
CA TRP E 193 -42.03 14.47 -46.10
C TRP E 193 -42.85 13.63 -47.08
N MET E 194 -42.30 12.46 -47.41
CA MET E 194 -42.98 11.45 -48.21
C MET E 194 -42.97 10.16 -47.40
N LEU E 195 -44.15 9.70 -47.02
CA LEU E 195 -44.26 8.49 -46.20
C LEU E 195 -43.54 7.33 -46.89
N VAL E 196 -43.02 6.40 -46.08
CA VAL E 196 -42.36 5.25 -46.66
C VAL E 196 -43.39 4.36 -47.35
N GLY E 197 -42.98 3.75 -48.46
CA GLY E 197 -43.90 2.98 -49.26
C GLY E 197 -45.11 3.75 -49.73
N PHE E 198 -44.96 5.05 -49.98
CA PHE E 198 -46.10 5.86 -50.41
C PHE E 198 -46.43 5.62 -51.88
N GLU E 199 -45.42 5.77 -52.75
CA GLU E 199 -45.61 5.58 -54.18
C GLU E 199 -45.89 4.14 -54.56
N ILE E 200 -45.84 3.21 -53.61
CA ILE E 200 -46.16 1.81 -53.89
C ILE E 200 -47.43 1.36 -53.18
N ALA E 201 -47.96 2.15 -52.25
CA ALA E 201 -49.20 1.81 -51.57
C ALA E 201 -50.38 2.68 -51.98
N LEU E 202 -50.14 3.92 -52.42
CA LEU E 202 -51.25 4.75 -52.88
C LEU E 202 -51.79 4.27 -54.23
N PRO E 203 -50.98 3.98 -55.25
CA PRO E 203 -51.56 3.49 -56.51
C PRO E 203 -52.29 2.16 -56.37
N SER E 204 -51.74 1.23 -55.59
CA SER E 204 -52.41 -0.06 -55.42
C SER E 204 -53.72 0.10 -54.67
N LEU E 205 -53.75 0.99 -53.66
CA LEU E 205 -54.99 1.25 -52.95
C LEU E 205 -56.01 1.93 -53.86
N LEU E 206 -55.57 2.83 -54.73
CA LEU E 206 -56.48 3.45 -55.69
C LEU E 206 -57.03 2.40 -56.65
N ASP E 207 -56.20 1.47 -57.09
CA ASP E 207 -56.68 0.40 -57.97
C ASP E 207 -57.67 -0.50 -57.24
N MET E 208 -57.42 -0.78 -55.95
CA MET E 208 -58.38 -1.54 -55.17
C MET E 208 -59.71 -0.80 -55.05
N ALA E 209 -59.65 0.52 -54.93
CA ALA E 209 -60.88 1.31 -54.89
C ALA E 209 -61.59 1.31 -56.23
N LYS E 210 -60.85 1.29 -57.33
CA LYS E 210 -61.45 1.27 -58.66
C LYS E 210 -62.25 0.00 -58.91
N ASP E 211 -61.83 -1.13 -58.34
CA ASP E 211 -62.60 -2.36 -58.47
C ASP E 211 -64.03 -2.15 -57.97
N LEU E 212 -64.20 -1.44 -56.87
CA LEU E 212 -65.51 -1.08 -56.36
C LEU E 212 -65.99 0.20 -57.03
N ASP E 213 -67.27 0.52 -56.86
CA ASP E 213 -67.88 1.71 -57.46
C ASP E 213 -67.81 2.84 -56.43
N LEU E 214 -66.69 3.55 -56.42
CA LEU E 214 -66.45 4.65 -55.50
C LEU E 214 -65.98 5.87 -56.27
N ASP E 215 -66.75 6.96 -56.19
CA ASP E 215 -66.48 8.18 -56.95
C ASP E 215 -65.47 9.03 -56.19
N ILE E 216 -64.21 8.94 -56.61
CA ILE E 216 -63.12 9.76 -56.08
C ILE E 216 -62.47 10.47 -57.26
N PRO E 217 -61.98 11.71 -57.10
CA PRO E 217 -61.34 12.40 -58.22
C PRO E 217 -60.02 11.74 -58.64
N TYR E 218 -60.12 10.68 -59.44
CA TYR E 218 -58.93 9.99 -59.91
C TYR E 218 -58.02 10.91 -60.72
N ASP E 219 -58.58 11.94 -61.34
CA ASP E 219 -57.82 12.88 -62.16
C ASP E 219 -57.27 14.00 -61.28
N GLU E 220 -55.96 14.22 -61.37
CA GLU E 220 -55.28 15.26 -60.62
C GLU E 220 -53.88 15.46 -61.16
N PRO E 221 -53.41 16.71 -61.31
CA PRO E 221 -52.03 16.92 -61.75
C PRO E 221 -51.01 16.35 -60.78
N ALA E 222 -51.37 16.18 -59.51
CA ALA E 222 -50.44 15.66 -58.52
C ALA E 222 -50.23 14.16 -58.64
N LEU E 223 -51.25 13.42 -59.11
CA LEU E 223 -51.15 11.96 -59.13
C LEU E 223 -50.13 11.49 -60.16
N LYS E 224 -49.89 12.28 -61.21
CA LYS E 224 -48.89 11.90 -62.20
C LYS E 224 -47.49 11.88 -61.61
N ALA E 225 -47.20 12.80 -60.69
CA ALA E 225 -45.91 12.80 -60.02
C ALA E 225 -45.71 11.50 -59.23
N ILE E 226 -46.79 10.98 -58.64
CA ILE E 226 -46.70 9.72 -57.91
C ILE E 226 -46.36 8.57 -58.85
N TYR E 227 -47.04 8.48 -60.01
CA TYR E 227 -46.73 7.43 -60.97
C TYR E 227 -45.34 7.57 -61.55
N ALA E 228 -44.82 8.79 -61.65
CA ALA E 228 -43.44 8.99 -62.11
C ALA E 228 -42.43 8.54 -61.06
N GLU E 229 -42.65 8.91 -59.80
CA GLU E 229 -41.77 8.49 -58.72
C GLU E 229 -41.79 6.97 -58.56
N ARG E 230 -42.95 6.35 -58.81
CA ARG E 230 -43.03 4.90 -58.75
C ARG E 230 -42.04 4.25 -59.70
N GLU E 231 -42.04 4.67 -60.96
CA GLU E 231 -41.11 4.11 -61.94
C GLU E 231 -39.68 4.49 -61.61
N ARG E 232 -39.46 5.72 -61.10
CA ARG E 232 -38.11 6.13 -60.73
C ARG E 232 -37.53 5.23 -59.65
N LYS E 233 -38.35 4.82 -58.68
CA LYS E 233 -37.87 3.93 -57.64
C LYS E 233 -37.73 2.50 -58.17
N LEU E 234 -38.72 2.02 -58.93
CA LEU E 234 -38.68 0.68 -59.49
C LEU E 234 -37.48 0.47 -60.41
N ALA E 235 -36.95 1.53 -61.02
CA ALA E 235 -35.74 1.39 -61.82
C ALA E 235 -34.53 1.04 -60.97
N LYS E 236 -34.48 1.50 -59.73
CA LYS E 236 -33.33 1.23 -58.87
C LYS E 236 -33.30 -0.19 -58.32
N ILE E 237 -34.46 -0.85 -58.21
CA ILE E 237 -34.50 -2.21 -57.71
C ILE E 237 -35.16 -3.10 -58.77
N PRO E 238 -34.39 -3.89 -59.50
CA PRO E 238 -34.97 -4.77 -60.52
C PRO E 238 -35.77 -5.92 -59.93
N ARG E 239 -36.40 -6.71 -60.80
CA ARG E 239 -37.12 -7.89 -60.35
C ARG E 239 -36.18 -8.99 -59.88
N ASP E 240 -34.87 -8.82 -60.07
CA ASP E 240 -33.89 -9.84 -59.72
C ASP E 240 -33.41 -9.74 -58.28
N VAL E 241 -32.87 -8.58 -57.89
CA VAL E 241 -32.30 -8.43 -56.56
C VAL E 241 -33.37 -8.48 -55.48
N LEU E 242 -34.64 -8.32 -55.85
CA LEU E 242 -35.71 -8.43 -54.87
C LEU E 242 -35.92 -9.88 -54.42
N HIS E 243 -35.52 -10.85 -55.24
CA HIS E 243 -35.71 -12.26 -54.94
C HIS E 243 -34.44 -12.93 -54.43
N SER E 244 -33.33 -12.21 -54.36
CA SER E 244 -32.07 -12.80 -53.91
C SER E 244 -31.56 -12.18 -52.61
N MET E 245 -31.48 -10.85 -52.53
CA MET E 245 -30.99 -10.16 -51.36
C MET E 245 -32.13 -9.41 -50.69
N PRO E 246 -32.33 -9.56 -49.39
CA PRO E 246 -33.40 -8.82 -48.70
C PRO E 246 -33.06 -7.34 -48.62
N THR E 247 -33.92 -6.52 -49.23
CA THR E 247 -33.73 -5.07 -49.26
C THR E 247 -34.85 -4.40 -48.48
N THR E 248 -34.80 -3.07 -48.46
CA THR E 248 -35.80 -2.26 -47.77
C THR E 248 -37.14 -2.22 -48.51
N LEU E 249 -37.28 -3.01 -49.57
CA LEU E 249 -38.51 -3.00 -50.37
C LEU E 249 -39.61 -3.86 -49.77
N LEU E 250 -39.26 -4.92 -49.03
CA LEU E 250 -40.26 -5.81 -48.45
C LEU E 250 -41.17 -5.11 -47.44
N HIS E 251 -40.86 -3.88 -47.03
CA HIS E 251 -41.72 -3.16 -46.11
C HIS E 251 -42.99 -2.65 -46.79
N SER E 252 -43.05 -2.68 -48.12
CA SER E 252 -44.27 -2.34 -48.85
C SER E 252 -44.41 -3.38 -49.96
N LEU E 253 -45.10 -4.48 -49.67
CA LEU E 253 -45.20 -5.60 -50.59
C LEU E 253 -46.54 -5.68 -51.30
N GLU E 254 -47.63 -5.26 -50.66
CA GLU E 254 -48.95 -5.37 -51.27
C GLU E 254 -49.07 -4.56 -52.55
N GLY E 255 -48.15 -3.63 -52.79
CA GLY E 255 -48.21 -2.82 -53.99
C GLY E 255 -47.46 -3.41 -55.16
N MET E 256 -47.25 -4.72 -55.14
CA MET E 256 -46.55 -5.41 -56.22
C MET E 256 -47.23 -6.74 -56.47
N VAL E 257 -47.13 -7.21 -57.72
CA VAL E 257 -47.72 -8.47 -58.15
C VAL E 257 -46.66 -9.25 -58.91
N ASP E 258 -47.05 -10.44 -59.38
CA ASP E 258 -46.16 -11.34 -60.11
C ASP E 258 -44.94 -11.69 -59.26
N LEU E 259 -45.21 -12.31 -58.11
CA LEU E 259 -44.19 -12.61 -57.12
C LEU E 259 -43.88 -14.11 -57.16
N ASP E 260 -42.60 -14.43 -57.31
CA ASP E 260 -42.15 -15.82 -57.26
C ASP E 260 -42.14 -16.29 -55.81
N TRP E 261 -43.29 -16.74 -55.30
CA TRP E 261 -43.40 -17.11 -53.90
C TRP E 261 -42.51 -18.29 -53.53
N GLU E 262 -41.98 -19.01 -54.51
CA GLU E 262 -41.07 -20.11 -54.22
C GLU E 262 -39.75 -19.59 -53.64
N LYS E 263 -39.13 -18.63 -54.33
CA LYS E 263 -37.87 -18.05 -53.89
C LYS E 263 -38.08 -16.79 -53.05
N LEU E 264 -39.23 -16.67 -52.39
CA LEU E 264 -39.51 -15.51 -51.55
C LEU E 264 -39.72 -15.88 -50.09
N LEU E 265 -40.17 -17.09 -49.80
CA LEU E 265 -40.32 -17.54 -48.41
C LEU E 265 -38.99 -17.75 -47.72
N LYS E 266 -37.87 -17.65 -48.43
CA LYS E 266 -36.54 -17.86 -47.88
C LYS E 266 -35.88 -16.56 -47.41
N LEU E 267 -36.63 -15.47 -47.34
CA LEU E 267 -36.06 -14.16 -47.02
C LEU E 267 -36.74 -13.48 -45.83
N ARG E 268 -37.77 -14.07 -45.26
CA ARG E 268 -38.48 -13.42 -44.16
C ARG E 268 -37.62 -13.39 -42.90
N CYS E 269 -38.08 -12.62 -41.91
CA CYS E 269 -37.35 -12.46 -40.66
C CYS E 269 -37.34 -13.76 -39.86
N LEU E 270 -36.64 -13.72 -38.73
CA LEU E 270 -36.60 -14.89 -37.86
C LEU E 270 -37.93 -15.12 -37.16
N ASP E 271 -38.68 -14.04 -36.89
CA ASP E 271 -39.97 -14.19 -36.23
C ASP E 271 -40.99 -14.87 -37.14
N GLY E 272 -40.99 -14.52 -38.42
CA GLY E 272 -41.94 -15.09 -39.35
C GLY E 272 -42.74 -14.04 -40.10
N SER E 273 -42.36 -12.78 -39.93
CA SER E 273 -43.03 -11.66 -40.56
C SER E 273 -42.10 -10.97 -41.53
N PHE E 274 -42.66 -10.45 -42.62
CA PHE E 274 -41.87 -9.87 -43.70
C PHE E 274 -41.38 -8.48 -43.28
N HIS E 275 -40.14 -8.42 -42.78
CA HIS E 275 -39.47 -7.17 -42.46
C HIS E 275 -40.23 -6.37 -41.40
N CYS E 276 -40.86 -7.09 -40.47
CA CYS E 276 -41.57 -6.49 -39.34
C CYS E 276 -42.64 -5.52 -39.82
N SER E 277 -43.62 -6.05 -40.55
CA SER E 277 -44.68 -5.24 -41.11
C SER E 277 -45.98 -6.04 -41.18
N PRO E 278 -47.02 -5.62 -40.46
CA PRO E 278 -48.26 -6.41 -40.44
C PRO E 278 -49.01 -6.39 -41.77
N ALA E 279 -48.92 -5.30 -42.53
CA ALA E 279 -49.61 -5.24 -43.81
C ALA E 279 -49.04 -6.26 -44.79
N SER E 280 -47.71 -6.34 -44.87
CA SER E 280 -47.07 -7.28 -45.79
C SER E 280 -47.34 -8.72 -45.36
N THR E 281 -47.30 -8.98 -44.06
CA THR E 281 -47.63 -10.32 -43.57
C THR E 281 -49.06 -10.69 -43.91
N ALA E 282 -50.00 -9.76 -43.71
CA ALA E 282 -51.39 -10.01 -44.07
C ALA E 282 -51.53 -10.32 -45.55
N THR E 283 -50.92 -9.48 -46.40
CA THR E 283 -50.97 -9.71 -47.83
C THR E 283 -50.40 -11.07 -48.23
N ALA E 284 -49.26 -11.46 -47.65
CA ALA E 284 -48.68 -12.75 -47.97
C ALA E 284 -49.52 -13.91 -47.45
N PHE E 285 -50.27 -13.70 -46.37
CA PHE E 285 -51.06 -14.78 -45.80
C PHE E 285 -52.25 -15.13 -46.69
N GLN E 286 -52.95 -14.12 -47.19
CA GLN E 286 -54.15 -14.35 -47.98
C GLN E 286 -53.81 -14.76 -49.41
N GLN E 287 -52.52 -14.92 -49.70
CA GLN E 287 -52.06 -15.35 -51.02
C GLN E 287 -51.13 -16.56 -50.94
N THR E 288 -51.08 -17.22 -49.79
CA THR E 288 -50.22 -18.38 -49.57
C THR E 288 -50.88 -19.19 -48.45
N GLY E 289 -50.26 -20.31 -48.08
CA GLY E 289 -50.79 -21.14 -47.01
C GLY E 289 -49.84 -21.33 -45.85
N ASP E 290 -49.08 -20.28 -45.54
CA ASP E 290 -48.11 -20.36 -44.44
C ASP E 290 -48.84 -20.42 -43.10
N GLN E 291 -48.13 -20.91 -42.08
CA GLN E 291 -48.69 -21.03 -40.74
C GLN E 291 -48.01 -20.15 -39.71
N LYS E 292 -46.73 -19.81 -39.90
CA LYS E 292 -46.02 -18.98 -38.93
C LYS E 292 -46.50 -17.53 -38.97
N CYS E 293 -46.73 -17.01 -40.17
CA CYS E 293 -47.26 -15.65 -40.30
C CYS E 293 -48.59 -15.52 -39.57
N PHE E 294 -49.43 -16.55 -39.62
CA PHE E 294 -50.69 -16.52 -38.86
C PHE E 294 -50.43 -16.42 -37.37
N GLU E 295 -49.43 -17.15 -36.88
CA GLU E 295 -49.09 -17.07 -35.45
C GLU E 295 -48.63 -15.67 -35.08
N TYR E 296 -47.78 -15.06 -35.91
CA TYR E 296 -47.32 -13.71 -35.64
C TYR E 296 -48.49 -12.72 -35.63
N LEU E 297 -49.37 -12.82 -36.62
CA LEU E 297 -50.51 -11.91 -36.69
C LEU E 297 -51.44 -12.08 -35.49
N ASP E 298 -51.70 -13.33 -35.09
CA ASP E 298 -52.57 -13.57 -33.94
C ASP E 298 -51.95 -13.03 -32.67
N GLY E 299 -50.64 -13.22 -32.51
CA GLY E 299 -49.97 -12.68 -31.32
C GLY E 299 -50.04 -11.17 -31.26
N ILE E 300 -49.72 -10.50 -32.37
CA ILE E 300 -49.71 -9.04 -32.35
C ILE E 300 -51.13 -8.50 -32.20
N VAL E 301 -52.13 -9.23 -32.68
CA VAL E 301 -53.51 -8.78 -32.48
C VAL E 301 -53.94 -8.95 -31.03
N LYS E 302 -53.63 -10.10 -30.43
CA LYS E 302 -54.05 -10.36 -29.06
C LYS E 302 -53.31 -9.48 -28.05
N LYS E 303 -52.07 -9.06 -28.38
CA LYS E 303 -51.30 -8.30 -27.41
C LYS E 303 -51.83 -6.89 -27.22
N PHE E 304 -52.50 -6.33 -28.23
CA PHE E 304 -52.98 -4.95 -28.19
C PHE E 304 -54.49 -4.83 -28.01
N ASN E 305 -55.17 -5.90 -27.62
CA ASN E 305 -56.62 -5.94 -27.41
C ASN E 305 -57.36 -5.17 -28.50
N GLY E 306 -57.14 -5.59 -29.74
CA GLY E 306 -57.74 -4.94 -30.89
C GLY E 306 -56.88 -3.79 -31.40
N GLY E 307 -56.54 -3.84 -32.68
CA GLY E 307 -55.68 -2.81 -33.25
C GLY E 307 -54.26 -3.29 -33.46
N VAL E 308 -53.68 -2.95 -34.61
CA VAL E 308 -52.31 -3.37 -34.93
C VAL E 308 -51.45 -2.14 -35.16
N PRO E 309 -50.16 -2.19 -34.84
CA PRO E 309 -49.32 -1.00 -34.97
C PRO E 309 -48.71 -0.88 -36.36
N CYS E 310 -47.95 0.20 -36.55
CA CYS E 310 -47.33 0.49 -37.83
C CYS E 310 -46.07 -0.34 -38.07
N ILE E 311 -45.37 -0.72 -37.01
CA ILE E 311 -44.15 -1.52 -37.12
C ILE E 311 -43.88 -2.14 -35.76
N TYR E 312 -43.39 -3.37 -35.75
CA TYR E 312 -43.26 -4.12 -34.51
C TYR E 312 -42.36 -5.32 -34.74
N PRO E 313 -41.44 -5.65 -33.82
CA PRO E 313 -41.15 -4.96 -32.56
C PRO E 313 -40.09 -3.87 -32.70
N LEU E 314 -39.66 -3.30 -31.58
CA LEU E 314 -38.69 -2.19 -31.55
C LEU E 314 -37.72 -2.37 -30.39
N ASP E 315 -37.36 -3.62 -30.08
CA ASP E 315 -36.65 -3.93 -28.85
C ASP E 315 -35.22 -3.38 -28.80
N VAL E 316 -34.71 -2.80 -29.88
CA VAL E 316 -33.38 -2.21 -29.89
C VAL E 316 -33.44 -0.70 -30.13
N TYR E 317 -34.44 -0.23 -30.88
CA TYR E 317 -34.61 1.19 -31.12
C TYR E 317 -34.87 1.95 -29.83
N GLU E 318 -35.89 1.52 -29.09
CA GLU E 318 -36.31 2.22 -27.88
C GLU E 318 -35.19 2.31 -26.87
N ARG E 319 -34.48 1.20 -26.63
CA ARG E 319 -33.41 1.21 -25.63
C ARG E 319 -32.36 2.25 -25.97
N LEU E 320 -31.85 2.21 -27.21
CA LEU E 320 -30.79 3.14 -27.61
C LEU E 320 -31.25 4.58 -27.49
N TRP E 321 -32.41 4.91 -28.05
CA TRP E 321 -32.78 6.31 -28.09
C TRP E 321 -33.24 6.82 -26.72
N ALA E 322 -33.77 5.94 -25.87
CA ALA E 322 -34.10 6.35 -24.51
C ALA E 322 -32.83 6.63 -23.71
N VAL E 323 -31.82 5.77 -23.84
CA VAL E 323 -30.56 6.02 -23.15
C VAL E 323 -29.92 7.30 -23.65
N ASP E 324 -30.04 7.58 -24.96
CA ASP E 324 -29.49 8.83 -25.48
C ASP E 324 -30.23 10.04 -24.94
N ARG E 325 -31.56 9.99 -24.93
CA ARG E 325 -32.33 11.13 -24.44
C ARG E 325 -32.17 11.32 -22.94
N LEU E 326 -31.78 10.26 -22.22
CA LEU E 326 -31.53 10.42 -20.79
C LEU E 326 -30.12 10.93 -20.53
N THR E 327 -29.16 10.55 -21.37
CA THR E 327 -27.79 11.04 -21.21
C THR E 327 -27.69 12.51 -21.58
N ARG E 328 -28.18 12.87 -22.76
CA ARG E 328 -28.04 14.24 -23.26
C ARG E 328 -28.90 15.23 -22.48
N LEU E 329 -29.68 14.78 -21.51
CA LEU E 329 -30.58 15.66 -20.78
C LEU E 329 -30.09 15.98 -19.37
N GLY E 330 -29.00 15.35 -18.93
CA GLY E 330 -28.43 15.67 -17.64
C GLY E 330 -29.17 15.12 -16.45
N ILE E 331 -29.78 13.94 -16.58
CA ILE E 331 -30.53 13.33 -15.49
C ILE E 331 -30.10 11.88 -15.35
N SER E 332 -29.08 11.48 -16.12
CA SER E 332 -28.72 10.07 -16.21
C SER E 332 -28.12 9.54 -14.93
N ARG E 333 -27.56 10.42 -14.09
CA ARG E 333 -26.85 9.95 -12.91
C ARG E 333 -27.75 9.19 -11.93
N HIS E 334 -29.04 9.51 -11.89
CA HIS E 334 -29.95 8.80 -11.01
C HIS E 334 -30.26 7.38 -11.46
N PHE E 335 -29.99 7.05 -12.72
CA PHE E 335 -30.39 5.76 -13.29
C PHE E 335 -29.18 4.92 -13.67
N THR E 336 -28.09 5.04 -12.94
CA THR E 336 -26.87 4.31 -13.27
C THR E 336 -26.96 2.82 -12.94
N SER E 337 -28.11 2.33 -12.50
CA SER E 337 -28.28 0.91 -12.24
C SER E 337 -29.19 0.23 -13.25
N GLU E 338 -29.85 1.00 -14.12
CA GLU E 338 -30.68 0.46 -15.18
C GLU E 338 -30.09 0.68 -16.57
N ILE E 339 -29.39 1.79 -16.77
CA ILE E 339 -28.75 2.06 -18.07
C ILE E 339 -27.70 0.99 -18.35
N GLU E 340 -26.91 0.64 -17.34
CA GLU E 340 -25.93 -0.43 -17.49
C GLU E 340 -26.60 -1.78 -17.71
N ASP E 341 -27.85 -1.92 -17.29
CA ASP E 341 -28.62 -3.13 -17.55
C ASP E 341 -29.45 -3.02 -18.82
N CYS E 342 -29.52 -1.84 -19.41
CA CYS E 342 -30.21 -1.63 -20.67
C CYS E 342 -29.28 -1.72 -21.87
N LEU E 343 -28.01 -1.33 -21.71
CA LEU E 343 -27.02 -1.44 -22.78
C LEU E 343 -26.47 -2.85 -22.94
N ASP E 344 -26.64 -3.70 -21.92
CA ASP E 344 -26.18 -5.08 -22.02
C ASP E 344 -26.92 -5.82 -23.13
N TYR E 345 -28.22 -5.54 -23.30
CA TYR E 345 -28.99 -6.20 -24.36
C TYR E 345 -28.48 -5.80 -25.74
N ILE E 346 -28.02 -4.56 -25.90
CA ILE E 346 -27.44 -4.14 -27.17
C ILE E 346 -26.08 -4.81 -27.37
N PHE E 347 -25.24 -4.79 -26.33
CA PHE E 347 -23.91 -5.37 -26.46
C PHE E 347 -23.97 -6.87 -26.75
N ARG E 348 -24.99 -7.56 -26.23
CA ARG E 348 -25.08 -9.00 -26.44
C ARG E 348 -25.45 -9.36 -27.87
N ASN E 349 -26.00 -8.41 -28.63
CA ASN E 349 -26.45 -8.65 -29.99
C ASN E 349 -25.72 -7.77 -31.00
N TRP E 350 -24.42 -7.61 -30.82
CA TRP E 350 -23.60 -6.77 -31.71
C TRP E 350 -23.26 -7.58 -32.95
N THR E 351 -24.16 -7.54 -33.92
CA THR E 351 -23.95 -8.26 -35.17
C THR E 351 -22.76 -7.66 -35.91
N PRO E 352 -21.84 -8.49 -36.42
CA PRO E 352 -20.59 -7.94 -36.99
C PRO E 352 -20.80 -7.03 -38.19
N ASP E 353 -21.94 -7.10 -38.88
CA ASP E 353 -22.17 -6.19 -39.99
C ASP E 353 -23.07 -5.02 -39.62
N GLY E 354 -23.16 -4.68 -38.33
CA GLY E 354 -23.96 -3.56 -37.88
C GLY E 354 -25.21 -4.00 -37.15
N LEU E 355 -25.80 -3.03 -36.43
CA LEU E 355 -27.04 -3.27 -35.71
C LEU E 355 -28.22 -3.10 -36.65
N ALA E 356 -29.44 -3.10 -36.09
CA ALA E 356 -30.65 -2.89 -36.86
C ALA E 356 -31.68 -2.21 -35.97
N HIS E 357 -32.92 -2.20 -36.42
CA HIS E 357 -34.00 -1.63 -35.63
C HIS E 357 -34.69 -2.66 -34.75
N THR E 358 -34.15 -3.87 -34.67
CA THR E 358 -34.64 -4.91 -33.77
C THR E 358 -33.59 -6.01 -33.72
N LYS E 359 -33.91 -7.08 -32.98
CA LYS E 359 -32.94 -8.16 -32.80
C LYS E 359 -32.91 -9.11 -33.99
N ASN E 360 -34.00 -9.22 -34.73
CA ASN E 360 -34.16 -10.26 -35.74
C ASN E 360 -34.59 -9.66 -37.07
N CYS E 361 -33.89 -8.62 -37.51
CA CYS E 361 -34.10 -8.05 -38.83
C CYS E 361 -32.85 -8.26 -39.68
N PRO E 362 -32.97 -8.81 -40.88
CA PRO E 362 -31.79 -9.17 -41.67
C PRO E 362 -31.18 -8.04 -42.49
N VAL E 363 -31.76 -6.84 -42.45
CA VAL E 363 -31.20 -5.68 -43.15
C VAL E 363 -30.75 -4.68 -42.09
N LYS E 364 -29.57 -4.11 -42.28
CA LYS E 364 -28.99 -3.16 -41.34
C LYS E 364 -29.00 -1.75 -41.93
N ASP E 365 -28.67 -0.78 -41.08
CA ASP E 365 -28.67 0.62 -41.48
C ASP E 365 -27.64 1.36 -40.62
N ILE E 366 -27.57 2.68 -40.79
CA ILE E 366 -26.54 3.48 -40.17
C ILE E 366 -27.04 4.31 -39.00
N ALA E 367 -28.34 4.60 -38.92
CA ALA E 367 -28.86 5.39 -37.81
C ALA E 367 -28.84 4.64 -36.49
N ASP E 368 -28.45 3.37 -36.48
CA ASP E 368 -28.32 2.58 -35.26
C ASP E 368 -26.91 2.09 -35.01
N THR E 369 -26.15 1.80 -36.06
CA THR E 369 -24.77 1.37 -35.89
C THR E 369 -23.93 2.46 -35.25
N ALA E 370 -24.01 3.68 -35.78
CA ALA E 370 -23.20 4.78 -35.26
C ALA E 370 -23.63 5.15 -33.85
N MET E 371 -24.94 5.31 -33.62
CA MET E 371 -25.43 5.68 -32.31
C MET E 371 -25.11 4.61 -31.27
N GLY E 372 -25.41 3.35 -31.59
CA GLY E 372 -25.09 2.27 -30.68
C GLY E 372 -23.61 2.18 -30.38
N PHE E 373 -22.78 2.36 -31.41
CA PHE E 373 -21.33 2.30 -31.23
C PHE E 373 -20.86 3.41 -30.28
N ARG E 374 -21.30 4.64 -30.53
CA ARG E 374 -20.89 5.75 -29.68
C ARG E 374 -21.33 5.53 -28.24
N LEU E 375 -22.59 5.10 -28.05
CA LEU E 375 -23.08 4.91 -26.69
C LEU E 375 -22.34 3.78 -25.98
N LEU E 376 -22.06 2.69 -26.70
CA LEU E 376 -21.32 1.58 -26.11
C LEU E 376 -19.90 1.98 -25.75
N ARG E 377 -19.29 2.87 -26.54
CA ARG E 377 -17.91 3.25 -26.25
C ARG E 377 -17.82 4.29 -25.14
N LEU E 378 -18.82 5.18 -25.04
CA LEU E 378 -18.75 6.24 -24.03
C LEU E 378 -18.93 5.71 -22.62
N TYR E 379 -19.53 4.54 -22.43
CA TYR E 379 -19.75 3.98 -21.10
C TYR E 379 -18.70 2.93 -20.72
N GLY E 380 -17.68 2.73 -21.53
CA GLY E 380 -16.60 1.84 -21.17
C GLY E 380 -16.78 0.39 -21.59
N TYR E 381 -17.05 0.16 -22.87
CA TYR E 381 -17.12 -1.18 -23.42
C TYR E 381 -16.01 -1.37 -24.45
N GLN E 382 -16.01 -2.53 -25.10
CA GLN E 382 -14.99 -2.89 -26.07
C GLN E 382 -15.65 -3.13 -27.42
N VAL E 383 -15.70 -2.09 -28.23
CA VAL E 383 -16.32 -2.14 -29.55
C VAL E 383 -15.30 -1.70 -30.59
N ASP E 384 -15.38 -2.31 -31.77
CA ASP E 384 -14.51 -1.97 -32.89
C ASP E 384 -15.30 -1.23 -33.95
N PRO E 385 -14.76 -0.17 -34.54
CA PRO E 385 -15.52 0.64 -35.49
C PRO E 385 -15.36 0.26 -36.95
N CYS E 386 -14.69 -0.85 -37.27
CA CYS E 386 -14.52 -1.24 -38.66
C CYS E 386 -15.83 -1.66 -39.32
N VAL E 387 -16.91 -1.80 -38.55
CA VAL E 387 -18.19 -2.23 -39.12
C VAL E 387 -18.81 -1.14 -39.99
N LEU E 388 -18.35 0.10 -39.86
CA LEU E 388 -18.86 1.18 -40.71
C LEU E 388 -18.39 1.04 -42.15
N LYS E 389 -17.42 0.16 -42.42
CA LYS E 389 -16.90 0.00 -43.78
C LYS E 389 -17.94 -0.56 -44.73
N LYS E 390 -18.95 -1.24 -44.19
CA LYS E 390 -19.98 -1.84 -45.04
C LYS E 390 -20.86 -0.81 -45.72
N PHE E 391 -20.90 0.43 -45.20
CA PHE E 391 -21.80 1.45 -45.70
C PHE E 391 -21.09 2.44 -46.63
N GLU E 392 -19.97 2.04 -47.22
CA GLU E 392 -19.20 2.90 -48.10
C GLU E 392 -19.42 2.50 -49.55
N LYS E 393 -19.48 3.51 -50.42
CA LYS E 393 -19.63 3.28 -51.86
C LYS E 393 -19.01 4.47 -52.58
N ASP E 394 -17.78 4.30 -53.06
CA ASP E 394 -17.05 5.34 -53.78
C ASP E 394 -16.95 6.61 -52.94
N GLY E 395 -16.48 6.45 -51.70
CA GLY E 395 -16.28 7.58 -50.82
C GLY E 395 -17.53 8.37 -50.49
N LYS E 396 -18.71 7.76 -50.62
CA LYS E 396 -19.97 8.41 -50.30
C LYS E 396 -20.86 7.41 -49.57
N PHE E 397 -21.15 7.69 -48.30
CA PHE E 397 -21.95 6.81 -47.48
C PHE E 397 -23.42 6.92 -47.87
N PHE E 398 -24.28 6.17 -47.17
CA PHE E 398 -25.72 6.23 -47.34
C PHE E 398 -26.37 5.78 -46.03
N CYS E 399 -27.67 5.53 -46.08
CA CYS E 399 -28.41 5.11 -44.90
C CYS E 399 -29.11 3.77 -45.07
N LEU E 400 -29.49 3.40 -46.28
CA LEU E 400 -30.13 2.12 -46.55
C LEU E 400 -29.73 1.65 -47.94
N HIS E 401 -29.93 0.36 -48.19
CA HIS E 401 -29.52 -0.22 -49.47
C HIS E 401 -30.49 0.17 -50.57
N GLY E 402 -30.31 1.35 -51.16
CA GLY E 402 -31.13 1.79 -52.27
C GLY E 402 -32.28 2.66 -51.86
N GLU E 403 -32.21 3.94 -52.22
CA GLU E 403 -33.28 4.89 -51.94
C GLU E 403 -33.37 5.87 -53.11
N SER E 404 -34.25 6.86 -52.99
CA SER E 404 -34.47 7.84 -54.04
C SER E 404 -33.98 9.22 -53.67
N ASN E 405 -34.44 9.76 -52.54
CA ASN E 405 -34.02 11.11 -52.09
C ASN E 405 -33.03 10.98 -50.93
N PRO E 406 -31.74 11.34 -51.10
CA PRO E 406 -30.75 11.23 -50.01
C PRO E 406 -30.77 12.42 -49.05
N SER E 407 -31.97 12.80 -48.61
CA SER E 407 -32.15 13.88 -47.64
C SER E 407 -32.33 13.23 -46.27
N SER E 408 -31.21 12.87 -45.65
CA SER E 408 -31.20 12.20 -44.34
C SER E 408 -30.32 13.03 -43.40
N VAL E 409 -30.97 13.86 -42.58
CA VAL E 409 -30.21 14.71 -41.67
C VAL E 409 -29.83 13.97 -40.39
N THR E 410 -30.77 13.27 -39.77
CA THR E 410 -30.47 12.58 -38.51
C THR E 410 -29.42 11.47 -38.65
N PRO E 411 -29.42 10.63 -39.69
CA PRO E 411 -28.37 9.59 -39.75
C PRO E 411 -26.98 10.18 -39.91
N MET E 412 -26.80 11.12 -40.83
CA MET E 412 -25.48 11.74 -41.00
C MET E 412 -25.08 12.52 -39.76
N TYR E 413 -26.04 13.17 -39.11
CA TYR E 413 -25.74 13.89 -37.88
C TYR E 413 -25.27 12.94 -36.79
N ASN E 414 -25.94 11.80 -36.62
CA ASN E 414 -25.53 10.85 -35.60
C ASN E 414 -24.18 10.23 -35.94
N THR E 415 -23.92 9.98 -37.22
CA THR E 415 -22.61 9.48 -37.62
C THR E 415 -21.51 10.48 -37.28
N TYR E 416 -21.75 11.76 -37.60
CA TYR E 416 -20.77 12.79 -37.26
C TYR E 416 -20.55 12.87 -35.76
N ARG E 417 -21.62 12.83 -34.98
CA ARG E 417 -21.48 12.90 -33.53
C ARG E 417 -20.74 11.68 -32.99
N ALA E 418 -20.90 10.52 -33.62
CA ALA E 418 -20.16 9.32 -33.24
C ALA E 418 -18.78 9.27 -33.86
N SER E 419 -18.41 10.26 -34.67
CA SER E 419 -17.07 10.33 -35.23
C SER E 419 -16.14 11.21 -34.39
N GLN E 420 -16.56 11.61 -33.19
CA GLN E 420 -15.68 12.37 -32.31
C GLN E 420 -14.86 11.44 -31.42
N LEU E 421 -15.54 10.53 -30.72
CA LEU E 421 -14.85 9.48 -29.99
C LEU E 421 -14.02 8.66 -30.98
N LYS E 422 -12.71 8.68 -30.82
CA LYS E 422 -11.83 8.07 -31.82
C LYS E 422 -10.49 7.75 -31.17
N PHE E 423 -10.13 6.49 -31.13
CA PHE E 423 -8.83 6.13 -30.60
C PHE E 423 -7.80 6.14 -31.73
N PRO E 424 -6.53 6.40 -31.43
CA PRO E 424 -5.53 6.54 -32.50
C PRO E 424 -5.26 5.27 -33.27
N GLY E 425 -5.43 4.10 -32.65
CA GLY E 425 -5.19 2.84 -33.32
C GLY E 425 -6.35 2.29 -34.13
N ASP E 426 -7.47 2.98 -34.16
CA ASP E 426 -8.64 2.49 -34.89
C ASP E 426 -8.46 2.64 -36.39
N ASP E 427 -9.30 1.94 -37.14
CA ASP E 427 -9.22 2.00 -38.60
C ASP E 427 -9.59 3.39 -39.09
N GLY E 428 -8.94 3.81 -40.17
CA GLY E 428 -9.07 5.17 -40.67
C GLY E 428 -10.40 5.52 -41.34
N VAL E 429 -11.39 4.64 -41.25
CA VAL E 429 -12.69 4.92 -41.87
C VAL E 429 -13.37 6.10 -41.20
N LEU E 430 -13.13 6.30 -39.90
CA LEU E 430 -13.79 7.38 -39.18
C LEU E 430 -13.35 8.74 -39.70
N GLY E 431 -12.12 8.84 -40.20
CA GLY E 431 -11.68 10.09 -40.80
C GLY E 431 -12.52 10.48 -42.00
N ARG E 432 -12.67 9.55 -42.95
CA ARG E 432 -13.52 9.82 -44.11
C ARG E 432 -14.96 10.06 -43.69
N ALA E 433 -15.41 9.35 -42.65
CA ALA E 433 -16.77 9.57 -42.15
C ALA E 433 -16.95 11.01 -41.69
N GLU E 434 -16.04 11.49 -40.85
CA GLU E 434 -16.11 12.86 -40.37
C GLU E 434 -16.06 13.85 -41.52
N VAL E 435 -15.13 13.64 -42.46
CA VAL E 435 -14.98 14.56 -43.58
C VAL E 435 -16.27 14.64 -44.39
N PHE E 436 -16.80 13.49 -44.81
CA PHE E 436 -17.99 13.49 -45.66
C PHE E 436 -19.19 14.05 -44.92
N CYS E 437 -19.37 13.67 -43.65
CA CYS E 437 -20.53 14.16 -42.90
C CYS E 437 -20.46 15.67 -42.69
N ARG E 438 -19.26 16.18 -42.39
CA ARG E 438 -19.12 17.63 -42.21
C ARG E 438 -19.38 18.36 -43.51
N SER E 439 -18.85 17.84 -44.62
CA SER E 439 -19.09 18.48 -45.92
C SER E 439 -20.58 18.52 -46.24
N PHE E 440 -21.27 17.38 -46.07
CA PHE E 440 -22.69 17.31 -46.38
C PHE E 440 -23.50 18.25 -45.50
N LEU E 441 -23.24 18.22 -44.18
CA LEU E 441 -24.02 19.03 -43.26
C LEU E 441 -23.75 20.52 -43.46
N GLN E 442 -22.51 20.89 -43.79
CA GLN E 442 -22.22 22.29 -44.07
C GLN E 442 -22.91 22.74 -45.36
N ASP E 443 -22.88 21.88 -46.39
CA ASP E 443 -23.62 22.16 -47.62
C ASP E 443 -25.10 22.42 -47.31
N ARG E 444 -25.73 21.52 -46.55
CA ARG E 444 -27.16 21.68 -46.28
C ARG E 444 -27.44 22.86 -45.35
N ARG E 445 -26.47 23.23 -44.51
CA ARG E 445 -26.66 24.39 -43.64
C ARG E 445 -26.48 25.71 -44.37
N GLY E 446 -25.69 25.72 -45.46
CA GLY E 446 -25.58 26.93 -46.26
C GLY E 446 -26.93 27.37 -46.81
N SER E 447 -27.66 26.45 -47.43
CA SER E 447 -29.01 26.72 -47.90
C SER E 447 -29.98 26.59 -46.73
N ASN E 448 -31.28 26.55 -47.02
CA ASN E 448 -32.29 26.43 -45.98
C ASN E 448 -33.07 25.14 -46.12
N ARG E 449 -32.35 24.04 -46.35
CA ARG E 449 -32.95 22.71 -46.51
C ARG E 449 -32.79 21.85 -45.27
N MET E 450 -32.88 22.44 -44.08
CA MET E 450 -32.72 21.70 -42.82
C MET E 450 -34.05 21.02 -42.46
N LYS E 451 -34.48 20.14 -43.35
CA LYS E 451 -35.69 19.35 -43.15
C LYS E 451 -35.34 17.88 -43.29
N ASP E 452 -35.93 17.07 -42.43
CA ASP E 452 -35.56 15.66 -42.33
C ASP E 452 -36.67 14.78 -42.87
N LYS E 453 -36.32 13.55 -43.25
CA LYS E 453 -37.30 12.61 -43.85
C LYS E 453 -37.81 11.58 -42.84
N TRP E 454 -37.25 11.54 -41.62
CA TRP E 454 -37.70 10.55 -40.66
C TRP E 454 -38.65 11.12 -39.61
N ALA E 455 -38.32 12.26 -39.00
CA ALA E 455 -39.15 12.80 -37.93
C ALA E 455 -39.01 14.31 -37.88
N ILE E 456 -40.14 15.01 -37.73
CA ILE E 456 -40.08 16.42 -37.39
C ILE E 456 -39.64 16.58 -35.94
N ALA E 457 -39.33 17.82 -35.57
CA ALA E 457 -38.91 18.12 -34.20
C ALA E 457 -39.19 19.60 -33.94
N LYS E 458 -38.83 20.06 -32.75
CA LYS E 458 -39.03 21.46 -32.41
C LYS E 458 -37.92 22.33 -32.98
N ASP E 459 -36.67 21.87 -32.87
CA ASP E 459 -35.52 22.61 -33.42
C ASP E 459 -34.41 21.60 -33.72
N ILE E 460 -34.29 21.24 -34.99
CA ILE E 460 -33.16 20.45 -35.50
C ILE E 460 -31.96 21.35 -35.75
N PRO E 461 -32.11 22.51 -36.41
CA PRO E 461 -30.92 23.34 -36.66
C PRO E 461 -30.15 23.73 -35.42
N GLY E 462 -30.82 23.96 -34.29
CA GLY E 462 -30.10 24.25 -33.07
C GLY E 462 -29.18 23.12 -32.66
N GLU E 463 -29.72 21.90 -32.61
CA GLU E 463 -28.92 20.73 -32.28
C GLU E 463 -27.75 20.59 -33.24
N VAL E 464 -28.00 20.76 -34.55
CA VAL E 464 -26.94 20.56 -35.53
C VAL E 464 -25.86 21.61 -35.36
N GLU E 465 -26.25 22.88 -35.21
CA GLU E 465 -25.27 23.95 -35.08
C GLU E 465 -24.45 23.80 -33.82
N TYR E 466 -25.06 23.36 -32.71
CA TYR E 466 -24.28 23.17 -31.50
C TYR E 466 -23.32 22.00 -31.65
N ALA E 467 -23.79 20.86 -32.16
CA ALA E 467 -22.92 19.70 -32.30
C ALA E 467 -21.83 19.95 -33.34
N MET E 468 -22.00 20.95 -34.19
CA MET E 468 -21.00 21.23 -35.22
C MET E 468 -20.02 22.32 -34.81
N ASP E 469 -20.44 23.30 -34.03
CA ASP E 469 -19.58 24.43 -33.73
C ASP E 469 -18.67 24.19 -32.53
N TYR E 470 -19.07 23.33 -31.61
CA TYR E 470 -18.27 23.02 -30.43
C TYR E 470 -17.91 21.54 -30.42
N PRO E 471 -16.70 21.18 -30.85
CA PRO E 471 -16.33 19.76 -30.91
C PRO E 471 -16.22 19.10 -29.55
N TRP E 472 -15.89 17.81 -29.55
CA TRP E 472 -15.75 17.04 -28.32
C TRP E 472 -14.77 17.66 -27.33
N LYS E 473 -13.78 18.41 -27.82
CA LYS E 473 -12.76 18.95 -26.93
C LYS E 473 -13.32 20.00 -25.98
N ALA E 474 -14.26 20.82 -26.46
CA ALA E 474 -14.67 22.01 -25.73
C ALA E 474 -16.19 22.03 -25.57
N SER E 475 -16.76 20.92 -25.14
CA SER E 475 -18.20 20.81 -24.90
C SER E 475 -18.43 20.37 -23.47
N LEU E 476 -18.50 21.34 -22.56
CA LEU E 476 -18.81 21.03 -21.17
C LEU E 476 -20.25 20.52 -21.06
N PRO E 477 -20.49 19.49 -20.25
CA PRO E 477 -21.82 18.86 -20.24
C PRO E 477 -22.93 19.79 -19.77
N ARG E 478 -22.68 20.60 -18.74
CA ARG E 478 -23.73 21.44 -18.20
C ARG E 478 -24.20 22.47 -19.23
N ILE E 479 -23.28 22.96 -20.06
CA ILE E 479 -23.66 23.92 -21.10
C ILE E 479 -24.57 23.27 -22.12
N GLU E 480 -24.20 22.08 -22.59
CA GLU E 480 -25.01 21.40 -23.60
C GLU E 480 -26.37 21.03 -23.01
N THR E 481 -26.42 20.72 -21.71
CA THR E 481 -27.70 20.43 -21.09
C THR E 481 -28.57 21.68 -21.01
N ARG E 482 -28.00 22.80 -20.57
CA ARG E 482 -28.75 24.04 -20.49
C ARG E 482 -29.28 24.45 -21.86
N LEU E 483 -28.50 24.22 -22.92
CA LEU E 483 -28.99 24.53 -24.24
C LEU E 483 -30.05 23.53 -24.71
N TYR E 484 -29.91 22.25 -24.33
CA TYR E 484 -30.84 21.23 -24.80
C TYR E 484 -32.16 21.23 -24.04
N LEU E 485 -32.26 21.96 -22.93
CA LEU E 485 -33.58 22.04 -22.29
C LEU E 485 -34.58 22.87 -23.10
N ASP E 486 -34.29 23.26 -24.33
CA ASP E 486 -35.23 23.99 -25.17
C ASP E 486 -35.68 23.20 -26.39
N GLN E 487 -34.79 22.44 -27.02
CA GLN E 487 -35.10 21.74 -28.26
C GLN E 487 -35.79 20.40 -28.04
N TYR E 488 -36.32 20.15 -26.84
CA TYR E 488 -37.00 18.89 -26.59
C TYR E 488 -38.41 18.94 -27.16
N GLY E 489 -38.84 17.81 -27.75
CA GLY E 489 -40.14 17.78 -28.38
C GLY E 489 -41.30 17.58 -27.43
N GLY E 490 -41.05 16.95 -26.28
CA GLY E 490 -42.12 16.67 -25.34
C GLY E 490 -43.11 15.69 -25.92
N SER E 491 -44.31 16.18 -26.27
CA SER E 491 -45.30 15.39 -26.97
C SER E 491 -45.52 15.87 -28.40
N GLY E 492 -44.81 16.90 -28.83
CA GLY E 492 -44.93 17.45 -30.16
C GLY E 492 -44.10 16.76 -31.23
N ASP E 493 -43.60 15.57 -30.96
CA ASP E 493 -42.80 14.84 -31.93
C ASP E 493 -43.65 13.76 -32.62
N VAL E 494 -43.23 13.42 -33.84
CA VAL E 494 -43.88 12.36 -34.61
C VAL E 494 -42.88 11.86 -35.64
N TRP E 495 -42.88 10.56 -35.89
CA TRP E 495 -41.88 9.91 -36.72
C TRP E 495 -42.54 9.34 -37.96
N ILE E 496 -41.94 9.60 -39.12
CA ILE E 496 -42.50 9.18 -40.41
C ILE E 496 -42.22 7.71 -40.66
N GLY E 497 -43.23 6.87 -40.45
CA GLY E 497 -43.15 5.48 -40.84
C GLY E 497 -44.01 5.21 -42.06
N LYS E 498 -44.75 4.10 -42.06
CA LYS E 498 -45.76 3.89 -43.09
C LYS E 498 -46.92 4.87 -42.92
N VAL E 499 -47.05 5.45 -41.72
CA VAL E 499 -48.03 6.47 -41.42
C VAL E 499 -47.57 7.19 -40.15
N LEU E 500 -48.04 8.42 -39.98
CA LEU E 500 -47.60 9.22 -38.83
C LEU E 500 -47.99 8.54 -37.52
N HIS E 501 -46.98 8.17 -36.74
CA HIS E 501 -47.19 7.41 -35.51
C HIS E 501 -46.38 8.03 -34.39
N ARG E 502 -46.97 8.09 -33.20
CA ARG E 502 -46.35 8.69 -32.03
C ARG E 502 -45.64 7.64 -31.20
N MET E 503 -44.43 7.96 -30.76
CA MET E 503 -43.71 7.16 -29.77
C MET E 503 -43.92 7.76 -28.39
N THR E 504 -43.84 6.90 -27.37
CA THR E 504 -44.21 7.30 -26.03
C THR E 504 -43.13 7.07 -24.97
N LEU E 505 -42.31 6.04 -25.11
CA LEU E 505 -41.36 5.71 -24.06
C LEU E 505 -40.24 6.73 -23.92
N PHE E 506 -39.94 7.50 -24.97
CA PHE E 506 -38.90 8.52 -24.87
C PHE E 506 -39.32 9.85 -25.48
N CYS E 507 -40.61 10.00 -25.80
CA CYS E 507 -41.18 11.29 -26.21
C CYS E 507 -42.35 11.53 -25.24
N ASN E 508 -42.03 12.12 -24.09
CA ASN E 508 -42.96 12.18 -22.98
C ASN E 508 -42.97 13.56 -22.34
N ASP E 509 -43.59 13.68 -21.16
CA ASP E 509 -43.65 14.94 -20.44
C ASP E 509 -42.98 14.91 -19.08
N LEU E 510 -42.76 13.73 -18.51
CA LEU E 510 -42.06 13.65 -17.23
C LEU E 510 -40.58 14.01 -17.39
N TYR E 511 -40.00 13.66 -18.54
CA TYR E 511 -38.58 13.91 -18.77
C TYR E 511 -38.25 15.39 -18.65
N LEU E 512 -38.93 16.22 -19.45
CA LEU E 512 -38.64 17.65 -19.47
C LEU E 512 -38.86 18.28 -18.10
N LYS E 513 -39.97 17.93 -17.43
CA LYS E 513 -40.28 18.53 -16.15
C LYS E 513 -39.25 18.16 -15.09
N ALA E 514 -38.86 16.87 -15.03
CA ALA E 514 -37.86 16.45 -14.07
C ALA E 514 -36.52 17.12 -14.34
N ALA E 515 -36.14 17.23 -15.62
CA ALA E 515 -34.89 17.88 -15.96
C ALA E 515 -34.89 19.35 -15.53
N LYS E 516 -36.00 20.04 -15.79
CA LYS E 516 -36.09 21.45 -15.40
C LYS E 516 -36.02 21.63 -13.90
N ALA E 517 -36.73 20.77 -13.15
CA ALA E 517 -36.69 20.84 -11.70
C ALA E 517 -35.27 20.63 -11.18
N ASP E 518 -34.59 19.61 -11.69
CA ASP E 518 -33.22 19.34 -11.25
C ASP E 518 -32.29 20.50 -11.59
N PHE E 519 -32.47 21.10 -12.77
CA PHE E 519 -31.62 22.23 -13.15
C PHE E 519 -31.82 23.41 -12.21
N SER E 520 -33.08 23.73 -11.88
CA SER E 520 -33.32 24.84 -10.95
C SER E 520 -32.73 24.54 -9.57
N ASN E 521 -32.87 23.28 -9.12
CA ASN E 521 -32.32 22.91 -7.82
C ASN E 521 -30.81 23.02 -7.81
N PHE E 522 -30.16 22.80 -8.95
CA PHE E 522 -28.72 23.00 -9.03
C PHE E 522 -28.37 24.49 -9.05
N GLN E 523 -29.16 25.29 -9.76
CA GLN E 523 -28.85 26.71 -9.89
C GLN E 523 -28.93 27.43 -8.56
N LYS E 524 -29.88 27.03 -7.70
CA LYS E 524 -29.99 27.66 -6.37
C LYS E 524 -28.69 27.49 -5.58
N GLU E 525 -28.22 26.25 -5.46
CA GLU E 525 -26.98 25.99 -4.74
C GLU E 525 -25.80 26.69 -5.40
N CYS E 526 -25.79 26.74 -6.73
CA CYS E 526 -24.72 27.44 -7.43
C CYS E 526 -24.66 28.91 -7.00
N ARG E 527 -25.82 29.59 -6.99
CA ARG E 527 -25.86 30.98 -6.58
C ARG E 527 -25.40 31.16 -5.13
N VAL E 528 -25.86 30.29 -4.23
CA VAL E 528 -25.51 30.43 -2.82
C VAL E 528 -24.00 30.30 -2.62
N GLU E 529 -23.42 29.23 -3.18
CA GLU E 529 -21.98 29.04 -3.03
C GLU E 529 -21.19 30.13 -3.74
N LEU E 530 -21.73 30.68 -4.82
CA LEU E 530 -21.08 31.82 -5.47
C LEU E 530 -21.00 33.02 -4.55
N ASN E 531 -22.11 33.34 -3.87
CA ASN E 531 -22.08 34.43 -2.89
C ASN E 531 -21.05 34.17 -1.80
N GLY E 532 -21.05 32.96 -1.25
CA GLY E 532 -20.07 32.63 -0.22
C GLY E 532 -18.63 32.80 -0.67
N LEU E 533 -18.33 32.29 -1.87
CA LEU E 533 -16.98 32.43 -2.41
C LEU E 533 -16.62 33.89 -2.66
N ARG E 534 -17.58 34.71 -3.09
CA ARG E 534 -17.30 36.12 -3.28
C ARG E 534 -16.93 36.79 -1.96
N ARG E 535 -17.67 36.48 -0.89
CA ARG E 535 -17.30 37.02 0.41
C ARG E 535 -15.90 36.58 0.83
N TRP E 536 -15.59 35.29 0.65
CA TRP E 536 -14.25 34.82 1.00
C TRP E 536 -13.18 35.53 0.18
N TYR E 537 -13.45 35.78 -1.10
CA TYR E 537 -12.47 36.46 -1.94
C TYR E 537 -12.26 37.89 -1.50
N LEU E 538 -13.32 38.55 -1.04
CA LEU E 538 -13.17 39.93 -0.57
C LEU E 538 -12.41 40.00 0.74
N ARG E 539 -12.70 39.08 1.67
CA ARG E 539 -12.13 39.19 3.02
C ARG E 539 -10.63 38.97 3.06
N SER E 540 -10.06 38.22 2.13
CA SER E 540 -8.65 37.84 2.20
C SER E 540 -7.75 38.79 1.44
N ASN E 541 -8.20 40.04 1.21
CA ASN E 541 -7.42 41.11 0.57
C ASN E 541 -6.61 40.62 -0.63
N LEU E 542 -7.17 39.67 -1.37
CA LEU E 542 -6.51 39.09 -2.52
C LEU E 542 -6.83 39.83 -3.81
N GLU E 543 -7.21 41.11 -3.72
CA GLU E 543 -7.44 41.94 -4.89
C GLU E 543 -6.31 42.92 -5.15
N LYS E 544 -5.30 42.97 -4.27
CA LYS E 544 -4.09 43.72 -4.57
C LYS E 544 -3.29 43.09 -5.70
N PHE E 545 -3.68 41.90 -6.14
CA PHE E 545 -3.19 41.26 -7.34
C PHE E 545 -4.36 41.07 -8.31
N GLY E 546 -4.11 40.39 -9.41
CA GLY E 546 -5.17 40.08 -10.35
C GLY E 546 -5.42 41.18 -11.37
N GLY E 547 -6.31 40.87 -12.29
CA GLY E 547 -6.64 41.79 -13.36
C GLY E 547 -7.36 43.03 -12.87
N THR E 548 -7.71 43.89 -13.83
CA THR E 548 -8.35 45.16 -13.52
C THR E 548 -9.86 45.03 -13.35
N ASP E 549 -10.39 43.82 -13.27
CA ASP E 549 -11.82 43.61 -13.03
C ASP E 549 -11.99 42.29 -12.32
N PRO E 550 -11.80 42.24 -11.00
CA PRO E 550 -11.79 40.96 -10.28
C PRO E 550 -13.09 40.18 -10.37
N GLN E 551 -14.23 40.86 -10.54
CA GLN E 551 -15.50 40.14 -10.59
C GLN E 551 -15.58 39.24 -11.81
N THR E 552 -15.09 39.72 -12.95
CA THR E 552 -15.07 38.87 -14.14
C THR E 552 -14.18 37.66 -13.96
N THR E 553 -13.02 37.83 -13.34
CA THR E 553 -12.13 36.70 -13.10
C THR E 553 -12.76 35.69 -12.15
N LEU E 554 -13.38 36.16 -11.08
CA LEU E 554 -14.05 35.26 -10.15
C LEU E 554 -15.16 34.49 -10.85
N MET E 555 -15.98 35.20 -11.65
CA MET E 555 -17.09 34.55 -12.33
C MET E 555 -16.58 33.50 -13.32
N THR E 556 -15.55 33.83 -14.09
CA THR E 556 -15.00 32.88 -15.05
C THR E 556 -14.45 31.65 -14.33
N SER E 557 -13.66 31.87 -13.29
CA SER E 557 -13.02 30.74 -12.61
C SER E 557 -13.98 29.94 -11.75
N TYR E 558 -15.18 30.46 -11.49
CA TYR E 558 -16.17 29.59 -10.84
C TYR E 558 -17.06 28.89 -11.85
N PHE E 559 -17.36 29.53 -12.98
CA PHE E 559 -18.16 28.86 -13.99
C PHE E 559 -17.38 27.71 -14.63
N LEU E 560 -16.07 27.89 -14.80
CA LEU E 560 -15.27 26.82 -15.38
C LEU E 560 -15.13 25.63 -14.45
N ALA E 561 -15.58 25.75 -13.20
CA ALA E 561 -15.54 24.66 -12.23
C ALA E 561 -16.91 24.08 -11.94
N SER E 562 -17.96 24.90 -11.92
CA SER E 562 -19.29 24.40 -11.66
C SER E 562 -19.98 23.84 -12.89
N ALA E 563 -19.28 23.75 -14.03
CA ALA E 563 -19.84 23.20 -15.24
C ALA E 563 -19.46 21.75 -15.47
N ASN E 564 -18.47 21.23 -14.76
CA ASN E 564 -18.02 19.85 -14.91
C ASN E 564 -18.39 19.00 -13.71
N ILE E 565 -17.97 19.40 -12.51
CA ILE E 565 -18.35 18.68 -11.28
C ILE E 565 -19.64 19.35 -10.80
N PHE E 566 -20.76 18.85 -11.31
CA PHE E 566 -22.05 19.49 -11.11
C PHE E 566 -22.95 18.76 -10.13
N GLU E 567 -22.43 17.78 -9.40
CA GLU E 567 -23.28 16.98 -8.52
C GLU E 567 -23.67 17.80 -7.28
N ALA E 568 -24.40 17.16 -6.38
CA ALA E 568 -24.95 17.85 -5.21
C ALA E 568 -24.04 17.74 -3.99
N ASN E 569 -23.24 16.68 -3.89
CA ASN E 569 -22.41 16.45 -2.72
C ASN E 569 -20.93 16.54 -3.02
N ARG E 570 -20.50 17.38 -3.95
CA ARG E 570 -19.09 17.59 -4.24
C ARG E 570 -18.67 19.05 -4.11
N ALA E 571 -19.26 19.77 -3.14
CA ALA E 571 -18.85 21.14 -2.88
C ALA E 571 -17.40 21.20 -2.42
N ALA E 572 -16.98 20.22 -1.64
CA ALA E 572 -15.61 20.18 -1.14
C ALA E 572 -14.58 20.04 -2.27
N GLU E 573 -15.04 19.77 -3.49
CA GLU E 573 -14.17 19.77 -4.67
C GLU E 573 -14.40 20.99 -5.55
N ARG E 574 -15.66 21.38 -5.74
CA ARG E 574 -15.95 22.59 -6.51
C ARG E 574 -15.26 23.81 -5.91
N LEU E 575 -15.55 24.08 -4.64
CA LEU E 575 -15.00 25.28 -4.00
C LEU E 575 -13.48 25.20 -3.90
N GLY E 576 -12.95 23.99 -3.73
CA GLY E 576 -11.51 23.83 -3.69
C GLY E 576 -10.85 24.20 -5.00
N TRP E 577 -11.40 23.66 -6.11
CA TRP E 577 -10.94 24.04 -7.43
C TRP E 577 -10.97 25.55 -7.61
N ALA E 578 -12.08 26.17 -7.22
CA ALA E 578 -12.22 27.62 -7.38
C ALA E 578 -11.15 28.38 -6.60
N ARG E 579 -10.98 28.03 -5.32
CA ARG E 579 -10.03 28.75 -4.47
C ARG E 579 -8.61 28.61 -4.99
N VAL E 580 -8.20 27.38 -5.34
CA VAL E 580 -6.82 27.19 -5.77
C VAL E 580 -6.59 27.84 -7.13
N ALA E 581 -7.62 27.88 -7.98
CA ALA E 581 -7.48 28.57 -9.26
C ALA E 581 -7.28 30.05 -9.06
N LEU E 582 -8.05 30.65 -8.14
CA LEU E 582 -7.87 32.07 -7.84
C LEU E 582 -6.47 32.34 -7.30
N LEU E 583 -6.00 31.50 -6.37
CA LEU E 583 -4.66 31.69 -5.81
C LEU E 583 -3.60 31.63 -6.90
N ALA E 584 -3.70 30.64 -7.79
CA ALA E 584 -2.72 30.49 -8.85
C ALA E 584 -2.74 31.67 -9.81
N ASP E 585 -3.94 32.11 -10.19
CA ASP E 585 -4.04 33.23 -11.11
C ASP E 585 -3.64 34.56 -10.49
N ALA E 586 -3.63 34.65 -9.16
CA ALA E 586 -3.12 35.85 -8.51
C ALA E 586 -1.60 35.82 -8.45
N VAL E 587 -1.03 34.70 -8.01
CA VAL E 587 0.43 34.58 -7.91
C VAL E 587 1.07 34.73 -9.28
N SER E 588 0.42 34.22 -10.32
CA SER E 588 0.97 34.32 -11.67
C SER E 588 1.08 35.77 -12.12
N SER E 589 0.03 36.55 -11.88
CA SER E 589 0.06 37.96 -12.27
C SER E 589 1.10 38.72 -11.46
N HIS E 590 1.18 38.43 -10.15
CA HIS E 590 2.18 39.09 -9.32
C HIS E 590 3.59 38.80 -9.82
N PHE E 591 3.85 37.55 -10.23
CA PHE E 591 5.15 37.21 -10.78
C PHE E 591 5.40 37.86 -12.13
N ARG E 592 4.36 37.96 -12.97
CA ARG E 592 4.51 38.45 -14.33
C ARG E 592 4.62 39.97 -14.41
N ARG E 593 4.20 40.68 -13.36
CA ARG E 593 4.36 42.13 -13.36
C ARG E 593 5.66 42.61 -12.71
N ILE E 594 6.46 41.71 -12.13
CA ILE E 594 7.70 42.09 -11.49
C ILE E 594 8.92 41.78 -12.34
N GLY E 595 8.96 40.64 -13.02
CA GLY E 595 10.08 40.30 -13.87
C GLY E 595 10.79 39.01 -13.50
N GLY E 596 10.07 38.06 -12.91
CA GLY E 596 10.62 36.76 -12.62
C GLY E 596 10.61 36.43 -11.14
N PRO E 597 11.17 35.27 -10.79
CA PRO E 597 11.17 34.84 -9.38
C PRO E 597 12.35 35.37 -8.59
N LYS E 598 13.42 35.77 -9.29
CA LYS E 598 14.61 36.23 -8.59
C LYS E 598 14.36 37.59 -7.93
N ASN E 599 13.62 38.47 -8.59
CA ASN E 599 13.38 39.81 -8.09
C ASN E 599 12.22 39.90 -7.10
N SER E 600 11.76 38.77 -6.57
CA SER E 600 10.71 38.77 -5.56
C SER E 600 11.31 38.69 -4.16
N THR E 601 10.61 39.26 -3.19
CA THR E 601 11.09 39.32 -1.83
C THR E 601 10.07 38.86 -0.79
N SER E 602 8.78 38.86 -1.12
CA SER E 602 7.76 38.50 -0.16
C SER E 602 7.74 36.98 0.05
N ASN E 603 7.12 36.57 1.14
CA ASN E 603 6.90 35.15 1.42
C ASN E 603 5.64 34.69 0.71
N LEU E 604 5.81 33.76 -0.23
CA LEU E 604 4.70 33.35 -1.09
C LEU E 604 4.20 31.96 -0.71
N GLU E 605 5.06 31.16 -0.08
CA GLU E 605 4.66 29.83 0.36
C GLU E 605 3.53 29.90 1.37
N GLU E 606 3.40 31.03 2.06
CA GLU E 606 2.40 31.15 3.12
C GLU E 606 1.02 31.51 2.60
N LEU E 607 0.88 31.81 1.29
CA LEU E 607 -0.43 32.16 0.76
C LEU E 607 -1.40 31.00 0.82
N ILE E 608 -0.89 29.77 0.86
CA ILE E 608 -1.75 28.59 0.87
C ILE E 608 -2.49 28.41 2.19
N SER E 609 -2.16 29.21 3.21
CA SER E 609 -2.88 29.11 4.47
C SER E 609 -4.23 29.81 4.44
N LEU E 610 -4.51 30.57 3.39
CA LEU E 610 -5.80 31.27 3.29
C LEU E 610 -6.96 30.30 3.10
N VAL E 611 -6.70 29.10 2.60
CA VAL E 611 -7.76 28.09 2.49
C VAL E 611 -8.16 27.63 3.88
N PRO E 612 -9.45 27.51 4.17
CA PRO E 612 -9.87 27.08 5.52
C PRO E 612 -9.21 25.78 5.93
N PHE E 613 -8.84 25.72 7.21
CA PHE E 613 -8.10 24.58 7.74
C PHE E 613 -8.98 23.33 7.82
N ASP E 614 -8.33 22.18 7.76
CA ASP E 614 -8.98 20.90 7.99
C ASP E 614 -7.90 19.91 8.42
N ASP E 615 -8.28 18.66 8.64
CA ASP E 615 -7.36 17.63 9.08
C ASP E 615 -6.92 16.72 7.94
N ALA E 616 -7.86 16.25 7.13
CA ALA E 616 -7.52 15.35 6.03
C ALA E 616 -7.14 16.12 4.77
N TYR E 617 -7.80 17.24 4.49
CA TYR E 617 -7.59 17.94 3.24
C TYR E 617 -6.29 18.75 3.27
N SER E 618 -6.20 19.71 4.19
CA SER E 618 -4.99 20.51 4.30
C SER E 618 -3.88 19.71 4.96
N GLY E 619 -2.67 20.26 4.93
CA GLY E 619 -1.52 19.56 5.46
C GLY E 619 -0.78 18.79 4.38
N SER E 620 -1.53 18.14 3.51
CA SER E 620 -0.96 17.46 2.34
C SER E 620 -1.14 18.28 1.07
N LEU E 621 -1.50 19.56 1.21
CA LEU E 621 -1.64 20.46 0.07
C LEU E 621 -0.48 21.46 -0.03
N ARG E 622 0.11 21.83 1.10
CA ARG E 622 1.31 22.65 1.07
C ARG E 622 2.42 21.98 0.27
N GLU E 623 2.41 20.64 0.21
CA GLU E 623 3.39 19.94 -0.61
C GLU E 623 3.18 20.25 -2.09
N ALA E 624 1.94 20.15 -2.56
CA ALA E 624 1.64 20.50 -3.94
C ALA E 624 2.00 21.95 -4.22
N TRP E 625 1.71 22.85 -3.28
CA TRP E 625 2.02 24.26 -3.48
C TRP E 625 3.53 24.48 -3.59
N LYS E 626 4.31 23.87 -2.70
CA LYS E 626 5.75 24.02 -2.75
C LYS E 626 6.34 23.42 -4.02
N GLN E 627 5.76 22.31 -4.49
CA GLN E 627 6.23 21.72 -5.74
C GLN E 627 5.95 22.66 -6.92
N TRP E 628 4.76 23.27 -6.95
CA TRP E 628 4.46 24.23 -8.00
C TRP E 628 5.40 25.43 -7.95
N LEU E 629 5.75 25.86 -6.74
CA LEU E 629 6.64 27.03 -6.62
C LEU E 629 8.05 26.67 -7.07
N MET E 630 8.50 25.44 -6.76
CA MET E 630 9.77 24.97 -7.30
C MET E 630 9.72 24.90 -8.82
N ALA E 631 8.59 24.48 -9.38
CA ALA E 631 8.45 24.46 -10.83
C ALA E 631 8.56 25.85 -11.42
N TRP E 632 7.96 26.85 -10.76
CA TRP E 632 8.13 28.23 -11.19
C TRP E 632 9.60 28.64 -11.15
N THR E 633 10.29 28.38 -10.03
CA THR E 633 11.66 28.84 -9.89
C THR E 633 12.67 28.02 -10.69
N ALA E 634 12.23 26.92 -11.32
CA ALA E 634 13.14 26.10 -12.11
C ALA E 634 13.01 26.32 -13.61
N LYS E 635 11.94 26.96 -14.06
CA LYS E 635 11.70 27.22 -15.48
C LYS E 635 11.96 28.68 -15.85
N GLU E 636 12.99 29.28 -15.26
CA GLU E 636 13.28 30.70 -15.47
C GLU E 636 14.32 30.95 -16.54
N SER E 637 15.48 30.30 -16.48
CA SER E 637 16.52 30.54 -17.46
C SER E 637 16.09 30.08 -18.85
N SER E 638 15.14 29.16 -18.93
CA SER E 638 14.60 28.72 -20.21
C SER E 638 13.53 29.71 -20.67
N GLN E 639 12.78 29.34 -21.70
CA GLN E 639 11.70 30.17 -22.23
C GLN E 639 10.38 29.43 -22.29
N GLU E 640 10.26 28.29 -21.62
CA GLU E 640 9.05 27.49 -21.69
C GLU E 640 7.94 28.11 -20.85
N SER E 641 6.71 27.72 -21.16
CA SER E 641 5.53 28.21 -20.45
C SER E 641 5.43 27.51 -19.09
N ILE E 642 4.35 27.77 -18.36
CA ILE E 642 4.20 27.25 -17.01
C ILE E 642 2.84 26.61 -16.84
N GLU E 643 1.98 26.74 -17.85
CA GLU E 643 0.60 26.29 -17.73
C GLU E 643 0.50 24.79 -17.43
N GLY E 644 1.47 24.01 -17.91
CA GLY E 644 1.45 22.58 -17.62
C GLY E 644 1.47 22.30 -16.13
N ASP E 645 2.40 22.92 -15.41
CA ASP E 645 2.50 22.71 -13.97
C ASP E 645 1.28 23.24 -13.25
N THR E 646 0.62 24.28 -13.80
CA THR E 646 -0.62 24.75 -13.20
C THR E 646 -1.74 23.73 -13.35
N ALA E 647 -1.85 23.11 -14.53
CA ALA E 647 -2.85 22.06 -14.71
C ALA E 647 -2.55 20.88 -13.79
N ILE E 648 -1.27 20.56 -13.61
CA ILE E 648 -0.91 19.45 -12.73
C ILE E 648 -1.26 19.79 -11.28
N LEU E 649 -1.01 21.03 -10.85
CA LEU E 649 -1.44 21.45 -9.52
C LEU E 649 -2.94 21.35 -9.36
N LEU E 650 -3.70 21.76 -10.38
CA LEU E 650 -5.16 21.70 -10.26
C LEU E 650 -5.65 20.26 -10.13
N VAL E 651 -5.11 19.35 -10.93
CA VAL E 651 -5.57 17.97 -10.84
C VAL E 651 -5.15 17.35 -9.51
N ARG E 652 -3.95 17.68 -9.02
CA ARG E 652 -3.53 17.15 -7.73
C ARG E 652 -4.42 17.68 -6.60
N ALA E 653 -4.76 18.97 -6.64
CA ALA E 653 -5.56 19.54 -5.58
C ALA E 653 -7.01 19.06 -5.64
N ILE E 654 -7.50 18.71 -6.83
CA ILE E 654 -8.82 18.10 -6.91
C ILE E 654 -8.76 16.67 -6.40
N GLU E 655 -7.65 15.97 -6.60
CA GLU E 655 -7.51 14.62 -6.08
C GLU E 655 -7.43 14.63 -4.55
N ILE E 656 -6.78 15.63 -3.96
CA ILE E 656 -6.67 15.70 -2.51
C ILE E 656 -8.04 15.71 -1.86
N PHE E 657 -8.85 16.72 -2.18
CA PHE E 657 -10.23 16.73 -1.72
C PHE E 657 -10.95 15.48 -2.25
N GLY E 658 -11.97 15.05 -1.50
CA GLY E 658 -12.68 13.84 -1.86
C GLY E 658 -12.06 12.60 -1.26
N GLY E 659 -10.77 12.66 -0.95
CA GLY E 659 -10.09 11.56 -0.31
C GLY E 659 -10.00 10.30 -1.16
N ARG E 660 -9.23 10.37 -2.25
CA ARG E 660 -9.06 9.23 -3.14
C ARG E 660 -7.58 8.94 -3.32
N HIS E 661 -7.14 7.78 -2.85
CA HIS E 661 -5.76 7.35 -3.02
C HIS E 661 -5.66 6.45 -4.25
N VAL E 662 -4.42 6.08 -4.61
CA VAL E 662 -4.17 5.07 -5.63
C VAL E 662 -3.24 4.03 -5.03
N LEU E 663 -3.65 2.76 -5.08
CA LEU E 663 -2.87 1.69 -4.50
C LEU E 663 -1.67 1.35 -5.36
N THR E 664 -0.59 2.13 -5.22
CA THR E 664 0.62 1.98 -6.02
C THR E 664 1.36 0.67 -5.73
N GLY E 665 0.82 -0.19 -4.87
CA GLY E 665 1.39 -1.50 -4.63
C GLY E 665 1.67 -2.24 -5.91
N GLN E 666 0.64 -2.41 -6.73
CA GLN E 666 0.85 -2.95 -8.08
C GLN E 666 1.21 -1.83 -9.04
N ARG E 667 1.96 -2.20 -10.08
CA ARG E 667 2.66 -1.26 -10.96
C ARG E 667 1.78 -0.60 -12.03
N PRO E 668 0.91 -1.35 -12.73
CA PRO E 668 0.16 -0.72 -13.83
C PRO E 668 -0.60 0.53 -13.43
N ASP E 669 -1.08 0.63 -12.20
CA ASP E 669 -1.76 1.85 -11.77
C ASP E 669 -0.79 3.02 -11.72
N LEU E 670 0.41 2.79 -11.18
CA LEU E 670 1.44 3.82 -11.17
C LEU E 670 1.78 4.28 -12.58
N TRP E 671 1.93 3.33 -13.50
CA TRP E 671 2.30 3.71 -14.87
C TRP E 671 1.17 4.47 -15.55
N GLU E 672 -0.07 4.03 -15.37
CA GLU E 672 -1.22 4.74 -15.90
C GLU E 672 -1.27 6.17 -15.39
N TYR E 673 -1.06 6.36 -14.08
CA TYR E 673 -1.10 7.69 -13.50
C TYR E 673 -0.01 8.58 -14.09
N SER E 674 1.20 8.06 -14.19
CA SER E 674 2.31 8.85 -14.76
C SER E 674 1.99 9.26 -16.20
N GLN E 675 1.50 8.32 -17.01
CA GLN E 675 1.22 8.64 -18.41
C GLN E 675 0.13 9.70 -18.52
N LEU E 676 -0.92 9.57 -17.70
CA LEU E 676 -2.00 10.56 -17.75
C LEU E 676 -1.50 11.94 -17.37
N GLU E 677 -0.69 12.03 -16.31
CA GLU E 677 -0.17 13.33 -15.90
C GLU E 677 0.69 13.95 -16.97
N GLN E 678 1.57 13.15 -17.59
CA GLN E 678 2.44 13.70 -18.64
C GLN E 678 1.63 14.18 -19.83
N LEU E 679 0.63 13.41 -20.24
CA LEU E 679 -0.20 13.83 -21.38
C LEU E 679 -0.94 15.13 -21.08
N THR E 680 -1.50 15.25 -19.87
CA THR E 680 -2.20 16.49 -19.51
C THR E 680 -1.26 17.69 -19.57
N SER E 681 -0.08 17.56 -18.96
CA SER E 681 0.88 18.67 -18.96
C SER E 681 1.25 19.08 -20.39
N SER E 682 1.56 18.09 -21.24
CA SER E 682 1.97 18.39 -22.60
C SER E 682 0.86 19.07 -23.39
N ILE E 683 -0.38 18.60 -23.24
CA ILE E 683 -1.50 19.19 -23.97
C ILE E 683 -1.70 20.64 -23.54
N CYS E 684 -1.64 20.91 -22.24
CA CYS E 684 -1.84 22.27 -21.78
C CYS E 684 -0.73 23.20 -22.27
N CYS E 685 0.51 22.71 -22.28
CA CYS E 685 1.60 23.54 -22.79
C CYS E 685 1.42 23.84 -24.27
N LYS E 686 1.03 22.84 -25.05
CA LYS E 686 0.82 23.07 -26.49
C LYS E 686 -0.31 24.07 -26.72
N LEU E 687 -1.36 24.01 -25.91
CA LEU E 687 -2.46 24.97 -26.06
C LEU E 687 -2.01 26.39 -25.72
N SER E 688 -1.22 26.54 -24.66
CA SER E 688 -0.67 27.86 -24.32
C SER E 688 0.16 28.40 -25.48
N ARG E 689 1.00 27.55 -26.07
CA ARG E 689 1.81 27.97 -27.21
C ARG E 689 0.93 28.36 -28.39
N ARG E 690 -0.17 27.63 -28.61
CA ARG E 690 -1.11 28.00 -29.67
C ARG E 690 -1.66 29.40 -29.46
N VAL E 691 -2.16 29.66 -28.25
CA VAL E 691 -2.75 30.98 -27.98
C VAL E 691 -1.73 32.08 -28.17
N LEU E 692 -0.50 31.87 -27.67
CA LEU E 692 0.53 32.90 -27.82
C LEU E 692 0.87 33.15 -29.29
N ALA E 693 1.13 32.07 -30.05
CA ALA E 693 1.51 32.26 -31.45
C ALA E 693 0.35 32.70 -32.32
N GLN E 694 -0.89 32.62 -31.82
CA GLN E 694 -2.02 33.11 -32.59
C GLN E 694 -2.32 34.56 -32.29
N GLU E 695 -2.02 35.02 -31.07
CA GLU E 695 -2.24 36.43 -30.75
C GLU E 695 -1.32 37.34 -31.55
N ASN E 696 -0.05 36.94 -31.76
CA ASN E 696 0.91 37.79 -32.44
C ASN E 696 0.62 37.96 -33.92
N GLY E 697 -0.44 37.35 -34.45
CA GLY E 697 -0.80 37.53 -35.84
C GLY E 697 0.15 36.86 -36.82
N GLU E 698 0.15 35.53 -36.83
CA GLU E 698 0.93 34.75 -37.78
C GLU E 698 -0.01 34.11 -38.81
N SER E 699 0.57 33.38 -39.75
CA SER E 699 -0.21 32.74 -40.80
C SER E 699 -1.05 31.60 -40.23
N THR E 700 -1.88 31.01 -41.10
CA THR E 700 -2.78 29.95 -40.67
C THR E 700 -2.11 28.58 -40.64
N GLU E 701 -1.00 28.41 -41.35
CA GLU E 701 -0.35 27.10 -41.41
C GLU E 701 0.15 26.68 -40.03
N LYS E 702 0.79 27.60 -39.30
CA LYS E 702 1.27 27.30 -37.96
C LYS E 702 0.10 26.92 -37.04
N VAL E 703 -1.00 27.65 -37.13
CA VAL E 703 -2.15 27.38 -36.27
C VAL E 703 -2.73 26.00 -36.59
N GLU E 704 -2.85 25.66 -37.87
CA GLU E 704 -3.39 24.35 -38.23
C GLU E 704 -2.46 23.23 -37.79
N GLU E 705 -1.15 23.42 -37.93
CA GLU E 705 -0.20 22.41 -37.48
C GLU E 705 -0.29 22.20 -35.99
N ILE E 706 -0.38 23.29 -35.22
CA ILE E 706 -0.50 23.16 -33.77
C ILE E 706 -1.82 22.50 -33.40
N ASP E 707 -2.87 22.78 -34.17
CA ASP E 707 -4.17 22.17 -33.90
C ASP E 707 -4.10 20.66 -34.07
N GLN E 708 -3.49 20.19 -35.17
CA GLN E 708 -3.35 18.76 -35.37
C GLN E 708 -2.46 18.13 -34.30
N GLN E 709 -1.36 18.81 -33.95
CA GLN E 709 -0.46 18.29 -32.92
C GLN E 709 -1.17 18.15 -31.58
N VAL E 710 -2.08 19.08 -31.28
CA VAL E 710 -2.86 18.98 -30.05
C VAL E 710 -3.88 17.86 -30.14
N ASP E 711 -4.56 17.76 -31.29
CA ASP E 711 -5.63 16.77 -31.45
C ASP E 711 -5.10 15.35 -31.35
N LEU E 712 -3.87 15.10 -31.77
CA LEU E 712 -3.31 13.75 -31.63
C LEU E 712 -3.25 13.33 -30.16
N GLU E 713 -2.62 14.15 -29.32
CA GLU E 713 -2.51 13.83 -27.91
C GLU E 713 -3.87 13.85 -27.23
N MET E 714 -4.80 14.67 -27.73
CA MET E 714 -6.16 14.66 -27.18
C MET E 714 -6.85 13.33 -27.46
N GLN E 715 -6.69 12.80 -28.67
CA GLN E 715 -7.22 11.48 -28.98
C GLN E 715 -6.60 10.41 -28.07
N GLU E 716 -5.28 10.48 -27.87
CA GLU E 716 -4.64 9.48 -27.01
C GLU E 716 -5.16 9.56 -25.58
N LEU E 717 -5.32 10.77 -25.05
CA LEU E 717 -5.84 10.93 -23.70
C LEU E 717 -7.27 10.43 -23.59
N THR E 718 -8.12 10.73 -24.59
CA THR E 718 -9.48 10.22 -24.59
C THR E 718 -9.48 8.69 -24.57
N ARG E 719 -8.63 8.08 -25.38
CA ARG E 719 -8.55 6.61 -25.38
C ARG E 719 -8.14 6.09 -24.02
N ARG E 720 -7.16 6.73 -23.39
CA ARG E 720 -6.67 6.23 -22.11
C ARG E 720 -7.66 6.48 -20.98
N VAL E 721 -8.56 7.45 -21.12
CA VAL E 721 -9.54 7.73 -20.07
C VAL E 721 -10.78 6.87 -20.21
N LEU E 722 -11.24 6.62 -21.45
CA LEU E 722 -12.51 5.91 -21.62
C LEU E 722 -12.36 4.40 -21.49
N GLN E 723 -11.18 3.86 -21.81
CA GLN E 723 -11.03 2.41 -21.85
C GLN E 723 -11.04 1.81 -20.45
N GLY E 724 -11.00 0.48 -20.40
CA GLY E 724 -11.20 -0.24 -19.15
C GLY E 724 -10.15 -1.27 -18.74
N CYS E 725 -8.86 -0.97 -18.94
CA CYS E 725 -7.81 -1.95 -18.66
C CYS E 725 -7.27 -1.85 -17.24
N SER E 726 -6.75 -0.70 -16.84
CA SER E 726 -6.12 -0.59 -15.53
C SER E 726 -7.18 -0.50 -14.44
N ALA E 727 -6.74 -0.67 -13.19
CA ALA E 727 -7.64 -0.67 -12.04
C ALA E 727 -7.39 0.61 -11.24
N ILE E 728 -8.04 1.67 -11.67
CA ILE E 728 -8.04 2.95 -10.95
C ILE E 728 -9.47 3.41 -10.80
N ASN E 729 -9.76 4.06 -9.68
CA ASN E 729 -11.08 4.63 -9.46
C ASN E 729 -11.44 5.56 -10.61
N ARG E 730 -12.55 5.24 -11.28
CA ARG E 730 -12.95 5.95 -12.51
C ARG E 730 -12.97 7.46 -12.30
N LEU E 731 -13.26 7.91 -11.08
CA LEU E 731 -13.36 9.35 -10.83
C LEU E 731 -12.03 10.07 -11.04
N THR E 732 -10.90 9.38 -10.85
CA THR E 732 -9.61 10.02 -11.06
C THR E 732 -9.38 10.34 -12.54
N ARG E 733 -9.59 9.36 -13.41
CA ARG E 733 -9.47 9.59 -14.83
C ARG E 733 -10.52 10.60 -15.31
N GLU E 734 -11.71 10.57 -14.72
CA GLU E 734 -12.71 11.57 -15.08
C GLU E 734 -12.28 12.97 -14.65
N THR E 735 -11.55 13.07 -13.54
CA THR E 735 -11.01 14.36 -13.11
C THR E 735 -9.97 14.87 -14.09
N PHE E 736 -9.07 13.98 -14.55
CA PHE E 736 -8.12 14.36 -15.58
C PHE E 736 -8.85 14.88 -16.81
N LEU E 737 -9.89 14.16 -17.24
CA LEU E 737 -10.65 14.58 -18.41
C LEU E 737 -11.31 15.94 -18.19
N HIS E 738 -11.85 16.17 -17.00
CA HIS E 738 -12.49 17.45 -16.70
C HIS E 738 -11.49 18.59 -16.78
N VAL E 739 -10.33 18.43 -16.16
CA VAL E 739 -9.33 19.50 -16.15
C VAL E 739 -8.88 19.80 -17.57
N VAL E 740 -8.62 18.76 -18.37
CA VAL E 740 -8.16 18.99 -19.74
C VAL E 740 -9.26 19.63 -20.58
N LYS E 741 -10.51 19.20 -20.37
CA LYS E 741 -11.63 19.79 -21.10
C LYS E 741 -11.76 21.27 -20.79
N SER E 742 -11.63 21.65 -19.53
CA SER E 742 -11.74 23.05 -19.16
C SER E 742 -10.60 23.87 -19.76
N PHE E 743 -9.36 23.41 -19.59
CA PHE E 743 -8.22 24.14 -20.14
C PHE E 743 -8.29 24.23 -21.66
N CYS E 744 -8.93 23.27 -22.33
CA CYS E 744 -9.03 23.33 -23.78
C CYS E 744 -10.22 24.17 -24.23
N TYR E 745 -11.26 24.26 -23.41
CA TYR E 745 -12.41 25.09 -23.76
C TYR E 745 -12.14 26.56 -23.54
N VAL E 746 -11.35 26.91 -22.53
CA VAL E 746 -11.09 28.32 -22.24
C VAL E 746 -10.30 29.01 -23.35
N ALA E 747 -9.77 28.27 -24.31
CA ALA E 747 -8.93 28.85 -25.36
C ALA E 747 -9.56 28.81 -26.74
N TYR E 748 -10.84 28.47 -26.85
CA TYR E 748 -11.52 28.41 -28.15
C TYR E 748 -12.73 29.33 -28.22
N CYS E 749 -12.83 30.31 -27.32
CA CYS E 749 -14.00 31.19 -27.30
C CYS E 749 -13.57 32.58 -26.89
N SER E 750 -14.19 33.59 -27.51
CA SER E 750 -13.97 34.98 -27.18
C SER E 750 -14.62 35.31 -25.84
N PRO E 751 -14.08 36.30 -25.12
CA PRO E 751 -14.65 36.64 -23.80
C PRO E 751 -16.14 36.95 -23.82
N GLU E 752 -16.64 37.61 -24.86
CA GLU E 752 -18.05 37.93 -24.92
C GLU E 752 -18.91 36.67 -24.98
N THR E 753 -18.43 35.65 -25.70
CA THR E 753 -19.19 34.40 -25.79
C THR E 753 -19.22 33.69 -24.45
N ILE E 754 -18.09 33.62 -23.74
CA ILE E 754 -18.08 32.95 -22.44
C ILE E 754 -18.90 33.74 -21.43
N ASP E 755 -18.98 35.07 -21.62
CA ASP E 755 -19.83 35.87 -20.75
C ASP E 755 -21.30 35.58 -21.01
N SER E 756 -21.69 35.49 -22.28
CA SER E 756 -23.05 35.09 -22.62
C SER E 756 -23.38 33.73 -22.04
N HIS E 757 -22.41 32.80 -22.08
CA HIS E 757 -22.65 31.47 -21.53
C HIS E 757 -22.82 31.51 -20.01
N ILE E 758 -21.97 32.26 -19.32
CA ILE E 758 -22.11 32.40 -17.87
C ILE E 758 -23.47 33.00 -17.52
N ASP E 759 -23.93 33.97 -18.31
CA ASP E 759 -25.20 34.60 -18.03
C ASP E 759 -26.36 33.65 -18.31
N LYS E 760 -26.22 32.80 -19.33
CA LYS E 760 -27.32 31.92 -19.71
C LYS E 760 -27.42 30.70 -18.81
N VAL E 761 -26.30 30.24 -18.24
CA VAL E 761 -26.31 28.99 -17.49
C VAL E 761 -26.83 29.21 -16.08
N ILE E 762 -26.34 30.25 -15.40
CA ILE E 762 -26.61 30.42 -13.98
C ILE E 762 -27.80 31.36 -13.75
N PHE E 763 -27.69 32.59 -14.24
CA PHE E 763 -28.64 33.64 -13.87
C PHE E 763 -29.97 33.49 -14.59
N GLN E 764 -29.96 32.99 -15.83
CA GLN E 764 -31.19 32.85 -16.59
C GLN E 764 -32.05 31.75 -15.99
N ASP E 765 -33.04 32.12 -15.19
CA ASP E 765 -33.79 31.16 -14.40
C ASP E 765 -34.69 30.31 -15.30
N VAL E 766 -35.05 29.13 -14.77
CA VAL E 766 -35.95 28.21 -15.44
C VAL E 766 -37.25 28.16 -14.64
N ILE E 767 -38.36 27.86 -15.33
CA ILE E 767 -39.72 27.85 -14.77
C ILE E 767 -39.96 29.01 -13.81
N THR F 80 11.08 -15.24 24.08
CA THR F 80 10.12 -16.23 23.59
C THR F 80 8.79 -16.10 24.33
N THR F 81 7.69 -16.16 23.58
CA THR F 81 6.36 -15.99 24.14
C THR F 81 5.80 -17.27 24.74
N THR F 82 6.50 -18.40 24.62
CA THR F 82 6.00 -19.63 25.23
C THR F 82 6.01 -19.53 26.75
N MET F 83 6.93 -18.77 27.33
CA MET F 83 6.90 -18.53 28.77
C MET F 83 5.69 -17.71 29.15
N ILE F 84 5.34 -16.71 28.34
CA ILE F 84 4.14 -15.93 28.59
C ILE F 84 2.90 -16.80 28.51
N ASP F 85 2.87 -17.71 27.52
CA ASP F 85 1.72 -18.62 27.40
C ASP F 85 1.63 -19.54 28.61
N GLY F 86 2.78 -20.01 29.11
CA GLY F 86 2.77 -20.85 30.30
C GLY F 86 2.25 -20.10 31.52
N ILE F 87 2.75 -18.89 31.75
CA ILE F 87 2.27 -18.09 32.87
C ILE F 87 0.79 -17.78 32.72
N ARG F 88 0.31 -17.60 31.48
CA ARG F 88 -1.09 -17.31 31.27
C ARG F 88 -1.96 -18.52 31.59
N THR F 89 -1.62 -19.68 31.05
CA THR F 89 -2.42 -20.88 31.33
C THR F 89 -2.28 -21.33 32.78
N ALA F 90 -1.24 -20.90 33.49
CA ALA F 90 -1.14 -21.21 34.90
C ALA F 90 -1.86 -20.19 35.76
N LEU F 91 -2.00 -18.96 35.28
CA LEU F 91 -2.69 -17.92 36.05
C LEU F 91 -4.20 -18.01 35.87
N ARG F 92 -4.66 -18.27 34.64
CA ARG F 92 -6.08 -18.41 34.36
C ARG F 92 -6.73 -19.54 35.13
N SER F 93 -5.98 -20.57 35.49
CA SER F 93 -6.50 -21.71 36.27
C SER F 93 -6.25 -21.53 37.76
N ILE F 94 -6.26 -20.29 38.24
CA ILE F 94 -6.04 -20.04 39.65
C ILE F 94 -7.18 -20.62 40.47
N GLY F 95 -6.83 -21.30 41.56
CA GLY F 95 -7.79 -21.97 42.41
C GLY F 95 -7.83 -21.42 43.82
N GLU F 96 -8.21 -22.29 44.74
CA GLU F 96 -8.35 -21.89 46.14
C GLU F 96 -7.01 -21.71 46.84
N GLY F 97 -5.90 -22.07 46.18
CA GLY F 97 -4.60 -21.82 46.77
C GLY F 97 -3.55 -22.88 46.49
N GLU F 98 -2.33 -22.43 46.23
CA GLU F 98 -1.17 -23.29 46.09
C GLU F 98 -0.22 -23.02 47.25
N ILE F 99 0.26 -24.09 47.89
CA ILE F 99 1.05 -23.96 49.10
C ILE F 99 1.78 -25.27 49.32
N SER F 100 2.94 -25.19 49.98
CA SER F 100 3.69 -26.39 50.31
C SER F 100 3.08 -27.09 51.52
N ILE F 101 3.19 -28.41 51.52
CA ILE F 101 2.59 -29.25 52.56
C ILE F 101 3.53 -29.33 53.76
N SER F 102 2.95 -29.28 54.95
CA SER F 102 3.72 -29.16 56.19
C SER F 102 3.73 -30.50 56.94
N ALA F 103 4.88 -30.80 57.56
CA ALA F 103 5.02 -32.06 58.29
C ALA F 103 4.39 -32.01 59.67
N TYR F 104 4.51 -30.87 60.37
CA TYR F 104 3.99 -30.78 61.73
C TYR F 104 2.47 -30.95 61.76
N ASP F 105 1.77 -30.34 60.79
CA ASP F 105 0.33 -30.46 60.76
C ASP F 105 -0.11 -31.88 60.46
N THR F 106 0.59 -32.56 59.54
CA THR F 106 0.29 -33.96 59.25
C THR F 106 0.51 -34.81 60.49
N SER F 107 1.60 -34.57 61.22
CA SER F 107 1.83 -35.28 62.47
C SER F 107 0.69 -35.06 63.46
N LEU F 108 0.28 -33.80 63.64
CA LEU F 108 -0.74 -33.49 64.63
C LEU F 108 -2.12 -34.00 64.23
N VAL F 109 -2.39 -34.18 62.94
CA VAL F 109 -3.69 -34.70 62.54
C VAL F 109 -3.69 -36.23 62.44
N ALA F 110 -2.51 -36.85 62.32
CA ALA F 110 -2.45 -38.30 62.20
C ALA F 110 -2.88 -38.99 63.48
N LEU F 111 -2.80 -38.29 64.62
CA LEU F 111 -3.14 -38.88 65.92
C LEU F 111 -4.62 -39.19 66.08
N LEU F 112 -5.44 -38.93 65.07
CA LEU F 112 -6.87 -39.19 65.18
C LEU F 112 -7.15 -40.68 65.07
N LYS F 113 -7.27 -41.36 66.21
CA LYS F 113 -7.71 -42.74 66.21
C LYS F 113 -9.12 -42.84 65.63
N ARG F 114 -9.41 -43.97 64.99
CA ARG F 114 -10.69 -44.14 64.32
C ARG F 114 -11.83 -44.06 65.32
N LEU F 115 -12.94 -43.44 64.91
CA LEU F 115 -14.09 -43.22 65.78
C LEU F 115 -15.13 -44.32 65.70
N ASP F 116 -15.20 -45.03 64.57
CA ASP F 116 -16.17 -46.10 64.38
C ASP F 116 -15.68 -47.45 64.90
N GLY F 117 -14.70 -47.44 65.79
CA GLY F 117 -14.17 -48.68 66.34
C GLY F 117 -13.22 -49.44 65.45
N GLY F 118 -12.63 -48.78 64.46
CA GLY F 118 -11.70 -49.43 63.56
C GLY F 118 -10.33 -49.61 64.19
N ASP F 119 -9.40 -50.14 63.39
CA ASP F 119 -8.05 -50.43 63.85
C ASP F 119 -7.05 -49.37 63.38
N GLY F 120 -6.97 -49.13 62.07
CA GLY F 120 -6.00 -48.22 61.51
C GLY F 120 -6.37 -46.77 61.72
N PRO F 121 -5.41 -45.87 61.53
CA PRO F 121 -5.69 -44.44 61.68
C PRO F 121 -6.68 -43.96 60.62
N GLN F 122 -7.27 -42.80 60.89
CA GLN F 122 -8.30 -42.24 60.01
C GLN F 122 -7.77 -41.89 58.63
N PHE F 123 -6.51 -41.49 58.51
CA PHE F 123 -5.92 -41.10 57.23
C PHE F 123 -4.50 -41.66 57.14
N PRO F 124 -4.36 -42.89 56.63
CA PRO F 124 -3.03 -43.51 56.55
C PRO F 124 -2.09 -42.81 55.60
N SER F 125 -2.62 -42.07 54.61
CA SER F 125 -1.75 -41.40 53.64
C SER F 125 -0.79 -40.44 54.34
N THR F 126 -1.21 -39.85 55.46
CA THR F 126 -0.30 -39.03 56.24
C THR F 126 0.89 -39.86 56.74
N ILE F 127 0.63 -41.06 57.23
CA ILE F 127 1.71 -41.92 57.73
C ILE F 127 2.63 -42.35 56.59
N ASP F 128 2.05 -42.68 55.44
CA ASP F 128 2.87 -43.03 54.28
C ASP F 128 3.76 -41.86 53.86
N TRP F 129 3.20 -40.66 53.81
CA TRP F 129 4.00 -39.48 53.45
C TRP F 129 5.07 -39.22 54.49
N ILE F 130 4.78 -39.47 55.76
CA ILE F 130 5.78 -39.33 56.81
C ILE F 130 6.94 -40.28 56.57
N VAL F 131 6.63 -41.57 56.38
CA VAL F 131 7.67 -42.55 56.11
C VAL F 131 8.44 -42.23 54.83
N GLN F 132 7.81 -41.53 53.89
CA GLN F 132 8.41 -41.27 52.59
C GLN F 132 9.46 -40.16 52.62
N ASN F 133 9.21 -39.06 53.33
CA ASN F 133 10.04 -37.86 53.23
C ASN F 133 10.99 -37.69 54.41
N GLN F 134 11.60 -38.78 54.89
CA GLN F 134 12.64 -38.64 55.90
C GLN F 134 13.87 -37.99 55.29
N LEU F 135 14.33 -36.90 55.90
CA LEU F 135 15.48 -36.17 55.38
C LEU F 135 16.77 -36.94 55.68
N PRO F 136 17.83 -36.69 54.89
CA PRO F 136 19.09 -37.41 55.13
C PRO F 136 19.65 -37.22 56.52
N ASP F 137 19.59 -36.00 57.06
CA ASP F 137 20.10 -35.74 58.40
C ASP F 137 19.24 -36.35 59.50
N GLY F 138 18.14 -37.03 59.16
CA GLY F 138 17.26 -37.59 60.15
C GLY F 138 16.25 -36.63 60.73
N SER F 139 16.02 -35.50 60.07
CA SER F 139 15.15 -34.44 60.56
C SER F 139 13.92 -34.33 59.67
N TRP F 140 13.10 -33.31 59.94
CA TRP F 140 11.92 -33.04 59.14
C TRP F 140 11.79 -31.52 58.97
N GLY F 141 10.74 -31.10 58.28
CA GLY F 141 10.51 -29.68 58.07
C GLY F 141 10.99 -29.18 56.73
N ASP F 142 11.73 -28.07 56.74
CA ASP F 142 12.22 -27.48 55.51
C ASP F 142 13.50 -28.16 55.05
N ALA F 143 13.78 -28.07 53.76
CA ALA F 143 14.96 -28.70 53.17
C ALA F 143 16.09 -27.71 52.92
N SER F 144 15.76 -26.52 52.41
CA SER F 144 16.78 -25.56 52.01
C SER F 144 17.24 -24.66 53.17
N PHE F 145 16.34 -23.89 53.75
CA PHE F 145 16.69 -22.94 54.79
C PHE F 145 16.71 -23.63 56.16
N PHE F 146 17.73 -23.32 56.95
CA PHE F 146 17.93 -23.95 58.26
C PHE F 146 17.53 -22.99 59.36
N MET F 147 16.70 -23.48 60.28
CA MET F 147 16.37 -22.74 61.50
C MET F 147 15.80 -23.74 62.50
N MET F 148 16.41 -23.83 63.68
CA MET F 148 16.11 -24.93 64.58
C MET F 148 14.67 -24.92 65.08
N GLY F 149 14.02 -23.76 65.08
CA GLY F 149 12.63 -23.72 65.52
C GLY F 149 11.74 -24.63 64.69
N ASP F 150 11.78 -24.47 63.37
CA ASP F 150 10.99 -25.32 62.49
C ASP F 150 11.47 -26.77 62.55
N ARG F 151 12.78 -26.98 62.61
CA ARG F 151 13.31 -28.34 62.64
C ARG F 151 12.80 -29.09 63.87
N ILE F 152 12.79 -28.43 65.03
CA ILE F 152 12.26 -29.07 66.24
C ILE F 152 10.76 -29.29 66.12
N MET F 153 10.01 -28.22 65.80
CA MET F 153 8.56 -28.32 65.72
C MET F 153 8.11 -29.33 64.67
N SER F 154 9.00 -29.75 63.77
CA SER F 154 8.70 -30.82 62.84
C SER F 154 9.14 -32.18 63.38
N THR F 155 10.40 -32.29 63.80
CA THR F 155 10.96 -33.58 64.16
C THR F 155 10.34 -34.15 65.42
N LEU F 156 10.16 -33.34 66.45
CA LEU F 156 9.59 -33.86 67.70
C LEU F 156 8.16 -34.30 67.50
N ALA F 157 7.37 -33.50 66.77
CA ALA F 157 5.99 -33.89 66.48
C ALA F 157 5.95 -35.15 65.62
N CYS F 158 6.86 -35.27 64.66
CA CYS F 158 6.88 -36.45 63.80
C CYS F 158 7.20 -37.71 64.60
N VAL F 159 8.22 -37.64 65.45
CA VAL F 159 8.60 -38.82 66.23
C VAL F 159 7.51 -39.15 67.24
N VAL F 160 6.80 -38.14 67.76
CA VAL F 160 5.69 -38.42 68.67
C VAL F 160 4.56 -39.13 67.93
N ALA F 161 4.24 -38.66 66.72
CA ALA F 161 3.19 -39.30 65.93
C ALA F 161 3.56 -40.73 65.59
N LEU F 162 4.84 -40.99 65.30
CA LEU F 162 5.26 -42.36 65.01
C LEU F 162 5.19 -43.23 66.26
N LYS F 163 5.67 -42.70 67.40
CA LYS F 163 5.61 -43.45 68.65
C LYS F 163 4.19 -43.74 69.11
N SER F 164 3.22 -42.92 68.69
CA SER F 164 1.83 -43.16 69.08
C SER F 164 1.34 -44.51 68.57
N TRP F 165 1.76 -44.92 67.37
CA TRP F 165 1.40 -46.21 66.81
C TRP F 165 2.57 -47.19 66.80
N ASN F 166 3.75 -46.76 67.22
CA ASN F 166 4.91 -47.62 67.40
C ASN F 166 5.25 -48.38 66.11
N ILE F 167 5.59 -47.62 65.08
CA ILE F 167 5.99 -48.17 63.80
C ILE F 167 7.31 -47.54 63.37
N HIS F 168 8.24 -48.38 62.91
CA HIS F 168 9.54 -47.94 62.40
C HIS F 168 10.32 -47.17 63.47
N THR F 169 10.67 -47.90 64.52
CA THR F 169 11.40 -47.30 65.64
C THR F 169 12.79 -46.82 65.25
N ASP F 170 13.32 -47.28 64.11
CA ASP F 170 14.65 -46.82 63.68
C ASP F 170 14.64 -45.32 63.38
N LYS F 171 13.64 -44.86 62.64
CA LYS F 171 13.48 -43.43 62.40
C LYS F 171 13.32 -42.68 63.71
N CYS F 172 12.63 -43.27 64.67
CA CYS F 172 12.44 -42.64 65.97
C CYS F 172 13.76 -42.43 66.69
N GLU F 173 14.57 -43.50 66.79
CA GLU F 173 15.85 -43.35 67.49
C GLU F 173 16.80 -42.45 66.74
N ARG F 174 16.73 -42.42 65.40
CA ARG F 174 17.57 -41.50 64.65
C ARG F 174 17.17 -40.05 64.92
N GLY F 175 15.86 -39.78 64.97
CA GLY F 175 15.42 -38.43 65.29
C GLY F 175 15.79 -38.02 66.71
N LEU F 176 15.71 -38.96 67.66
CA LEU F 176 16.16 -38.66 69.02
C LEU F 176 17.65 -38.37 69.04
N LEU F 177 18.44 -39.15 68.31
CA LEU F 177 19.87 -38.87 68.18
C LEU F 177 20.09 -37.45 67.68
N PHE F 178 19.38 -37.07 66.61
CA PHE F 178 19.58 -35.75 66.03
C PHE F 178 19.22 -34.64 67.01
N ILE F 179 18.07 -34.78 67.69
CA ILE F 179 17.64 -33.71 68.58
C ILE F 179 18.57 -33.59 69.79
N GLN F 180 18.96 -34.73 70.37
CA GLN F 180 19.87 -34.67 71.51
C GLN F 180 21.26 -34.20 71.09
N GLU F 181 21.60 -34.37 69.82
CA GLU F 181 22.88 -33.86 69.33
C GLU F 181 22.84 -32.35 69.09
N ASN F 182 21.78 -31.83 68.51
CA ASN F 182 21.76 -30.44 68.06
C ASN F 182 20.83 -29.54 68.84
N MET F 183 20.38 -29.94 70.04
CA MET F 183 19.59 -29.04 70.87
C MET F 183 20.40 -27.84 71.37
N TRP F 184 21.70 -27.79 71.10
CA TRP F 184 22.57 -26.79 71.71
C TRP F 184 22.46 -25.40 71.10
N ARG F 185 21.95 -25.26 69.88
CA ARG F 185 21.96 -23.98 69.18
C ARG F 185 20.63 -23.24 69.28
N LEU F 186 19.93 -23.35 70.41
CA LEU F 186 18.68 -22.62 70.58
C LEU F 186 18.89 -21.17 70.99
N ALA F 187 19.99 -20.87 71.69
CA ALA F 187 20.21 -19.55 72.24
C ALA F 187 20.92 -18.60 71.28
N HIS F 188 20.82 -18.87 69.97
CA HIS F 188 21.44 -18.01 68.96
C HIS F 188 20.51 -17.76 67.79
N GLU F 189 19.20 -17.81 68.01
CA GLU F 189 18.23 -17.57 66.95
C GLU F 189 18.07 -16.08 66.70
N GLU F 190 17.36 -15.76 65.61
CA GLU F 190 17.01 -14.38 65.34
C GLU F 190 15.86 -13.93 66.25
N GLU F 191 15.95 -12.71 66.75
CA GLU F 191 14.99 -12.18 67.71
C GLU F 191 13.62 -11.89 67.10
N ASP F 192 13.42 -12.18 65.81
CA ASP F 192 12.14 -11.93 65.15
C ASP F 192 11.61 -13.11 64.36
N TRP F 193 12.44 -14.09 64.00
CA TRP F 193 11.99 -15.22 63.19
C TRP F 193 11.59 -16.39 64.08
N MET F 194 10.64 -16.13 64.97
CA MET F 194 10.00 -17.19 65.74
C MET F 194 8.64 -17.47 65.16
N LEU F 195 8.28 -18.75 65.09
CA LEU F 195 7.05 -19.15 64.43
C LEU F 195 5.83 -18.60 65.18
N VAL F 196 4.68 -18.60 64.50
CA VAL F 196 3.45 -18.10 65.12
C VAL F 196 3.05 -19.05 66.25
N GLY F 197 2.71 -18.48 67.40
CA GLY F 197 2.35 -19.29 68.56
C GLY F 197 3.41 -20.29 68.96
N PHE F 198 4.66 -20.05 68.60
CA PHE F 198 5.73 -20.99 68.89
C PHE F 198 5.91 -21.18 70.39
N GLU F 199 5.97 -20.07 71.13
CA GLU F 199 6.22 -20.12 72.56
C GLU F 199 5.00 -20.53 73.38
N ILE F 200 3.87 -20.84 72.74
CA ILE F 200 2.73 -21.41 73.42
C ILE F 200 2.35 -22.78 72.87
N ALA F 201 2.90 -23.20 71.73
CA ALA F 201 2.65 -24.51 71.17
C ALA F 201 3.82 -25.47 71.32
N LEU F 202 5.03 -24.98 71.53
CA LEU F 202 6.17 -25.85 71.80
C LEU F 202 6.14 -26.36 73.24
N PRO F 203 5.83 -25.52 74.25
CA PRO F 203 5.71 -26.08 75.61
C PRO F 203 4.64 -27.14 75.75
N SER F 204 3.47 -26.94 75.12
CA SER F 204 2.39 -27.92 75.23
C SER F 204 2.78 -29.24 74.59
N LEU F 205 3.30 -29.20 73.37
CA LEU F 205 3.74 -30.43 72.71
C LEU F 205 4.90 -31.07 73.45
N LEU F 206 5.76 -30.25 74.07
CA LEU F 206 6.86 -30.78 74.87
C LEU F 206 6.36 -31.56 76.06
N ASP F 207 5.44 -30.96 76.84
CA ASP F 207 4.87 -31.65 77.98
C ASP F 207 4.10 -32.90 77.55
N MET F 208 3.43 -32.84 76.39
CA MET F 208 2.74 -34.02 75.88
C MET F 208 3.72 -35.13 75.53
N ALA F 209 4.86 -34.78 74.94
CA ALA F 209 5.87 -35.79 74.64
C ALA F 209 6.57 -36.29 75.89
N LYS F 210 6.52 -35.51 76.98
CA LYS F 210 7.23 -35.90 78.20
C LYS F 210 6.62 -37.15 78.83
N ASP F 211 5.29 -37.22 78.89
CA ASP F 211 4.63 -38.35 79.54
C ASP F 211 4.97 -39.67 78.86
N LEU F 212 5.06 -39.67 77.53
CA LEU F 212 5.44 -40.87 76.79
C LEU F 212 6.94 -41.08 76.91
N ASP F 213 7.40 -42.26 76.52
CA ASP F 213 8.82 -42.61 76.69
C ASP F 213 9.69 -41.86 75.69
N LEU F 214 10.04 -40.61 76.01
CA LEU F 214 10.87 -39.78 75.14
C LEU F 214 12.06 -39.29 75.94
N ASP F 215 13.26 -39.53 75.42
CA ASP F 215 14.50 -39.06 76.03
C ASP F 215 15.07 -37.92 75.21
N ILE F 216 14.90 -36.70 75.70
CA ILE F 216 15.40 -35.50 75.02
C ILE F 216 16.06 -34.59 76.05
N PRO F 217 16.88 -33.63 75.64
CA PRO F 217 17.50 -32.72 76.62
C PRO F 217 16.52 -31.74 77.23
N TYR F 218 15.78 -32.16 78.25
CA TYR F 218 14.84 -31.27 78.92
C TYR F 218 15.56 -30.14 79.65
N ASP F 219 16.89 -30.25 79.81
CA ASP F 219 17.66 -29.25 80.55
C ASP F 219 18.22 -28.18 79.61
N GLU F 220 17.34 -27.30 79.14
CA GLU F 220 17.78 -26.18 78.33
C GLU F 220 17.89 -24.93 79.20
N PRO F 221 19.09 -24.35 79.33
CA PRO F 221 19.24 -23.19 80.22
C PRO F 221 18.54 -21.93 79.71
N ALA F 222 18.05 -21.96 78.47
CA ALA F 222 17.37 -20.83 77.88
C ALA F 222 15.90 -21.07 77.61
N LEU F 223 15.36 -22.24 77.98
CA LEU F 223 13.97 -22.54 77.72
C LEU F 223 13.05 -21.67 78.57
N LYS F 224 13.58 -21.13 79.67
CA LYS F 224 12.81 -20.23 80.52
C LYS F 224 12.42 -18.95 79.79
N ALA F 225 13.11 -18.63 78.69
CA ALA F 225 12.72 -17.49 77.86
C ALA F 225 11.30 -17.63 77.33
N ILE F 226 11.02 -18.70 76.57
CA ILE F 226 9.66 -18.93 76.12
C ILE F 226 8.77 -19.43 77.26
N TYR F 227 9.35 -19.91 78.35
CA TYR F 227 8.53 -20.19 79.53
C TYR F 227 8.16 -18.92 80.29
N ALA F 228 8.89 -17.82 80.10
CA ALA F 228 8.52 -16.56 80.74
C ALA F 228 7.85 -15.61 79.77
N GLU F 229 8.02 -15.83 78.47
CA GLU F 229 7.38 -15.01 77.44
C GLU F 229 5.91 -15.36 77.24
N ARG F 230 5.41 -16.37 77.93
CA ARG F 230 4.03 -16.80 77.80
C ARG F 230 3.06 -16.02 78.67
N GLU F 231 3.51 -15.57 79.85
CA GLU F 231 2.63 -14.78 80.71
C GLU F 231 2.24 -13.45 80.06
N ARG F 232 3.16 -12.82 79.32
CA ARG F 232 2.82 -11.62 78.57
C ARG F 232 1.77 -11.87 77.48
N LYS F 233 1.96 -12.91 76.66
CA LYS F 233 1.00 -13.24 75.63
C LYS F 233 -0.35 -13.65 76.21
N LEU F 234 -0.36 -14.26 77.39
CA LEU F 234 -1.63 -14.64 78.01
C LEU F 234 -2.33 -13.44 78.63
N ALA F 235 -1.56 -12.53 79.25
CA ALA F 235 -2.16 -11.31 79.78
C ALA F 235 -2.68 -10.41 78.67
N LYS F 236 -2.04 -10.45 77.49
CA LYS F 236 -2.50 -9.66 76.35
C LYS F 236 -3.91 -10.08 75.94
N ILE F 237 -4.16 -11.38 75.92
CA ILE F 237 -5.49 -11.91 75.62
C ILE F 237 -5.93 -12.83 76.76
N PRO F 238 -6.62 -12.30 77.76
CA PRO F 238 -7.10 -13.16 78.85
C PRO F 238 -8.21 -14.09 78.41
N ARG F 239 -8.70 -14.88 79.36
CA ARG F 239 -9.71 -15.88 79.05
C ARG F 239 -11.08 -15.26 78.80
N ASP F 240 -11.44 -14.22 79.56
CA ASP F 240 -12.79 -13.65 79.47
C ASP F 240 -13.07 -13.10 78.07
N VAL F 241 -12.04 -12.56 77.41
CA VAL F 241 -12.23 -12.05 76.05
C VAL F 241 -11.98 -13.13 75.00
N LEU F 242 -11.14 -14.13 75.29
CA LEU F 242 -10.90 -15.22 74.35
C LEU F 242 -12.18 -15.97 74.01
N HIS F 243 -13.09 -16.06 74.97
CA HIS F 243 -14.38 -16.71 74.76
C HIS F 243 -15.49 -15.73 74.38
N SER F 244 -15.14 -14.48 74.06
CA SER F 244 -16.12 -13.45 73.72
C SER F 244 -16.04 -13.03 72.26
N MET F 245 -14.88 -12.59 71.80
CA MET F 245 -14.72 -12.14 70.42
C MET F 245 -13.63 -12.96 69.74
N PRO F 246 -13.78 -13.26 68.45
CA PRO F 246 -12.75 -14.00 67.73
C PRO F 246 -11.41 -13.26 67.77
N THR F 247 -10.34 -14.03 67.82
CA THR F 247 -8.99 -13.47 67.93
C THR F 247 -8.02 -14.46 67.32
N THR F 248 -6.84 -13.95 66.94
CA THR F 248 -5.83 -14.76 66.27
C THR F 248 -5.38 -15.96 67.10
N LEU F 249 -5.66 -15.96 68.41
CA LEU F 249 -5.26 -17.09 69.25
C LEU F 249 -5.92 -18.38 68.81
N LEU F 250 -7.11 -18.30 68.20
CA LEU F 250 -7.79 -19.50 67.72
C LEU F 250 -6.97 -20.26 66.68
N HIS F 251 -5.99 -19.61 66.06
CA HIS F 251 -5.14 -20.30 65.11
C HIS F 251 -4.27 -21.35 65.79
N SER F 252 -4.04 -21.21 67.09
CA SER F 252 -3.21 -22.15 67.85
C SER F 252 -3.92 -22.43 69.17
N LEU F 253 -4.75 -23.47 69.19
CA LEU F 253 -5.48 -23.88 70.39
C LEU F 253 -4.91 -25.16 70.99
N GLU F 254 -3.69 -25.55 70.60
CA GLU F 254 -3.07 -26.76 71.11
C GLU F 254 -2.61 -26.64 72.56
N GLY F 255 -2.54 -25.43 73.10
CA GLY F 255 -2.08 -25.25 74.46
C GLY F 255 -3.08 -24.51 75.33
N MET F 256 -4.32 -24.43 74.87
CA MET F 256 -5.40 -23.76 75.60
C MET F 256 -6.23 -24.83 76.30
N VAL F 257 -6.27 -24.74 77.63
CA VAL F 257 -6.99 -25.72 78.44
C VAL F 257 -8.07 -25.02 79.25
N ASP F 258 -8.79 -25.78 80.07
CA ASP F 258 -9.92 -25.30 80.88
C ASP F 258 -10.81 -24.34 80.10
N LEU F 259 -11.07 -24.67 78.83
CA LEU F 259 -11.88 -23.83 77.97
C LEU F 259 -13.35 -24.23 78.04
N ASP F 260 -14.20 -23.44 77.38
CA ASP F 260 -15.63 -23.69 77.30
C ASP F 260 -15.94 -24.03 75.84
N TRP F 261 -16.10 -25.34 75.57
CA TRP F 261 -16.27 -25.77 74.19
C TRP F 261 -17.52 -25.18 73.56
N GLU F 262 -18.61 -25.09 74.33
CA GLU F 262 -19.88 -24.59 73.80
C GLU F 262 -19.75 -23.21 73.19
N LYS F 263 -18.92 -22.34 73.77
CA LYS F 263 -18.72 -21.01 73.23
C LYS F 263 -17.75 -20.99 72.06
N LEU F 264 -16.70 -21.80 72.10
CA LEU F 264 -15.75 -21.84 71.01
C LEU F 264 -16.36 -22.47 69.75
N LEU F 265 -17.44 -23.24 69.91
CA LEU F 265 -18.09 -23.82 68.74
C LEU F 265 -18.87 -22.77 67.95
N LYS F 266 -19.30 -21.70 68.61
CA LYS F 266 -20.06 -20.65 67.94
C LYS F 266 -19.19 -19.44 67.58
N LEU F 267 -17.87 -19.58 67.61
CA LEU F 267 -16.94 -18.53 67.21
C LEU F 267 -16.11 -18.96 66.00
N ARG F 268 -16.78 -19.58 65.02
CA ARG F 268 -16.13 -20.16 63.86
C ARG F 268 -16.53 -19.41 62.59
N CYS F 269 -15.73 -19.62 61.54
CA CYS F 269 -16.03 -19.03 60.25
C CYS F 269 -17.13 -19.83 59.55
N LEU F 270 -17.35 -19.51 58.27
CA LEU F 270 -18.42 -20.17 57.52
C LEU F 270 -18.04 -21.58 57.11
N ASP F 271 -16.79 -21.80 56.72
CA ASP F 271 -16.32 -23.11 56.27
C ASP F 271 -16.32 -24.15 57.38
N GLY F 272 -16.37 -23.73 58.64
CA GLY F 272 -16.32 -24.65 59.75
C GLY F 272 -14.93 -24.97 60.25
N SER F 273 -13.97 -24.09 60.02
CA SER F 273 -12.60 -24.31 60.47
C SER F 273 -12.21 -23.24 61.48
N PHE F 274 -11.25 -23.56 62.34
CA PHE F 274 -10.75 -22.63 63.35
C PHE F 274 -9.62 -21.80 62.76
N HIS F 275 -9.97 -20.60 62.28
CA HIS F 275 -9.02 -19.65 61.72
C HIS F 275 -8.20 -20.26 60.59
N CYS F 276 -8.85 -21.14 59.82
CA CYS F 276 -8.24 -21.77 58.65
C CYS F 276 -6.99 -22.57 59.01
N SER F 277 -6.97 -23.18 60.20
CA SER F 277 -5.84 -23.97 60.63
C SER F 277 -6.29 -25.41 60.87
N PRO F 278 -5.73 -26.39 60.16
CA PRO F 278 -6.20 -27.77 60.34
C PRO F 278 -5.82 -28.38 61.69
N ALA F 279 -4.75 -27.90 62.32
CA ALA F 279 -4.36 -28.44 63.61
C ALA F 279 -5.42 -28.17 64.68
N SER F 280 -5.89 -26.93 64.76
CA SER F 280 -6.91 -26.59 65.75
C SER F 280 -8.23 -27.29 65.44
N THR F 281 -8.58 -27.39 64.17
CA THR F 281 -9.79 -28.10 63.79
C THR F 281 -9.72 -29.58 64.17
N ALA F 282 -8.57 -30.23 63.94
CA ALA F 282 -8.39 -31.61 64.36
C ALA F 282 -8.50 -31.74 65.88
N THR F 283 -7.84 -30.85 66.61
CA THR F 283 -7.92 -30.89 68.07
C THR F 283 -9.35 -30.71 68.55
N ALA F 284 -10.13 -29.92 67.84
CA ALA F 284 -11.51 -29.68 68.24
C ALA F 284 -12.42 -30.86 67.90
N PHE F 285 -12.16 -31.54 66.79
CA PHE F 285 -13.04 -32.63 66.36
C PHE F 285 -12.97 -33.81 67.31
N GLN F 286 -11.76 -34.22 67.70
CA GLN F 286 -11.61 -35.37 68.58
C GLN F 286 -12.20 -35.14 69.97
N GLN F 287 -12.36 -33.90 70.40
CA GLN F 287 -12.97 -33.60 71.69
C GLN F 287 -14.46 -33.30 71.59
N THR F 288 -14.98 -33.04 70.40
CA THR F 288 -16.42 -32.82 70.22
C THR F 288 -16.76 -33.17 68.78
N GLY F 289 -17.65 -34.13 68.59
CA GLY F 289 -17.90 -34.71 67.29
C GLY F 289 -18.74 -33.88 66.33
N ASP F 290 -18.21 -32.74 65.89
CA ASP F 290 -18.87 -31.94 64.85
C ASP F 290 -18.46 -32.49 63.49
N GLN F 291 -19.45 -32.94 62.72
CA GLN F 291 -19.17 -33.51 61.40
C GLN F 291 -18.61 -32.49 60.41
N LYS F 292 -18.86 -31.19 60.61
CA LYS F 292 -18.32 -30.19 59.71
C LYS F 292 -16.80 -30.21 59.70
N CYS F 293 -16.19 -30.27 60.89
CA CYS F 293 -14.75 -30.38 60.97
C CYS F 293 -14.23 -31.61 60.25
N PHE F 294 -14.93 -32.74 60.41
CA PHE F 294 -14.47 -33.98 59.80
C PHE F 294 -14.55 -33.92 58.29
N GLU F 295 -15.65 -33.39 57.74
CA GLU F 295 -15.75 -33.31 56.29
C GLU F 295 -14.75 -32.30 55.72
N TYR F 296 -14.51 -31.20 56.44
CA TYR F 296 -13.47 -30.26 56.03
C TYR F 296 -12.12 -30.95 55.96
N LEU F 297 -11.73 -31.64 57.03
CA LEU F 297 -10.44 -32.31 57.06
C LEU F 297 -10.36 -33.40 56.00
N ASP F 298 -11.47 -34.09 55.74
CA ASP F 298 -11.47 -35.14 54.71
C ASP F 298 -11.24 -34.55 53.33
N GLY F 299 -11.94 -33.45 53.02
CA GLY F 299 -11.69 -32.77 51.75
C GLY F 299 -10.24 -32.32 51.62
N ILE F 300 -9.69 -31.76 52.69
CA ILE F 300 -8.31 -31.31 52.66
C ILE F 300 -7.37 -32.48 52.37
N VAL F 301 -7.54 -33.59 53.09
CA VAL F 301 -6.59 -34.68 52.95
C VAL F 301 -6.72 -35.41 51.62
N LYS F 302 -7.92 -35.53 51.07
CA LYS F 302 -8.04 -36.21 49.78
C LYS F 302 -7.76 -35.29 48.60
N LYS F 303 -7.83 -33.97 48.79
CA LYS F 303 -7.51 -33.08 47.69
C LYS F 303 -6.00 -32.99 47.42
N PHE F 304 -5.18 -33.30 48.42
CA PHE F 304 -3.73 -33.17 48.31
C PHE F 304 -3.03 -34.52 48.24
N ASN F 305 -3.76 -35.59 47.94
CA ASN F 305 -3.21 -36.95 47.84
C ASN F 305 -2.53 -37.36 49.14
N GLY F 306 -3.00 -36.84 50.27
CA GLY F 306 -2.39 -37.12 51.55
C GLY F 306 -1.40 -36.05 51.96
N GLY F 307 -1.66 -35.39 53.09
CA GLY F 307 -0.81 -34.31 53.55
C GLY F 307 -1.54 -32.98 53.64
N VAL F 308 -1.62 -32.43 54.85
CA VAL F 308 -2.35 -31.19 55.09
C VAL F 308 -1.39 -30.01 55.04
N PRO F 309 -1.81 -28.88 54.47
CA PRO F 309 -0.97 -27.69 54.45
C PRO F 309 -0.98 -26.96 55.78
N CYS F 310 -0.20 -25.88 55.84
CA CYS F 310 -0.14 -25.07 57.05
C CYS F 310 -1.40 -24.24 57.23
N ILE F 311 -1.83 -23.54 56.18
CA ILE F 311 -3.03 -22.70 56.23
C ILE F 311 -3.82 -22.93 54.95
N TYR F 312 -5.15 -22.93 55.07
CA TYR F 312 -6.01 -23.19 53.93
C TYR F 312 -7.43 -22.75 54.24
N PRO F 313 -8.13 -22.07 53.32
CA PRO F 313 -7.66 -21.68 51.98
C PRO F 313 -7.02 -20.29 51.95
N LEU F 314 -6.52 -19.91 50.78
CA LEU F 314 -5.82 -18.64 50.57
C LEU F 314 -6.32 -17.97 49.29
N ASP F 315 -7.64 -17.86 49.17
CA ASP F 315 -8.25 -17.47 47.89
C ASP F 315 -7.92 -16.03 47.53
N VAL F 316 -7.94 -15.11 48.50
CA VAL F 316 -7.82 -13.69 48.19
C VAL F 316 -6.36 -13.22 48.31
N TYR F 317 -5.56 -13.91 49.10
CA TYR F 317 -4.18 -13.49 49.34
C TYR F 317 -3.32 -13.64 48.09
N GLU F 318 -3.31 -14.86 47.53
CA GLU F 318 -2.42 -15.16 46.41
C GLU F 318 -2.74 -14.29 45.21
N ARG F 319 -4.03 -14.03 44.97
CA ARG F 319 -4.42 -13.18 43.85
C ARG F 319 -3.81 -11.79 43.97
N LEU F 320 -3.99 -11.15 45.13
CA LEU F 320 -3.49 -9.81 45.33
C LEU F 320 -1.97 -9.77 45.20
N TRP F 321 -1.27 -10.69 45.85
CA TRP F 321 0.19 -10.61 45.80
C TRP F 321 0.73 -10.97 44.42
N ALA F 322 0.07 -11.88 43.69
CA ALA F 322 0.52 -12.22 42.36
C ALA F 322 0.30 -11.07 41.39
N VAL F 323 -0.85 -10.38 41.49
CA VAL F 323 -1.07 -9.25 40.59
C VAL F 323 -0.15 -8.09 40.95
N ASP F 324 0.19 -7.94 42.23
CA ASP F 324 1.16 -6.91 42.60
C ASP F 324 2.53 -7.22 42.02
N ARG F 325 2.99 -8.46 42.14
CA ARG F 325 4.26 -8.84 41.54
C ARG F 325 4.24 -8.70 40.03
N LEU F 326 3.12 -9.01 39.38
CA LEU F 326 3.05 -8.87 37.93
C LEU F 326 3.05 -7.41 37.51
N THR F 327 2.46 -6.54 38.32
CA THR F 327 2.53 -5.11 38.05
C THR F 327 3.98 -4.61 38.18
N ARG F 328 4.65 -4.97 39.28
CA ARG F 328 5.97 -4.43 39.53
C ARG F 328 7.05 -5.02 38.63
N LEU F 329 6.88 -6.26 38.14
CA LEU F 329 7.86 -6.85 37.25
C LEU F 329 7.85 -6.27 35.84
N GLY F 330 6.78 -5.59 35.45
CA GLY F 330 6.76 -4.92 34.16
C GLY F 330 6.19 -5.72 33.01
N ILE F 331 5.28 -6.64 33.29
CA ILE F 331 4.59 -7.37 32.23
C ILE F 331 3.09 -7.30 32.51
N SER F 332 2.66 -6.26 33.23
CA SER F 332 1.29 -6.20 33.70
C SER F 332 0.28 -6.04 32.56
N ARG F 333 0.70 -5.47 31.43
CA ARG F 333 -0.26 -5.22 30.36
C ARG F 333 -0.49 -6.46 29.51
N HIS F 334 0.37 -7.48 29.65
CA HIS F 334 0.23 -8.70 28.86
C HIS F 334 -0.96 -9.55 29.30
N PHE F 335 -1.54 -9.30 30.48
CA PHE F 335 -2.54 -10.20 31.05
C PHE F 335 -3.78 -9.45 31.52
N THR F 336 -4.15 -8.37 30.84
CA THR F 336 -5.28 -7.55 31.29
C THR F 336 -6.56 -8.37 31.39
N SER F 337 -6.77 -9.28 30.43
CA SER F 337 -7.98 -10.10 30.43
C SER F 337 -8.11 -10.96 31.68
N GLU F 338 -6.98 -11.33 32.30
CA GLU F 338 -7.01 -12.12 33.53
C GLU F 338 -7.00 -11.23 34.76
N ILE F 339 -6.27 -10.10 34.70
CA ILE F 339 -6.22 -9.18 35.83
C ILE F 339 -7.61 -8.61 36.09
N GLU F 340 -8.42 -8.45 35.04
CA GLU F 340 -9.77 -7.93 35.22
C GLU F 340 -10.59 -8.83 36.13
N ASP F 341 -10.72 -10.12 35.81
CA ASP F 341 -11.53 -11.00 36.64
C ASP F 341 -10.82 -11.35 37.94
N CYS F 342 -9.49 -11.19 37.99
CA CYS F 342 -8.79 -11.36 39.27
C CYS F 342 -9.17 -10.27 40.25
N LEU F 343 -9.25 -9.02 39.79
CA LEU F 343 -9.64 -7.92 40.67
C LEU F 343 -11.15 -7.89 40.89
N ASP F 344 -11.92 -8.42 39.93
CA ASP F 344 -13.37 -8.49 40.10
C ASP F 344 -13.74 -9.33 41.32
N TYR F 345 -13.03 -10.43 41.55
CA TYR F 345 -13.29 -11.25 42.72
C TYR F 345 -13.01 -10.47 44.00
N ILE F 346 -11.93 -9.71 44.03
CA ILE F 346 -11.59 -8.93 45.23
C ILE F 346 -12.64 -7.85 45.47
N PHE F 347 -13.16 -7.27 44.39
CA PHE F 347 -14.16 -6.22 44.55
C PHE F 347 -15.51 -6.79 44.99
N ARG F 348 -15.86 -7.98 44.51
CA ARG F 348 -17.13 -8.58 44.89
C ARG F 348 -17.19 -8.89 46.38
N ASN F 349 -16.04 -9.08 47.01
CA ASN F 349 -15.98 -9.46 48.42
C ASN F 349 -15.40 -8.35 49.29
N TRP F 350 -15.52 -7.10 48.87
CA TRP F 350 -15.04 -5.98 49.66
C TRP F 350 -15.97 -5.77 50.86
N THR F 351 -15.44 -6.03 52.05
CA THR F 351 -16.22 -5.97 53.28
C THR F 351 -16.06 -4.62 53.94
N PRO F 352 -17.15 -3.99 54.40
CA PRO F 352 -17.04 -2.66 55.01
C PRO F 352 -16.25 -2.62 56.31
N ASP F 353 -15.67 -3.74 56.75
CA ASP F 353 -14.85 -3.77 57.96
C ASP F 353 -13.43 -4.21 57.66
N GLY F 354 -12.95 -4.00 56.43
CA GLY F 354 -11.60 -4.38 56.07
C GLY F 354 -11.52 -5.75 55.43
N LEU F 355 -10.56 -5.92 54.51
CA LEU F 355 -10.38 -7.21 53.87
C LEU F 355 -9.69 -8.18 54.82
N ALA F 356 -9.75 -9.47 54.50
CA ALA F 356 -9.16 -10.52 55.31
C ALA F 356 -8.21 -11.36 54.47
N HIS F 357 -7.54 -12.30 55.14
CA HIS F 357 -6.63 -13.19 54.44
C HIS F 357 -7.37 -14.20 53.58
N THR F 358 -8.66 -14.42 53.83
CA THR F 358 -9.52 -15.20 52.96
C THR F 358 -10.91 -14.60 52.99
N LYS F 359 -11.79 -15.13 52.13
CA LYS F 359 -13.09 -14.50 51.92
C LYS F 359 -14.05 -14.69 53.08
N ASN F 360 -13.74 -15.58 54.05
CA ASN F 360 -14.67 -15.90 55.11
C ASN F 360 -14.09 -15.86 56.52
N CYS F 361 -12.79 -15.65 56.68
CA CYS F 361 -12.21 -15.57 58.01
C CYS F 361 -12.70 -14.31 58.72
N PRO F 362 -13.22 -14.42 59.94
CA PRO F 362 -13.86 -13.26 60.58
C PRO F 362 -12.89 -12.16 60.99
N VAL F 363 -11.62 -12.48 61.25
CA VAL F 363 -10.67 -11.45 61.67
C VAL F 363 -9.97 -10.88 60.45
N LYS F 364 -9.73 -9.58 60.46
CA LYS F 364 -9.17 -8.86 59.32
C LYS F 364 -7.70 -8.53 59.59
N ASP F 365 -7.00 -8.09 58.55
CA ASP F 365 -5.59 -7.71 58.64
C ASP F 365 -5.45 -6.26 58.20
N ILE F 366 -4.25 -5.73 58.37
CA ILE F 366 -3.94 -4.37 57.96
C ILE F 366 -3.16 -4.35 56.65
N ALA F 367 -2.20 -5.25 56.48
CA ALA F 367 -1.42 -5.30 55.25
C ALA F 367 -2.30 -5.67 54.06
N ASP F 368 -3.12 -6.71 54.22
CA ASP F 368 -4.02 -7.11 53.15
C ASP F 368 -5.00 -6.00 52.79
N THR F 369 -5.60 -5.36 53.80
CA THR F 369 -6.58 -4.31 53.53
C THR F 369 -5.94 -3.16 52.77
N ALA F 370 -4.80 -2.66 53.26
CA ALA F 370 -4.15 -1.53 52.61
C ALA F 370 -3.70 -1.89 51.20
N MET F 371 -3.06 -3.04 51.02
CA MET F 371 -2.58 -3.43 49.69
C MET F 371 -3.75 -3.60 48.74
N GLY F 372 -4.84 -4.21 49.19
CA GLY F 372 -6.00 -4.37 48.32
C GLY F 372 -6.63 -3.05 47.95
N PHE F 373 -6.79 -2.15 48.92
CA PHE F 373 -7.34 -0.82 48.61
C PHE F 373 -6.48 -0.09 47.60
N ARG F 374 -5.16 -0.10 47.79
CA ARG F 374 -4.26 0.56 46.84
C ARG F 374 -4.40 -0.05 45.45
N LEU F 375 -4.14 -1.35 45.33
CA LEU F 375 -4.14 -2.00 44.03
C LEU F 375 -5.52 -1.98 43.38
N LEU F 376 -6.58 -1.74 44.14
CA LEU F 376 -7.93 -1.69 43.58
C LEU F 376 -8.31 -0.28 43.14
N ARG F 377 -7.81 0.75 43.81
CA ARG F 377 -8.07 2.11 43.35
C ARG F 377 -7.25 2.43 42.11
N LEU F 378 -6.05 1.86 42.00
CA LEU F 378 -5.16 2.17 40.88
C LEU F 378 -5.69 1.68 39.55
N TYR F 379 -6.69 0.80 39.55
CA TYR F 379 -7.21 0.22 38.31
C TYR F 379 -8.57 0.77 37.92
N GLY F 380 -9.08 1.78 38.62
CA GLY F 380 -10.33 2.40 38.23
C GLY F 380 -11.56 1.79 38.88
N TYR F 381 -11.54 1.71 40.21
CA TYR F 381 -12.68 1.22 40.99
C TYR F 381 -12.99 2.23 42.08
N GLN F 382 -14.26 2.62 42.20
CA GLN F 382 -14.66 3.58 43.21
C GLN F 382 -14.61 2.91 44.58
N VAL F 383 -13.54 3.18 45.32
CA VAL F 383 -13.34 2.64 46.65
C VAL F 383 -13.25 3.82 47.62
N ASP F 384 -13.30 3.52 48.92
CA ASP F 384 -13.21 4.56 49.92
C ASP F 384 -12.29 4.07 51.03
N PRO F 385 -11.33 4.88 51.46
CA PRO F 385 -10.36 4.44 52.47
C PRO F 385 -10.81 4.62 53.92
N CYS F 386 -12.09 4.86 54.17
CA CYS F 386 -12.58 4.97 55.55
C CYS F 386 -12.40 3.67 56.33
N VAL F 387 -12.21 2.55 55.64
CA VAL F 387 -12.05 1.27 56.31
C VAL F 387 -10.75 1.16 57.10
N LEU F 388 -9.83 2.11 56.91
CA LEU F 388 -8.60 2.13 57.69
C LEU F 388 -8.80 2.69 59.09
N LYS F 389 -10.01 3.14 59.44
CA LYS F 389 -10.23 3.74 60.74
C LYS F 389 -10.43 2.70 61.84
N LYS F 390 -10.76 1.45 61.48
CA LYS F 390 -10.95 0.40 62.46
C LYS F 390 -9.65 -0.13 63.04
N PHE F 391 -8.52 0.53 62.76
CA PHE F 391 -7.23 0.09 63.27
C PHE F 391 -6.52 1.13 64.13
N GLU F 392 -7.04 2.35 64.22
CA GLU F 392 -6.37 3.41 64.95
C GLU F 392 -6.51 3.21 66.45
N LYS F 393 -5.48 3.62 67.19
CA LYS F 393 -5.52 3.59 68.66
C LYS F 393 -4.53 4.64 69.16
N ASP F 394 -5.06 5.71 69.78
CA ASP F 394 -4.31 6.80 70.41
C ASP F 394 -3.03 7.14 69.63
N GLY F 395 -3.21 7.34 68.32
CA GLY F 395 -2.12 7.70 67.44
C GLY F 395 -1.25 6.56 66.95
N LYS F 396 -1.35 5.38 67.56
CA LYS F 396 -0.58 4.22 67.15
C LYS F 396 -1.45 3.31 66.29
N PHE F 397 -0.80 2.55 65.42
CA PHE F 397 -1.47 1.64 64.50
C PHE F 397 -1.23 0.20 64.91
N PHE F 398 -2.09 -0.68 64.41
CA PHE F 398 -2.05 -2.09 64.73
C PHE F 398 -1.44 -2.90 63.60
N CYS F 399 -1.22 -4.18 63.89
CA CYS F 399 -1.05 -5.21 62.88
C CYS F 399 -2.14 -6.27 62.98
N LEU F 400 -2.39 -6.78 64.19
CA LEU F 400 -3.55 -7.58 64.52
C LEU F 400 -4.10 -7.08 65.85
N HIS F 401 -5.31 -7.51 66.20
CA HIS F 401 -5.91 -7.15 67.47
C HIS F 401 -5.23 -7.96 68.57
N GLY F 402 -4.27 -7.32 69.24
CA GLY F 402 -3.47 -8.00 70.23
C GLY F 402 -2.19 -8.56 69.62
N GLU F 403 -1.06 -8.27 70.23
CA GLU F 403 0.24 -8.65 69.70
C GLU F 403 1.27 -8.50 70.80
N SER F 404 2.49 -8.97 70.52
CA SER F 404 3.59 -8.92 71.49
C SER F 404 4.68 -7.95 71.08
N ASN F 405 5.20 -8.10 69.86
CA ASN F 405 6.33 -7.30 69.39
C ASN F 405 5.98 -6.56 68.11
N PRO F 406 6.35 -5.28 68.02
CA PRO F 406 6.07 -4.48 66.81
C PRO F 406 7.22 -4.55 65.79
N SER F 407 7.56 -5.77 65.38
CA SER F 407 8.64 -5.99 64.43
C SER F 407 8.14 -6.12 62.99
N SER F 408 6.89 -5.72 62.73
CA SER F 408 6.30 -5.85 61.39
C SER F 408 6.67 -4.63 60.57
N VAL F 409 7.58 -4.80 59.61
CA VAL F 409 7.93 -3.72 58.70
C VAL F 409 7.16 -3.83 57.38
N THR F 410 6.79 -5.05 56.99
CA THR F 410 6.06 -5.23 55.73
C THR F 410 4.69 -4.55 55.73
N PRO F 411 3.83 -4.73 56.74
CA PRO F 411 2.53 -4.05 56.67
C PRO F 411 2.64 -2.53 56.70
N MET F 412 3.57 -1.98 57.47
CA MET F 412 3.74 -0.53 57.52
C MET F 412 4.26 0.00 56.19
N TYR F 413 5.27 -0.66 55.61
CA TYR F 413 5.74 -0.30 54.29
C TYR F 413 4.62 -0.35 53.26
N ASN F 414 3.78 -1.38 53.33
CA ASN F 414 2.72 -1.54 52.34
C ASN F 414 1.65 -0.48 52.50
N THR F 415 1.28 -0.15 53.74
CA THR F 415 0.28 0.89 53.92
C THR F 415 0.85 2.28 53.62
N TYR F 416 2.16 2.47 53.76
CA TYR F 416 2.78 3.68 53.26
C TYR F 416 2.63 3.79 51.75
N ARG F 417 3.02 2.74 51.02
CA ARG F 417 2.82 2.73 49.57
C ARG F 417 1.37 2.97 49.21
N ALA F 418 0.44 2.45 50.01
CA ALA F 418 -0.99 2.64 49.74
C ALA F 418 -1.45 4.05 50.08
N SER F 419 -0.79 4.73 51.00
CA SER F 419 -1.13 6.10 51.36
C SER F 419 -0.41 7.13 50.50
N GLN F 420 0.52 6.71 49.64
CA GLN F 420 1.15 7.64 48.71
C GLN F 420 0.10 8.37 47.86
N LEU F 421 -0.83 7.62 47.27
CA LEU F 421 -1.84 8.20 46.39
C LEU F 421 -3.14 8.41 47.15
N LYS F 422 -3.71 9.60 47.00
CA LYS F 422 -4.95 9.95 47.71
C LYS F 422 -5.65 11.07 46.94
N PHE F 423 -6.97 11.21 47.21
CA PHE F 423 -7.85 12.18 46.58
C PHE F 423 -8.19 13.31 47.54
N PRO F 424 -8.71 14.44 47.04
CA PRO F 424 -9.11 15.53 47.95
C PRO F 424 -10.41 15.27 48.69
N GLY F 425 -11.14 14.21 48.36
CA GLY F 425 -12.37 13.89 49.04
C GLY F 425 -12.27 12.84 50.11
N ASP F 426 -11.06 12.36 50.42
CA ASP F 426 -10.85 11.34 51.42
C ASP F 426 -11.02 11.92 52.82
N ASP F 427 -10.86 11.06 53.82
CA ASP F 427 -10.94 11.48 55.21
C ASP F 427 -9.54 11.72 55.77
N GLY F 428 -9.50 12.26 56.98
CA GLY F 428 -8.26 12.63 57.64
C GLY F 428 -7.44 11.49 58.19
N VAL F 429 -7.70 10.26 57.78
CA VAL F 429 -6.94 9.12 58.30
C VAL F 429 -5.68 8.89 57.47
N LEU F 430 -5.70 9.25 56.18
CA LEU F 430 -4.57 8.96 55.30
C LEU F 430 -3.32 9.72 55.73
N GLY F 431 -3.46 11.00 56.04
CA GLY F 431 -2.30 11.77 56.47
C GLY F 431 -1.77 11.29 57.81
N ARG F 432 -2.66 11.01 58.77
CA ARG F 432 -2.24 10.51 60.06
C ARG F 432 -1.52 9.17 59.92
N ALA F 433 -1.92 8.37 58.94
CA ALA F 433 -1.25 7.10 58.70
C ALA F 433 0.10 7.32 58.04
N GLU F 434 0.17 8.23 57.07
CA GLU F 434 1.40 8.40 56.31
C GLU F 434 2.50 9.00 57.17
N VAL F 435 2.16 9.95 58.05
CA VAL F 435 3.18 10.55 58.91
C VAL F 435 3.75 9.50 59.85
N PHE F 436 2.88 8.64 60.40
CA PHE F 436 3.34 7.63 61.33
C PHE F 436 4.18 6.56 60.64
N CYS F 437 3.78 6.13 59.45
CA CYS F 437 4.57 5.13 58.72
C CYS F 437 5.92 5.72 58.31
N ARG F 438 5.94 6.98 57.87
CA ARG F 438 7.21 7.61 57.55
C ARG F 438 8.12 7.67 58.78
N SER F 439 7.58 8.08 59.92
CA SER F 439 8.37 8.13 61.15
C SER F 439 8.91 6.75 61.50
N PHE F 440 8.06 5.73 61.46
CA PHE F 440 8.47 4.39 61.88
C PHE F 440 9.54 3.83 60.94
N LEU F 441 9.34 3.98 59.62
CA LEU F 441 10.31 3.46 58.67
C LEU F 441 11.65 4.19 58.80
N GLN F 442 11.61 5.52 58.89
CA GLN F 442 12.86 6.27 59.02
C GLN F 442 13.57 5.94 60.33
N ASP F 443 12.81 5.70 61.40
CA ASP F 443 13.41 5.31 62.67
C ASP F 443 14.10 3.95 62.56
N ARG F 444 13.38 2.95 62.04
CA ARG F 444 13.97 1.61 61.91
C ARG F 444 15.11 1.57 60.91
N ARG F 445 15.16 2.49 59.95
CA ARG F 445 16.31 2.54 59.05
C ARG F 445 17.51 3.18 59.73
N GLY F 446 17.29 3.93 60.81
CA GLY F 446 18.37 4.52 61.57
C GLY F 446 19.10 3.51 62.44
N SER F 447 18.90 2.23 62.15
CA SER F 447 19.55 1.15 62.87
C SER F 447 19.75 0.00 61.88
N ASN F 448 20.03 -1.19 62.42
CA ASN F 448 20.17 -2.39 61.59
C ASN F 448 19.16 -3.44 62.01
N ARG F 449 17.93 -3.01 62.32
CA ARG F 449 16.84 -3.91 62.70
C ARG F 449 15.83 -4.10 61.57
N MET F 450 16.30 -4.12 60.33
CA MET F 450 15.42 -4.25 59.17
C MET F 450 14.85 -5.66 59.02
N LYS F 451 15.12 -6.57 59.95
CA LYS F 451 14.56 -7.91 59.88
C LYS F 451 13.08 -7.88 60.23
N ASP F 452 12.27 -8.51 59.39
CA ASP F 452 10.82 -8.54 59.58
C ASP F 452 10.43 -9.79 60.37
N LYS F 453 9.11 -10.06 60.42
CA LYS F 453 8.60 -11.23 61.11
C LYS F 453 7.50 -11.91 60.31
N TRP F 454 7.46 -11.69 59.00
CA TRP F 454 6.45 -12.31 58.15
C TRP F 454 6.99 -12.97 56.89
N ALA F 455 8.16 -12.56 56.39
CA ALA F 455 8.66 -13.11 55.13
C ALA F 455 10.18 -12.98 55.12
N ILE F 456 10.78 -13.37 54.00
CA ILE F 456 12.22 -13.23 53.76
C ILE F 456 12.42 -12.97 52.28
N ALA F 457 13.10 -11.86 51.97
CA ALA F 457 13.28 -11.44 50.59
C ALA F 457 14.75 -11.18 50.30
N LYS F 458 15.05 -10.96 49.01
CA LYS F 458 16.43 -10.71 48.60
C LYS F 458 16.98 -9.43 49.22
N ASP F 459 16.24 -8.33 49.10
CA ASP F 459 16.72 -7.05 49.61
C ASP F 459 15.49 -6.22 50.00
N ILE F 460 15.19 -6.20 51.29
CA ILE F 460 14.12 -5.36 51.84
C ILE F 460 14.60 -3.92 52.01
N PRO F 461 15.81 -3.67 52.54
CA PRO F 461 16.24 -2.26 52.70
C PRO F 461 16.16 -1.45 51.42
N GLY F 462 16.64 -1.97 50.29
CA GLY F 462 16.62 -1.20 49.06
C GLY F 462 15.23 -0.81 48.61
N GLU F 463 14.26 -1.71 48.77
CA GLU F 463 12.89 -1.42 48.37
C GLU F 463 12.31 -0.30 49.21
N VAL F 464 12.54 -0.33 50.52
CA VAL F 464 12.06 0.74 51.39
C VAL F 464 12.75 2.05 51.04
N GLU F 465 14.07 2.01 50.81
CA GLU F 465 14.81 3.21 50.44
C GLU F 465 14.22 3.84 49.17
N TYR F 466 13.92 3.02 48.17
CA TYR F 466 13.30 3.55 46.96
C TYR F 466 11.93 4.14 47.26
N ALA F 467 11.04 3.34 47.85
CA ALA F 467 9.67 3.80 48.07
C ALA F 467 9.59 4.98 49.02
N MET F 468 10.67 5.30 49.75
CA MET F 468 10.68 6.45 50.64
C MET F 468 11.45 7.65 50.08
N ASP F 469 12.37 7.43 49.15
CA ASP F 469 13.17 8.52 48.63
C ASP F 469 12.62 9.10 47.34
N TYR F 470 11.71 8.39 46.68
CA TYR F 470 11.06 8.87 45.47
C TYR F 470 9.55 8.81 45.63
N PRO F 471 8.87 9.94 45.74
CA PRO F 471 7.40 9.92 45.87
C PRO F 471 6.74 9.41 44.61
N TRP F 472 5.41 9.31 44.65
CA TRP F 472 4.66 8.83 43.50
C TRP F 472 4.77 9.80 42.32
N LYS F 473 4.68 11.10 42.59
CA LYS F 473 4.68 12.07 41.51
C LYS F 473 6.06 12.36 40.96
N ALA F 474 7.07 11.56 41.30
CA ALA F 474 8.40 11.69 40.71
C ALA F 474 8.98 10.31 40.42
N SER F 475 8.11 9.35 40.14
CA SER F 475 8.50 7.96 39.94
C SER F 475 8.13 7.52 38.53
N LEU F 476 9.14 7.30 37.71
CA LEU F 476 8.82 6.75 36.40
C LEU F 476 8.71 5.23 36.47
N PRO F 477 7.75 4.64 35.76
CA PRO F 477 7.52 3.19 35.88
C PRO F 477 8.73 2.35 35.53
N ARG F 478 9.31 2.54 34.34
CA ARG F 478 10.37 1.67 33.90
C ARG F 478 11.62 1.79 34.77
N ILE F 479 11.85 2.96 35.36
CA ILE F 479 12.99 3.12 36.28
C ILE F 479 12.81 2.19 37.48
N GLU F 480 11.64 2.23 38.12
CA GLU F 480 11.37 1.35 39.25
C GLU F 480 11.42 -0.10 38.84
N THR F 481 10.91 -0.42 37.64
CA THR F 481 10.96 -1.81 37.17
C THR F 481 12.40 -2.30 37.08
N ARG F 482 13.28 -1.52 36.44
CA ARG F 482 14.67 -1.92 36.33
C ARG F 482 15.33 -2.02 37.70
N LEU F 483 15.04 -1.07 38.60
CA LEU F 483 15.60 -1.15 39.95
C LEU F 483 15.00 -2.29 40.76
N TYR F 484 13.95 -2.94 40.26
CA TYR F 484 13.34 -4.04 40.99
C TYR F 484 13.88 -5.41 40.60
N LEU F 485 14.45 -5.55 39.40
CA LEU F 485 15.00 -6.84 39.00
C LEU F 485 16.21 -7.25 39.82
N ASP F 486 16.80 -6.31 40.57
CA ASP F 486 17.87 -6.64 41.51
C ASP F 486 17.35 -6.78 42.92
N GLN F 487 16.05 -7.07 43.07
CA GLN F 487 15.45 -7.19 44.38
C GLN F 487 14.45 -8.34 44.48
N TYR F 488 14.35 -9.20 43.47
CA TYR F 488 13.41 -10.30 43.50
C TYR F 488 14.10 -11.56 44.02
N GLY F 489 13.30 -12.54 44.44
CA GLY F 489 13.84 -13.72 45.10
C GLY F 489 13.78 -14.98 44.28
N GLY F 490 12.79 -15.09 43.40
CA GLY F 490 12.62 -16.30 42.61
C GLY F 490 12.13 -17.48 43.41
N SER F 491 12.99 -18.48 43.58
CA SER F 491 12.65 -19.67 44.35
C SER F 491 13.37 -19.74 45.69
N GLY F 492 14.25 -18.79 46.00
CA GLY F 492 14.93 -18.78 47.27
C GLY F 492 14.22 -17.96 48.32
N ASP F 493 12.90 -18.06 48.37
CA ASP F 493 12.09 -17.34 49.32
C ASP F 493 11.40 -18.31 50.28
N VAL F 494 10.97 -17.77 51.42
CA VAL F 494 10.22 -18.54 52.41
C VAL F 494 9.17 -17.60 53.00
N TRP F 495 8.26 -18.17 53.79
CA TRP F 495 7.20 -17.40 54.43
C TRP F 495 6.92 -18.02 55.79
N ILE F 496 6.99 -17.19 56.84
CA ILE F 496 6.90 -17.68 58.22
C ILE F 496 5.43 -17.87 58.57
N GLY F 497 5.03 -19.13 58.75
CA GLY F 497 3.71 -19.45 59.26
C GLY F 497 3.83 -20.19 60.58
N LYS F 498 3.15 -21.35 60.71
CA LYS F 498 3.41 -22.22 61.84
C LYS F 498 4.67 -23.04 61.63
N VAL F 499 4.97 -23.38 60.38
CA VAL F 499 6.28 -23.87 59.97
C VAL F 499 6.67 -23.13 58.70
N LEU F 500 7.95 -23.17 58.37
CA LEU F 500 8.46 -22.48 57.19
C LEU F 500 7.87 -23.12 55.94
N HIS F 501 6.93 -22.43 55.30
CA HIS F 501 6.24 -22.93 54.12
C HIS F 501 6.46 -21.99 52.95
N ARG F 502 6.65 -22.57 51.76
CA ARG F 502 6.89 -21.81 50.55
C ARG F 502 5.62 -21.74 49.71
N MET F 503 5.38 -20.56 49.13
CA MET F 503 4.31 -20.37 48.16
C MET F 503 4.88 -20.43 46.75
N THR F 504 4.03 -20.84 45.81
CA THR F 504 4.48 -21.15 44.46
C THR F 504 3.91 -20.24 43.39
N LEU F 505 2.65 -19.83 43.52
CA LEU F 505 2.00 -19.12 42.41
C LEU F 505 2.63 -17.76 42.15
N PHE F 506 3.27 -17.15 43.15
CA PHE F 506 3.90 -15.85 42.96
C PHE F 506 5.34 -15.83 43.46
N CYS F 507 5.97 -16.99 43.62
CA CYS F 507 7.39 -17.08 43.97
C CYS F 507 7.97 -18.26 43.21
N ASN F 508 8.49 -18.00 42.01
CA ASN F 508 9.12 -19.03 41.20
C ASN F 508 10.15 -18.36 40.30
N ASP F 509 10.70 -19.12 39.35
CA ASP F 509 11.79 -18.63 38.50
C ASP F 509 11.37 -18.44 37.05
N LEU F 510 10.09 -18.19 36.79
CA LEU F 510 9.64 -17.91 35.42
C LEU F 510 9.41 -16.43 35.20
N TYR F 511 8.85 -15.75 36.23
CA TYR F 511 8.64 -14.31 36.15
C TYR F 511 9.92 -13.58 35.81
N LEU F 512 11.02 -13.96 36.47
CA LEU F 512 12.30 -13.30 36.24
C LEU F 512 12.77 -13.50 34.80
N LYS F 513 12.63 -14.73 34.28
CA LYS F 513 13.03 -15.01 32.91
C LYS F 513 12.26 -14.15 31.92
N ALA F 514 10.92 -14.15 32.03
CA ALA F 514 10.11 -13.37 31.10
C ALA F 514 10.41 -11.88 31.20
N ALA F 515 10.54 -11.37 32.43
CA ALA F 515 10.82 -9.95 32.61
C ALA F 515 12.16 -9.57 31.99
N LYS F 516 13.19 -10.38 32.20
CA LYS F 516 14.51 -10.05 31.68
C LYS F 516 14.54 -10.13 30.16
N ALA F 517 13.82 -11.09 29.57
CA ALA F 517 13.74 -11.16 28.11
C ALA F 517 13.08 -9.91 27.54
N ASP F 518 11.90 -9.56 28.07
CA ASP F 518 11.22 -8.35 27.61
C ASP F 518 12.09 -7.12 27.77
N PHE F 519 12.80 -7.03 28.89
CA PHE F 519 13.62 -5.86 29.16
C PHE F 519 14.80 -5.76 28.20
N SER F 520 15.43 -6.89 27.86
CA SER F 520 16.50 -6.88 26.88
C SER F 520 15.99 -6.45 25.50
N ASN F 521 14.82 -6.94 25.12
CA ASN F 521 14.23 -6.49 23.85
C ASN F 521 14.01 -4.97 23.85
N PHE F 522 13.46 -4.45 24.95
CA PHE F 522 13.24 -3.01 25.06
C PHE F 522 14.56 -2.25 24.97
N GLN F 523 15.62 -2.77 25.59
CA GLN F 523 16.91 -2.11 25.53
C GLN F 523 17.43 -2.04 24.10
N LYS F 524 17.36 -3.15 23.37
CA LYS F 524 17.83 -3.16 21.99
C LYS F 524 17.07 -2.14 21.15
N GLU F 525 15.73 -2.13 21.28
CA GLU F 525 14.93 -1.19 20.50
C GLU F 525 15.28 0.25 20.85
N CYS F 526 15.46 0.54 22.14
CA CYS F 526 15.79 1.90 22.54
C CYS F 526 17.15 2.32 22.00
N ARG F 527 18.12 1.41 22.00
CA ARG F 527 19.44 1.75 21.43
C ARG F 527 19.32 2.11 19.95
N VAL F 528 18.58 1.30 19.18
CA VAL F 528 18.44 1.59 17.76
C VAL F 528 17.75 2.93 17.54
N GLU F 529 16.68 3.19 18.29
CA GLU F 529 15.96 4.46 18.12
C GLU F 529 16.83 5.64 18.52
N LEU F 530 17.68 5.48 19.53
CA LEU F 530 18.57 6.56 19.93
C LEU F 530 19.61 6.84 18.85
N ASN F 531 20.11 5.80 18.20
CA ASN F 531 21.01 6.01 17.07
C ASN F 531 20.31 6.81 15.98
N GLY F 532 19.06 6.44 15.66
CA GLY F 532 18.30 7.19 14.68
C GLY F 532 18.12 8.65 15.06
N LEU F 533 17.80 8.92 16.33
CA LEU F 533 17.67 10.29 16.80
C LEU F 533 18.99 11.05 16.68
N ARG F 534 20.12 10.42 17.00
CA ARG F 534 21.40 11.07 16.81
C ARG F 534 21.59 11.50 15.36
N ARG F 535 21.33 10.58 14.42
CA ARG F 535 21.50 10.91 13.01
C ARG F 535 20.60 12.07 12.59
N TRP F 536 19.32 12.03 12.99
CA TRP F 536 18.40 13.09 12.59
C TRP F 536 18.79 14.43 13.22
N TYR F 537 19.18 14.42 14.49
CA TYR F 537 19.56 15.66 15.16
C TYR F 537 20.78 16.29 14.52
N LEU F 538 21.74 15.46 14.09
CA LEU F 538 22.92 16.02 13.46
C LEU F 538 22.62 16.55 12.06
N ARG F 539 21.96 15.74 11.23
CA ARG F 539 21.78 16.13 9.82
C ARG F 539 20.87 17.34 9.67
N SER F 540 20.02 17.62 10.66
CA SER F 540 19.05 18.70 10.53
C SER F 540 19.61 20.06 10.94
N ASN F 541 20.84 20.13 11.42
CA ASN F 541 21.52 21.39 11.73
C ASN F 541 20.73 22.22 12.74
N LEU F 542 20.59 21.67 13.95
CA LEU F 542 20.00 22.39 15.05
C LEU F 542 21.01 22.85 16.09
N GLU F 543 22.21 22.26 16.10
CA GLU F 543 23.24 22.64 17.06
C GLU F 543 23.78 24.05 16.85
N LYS F 544 23.33 24.74 15.80
CA LYS F 544 23.77 26.12 15.57
C LYS F 544 23.30 27.02 16.71
N PHE F 545 22.00 27.00 16.99
CA PHE F 545 21.41 27.77 18.09
C PHE F 545 20.72 26.84 19.09
N GLY F 546 21.39 25.73 19.42
CA GLY F 546 20.83 24.77 20.34
C GLY F 546 21.38 24.92 21.74
N GLY F 547 21.33 23.84 22.52
CA GLY F 547 21.77 23.91 23.90
C GLY F 547 23.27 24.13 24.02
N THR F 548 23.72 24.25 25.27
CA THR F 548 25.14 24.45 25.53
C THR F 548 25.93 23.15 25.35
N ASP F 549 25.33 22.02 25.69
CA ASP F 549 25.94 20.70 25.47
C ASP F 549 24.90 19.83 24.77
N PRO F 550 25.10 19.52 23.49
CA PRO F 550 24.03 18.87 22.73
C PRO F 550 23.80 17.41 23.10
N GLN F 551 24.87 16.65 23.36
CA GLN F 551 24.72 15.21 23.54
C GLN F 551 23.94 14.87 24.80
N THR F 552 24.30 15.51 25.93
CA THR F 552 23.57 15.25 27.16
C THR F 552 22.12 15.71 27.05
N THR F 553 21.88 16.80 26.31
CA THR F 553 20.51 17.27 26.14
C THR F 553 19.67 16.28 25.34
N LEU F 554 20.20 15.79 24.22
CA LEU F 554 19.51 14.77 23.44
C LEU F 554 19.27 13.52 24.28
N MET F 555 20.29 13.11 25.05
CA MET F 555 20.16 11.92 25.89
C MET F 555 19.01 12.06 26.88
N THR F 556 19.00 13.16 27.64
CA THR F 556 17.96 13.31 28.66
C THR F 556 16.59 13.50 28.02
N SER F 557 16.51 14.23 26.91
CA SER F 557 15.23 14.48 26.27
C SER F 557 14.68 13.25 25.57
N TYR F 558 15.51 12.25 25.28
CA TYR F 558 14.96 10.99 24.81
C TYR F 558 14.66 10.03 25.95
N PHE F 559 15.47 10.04 27.01
CA PHE F 559 15.23 9.14 28.12
C PHE F 559 13.96 9.51 28.87
N LEU F 560 13.68 10.80 29.03
CA LEU F 560 12.47 11.21 29.74
C LEU F 560 11.20 10.83 29.00
N ALA F 561 11.31 10.44 27.73
CA ALA F 561 10.15 10.02 26.95
C ALA F 561 10.10 8.52 26.74
N SER F 562 11.26 7.87 26.67
CA SER F 562 11.30 6.43 26.46
C SER F 562 11.04 5.62 27.73
N ALA F 563 10.81 6.29 28.87
CA ALA F 563 10.53 5.61 30.12
C ALA F 563 9.05 5.59 30.48
N ASN F 564 8.19 6.18 29.66
CA ASN F 564 6.75 6.18 29.89
C ASN F 564 5.99 5.49 28.78
N ILE F 565 6.25 5.84 27.53
CA ILE F 565 5.64 5.15 26.38
C ILE F 565 6.63 4.07 25.96
N PHE F 566 6.50 2.89 26.57
CA PHE F 566 7.48 1.83 26.41
C PHE F 566 6.88 0.55 25.82
N GLU F 567 5.80 0.66 25.05
CA GLU F 567 5.25 -0.51 24.39
C GLU F 567 6.07 -0.87 23.16
N ALA F 568 5.56 -1.83 22.40
CA ALA F 568 6.30 -2.34 21.24
C ALA F 568 5.95 -1.61 19.96
N ASN F 569 4.67 -1.42 19.67
CA ASN F 569 4.22 -0.80 18.43
C ASN F 569 3.89 0.68 18.59
N ARG F 570 4.52 1.37 19.54
CA ARG F 570 4.21 2.78 19.78
C ARG F 570 5.45 3.64 19.62
N ALA F 571 6.23 3.41 18.56
CA ALA F 571 7.41 4.23 18.32
C ALA F 571 7.06 5.63 17.86
N ALA F 572 6.02 5.77 17.03
CA ALA F 572 5.63 7.05 16.46
C ALA F 572 5.10 8.03 17.50
N GLU F 573 5.08 7.65 18.77
CA GLU F 573 4.69 8.56 19.85
C GLU F 573 5.91 9.10 20.59
N ARG F 574 6.79 8.22 21.08
CA ARG F 574 7.98 8.68 21.78
C ARG F 574 8.96 9.36 20.82
N LEU F 575 8.99 8.94 19.55
CA LEU F 575 9.83 9.65 18.60
C LEU F 575 9.37 11.09 18.40
N GLY F 576 8.06 11.28 18.21
CA GLY F 576 7.53 12.63 18.12
C GLY F 576 7.75 13.42 19.40
N TRP F 577 7.62 12.77 20.55
CA TRP F 577 7.91 13.42 21.82
C TRP F 577 9.33 13.97 21.83
N ALA F 578 10.31 13.13 21.47
CA ALA F 578 11.70 13.60 21.42
C ALA F 578 11.87 14.75 20.44
N ARG F 579 11.29 14.63 19.24
CA ARG F 579 11.43 15.68 18.24
C ARG F 579 10.91 17.01 18.74
N VAL F 580 9.69 17.03 19.26
CA VAL F 580 9.09 18.30 19.69
C VAL F 580 9.81 18.84 20.92
N ALA F 581 10.22 17.96 21.84
CA ALA F 581 10.92 18.43 23.03
C ALA F 581 12.30 18.97 22.73
N LEU F 582 12.91 18.56 21.61
CA LEU F 582 14.17 19.15 21.19
C LEU F 582 13.98 20.46 20.43
N LEU F 583 13.00 20.52 19.53
CA LEU F 583 12.72 21.75 18.82
C LEU F 583 12.33 22.87 19.79
N ALA F 584 11.48 22.56 20.76
CA ALA F 584 11.05 23.57 21.73
C ALA F 584 12.24 24.07 22.55
N ASP F 585 13.13 23.17 22.95
CA ASP F 585 14.30 23.58 23.73
C ASP F 585 15.21 24.49 22.91
N ALA F 586 15.46 24.12 21.64
CA ALA F 586 16.31 24.96 20.79
C ALA F 586 15.69 26.35 20.61
N VAL F 587 14.40 26.40 20.32
CA VAL F 587 13.75 27.69 20.08
C VAL F 587 13.75 28.53 21.37
N SER F 588 13.50 27.90 22.51
CA SER F 588 13.48 28.63 23.77
C SER F 588 14.85 29.18 24.12
N SER F 589 15.91 28.40 23.85
CA SER F 589 17.25 28.92 24.07
C SER F 589 17.56 30.10 23.15
N HIS F 590 17.18 29.99 21.87
CA HIS F 590 17.42 31.10 20.95
C HIS F 590 16.66 32.35 21.39
N PHE F 591 15.47 32.17 21.97
CA PHE F 591 14.73 33.34 22.47
C PHE F 591 15.34 33.89 23.75
N ARG F 592 15.93 33.02 24.57
CA ARG F 592 16.51 33.48 25.82
C ARG F 592 17.86 34.18 25.60
N ARG F 593 18.52 33.90 24.48
CA ARG F 593 19.81 34.54 24.24
C ARG F 593 19.66 35.93 23.63
N ILE F 594 18.81 36.07 22.61
CA ILE F 594 18.76 37.32 21.86
C ILE F 594 18.12 38.45 22.67
N GLY F 595 17.35 38.14 23.70
CA GLY F 595 16.75 39.16 24.56
C GLY F 595 15.24 39.19 24.56
N GLY F 596 14.57 38.46 23.67
CA GLY F 596 13.13 38.46 23.65
C GLY F 596 12.56 38.42 22.25
N PRO F 597 11.25 38.13 22.13
CA PRO F 597 10.63 38.04 20.81
C PRO F 597 10.35 39.38 20.15
N LYS F 598 10.64 40.50 20.81
CA LYS F 598 10.32 41.79 20.22
C LYS F 598 11.34 42.20 19.17
N ASN F 599 12.59 41.78 19.33
CA ASN F 599 13.68 42.16 18.43
C ASN F 599 14.28 40.92 17.78
N SER F 600 13.43 40.01 17.32
CA SER F 600 13.84 38.83 16.58
C SER F 600 13.33 38.96 15.15
N THR F 601 14.24 39.31 14.24
CA THR F 601 13.85 39.54 12.85
C THR F 601 13.61 38.25 12.08
N SER F 602 14.19 37.14 12.50
CA SER F 602 13.99 35.88 11.82
C SER F 602 12.57 35.37 12.06
N ASN F 603 12.17 34.37 11.27
CA ASN F 603 10.87 33.73 11.41
C ASN F 603 11.08 32.28 11.86
N LEU F 604 10.44 31.89 12.96
CA LEU F 604 10.66 30.57 13.53
C LEU F 604 9.55 29.58 13.19
N GLU F 605 8.49 30.02 12.50
CA GLU F 605 7.37 29.13 12.22
C GLU F 605 7.78 27.98 11.31
N GLU F 606 8.75 28.19 10.43
CA GLU F 606 9.10 27.18 9.44
C GLU F 606 9.97 26.07 10.01
N LEU F 607 10.33 26.12 11.29
CA LEU F 607 11.19 25.07 11.86
C LEU F 607 10.43 23.77 12.03
N ILE F 608 9.10 23.81 12.10
CA ILE F 608 8.31 22.61 12.32
C ILE F 608 8.27 21.70 11.10
N SER F 609 8.63 22.22 9.93
CA SER F 609 8.65 21.38 8.74
C SER F 609 9.82 20.40 8.74
N LEU F 610 10.78 20.57 9.65
CA LEU F 610 11.92 19.67 9.71
C LEU F 610 11.54 18.27 10.19
N VAL F 611 10.43 18.13 10.90
CA VAL F 611 9.92 16.81 11.24
C VAL F 611 9.54 16.07 9.96
N PRO F 612 9.83 14.78 9.82
CA PRO F 612 9.48 14.06 8.59
C PRO F 612 8.01 14.18 8.26
N PHE F 613 7.72 14.50 7.00
CA PHE F 613 6.36 14.71 6.54
C PHE F 613 5.56 13.40 6.60
N ASP F 614 4.25 13.55 6.74
CA ASP F 614 3.33 12.42 6.69
C ASP F 614 1.96 12.99 6.29
N ASP F 615 0.92 12.17 6.40
CA ASP F 615 -0.42 12.57 5.99
C ASP F 615 -1.34 12.85 7.17
N ALA F 616 -1.23 12.10 8.26
CA ALA F 616 -2.08 12.29 9.43
C ALA F 616 -1.37 12.99 10.58
N TYR F 617 -0.13 13.44 10.39
CA TYR F 617 0.66 14.00 11.48
C TYR F 617 0.89 15.50 11.31
N SER F 618 1.45 15.93 10.18
CA SER F 618 1.93 17.31 10.08
C SER F 618 0.79 18.32 10.04
N GLY F 619 -0.38 17.92 9.54
CA GLY F 619 -1.48 18.86 9.37
C GLY F 619 -1.88 19.54 10.66
N SER F 620 -1.82 18.81 11.77
CA SER F 620 -2.16 19.38 13.07
C SER F 620 -0.94 19.85 13.85
N LEU F 621 0.23 19.25 13.59
CA LEU F 621 1.46 19.75 14.20
C LEU F 621 1.74 21.19 13.79
N ARG F 622 1.45 21.53 12.54
CA ARG F 622 1.56 22.93 12.10
C ARG F 622 0.77 23.86 13.01
N GLU F 623 -0.50 23.51 13.25
CA GLU F 623 -1.35 24.38 14.07
C GLU F 623 -0.89 24.42 15.51
N ALA F 624 -0.49 23.27 16.06
CA ALA F 624 -0.03 23.25 17.45
C ALA F 624 1.22 24.11 17.62
N TRP F 625 2.17 24.02 16.70
CA TRP F 625 3.38 24.83 16.81
C TRP F 625 3.07 26.31 16.62
N LYS F 626 2.16 26.64 15.70
CA LYS F 626 1.76 28.03 15.53
C LYS F 626 1.14 28.59 16.82
N GLN F 627 0.28 27.80 17.47
CA GLN F 627 -0.34 28.26 18.71
C GLN F 627 0.70 28.44 19.80
N TRP F 628 1.66 27.51 19.91
CA TRP F 628 2.71 27.66 20.91
C TRP F 628 3.52 28.92 20.68
N LEU F 629 3.85 29.21 19.43
CA LEU F 629 4.65 30.41 19.14
C LEU F 629 3.84 31.67 19.40
N MET F 630 2.55 31.65 19.11
CA MET F 630 1.70 32.80 19.44
C MET F 630 1.60 32.99 20.94
N ALA F 631 1.59 31.91 21.71
CA ALA F 631 1.57 32.03 23.17
C ALA F 631 2.90 32.55 23.68
N TRP F 632 3.98 32.23 22.98
CA TRP F 632 5.27 32.88 23.29
C TRP F 632 5.18 34.39 23.09
N THR F 633 4.77 34.82 21.90
CA THR F 633 4.77 36.25 21.62
C THR F 633 3.63 36.99 22.32
N ALA F 634 2.74 36.29 23.02
CA ALA F 634 1.66 36.95 23.75
C ALA F 634 1.97 37.15 25.23
N LYS F 635 3.07 36.57 25.73
CA LYS F 635 3.44 36.72 27.14
C LYS F 635 4.90 37.18 27.26
N GLU F 636 5.28 38.20 26.50
CA GLU F 636 6.66 38.65 26.46
C GLU F 636 6.98 39.70 27.50
N SER F 637 5.98 40.38 28.05
CA SER F 637 6.19 41.44 29.04
C SER F 637 5.42 41.16 30.33
N SER F 638 5.37 39.90 30.75
CA SER F 638 4.72 39.51 31.98
C SER F 638 5.68 38.66 32.81
N GLN F 639 5.43 38.63 34.12
CA GLN F 639 6.29 37.92 35.06
C GLN F 639 5.89 36.46 35.24
N GLU F 640 5.02 35.95 34.38
CA GLU F 640 4.60 34.56 34.46
C GLU F 640 5.47 33.70 33.56
N SER F 641 5.81 32.50 34.03
CA SER F 641 6.63 31.59 33.25
C SER F 641 5.82 30.99 32.10
N ILE F 642 6.52 30.34 31.18
CA ILE F 642 5.90 29.84 29.95
C ILE F 642 6.07 28.33 29.85
N GLU F 643 6.14 27.65 30.98
CA GLU F 643 6.27 26.19 30.95
C GLU F 643 4.94 25.50 30.69
N GLY F 644 3.84 26.10 31.14
CA GLY F 644 2.53 25.52 30.89
C GLY F 644 2.24 25.38 29.41
N ASP F 645 2.66 26.37 28.62
CA ASP F 645 2.43 26.32 27.18
C ASP F 645 3.22 25.18 26.54
N THR F 646 4.47 24.97 26.98
CA THR F 646 5.24 23.85 26.45
C THR F 646 4.63 22.51 26.86
N ALA F 647 4.10 22.43 28.08
CA ALA F 647 3.44 21.19 28.49
C ALA F 647 2.20 20.91 27.65
N ILE F 648 1.41 21.95 27.37
CA ILE F 648 0.22 21.78 26.53
C ILE F 648 0.63 21.39 25.12
N LEU F 649 1.72 21.97 24.61
CA LEU F 649 2.21 21.60 23.30
C LEU F 649 2.61 20.14 23.24
N LEU F 650 3.34 19.67 24.25
CA LEU F 650 3.74 18.26 24.28
C LEU F 650 2.53 17.34 24.35
N VAL F 651 1.54 17.69 25.17
CA VAL F 651 0.35 16.85 25.27
C VAL F 651 -0.39 16.79 23.95
N ARG F 652 -0.56 17.94 23.29
CA ARG F 652 -1.26 17.96 22.00
C ARG F 652 -0.48 17.18 20.94
N ALA F 653 0.86 17.26 20.98
CA ALA F 653 1.65 16.54 20.00
C ALA F 653 1.56 15.03 20.20
N ILE F 654 1.59 14.57 21.46
CA ILE F 654 1.42 13.15 21.73
C ILE F 654 0.05 12.68 21.27
N GLU F 655 -0.99 13.46 21.58
CA GLU F 655 -2.34 13.07 21.20
C GLU F 655 -2.49 13.03 19.68
N ILE F 656 -1.80 13.92 18.98
CA ILE F 656 -1.88 13.93 17.52
C ILE F 656 -1.15 12.73 16.92
N PHE F 657 0.08 12.48 17.39
CA PHE F 657 0.84 11.34 16.90
C PHE F 657 0.12 10.02 17.17
N GLY F 658 -0.59 9.92 18.30
CA GLY F 658 -1.30 8.70 18.60
C GLY F 658 -2.47 8.42 17.68
N GLY F 659 -3.13 9.46 17.18
CA GLY F 659 -4.27 9.27 16.30
C GLY F 659 -5.58 9.06 17.02
N ARG F 660 -5.83 9.82 18.07
CA ARG F 660 -7.04 9.68 18.88
C ARG F 660 -7.76 11.03 18.91
N HIS F 661 -8.95 11.08 18.34
CA HIS F 661 -9.76 12.30 18.37
C HIS F 661 -10.42 12.42 19.74
N VAL F 662 -11.28 13.43 19.89
CA VAL F 662 -12.10 13.60 21.10
C VAL F 662 -13.49 14.02 20.65
N LEU F 663 -14.49 13.28 21.09
CA LEU F 663 -15.87 13.50 20.64
C LEU F 663 -16.34 14.83 21.23
N THR F 664 -16.24 15.89 20.43
CA THR F 664 -16.55 17.25 20.86
C THR F 664 -18.04 17.56 20.84
N GLY F 665 -18.88 16.61 20.44
CA GLY F 665 -20.31 16.86 20.39
C GLY F 665 -20.93 17.03 21.76
N GLN F 666 -20.88 15.98 22.58
CA GLN F 666 -21.47 16.03 23.90
C GLN F 666 -20.59 16.81 24.86
N ARG F 667 -21.27 17.59 25.71
CA ARG F 667 -20.66 18.56 26.66
C ARG F 667 -19.67 17.92 27.66
N PRO F 668 -19.93 16.76 28.31
CA PRO F 668 -19.04 16.29 29.38
C PRO F 668 -17.61 16.05 28.93
N ASP F 669 -17.40 15.54 27.71
CA ASP F 669 -16.04 15.33 27.23
C ASP F 669 -15.30 16.64 27.06
N LEU F 670 -15.98 17.64 26.49
CA LEU F 670 -15.40 18.97 26.36
C LEU F 670 -14.98 19.53 27.72
N TRP F 671 -15.88 19.45 28.71
CA TRP F 671 -15.56 20.00 30.02
C TRP F 671 -14.42 19.23 30.68
N GLU F 672 -14.41 17.90 30.56
CA GLU F 672 -13.33 17.11 31.12
C GLU F 672 -11.99 17.50 30.51
N TYR F 673 -11.94 17.63 29.19
CA TYR F 673 -10.69 17.99 28.53
C TYR F 673 -10.22 19.38 28.96
N SER F 674 -11.14 20.34 29.04
CA SER F 674 -10.77 21.68 29.49
C SER F 674 -10.20 21.66 30.90
N GLN F 675 -10.86 20.93 31.82
CA GLN F 675 -10.38 20.84 33.18
C GLN F 675 -8.99 20.23 33.25
N LEU F 676 -8.77 19.14 32.50
CA LEU F 676 -7.46 18.49 32.52
C LEU F 676 -6.36 19.42 32.00
N GLU F 677 -6.63 20.14 30.91
CA GLU F 677 -5.61 21.04 30.37
C GLU F 677 -5.31 22.18 31.33
N GLN F 678 -6.33 22.78 31.93
CA GLN F 678 -6.10 23.83 32.91
C GLN F 678 -5.26 23.32 34.07
N LEU F 679 -5.58 22.12 34.57
CA LEU F 679 -4.84 21.56 35.70
C LEU F 679 -3.37 21.36 35.36
N THR F 680 -3.08 20.74 34.21
CA THR F 680 -1.68 20.47 33.88
C THR F 680 -0.91 21.76 33.64
N SER F 681 -1.56 22.76 33.04
CA SER F 681 -0.89 24.04 32.84
C SER F 681 -0.53 24.70 34.17
N SER F 682 -1.49 24.76 35.10
CA SER F 682 -1.21 25.36 36.39
C SER F 682 -0.11 24.60 37.13
N ILE F 683 -0.14 23.27 37.07
CA ILE F 683 0.86 22.47 37.78
C ILE F 683 2.25 22.77 37.23
N CYS F 684 2.40 22.80 35.91
CA CYS F 684 3.71 23.04 35.33
C CYS F 684 4.20 24.46 35.65
N CYS F 685 3.29 25.43 35.67
CA CYS F 685 3.69 26.79 36.05
C CYS F 685 4.22 26.82 37.48
N LYS F 686 3.51 26.16 38.41
CA LYS F 686 3.97 26.11 39.79
C LYS F 686 5.33 25.44 39.90
N LEU F 687 5.53 24.33 39.18
CA LEU F 687 6.83 23.67 39.20
C LEU F 687 7.93 24.60 38.70
N SER F 688 7.68 25.33 37.61
CA SER F 688 8.68 26.26 37.12
C SER F 688 9.01 27.32 38.15
N ARG F 689 7.99 27.85 38.84
CA ARG F 689 8.26 28.87 39.86
C ARG F 689 9.08 28.30 41.01
N ARG F 690 8.77 27.08 41.43
CA ARG F 690 9.55 26.46 42.51
C ARG F 690 11.00 26.25 42.09
N VAL F 691 11.20 25.76 40.86
CA VAL F 691 12.55 25.52 40.37
C VAL F 691 13.33 26.81 40.29
N LEU F 692 12.67 27.90 39.88
CA LEU F 692 13.33 29.20 39.85
C LEU F 692 13.72 29.65 41.26
N ALA F 693 12.79 29.56 42.21
CA ALA F 693 13.06 30.06 43.55
C ALA F 693 14.04 29.20 44.31
N GLN F 694 14.24 27.95 43.88
CA GLN F 694 15.12 27.04 44.62
C GLN F 694 16.56 27.55 44.65
N GLU F 695 17.19 27.65 43.48
CA GLU F 695 18.63 27.94 43.44
C GLU F 695 18.91 29.37 43.91
N ASN F 696 17.94 30.27 43.74
CA ASN F 696 18.13 31.66 44.17
C ASN F 696 18.26 31.73 45.69
N GLY F 697 18.72 32.88 46.17
CA GLY F 697 18.94 33.08 47.59
C GLY F 697 17.67 33.30 48.37
N GLU F 698 16.86 32.26 48.49
CA GLU F 698 15.59 32.32 49.21
C GLU F 698 15.64 31.40 50.42
N SER F 699 14.69 31.62 51.34
CA SER F 699 14.63 30.86 52.59
C SER F 699 14.06 29.47 52.31
N THR F 700 13.80 28.71 53.38
CA THR F 700 13.34 27.34 53.27
C THR F 700 11.86 27.19 53.65
N GLU F 701 11.08 28.25 53.54
CA GLU F 701 9.65 28.21 53.84
C GLU F 701 8.78 28.41 52.61
N LYS F 702 9.10 29.39 51.78
CA LYS F 702 8.37 29.60 50.53
C LYS F 702 8.42 28.35 49.66
N VAL F 703 9.56 27.66 49.67
CA VAL F 703 9.67 26.40 48.93
C VAL F 703 8.65 25.39 49.44
N GLU F 704 8.47 25.31 50.76
CA GLU F 704 7.50 24.38 51.32
C GLU F 704 6.08 24.80 50.95
N GLU F 705 5.80 26.10 50.93
CA GLU F 705 4.49 26.57 50.50
C GLU F 705 4.20 26.13 49.06
N ILE F 706 5.14 26.39 48.15
CA ILE F 706 4.95 26.03 46.75
C ILE F 706 4.81 24.52 46.61
N ASP F 707 5.56 23.75 47.40
CA ASP F 707 5.47 22.30 47.34
C ASP F 707 4.11 21.82 47.81
N GLN F 708 3.56 22.44 48.86
CA GLN F 708 2.23 22.06 49.33
C GLN F 708 1.17 22.34 48.26
N GLN F 709 1.24 23.51 47.63
CA GLN F 709 0.28 23.83 46.57
C GLN F 709 0.43 22.86 45.39
N VAL F 710 1.68 22.55 45.02
CA VAL F 710 1.92 21.59 43.95
C VAL F 710 1.32 20.24 44.28
N ASP F 711 1.47 19.80 45.54
CA ASP F 711 0.93 18.51 45.93
C ASP F 711 -0.59 18.50 45.90
N LEU F 712 -1.22 19.59 46.34
CA LEU F 712 -2.67 19.69 46.24
C LEU F 712 -3.14 19.57 44.79
N GLU F 713 -2.52 20.34 43.89
CA GLU F 713 -2.91 20.28 42.49
C GLU F 713 -2.66 18.90 41.90
N MET F 714 -1.55 18.26 42.27
CA MET F 714 -1.23 16.94 41.75
C MET F 714 -2.23 15.90 42.24
N GLN F 715 -2.67 16.00 43.49
CA GLN F 715 -3.64 15.03 44.00
C GLN F 715 -5.00 15.24 43.34
N GLU F 716 -5.36 16.49 43.04
CA GLU F 716 -6.59 16.70 42.27
C GLU F 716 -6.46 16.12 40.87
N LEU F 717 -5.30 16.28 40.25
CA LEU F 717 -5.10 15.74 38.90
C LEU F 717 -5.17 14.22 38.90
N THR F 718 -4.56 13.56 39.89
CA THR F 718 -4.60 12.10 39.91
C THR F 718 -5.99 11.61 40.26
N ARG F 719 -6.77 12.40 41.02
CA ARG F 719 -8.18 12.06 41.19
C ARG F 719 -8.91 12.10 39.86
N ARG F 720 -8.69 13.14 39.06
CA ARG F 720 -9.40 13.25 37.78
C ARG F 720 -8.92 12.20 36.79
N VAL F 721 -7.69 11.70 36.94
CA VAL F 721 -7.13 10.79 35.95
C VAL F 721 -7.43 9.34 36.29
N LEU F 722 -7.18 8.91 37.54
CA LEU F 722 -7.31 7.51 37.88
C LEU F 722 -8.75 7.05 38.07
N GLN F 723 -9.72 7.95 37.98
CA GLN F 723 -11.11 7.57 38.15
C GLN F 723 -11.54 6.60 37.05
N GLY F 724 -12.69 5.99 37.24
CA GLY F 724 -13.15 4.95 36.34
C GLY F 724 -14.52 5.20 35.73
N CYS F 725 -15.25 6.19 36.24
CA CYS F 725 -16.57 6.52 35.73
C CYS F 725 -16.54 7.69 34.74
N SER F 726 -15.36 8.06 34.25
CA SER F 726 -15.23 9.16 33.31
C SER F 726 -15.71 8.71 31.93
N ALA F 727 -15.89 9.66 31.01
CA ALA F 727 -16.34 9.36 29.67
C ALA F 727 -15.25 9.44 28.62
N ILE F 728 -14.16 10.17 28.87
CA ILE F 728 -13.06 10.28 27.92
C ILE F 728 -12.33 8.95 27.86
N ASN F 729 -11.47 8.78 26.85
CA ASN F 729 -10.75 7.52 26.67
C ASN F 729 -9.80 7.24 27.82
N ARG F 730 -9.18 6.07 27.82
CA ARG F 730 -8.25 5.72 28.89
C ARG F 730 -6.85 6.26 28.60
N LEU F 731 -6.41 6.17 27.34
CA LEU F 731 -5.03 6.50 27.00
C LEU F 731 -4.75 8.00 27.11
N THR F 732 -5.75 8.85 26.91
CA THR F 732 -5.52 10.29 26.97
C THR F 732 -5.19 10.76 28.39
N ARG F 733 -5.96 10.29 29.37
CA ARG F 733 -5.66 10.61 30.76
C ARG F 733 -4.27 10.12 31.14
N GLU F 734 -3.91 8.91 30.69
CA GLU F 734 -2.57 8.40 30.97
C GLU F 734 -1.50 9.22 30.29
N THR F 735 -1.80 9.81 29.13
CA THR F 735 -0.84 10.71 28.49
C THR F 735 -0.63 11.97 29.31
N PHE F 736 -1.72 12.57 29.78
CA PHE F 736 -1.62 13.71 30.69
C PHE F 736 -0.76 13.37 31.89
N LEU F 737 -1.02 12.21 32.49
CA LEU F 737 -0.27 11.80 33.68
C LEU F 737 1.20 11.59 33.35
N HIS F 738 1.51 10.98 32.21
CA HIS F 738 2.90 10.78 31.82
C HIS F 738 3.63 12.11 31.68
N VAL F 739 3.01 13.08 31.02
CA VAL F 739 3.67 14.37 30.81
C VAL F 739 3.91 15.06 32.15
N VAL F 740 2.88 15.11 33.00
CA VAL F 740 3.02 15.80 34.27
C VAL F 740 4.07 15.12 35.15
N LYS F 741 4.08 13.79 35.15
CA LYS F 741 5.06 13.06 35.95
C LYS F 741 6.47 13.25 35.42
N SER F 742 6.64 13.34 34.10
CA SER F 742 7.95 13.62 33.54
C SER F 742 8.47 14.97 34.00
N PHE F 743 7.62 16.00 33.92
CA PHE F 743 8.04 17.32 34.39
C PHE F 743 8.38 17.31 35.88
N CYS F 744 7.49 16.74 36.70
CA CYS F 744 7.73 16.74 38.14
C CYS F 744 8.97 15.92 38.50
N TYR F 745 9.28 14.90 37.72
CA TYR F 745 10.48 14.11 37.98
C TYR F 745 11.73 14.89 37.62
N VAL F 746 11.78 15.47 36.42
CA VAL F 746 12.96 16.23 36.02
C VAL F 746 13.14 17.45 36.90
N ALA F 747 12.10 17.88 37.62
CA ALA F 747 12.25 19.02 38.51
C ALA F 747 12.85 18.64 39.86
N TYR F 748 12.88 17.35 40.21
CA TYR F 748 13.23 16.92 41.55
C TYR F 748 14.52 16.10 41.63
N CYS F 749 15.44 16.24 40.67
CA CYS F 749 16.65 15.42 40.71
C CYS F 749 17.84 16.21 40.21
N SER F 750 18.95 16.11 40.93
CA SER F 750 20.20 16.68 40.47
C SER F 750 20.70 15.93 39.24
N PRO F 751 21.44 16.59 38.36
CA PRO F 751 21.85 15.93 37.11
C PRO F 751 22.69 14.66 37.32
N GLU F 752 23.37 14.54 38.46
CA GLU F 752 24.18 13.34 38.69
C GLU F 752 23.31 12.10 38.78
N THR F 753 22.22 12.17 39.52
CA THR F 753 21.31 11.02 39.60
C THR F 753 20.65 10.74 38.25
N ILE F 754 20.37 11.78 37.47
CA ILE F 754 19.80 11.57 36.14
C ILE F 754 20.79 10.81 35.26
N ASP F 755 22.07 11.20 35.31
CA ASP F 755 23.08 10.51 34.53
C ASP F 755 23.23 9.06 34.98
N SER F 756 23.20 8.83 36.30
CA SER F 756 23.29 7.46 36.82
C SER F 756 22.12 6.61 36.33
N HIS F 757 20.91 7.17 36.39
CA HIS F 757 19.74 6.42 35.94
C HIS F 757 19.79 6.15 34.45
N ILE F 758 20.23 7.13 33.66
CA ILE F 758 20.37 6.92 32.22
C ILE F 758 21.35 5.80 31.93
N ASP F 759 22.49 5.81 32.64
CA ASP F 759 23.49 4.75 32.42
C ASP F 759 22.98 3.40 32.89
N LYS F 760 22.09 3.38 33.89
CA LYS F 760 21.62 2.12 34.45
C LYS F 760 20.41 1.54 33.75
N VAL F 761 19.65 2.35 33.02
CA VAL F 761 18.39 1.87 32.45
C VAL F 761 18.58 1.34 31.03
N ILE F 762 19.14 2.17 30.13
CA ILE F 762 19.22 1.79 28.72
C ILE F 762 20.64 1.44 28.28
N PHE F 763 21.65 1.63 29.14
CA PHE F 763 23.02 1.29 28.80
C PHE F 763 23.57 0.11 29.58
N GLN F 764 23.30 0.02 30.88
CA GLN F 764 23.76 -1.12 31.68
C GLN F 764 23.02 -2.38 31.28
N ASP F 765 23.69 -3.27 30.57
CA ASP F 765 23.03 -4.44 29.99
C ASP F 765 22.56 -5.39 31.08
N VAL F 766 21.28 -5.78 30.99
CA VAL F 766 20.74 -6.84 31.85
C VAL F 766 20.68 -8.12 31.04
N ILE F 767 21.47 -9.11 31.46
CA ILE F 767 21.56 -10.39 30.76
C ILE F 767 21.91 -10.20 29.28
#